data_8JAY
#
_entry.id   8JAY
#
_cell.length_a   1.00
_cell.length_b   1.00
_cell.length_c   1.00
_cell.angle_alpha   90.00
_cell.angle_beta   90.00
_cell.angle_gamma   90.00
#
_symmetry.space_group_name_H-M   'P 1'
#
loop_
_entity.id
_entity.type
_entity.pdbx_description
1 polymer 'Piwi domain-containing protein'
2 polymer 'TIR domain-containing protein'
3 polymer "RNA (5'-R(P*UP*GP*AP*CP*GP*GP*CP*UP*CP*UP*AP*AP*UP*CP*UP*AP*UP*UP*AP*GP*U)-3')"
4 polymer 'DNA (25-MER)'
5 non-polymer 'MAGNESIUM ION'
#
loop_
_entity_poly.entity_id
_entity_poly.type
_entity_poly.pdbx_seq_one_letter_code
_entity_poly.pdbx_strand_id
1 'polypeptide(L)'
;MKELIYIEEPSILFAHGQKCTDPRDGLALFGPLNQIYGIKSGVVGTQKGLQIFKSYLDKIQKPIYNHNNITRPMFPGFEA
VFGCKWESQNIVFKEITDEEIRRYLFNASTHKRTYDLVTLFNDKIITANKNDEERVDVWFVIVPEEIYKYCRPNSVLPNE
LVQTKSLISKSKAKSFRYTPTLFEEFNKKLKEVEKEAKTYNYDAQFHDQLKARLLEHTIPTQILRESTLAWRDFKNTFGA
PIRDFSKIEGHLAWTISTAAYYKAGGKPWKLGDIRPGVCYLGLVYKKIEKSKNPQNACCAAQMFLDNGDGTVFKGEVGPW
YNPEKGEYHLKPKEAKALLTQALESYKEQNKSYPKEVFIHARTRFNDEEWNAFNEVTPKNTNLVGVTITKSKPLKLYKTE
GAFPIMRGNAYIVDEKKAFLWTLGFVPKLQSTLSMEVPNPIFIEINKGEAEIQQVLKDILALTKLNYNACIYADGEPVTL
RFANKIGEILTASTEIKTPPLAFKYYI
;
C,A,I,M
2 'polypeptide(L)'
;MRNKIFISHATPEDDDFTRWLSLKLIGLGYEVWCDILFLDKGVDFWSTIEKEIRENTCKFLIVSSTAGNKREGVLKELAV
ATKVKKHLQDDMFIIPLAIDENLSYDDINIEIVRLNAIDFKKSWAKGLQDLLDAFEKQNVPKKPPDHSKSNLLYQQIFLH
DKQAIEKEETYDSNWFPIISFPNELRFHRYDWRLPKQFDVRTLAFPAIRYKEYLCTFAWEYDFIHQLPKTETYNGQESIR
ISTSDILSGRYDTDFIRNYECQRLIVQLINKAFELRMKDKNVREYQMSKTFAYWIEKGKLEKDKFEKIKLVGKQKNKYWH
FGISAAGKLYPSPVLMVSSHIIFTMDGINLIKSKSIQHSSRRKQGKNWWNDKWREKLLAFIRFLSDDQNAIYLNVGSEEK
ILISNKPLKFFGKMSYVTPSEVTLEEESVLADINNFEEDTEDLDELEDIE
;
D,B,J,N
3 'polyribonucleotide' UGACGGCUCUAAUCUAUUAGU E,G,K,O
4 'polydeoxyribonucleotide'
;(DC)(DA)(DA)(DC)(DT)(DA)(DA)(DT)(DA)(DG)(DA)(DT)(DT)(DA)(DG)(DA)(DG)(DC)(DC)(DG)
(DT)(DC)(DA)(DA)(DT)
;
F,H,L,P
#
loop_
_chem_comp.id
_chem_comp.type
_chem_comp.name
_chem_comp.formula
A RNA linking ADENOSINE-5'-MONOPHOSPHATE 'C10 H14 N5 O7 P'
C RNA linking CYTIDINE-5'-MONOPHOSPHATE 'C9 H14 N3 O8 P'
DA DNA linking 2'-DEOXYADENOSINE-5'-MONOPHOSPHATE 'C10 H14 N5 O6 P'
DC DNA linking 2'-DEOXYCYTIDINE-5'-MONOPHOSPHATE 'C9 H14 N3 O7 P'
DG DNA linking 2'-DEOXYGUANOSINE-5'-MONOPHOSPHATE 'C10 H14 N5 O7 P'
DT DNA linking THYMIDINE-5'-MONOPHOSPHATE 'C10 H15 N2 O8 P'
G RNA linking GUANOSINE-5'-MONOPHOSPHATE 'C10 H14 N5 O8 P'
MG non-polymer 'MAGNESIUM ION' 'Mg 2'
U RNA linking URIDINE-5'-MONOPHOSPHATE 'C9 H13 N2 O9 P'
#
# COMPACT_ATOMS: atom_id res chain seq x y z
N MET A 1 -78.27 17.92 -39.55
CA MET A 1 -77.39 19.03 -39.20
C MET A 1 -75.95 18.70 -39.59
N LYS A 2 -75.25 19.69 -40.13
CA LYS A 2 -73.87 19.50 -40.57
C LYS A 2 -72.99 19.06 -39.40
N GLU A 3 -72.18 18.04 -39.64
CA GLU A 3 -71.36 17.43 -38.60
C GLU A 3 -69.97 17.14 -39.14
N LEU A 4 -69.01 16.99 -38.22
CA LEU A 4 -67.61 16.77 -38.57
C LEU A 4 -67.29 15.29 -38.46
N ILE A 5 -66.81 14.71 -39.56
CA ILE A 5 -66.30 13.35 -39.57
C ILE A 5 -64.84 13.39 -39.17
N TYR A 6 -64.40 12.40 -38.39
CA TYR A 6 -63.06 12.37 -37.85
C TYR A 6 -62.23 11.29 -38.51
N ILE A 7 -60.93 11.56 -38.67
CA ILE A 7 -60.00 10.66 -39.32
C ILE A 7 -58.87 10.34 -38.33
N GLU A 8 -58.56 9.06 -38.19
CA GLU A 8 -57.54 8.60 -37.26
C GLU A 8 -56.15 8.65 -37.89
N GLU A 9 -55.13 8.57 -37.02
CA GLU A 9 -53.74 8.66 -37.43
C GLU A 9 -53.26 7.32 -38.02
N PRO A 10 -52.43 7.34 -39.05
CA PRO A 10 -51.89 6.09 -39.61
C PRO A 10 -50.71 5.55 -38.82
N SER A 11 -50.09 4.48 -39.30
CA SER A 11 -48.97 3.84 -38.62
C SER A 11 -47.80 3.69 -39.57
N ILE A 12 -46.59 3.81 -39.02
CA ILE A 12 -45.36 3.71 -39.78
C ILE A 12 -44.61 2.46 -39.35
N LEU A 13 -43.79 1.93 -40.26
CA LEU A 13 -43.07 0.68 -40.06
C LEU A 13 -41.67 0.93 -39.53
N PHE A 14 -41.15 -0.04 -38.78
CA PHE A 14 -39.81 0.04 -38.22
C PHE A 14 -39.08 -1.29 -38.31
N ALA A 15 -37.95 -1.40 -37.62
CA ALA A 15 -37.15 -2.62 -37.65
C ALA A 15 -37.87 -3.76 -36.92
N HIS A 16 -37.43 -4.99 -37.22
CA HIS A 16 -37.99 -6.22 -36.65
C HIS A 16 -39.47 -6.38 -36.95
N GLY A 17 -39.97 -5.71 -37.99
CA GLY A 17 -41.38 -5.77 -38.30
C GLY A 17 -42.28 -5.18 -37.23
N GLN A 18 -41.82 -4.15 -36.52
CA GLN A 18 -42.61 -3.50 -35.50
C GLN A 18 -43.34 -2.29 -36.07
N LYS A 19 -44.26 -1.74 -35.27
CA LYS A 19 -45.07 -0.61 -35.69
C LYS A 19 -45.22 0.36 -34.53
N CYS A 20 -45.46 1.62 -34.88
CA CYS A 20 -45.75 2.68 -33.92
C CYS A 20 -46.27 3.87 -34.69
N THR A 21 -46.60 4.93 -33.97
CA THR A 21 -47.04 6.18 -34.57
C THR A 21 -45.94 7.23 -34.57
N ASP A 22 -45.36 7.51 -33.41
CA ASP A 22 -44.21 8.40 -33.34
C ASP A 22 -42.96 7.65 -33.83
N PRO A 23 -42.05 8.33 -34.53
CA PRO A 23 -40.84 7.65 -35.00
C PRO A 23 -39.70 7.65 -33.98
N ARG A 24 -39.71 8.62 -33.06
CA ARG A 24 -38.60 8.77 -32.13
C ARG A 24 -38.50 7.59 -31.19
N ASP A 25 -39.62 7.22 -30.56
CA ASP A 25 -39.61 6.07 -29.65
C ASP A 25 -39.33 4.77 -30.41
N GLY A 26 -39.82 4.66 -31.65
CA GLY A 26 -39.51 3.49 -32.44
C GLY A 26 -38.01 3.36 -32.71
N LEU A 27 -37.36 4.45 -33.06
CA LEU A 27 -35.90 4.43 -33.24
C LEU A 27 -35.20 4.10 -31.93
N ALA A 28 -35.69 4.66 -30.81
CA ALA A 28 -35.13 4.34 -29.51
C ALA A 28 -35.38 2.90 -29.10
N LEU A 29 -36.30 2.21 -29.77
CA LEU A 29 -36.65 0.83 -29.41
C LEU A 29 -36.19 -0.22 -30.41
N PHE A 30 -36.18 0.09 -31.70
CA PHE A 30 -35.94 -0.96 -32.70
C PHE A 30 -34.82 -0.62 -33.67
N GLY A 31 -34.62 0.67 -33.95
CA GLY A 31 -33.55 1.11 -34.80
C GLY A 31 -33.90 1.11 -36.28
N PRO A 32 -32.95 1.50 -37.12
CA PRO A 32 -33.21 1.59 -38.55
C PRO A 32 -33.27 0.23 -39.21
N LEU A 33 -33.64 0.24 -40.49
CA LEU A 33 -33.80 -1.01 -41.24
C LEU A 33 -32.47 -1.52 -41.77
N ASN A 34 -31.80 -0.75 -42.62
CA ASN A 34 -30.52 -1.14 -43.17
C ASN A 34 -29.39 -0.67 -42.26
N GLN A 35 -28.34 -1.48 -42.18
CA GLN A 35 -27.22 -1.20 -41.28
C GLN A 35 -26.04 -0.72 -42.09
N ILE A 36 -25.72 0.56 -41.96
CA ILE A 36 -24.50 1.15 -42.50
C ILE A 36 -23.80 1.88 -41.35
N TYR A 37 -22.48 1.73 -41.28
CA TYR A 37 -21.75 2.09 -40.08
C TYR A 37 -20.47 2.87 -40.35
N GLY A 38 -20.42 3.62 -41.45
CA GLY A 38 -19.27 4.44 -41.76
C GLY A 38 -19.58 5.91 -41.90
N ILE A 39 -19.09 6.73 -40.97
CA ILE A 39 -19.34 8.17 -41.00
C ILE A 39 -18.01 8.91 -41.07
N LYS A 40 -17.02 8.31 -41.73
CA LYS A 40 -15.77 9.01 -41.98
C LYS A 40 -16.07 10.30 -42.74
N SER A 41 -15.88 11.44 -42.09
CA SER A 41 -16.42 12.70 -42.56
C SER A 41 -15.30 13.66 -42.94
N GLY A 42 -15.71 14.87 -43.34
CA GLY A 42 -14.78 15.93 -43.68
C GLY A 42 -15.36 17.25 -43.27
N VAL A 43 -14.48 18.24 -43.16
CA VAL A 43 -14.87 19.55 -42.64
C VAL A 43 -13.91 20.61 -43.18
N VAL A 44 -14.43 21.81 -43.39
CA VAL A 44 -13.62 22.97 -43.73
C VAL A 44 -14.04 24.13 -42.82
N GLY A 45 -13.13 25.06 -42.62
CA GLY A 45 -13.37 26.21 -41.79
C GLY A 45 -12.12 26.62 -41.05
N THR A 46 -12.30 27.44 -40.02
CA THR A 46 -11.19 27.94 -39.23
C THR A 46 -10.96 27.07 -38.00
N GLN A 47 -9.79 27.25 -37.38
CA GLN A 47 -9.36 26.33 -36.31
C GLN A 47 -10.29 26.39 -35.11
N LYS A 48 -10.80 27.58 -34.77
CA LYS A 48 -11.80 27.65 -33.71
C LYS A 48 -13.03 26.83 -34.08
N GLY A 49 -13.37 26.80 -35.37
CA GLY A 49 -14.38 25.88 -35.84
C GLY A 49 -14.01 24.44 -35.61
N LEU A 50 -12.73 24.10 -35.81
CA LEU A 50 -12.27 22.74 -35.55
C LEU A 50 -12.51 22.34 -34.10
N GLN A 51 -12.05 23.18 -33.16
CA GLN A 51 -12.17 22.82 -31.75
C GLN A 51 -13.64 22.79 -31.32
N ILE A 52 -14.45 23.73 -31.81
CA ILE A 52 -15.85 23.74 -31.41
C ILE A 52 -16.59 22.55 -32.00
N PHE A 53 -16.26 22.15 -33.23
CA PHE A 53 -16.87 20.98 -33.83
C PHE A 53 -16.46 19.71 -33.09
N LYS A 54 -15.18 19.63 -32.68
CA LYS A 54 -14.74 18.48 -31.90
C LYS A 54 -15.48 18.39 -30.58
N SER A 55 -15.63 19.53 -29.89
CA SER A 55 -16.33 19.53 -28.61
C SER A 55 -17.78 19.12 -28.78
N TYR A 56 -18.46 19.64 -29.80
CA TYR A 56 -19.85 19.28 -29.99
C TYR A 56 -19.99 17.84 -30.46
N LEU A 57 -19.03 17.33 -31.23
CA LEU A 57 -19.13 15.95 -31.71
C LEU A 57 -18.93 14.95 -30.59
N ASP A 58 -17.91 15.15 -29.74
CA ASP A 58 -17.74 14.21 -28.65
C ASP A 58 -18.66 14.50 -27.46
N LYS A 59 -19.39 15.62 -27.49
CA LYS A 59 -20.38 15.87 -26.46
C LYS A 59 -21.64 15.03 -26.63
N ILE A 60 -22.06 14.78 -27.87
CA ILE A 60 -23.34 14.10 -28.11
C ILE A 60 -23.35 12.65 -27.68
N GLN A 61 -22.19 12.06 -27.36
CA GLN A 61 -22.19 10.68 -26.88
C GLN A 61 -22.95 10.55 -25.57
N LYS A 62 -22.73 11.48 -24.64
CA LYS A 62 -23.51 11.50 -23.42
C LYS A 62 -24.95 11.93 -23.71
N PRO A 63 -25.92 11.41 -22.97
CA PRO A 63 -27.31 11.86 -23.14
C PRO A 63 -27.46 13.31 -22.73
N ILE A 64 -28.37 14.01 -23.41
CA ILE A 64 -28.69 15.40 -23.13
C ILE A 64 -30.19 15.52 -22.92
N TYR A 65 -30.58 16.29 -21.91
CA TYR A 65 -31.94 16.27 -21.39
C TYR A 65 -32.69 17.52 -21.83
N ASN A 66 -33.92 17.32 -22.33
CA ASN A 66 -34.80 18.44 -22.61
C ASN A 66 -35.30 19.06 -21.31
N HIS A 67 -35.91 20.24 -21.44
CA HIS A 67 -36.50 20.89 -20.27
C HIS A 67 -37.80 20.20 -19.85
N ASN A 68 -38.58 19.74 -20.82
CA ASN A 68 -39.87 19.11 -20.56
C ASN A 68 -39.89 17.74 -21.23
N ASN A 69 -40.02 16.69 -20.43
CA ASN A 69 -39.93 15.32 -20.93
C ASN A 69 -41.18 14.92 -21.70
N ILE A 70 -42.36 15.32 -21.23
CA ILE A 70 -43.61 14.79 -21.76
C ILE A 70 -43.87 15.19 -23.20
N THR A 71 -43.24 16.26 -23.69
CA THR A 71 -43.42 16.69 -25.07
C THR A 71 -42.29 16.28 -25.99
N ARG A 72 -41.10 16.01 -25.45
CA ARG A 72 -39.92 15.68 -26.26
C ARG A 72 -39.35 14.36 -25.76
N PRO A 73 -39.36 13.29 -26.55
CA PRO A 73 -38.74 12.04 -26.11
C PRO A 73 -37.24 12.20 -25.91
N MET A 74 -36.70 11.41 -24.98
CA MET A 74 -35.31 11.55 -24.58
C MET A 74 -34.36 11.10 -25.69
N PHE A 75 -33.14 11.63 -25.64
CA PHE A 75 -32.08 11.28 -26.58
C PHE A 75 -30.96 10.63 -25.76
N PRO A 76 -30.85 9.30 -25.76
CA PRO A 76 -29.78 8.67 -24.97
C PRO A 76 -28.40 8.83 -25.58
N GLY A 77 -28.28 8.68 -26.90
CA GLY A 77 -26.98 8.75 -27.56
C GLY A 77 -27.02 8.24 -28.98
N PHE A 78 -26.08 8.71 -29.81
CA PHE A 78 -26.07 8.30 -31.22
C PHE A 78 -25.86 6.80 -31.35
N GLU A 79 -24.85 6.26 -30.67
CA GLU A 79 -24.65 4.82 -30.64
C GLU A 79 -25.78 4.11 -29.88
N ALA A 80 -26.44 4.82 -28.97
CA ALA A 80 -27.54 4.21 -28.22
C ALA A 80 -28.76 3.95 -29.10
N VAL A 81 -28.99 4.78 -30.11
CA VAL A 81 -30.20 4.71 -30.91
C VAL A 81 -29.94 4.08 -32.28
N PHE A 82 -28.80 4.38 -32.90
CA PHE A 82 -28.58 3.99 -34.29
C PHE A 82 -27.68 2.77 -34.46
N GLY A 83 -26.83 2.48 -33.50
CA GLY A 83 -25.85 1.43 -33.69
C GLY A 83 -24.83 1.74 -34.76
N CYS A 84 -24.39 3.00 -34.84
CA CYS A 84 -23.43 3.46 -35.82
C CYS A 84 -22.38 4.31 -35.13
N LYS A 85 -21.12 4.17 -35.57
CA LYS A 85 -20.01 4.84 -34.92
C LYS A 85 -19.74 6.18 -35.57
N TRP A 86 -19.53 7.21 -34.73
CA TRP A 86 -19.23 8.55 -35.21
C TRP A 86 -18.48 9.27 -34.09
N GLU A 87 -17.18 9.47 -34.28
CA GLU A 87 -16.30 10.00 -33.26
C GLU A 87 -15.51 11.17 -33.82
N SER A 88 -14.75 11.82 -32.95
CA SER A 88 -14.01 13.04 -33.26
C SER A 88 -12.52 12.78 -33.39
N GLN A 89 -12.14 11.62 -33.93
CA GLN A 89 -10.73 11.27 -34.08
C GLN A 89 -10.37 10.79 -35.48
N ASN A 90 -11.29 10.85 -36.45
CA ASN A 90 -11.04 10.39 -37.81
C ASN A 90 -11.56 11.41 -38.81
N ILE A 91 -11.25 12.69 -38.59
CA ILE A 91 -11.60 13.75 -39.52
C ILE A 91 -10.40 14.06 -40.39
N VAL A 92 -10.67 14.38 -41.65
CA VAL A 92 -9.64 14.78 -42.61
C VAL A 92 -9.93 16.22 -42.99
N PHE A 93 -9.28 17.15 -42.29
CA PHE A 93 -9.52 18.57 -42.46
C PHE A 93 -8.66 19.17 -43.56
N LYS A 94 -9.27 20.10 -44.30
CA LYS A 94 -8.57 20.92 -45.29
C LYS A 94 -8.70 22.38 -44.89
N GLU A 95 -7.57 23.08 -44.91
CA GLU A 95 -7.49 24.41 -44.31
C GLU A 95 -8.20 25.45 -45.19
N ILE A 96 -8.78 26.46 -44.54
CA ILE A 96 -9.54 27.50 -45.22
C ILE A 96 -8.66 28.75 -45.35
N THR A 97 -9.07 29.66 -46.23
CA THR A 97 -8.44 30.97 -46.29
C THR A 97 -8.63 31.72 -44.98
N ASP A 98 -7.56 32.39 -44.53
CA ASP A 98 -7.60 33.17 -43.30
C ASP A 98 -7.41 34.65 -43.52
N GLU A 99 -6.68 35.07 -44.57
CA GLU A 99 -6.44 36.49 -44.79
C GLU A 99 -7.75 37.23 -45.03
N GLU A 100 -8.66 36.64 -45.81
CA GLU A 100 -9.96 37.22 -46.11
C GLU A 100 -9.83 38.67 -46.54
N ILE A 101 -9.13 38.86 -47.68
CA ILE A 101 -8.80 40.19 -48.19
C ILE A 101 -10.02 41.09 -48.28
N ARG A 102 -11.21 40.49 -48.32
CA ARG A 102 -12.46 41.23 -48.33
C ARG A 102 -12.73 41.81 -46.94
N ARG A 103 -12.91 43.12 -46.87
CA ARG A 103 -13.16 43.81 -45.60
C ARG A 103 -14.25 44.84 -45.82
N TYR A 104 -14.44 45.73 -44.84
CA TYR A 104 -15.45 46.78 -44.96
C TYR A 104 -15.14 47.75 -46.10
N LEU A 105 -13.88 47.83 -46.51
CA LEU A 105 -13.53 48.67 -47.65
C LEU A 105 -14.17 48.16 -48.94
N PHE A 106 -14.39 46.85 -49.04
CA PHE A 106 -15.00 46.22 -50.21
C PHE A 106 -16.40 45.76 -49.85
N ASN A 107 -17.41 46.54 -50.26
CA ASN A 107 -18.80 46.14 -50.08
C ASN A 107 -19.66 46.36 -51.31
N ALA A 108 -19.21 47.10 -52.31
CA ALA A 108 -19.98 47.26 -53.54
C ALA A 108 -20.02 45.95 -54.31
N SER A 109 -21.20 45.63 -54.84
CA SER A 109 -21.43 44.42 -55.63
C SER A 109 -21.08 43.17 -54.81
N THR A 110 -21.88 42.96 -53.77
CA THR A 110 -21.71 41.79 -52.90
C THR A 110 -21.87 40.48 -53.65
N HIS A 111 -22.50 40.51 -54.82
CA HIS A 111 -22.59 39.32 -55.67
C HIS A 111 -21.19 38.78 -55.98
N LYS A 112 -20.23 39.67 -56.25
CA LYS A 112 -18.87 39.24 -56.51
C LYS A 112 -18.24 38.61 -55.28
N ARG A 113 -18.52 39.17 -54.10
CA ARG A 113 -18.02 38.57 -52.86
C ARG A 113 -18.57 37.16 -52.69
N THR A 114 -19.87 36.98 -52.92
CA THR A 114 -20.46 35.65 -52.82
C THR A 114 -19.83 34.71 -53.84
N TYR A 115 -19.59 35.18 -55.06
CA TYR A 115 -18.94 34.36 -56.08
C TYR A 115 -17.55 33.93 -55.63
N ASP A 116 -16.78 34.85 -55.05
CA ASP A 116 -15.44 34.50 -54.59
C ASP A 116 -15.49 33.49 -53.45
N LEU A 117 -16.42 33.69 -52.50
CA LEU A 117 -16.57 32.72 -51.41
C LEU A 117 -16.86 31.32 -51.95
N VAL A 118 -17.87 31.22 -52.82
CA VAL A 118 -18.30 29.91 -53.30
C VAL A 118 -17.23 29.28 -54.17
N THR A 119 -16.54 30.08 -55.00
CA THR A 119 -15.48 29.51 -55.82
C THR A 119 -14.40 28.92 -54.94
N LEU A 120 -13.98 29.66 -53.91
CA LEU A 120 -12.94 29.17 -53.02
C LEU A 120 -13.37 27.86 -52.35
N PHE A 121 -14.56 27.86 -51.76
CA PHE A 121 -15.01 26.65 -51.05
C PHE A 121 -15.13 25.47 -52.00
N ASN A 122 -15.74 25.69 -53.16
CA ASN A 122 -15.96 24.58 -54.09
C ASN A 122 -14.65 24.04 -54.63
N ASP A 123 -13.70 24.91 -54.99
CA ASP A 123 -12.43 24.41 -55.51
C ASP A 123 -11.67 23.65 -54.44
N LYS A 124 -11.69 24.15 -53.20
CA LYS A 124 -11.02 23.42 -52.13
C LYS A 124 -11.62 22.03 -51.95
N ILE A 125 -12.95 21.95 -51.91
CA ILE A 125 -13.60 20.65 -51.72
C ILE A 125 -13.28 19.72 -52.89
N ILE A 126 -13.35 20.24 -54.12
CA ILE A 126 -13.13 19.40 -55.29
C ILE A 126 -11.70 18.90 -55.33
N THR A 127 -10.73 19.77 -55.05
CA THR A 127 -9.34 19.36 -55.03
C THR A 127 -9.10 18.30 -53.97
N ALA A 128 -9.66 18.49 -52.77
CA ALA A 128 -9.50 17.51 -51.71
C ALA A 128 -10.08 16.16 -52.11
N ASN A 129 -11.26 16.16 -52.73
CA ASN A 129 -11.89 14.90 -53.13
C ASN A 129 -11.09 14.22 -54.24
N LYS A 130 -10.60 15.00 -55.21
CA LYS A 130 -9.97 14.43 -56.39
C LYS A 130 -8.56 13.89 -56.10
N ASN A 131 -7.79 14.61 -55.28
CA ASN A 131 -6.37 14.31 -55.19
C ASN A 131 -6.03 13.35 -54.05
N ASP A 132 -6.64 13.54 -52.88
CA ASP A 132 -6.23 12.79 -51.71
C ASP A 132 -6.71 11.33 -51.78
N GLU A 133 -6.21 10.53 -50.85
CA GLU A 133 -6.46 9.08 -50.82
C GLU A 133 -7.66 8.70 -49.96
N GLU A 134 -7.78 9.31 -48.78
CA GLU A 134 -8.77 8.86 -47.80
C GLU A 134 -10.19 9.00 -48.35
N ARG A 135 -11.04 8.04 -47.97
CA ARG A 135 -12.42 7.98 -48.44
C ARG A 135 -13.31 8.77 -47.50
N VAL A 136 -13.80 9.90 -47.97
CA VAL A 136 -14.68 10.77 -47.19
C VAL A 136 -16.12 10.50 -47.59
N ASP A 137 -17.04 10.70 -46.65
CA ASP A 137 -18.45 10.44 -46.87
C ASP A 137 -19.30 11.70 -46.91
N VAL A 138 -19.12 12.61 -45.96
CA VAL A 138 -19.88 13.85 -45.91
C VAL A 138 -18.91 15.00 -45.66
N TRP A 139 -19.35 16.20 -46.02
CA TRP A 139 -18.54 17.41 -45.92
C TRP A 139 -19.33 18.47 -45.17
N PHE A 140 -18.83 18.88 -44.00
CA PHE A 140 -19.50 19.87 -43.17
C PHE A 140 -18.83 21.22 -43.35
N VAL A 141 -19.64 22.25 -43.57
CA VAL A 141 -19.16 23.60 -43.80
C VAL A 141 -19.71 24.51 -42.71
N ILE A 142 -18.81 25.20 -42.01
CA ILE A 142 -19.17 26.10 -40.92
C ILE A 142 -18.54 27.46 -41.18
N VAL A 143 -19.31 28.52 -40.94
CA VAL A 143 -18.86 29.88 -41.21
C VAL A 143 -19.75 30.87 -40.45
N PRO A 144 -19.18 31.91 -39.83
CA PRO A 144 -19.99 32.95 -39.18
C PRO A 144 -20.59 33.94 -40.17
N ASP A 203 -24.89 35.18 -49.51
CA ASP A 203 -25.89 35.37 -48.47
C ASP A 203 -27.26 34.92 -48.96
N ALA A 204 -27.77 35.59 -49.99
CA ALA A 204 -29.09 35.25 -50.52
C ALA A 204 -29.06 33.92 -51.27
N GLN A 205 -28.25 33.83 -52.32
CA GLN A 205 -28.14 32.62 -53.12
C GLN A 205 -26.87 31.84 -52.81
N PHE A 206 -26.26 32.07 -51.65
CA PHE A 206 -25.01 31.42 -51.30
C PHE A 206 -25.16 29.89 -51.34
N HIS A 207 -26.04 29.35 -50.50
CA HIS A 207 -26.25 27.91 -50.48
C HIS A 207 -26.78 27.39 -51.81
N ASP A 208 -27.73 28.11 -52.41
CA ASP A 208 -28.29 27.66 -53.67
C ASP A 208 -27.20 27.55 -54.74
N GLN A 209 -26.39 28.60 -54.90
CA GLN A 209 -25.33 28.58 -55.90
C GLN A 209 -24.31 27.49 -55.59
N LEU A 210 -23.91 27.36 -54.32
CA LEU A 210 -22.90 26.39 -53.95
C LEU A 210 -23.36 24.98 -54.29
N LYS A 211 -24.55 24.59 -53.83
CA LYS A 211 -25.04 23.25 -54.12
C LYS A 211 -25.29 23.07 -55.61
N ALA A 212 -25.79 24.08 -56.29
CA ALA A 212 -26.07 23.95 -57.73
C ALA A 212 -24.80 23.67 -58.51
N ARG A 213 -23.72 24.41 -58.23
CA ARG A 213 -22.50 24.17 -59.00
C ARG A 213 -21.76 22.92 -58.55
N LEU A 214 -21.84 22.57 -57.26
CA LEU A 214 -21.22 21.32 -56.80
C LEU A 214 -22.00 20.10 -57.23
N LEU A 215 -23.24 20.28 -57.68
CA LEU A 215 -24.08 19.15 -58.10
C LEU A 215 -23.46 18.33 -59.21
N GLU A 216 -22.58 18.94 -60.02
CA GLU A 216 -22.01 18.23 -61.16
C GLU A 216 -20.93 17.23 -60.76
N HIS A 217 -20.46 17.25 -59.52
CA HIS A 217 -19.39 16.36 -59.09
C HIS A 217 -19.84 15.25 -58.15
N THR A 218 -21.13 15.20 -57.81
CA THR A 218 -21.71 14.10 -57.01
C THR A 218 -21.01 13.97 -55.65
N ILE A 219 -21.17 15.02 -54.83
CA ILE A 219 -20.61 15.04 -53.49
C ILE A 219 -21.67 15.52 -52.51
N PRO A 220 -22.01 14.76 -51.48
CA PRO A 220 -22.91 15.27 -50.43
C PRO A 220 -22.23 16.35 -49.61
N THR A 221 -23.06 17.23 -49.04
CA THR A 221 -22.56 18.31 -48.21
C THR A 221 -23.61 18.68 -47.17
N GLN A 222 -23.17 19.43 -46.15
CA GLN A 222 -24.03 19.85 -45.06
C GLN A 222 -23.50 21.16 -44.52
N ILE A 223 -24.36 22.18 -44.46
CA ILE A 223 -23.99 23.53 -44.03
C ILE A 223 -24.55 23.76 -42.63
N LEU A 224 -23.67 24.15 -41.70
CA LEU A 224 -24.08 24.42 -40.31
C LEU A 224 -23.62 25.81 -39.93
N ARG A 225 -24.56 26.66 -39.55
CA ARG A 225 -24.23 27.97 -39.01
C ARG A 225 -23.53 27.81 -37.66
N GLU A 226 -22.61 28.73 -37.38
CA GLU A 226 -21.84 28.64 -36.15
C GLU A 226 -22.67 28.97 -34.92
N SER A 227 -23.70 29.80 -35.07
CA SER A 227 -24.50 30.22 -33.93
C SER A 227 -25.19 29.04 -33.26
N THR A 228 -25.60 28.04 -34.06
CA THR A 228 -26.16 26.82 -33.48
C THR A 228 -25.12 26.11 -32.62
N LEU A 229 -23.88 26.05 -33.10
CA LEU A 229 -22.82 25.37 -32.37
C LEU A 229 -22.31 26.16 -31.18
N ALA A 230 -22.32 27.49 -31.26
CA ALA A 230 -21.68 28.37 -30.29
C ALA A 230 -22.70 29.22 -29.55
N TRP A 231 -23.80 28.60 -29.12
CA TRP A 231 -24.90 29.39 -28.57
C TRP A 231 -24.61 29.89 -27.15
N ARG A 232 -23.43 29.58 -26.58
CA ARG A 232 -22.96 30.05 -25.27
C ARG A 232 -22.49 31.51 -25.30
N ASP A 233 -21.44 31.79 -26.08
CA ASP A 233 -20.75 33.06 -25.96
C ASP A 233 -21.48 34.21 -26.62
N PHE A 234 -22.49 33.93 -27.43
CA PHE A 234 -23.29 34.98 -28.07
C PHE A 234 -24.46 35.37 -27.15
N LYS A 235 -24.10 35.76 -25.93
CA LYS A 235 -25.07 36.10 -24.90
C LYS A 235 -25.34 37.61 -24.94
N ASN A 236 -25.98 38.14 -23.90
CA ASN A 236 -26.49 39.50 -23.90
C ASN A 236 -25.39 40.52 -24.19
N THR A 237 -25.65 41.40 -25.16
CA THR A 237 -24.74 42.49 -25.45
C THR A 237 -24.83 43.59 -24.40
N PHE A 238 -26.05 43.96 -24.00
CA PHE A 238 -26.23 44.99 -22.99
C PHE A 238 -27.35 44.64 -22.00
N GLY A 239 -27.66 43.35 -21.84
CA GLY A 239 -28.71 42.91 -20.93
C GLY A 239 -29.78 42.05 -21.59
N ALA A 240 -29.88 42.05 -22.91
CA ALA A 240 -30.85 41.22 -23.62
C ALA A 240 -30.11 40.12 -24.37
N PRO A 241 -30.23 38.86 -23.97
CA PRO A 241 -29.53 37.79 -24.68
C PRO A 241 -29.91 37.73 -26.15
N ILE A 242 -28.90 37.52 -27.00
CA ILE A 242 -29.14 37.46 -28.43
C ILE A 242 -29.90 36.20 -28.79
N ARG A 243 -29.66 35.12 -28.06
CA ARG A 243 -29.84 33.79 -28.61
C ARG A 243 -30.14 32.81 -27.47
N ASP A 244 -30.88 31.75 -27.76
CA ASP A 244 -31.25 30.81 -26.70
C ASP A 244 -31.72 29.48 -27.29
N PHE A 245 -31.11 28.38 -26.81
CA PHE A 245 -31.63 27.03 -26.95
C PHE A 245 -31.69 26.22 -25.66
N SER A 246 -31.66 26.84 -24.48
CA SER A 246 -31.70 26.06 -23.24
C SER A 246 -32.89 25.10 -23.24
N LYS A 247 -34.12 25.66 -23.25
CA LYS A 247 -35.33 24.86 -23.08
C LYS A 247 -35.43 23.73 -24.09
N ILE A 248 -34.80 23.89 -25.26
CA ILE A 248 -34.99 23.01 -26.40
C ILE A 248 -33.74 22.17 -26.65
N GLU A 249 -32.69 22.31 -25.83
CA GLU A 249 -31.35 21.81 -26.15
C GLU A 249 -31.32 20.35 -26.60
N GLY A 250 -31.92 19.45 -25.83
CA GLY A 250 -31.85 18.04 -26.20
C GLY A 250 -32.41 17.77 -27.58
N HIS A 251 -33.53 18.41 -27.90
CA HIS A 251 -34.16 18.21 -29.20
C HIS A 251 -33.22 18.56 -30.35
N LEU A 252 -32.27 19.48 -30.11
CA LEU A 252 -31.33 19.82 -31.16
C LEU A 252 -30.66 18.57 -31.72
N ALA A 253 -30.24 17.67 -30.84
CA ALA A 253 -29.59 16.45 -31.31
C ALA A 253 -30.53 15.66 -32.20
N TRP A 254 -31.80 15.53 -31.78
CA TRP A 254 -32.78 14.82 -32.58
C TRP A 254 -32.94 15.46 -33.97
N THR A 255 -32.67 16.76 -34.08
CA THR A 255 -32.81 17.44 -35.36
C THR A 255 -31.65 17.12 -36.30
N ILE A 256 -30.47 16.80 -35.76
CA ILE A 256 -29.27 16.73 -36.59
C ILE A 256 -28.95 15.29 -36.98
N SER A 257 -28.78 14.43 -35.97
CA SER A 257 -28.18 13.11 -36.16
C SER A 257 -28.81 12.36 -37.34
N THR A 258 -30.12 12.10 -37.25
CA THR A 258 -30.78 11.30 -38.29
C THR A 258 -30.59 11.91 -39.66
N ALA A 259 -30.65 13.25 -39.76
CA ALA A 259 -30.41 13.90 -41.04
C ALA A 259 -29.06 13.51 -41.61
N ALA A 260 -28.00 13.66 -40.80
CA ALA A 260 -26.69 13.22 -41.23
C ALA A 260 -26.70 11.75 -41.61
N TYR A 261 -27.43 10.93 -40.83
CA TYR A 261 -27.53 9.52 -41.14
C TYR A 261 -28.06 9.31 -42.56
N TYR A 262 -29.06 10.08 -42.95
CA TYR A 262 -29.60 9.94 -44.31
C TYR A 262 -28.52 10.26 -45.35
N LYS A 263 -27.69 11.27 -45.08
CA LYS A 263 -26.61 11.58 -46.00
C LYS A 263 -25.55 10.50 -46.04
N ALA A 264 -25.46 9.67 -44.99
CA ALA A 264 -24.54 8.56 -45.01
C ALA A 264 -25.04 7.41 -45.88
N GLY A 265 -26.34 7.26 -46.01
CA GLY A 265 -26.92 6.18 -46.79
C GLY A 265 -27.87 5.31 -45.99
N GLY A 266 -28.34 5.83 -44.86
CA GLY A 266 -29.23 5.11 -43.98
C GLY A 266 -30.68 5.53 -44.15
N LYS A 267 -31.58 4.59 -43.87
CA LYS A 267 -33.01 4.85 -43.99
C LYS A 267 -33.63 4.91 -42.60
N PRO A 268 -33.97 6.11 -42.09
CA PRO A 268 -34.52 6.22 -40.73
C PRO A 268 -35.80 5.42 -40.53
N TRP A 269 -36.82 5.71 -41.34
CA TRP A 269 -38.09 5.01 -41.20
C TRP A 269 -38.84 5.07 -42.53
N LYS A 270 -39.56 3.99 -42.83
CA LYS A 270 -40.32 3.86 -44.06
C LYS A 270 -41.79 3.62 -43.74
N LEU A 271 -42.65 4.10 -44.63
CA LEU A 271 -44.09 3.95 -44.48
C LEU A 271 -44.56 2.67 -45.16
N GLY A 272 -45.47 1.95 -44.51
CA GLY A 272 -45.96 0.70 -45.03
C GLY A 272 -47.47 0.60 -45.08
N ASP A 273 -48.14 1.70 -45.39
CA ASP A 273 -49.60 1.75 -45.50
C ASP A 273 -50.02 2.04 -46.93
N ILE A 274 -49.36 1.40 -47.89
CA ILE A 274 -49.59 1.66 -49.31
C ILE A 274 -50.07 0.37 -49.98
N ARG A 275 -51.15 0.49 -50.76
CA ARG A 275 -51.64 -0.63 -51.56
C ARG A 275 -50.63 -0.92 -52.65
N PRO A 276 -50.12 -2.16 -52.75
CA PRO A 276 -49.18 -2.47 -53.83
C PRO A 276 -49.83 -2.34 -55.21
N GLY A 277 -48.98 -2.13 -56.21
CA GLY A 277 -49.46 -1.93 -57.58
C GLY A 277 -50.21 -0.64 -57.81
N VAL A 278 -49.74 0.47 -57.22
CA VAL A 278 -50.32 1.79 -57.43
C VAL A 278 -49.21 2.77 -57.74
N CYS A 279 -49.60 3.94 -58.21
CA CYS A 279 -48.70 5.04 -58.54
C CYS A 279 -48.87 6.19 -57.55
N TYR A 280 -48.05 7.23 -57.76
CA TYR A 280 -48.15 8.50 -57.05
C TYR A 280 -47.20 9.48 -57.73
N LEU A 281 -47.55 10.76 -57.69
CA LEU A 281 -46.75 11.78 -58.35
C LEU A 281 -47.26 13.15 -57.92
N GLY A 282 -46.36 14.15 -57.99
CA GLY A 282 -46.70 15.51 -57.66
C GLY A 282 -46.04 16.49 -58.61
N LEU A 283 -46.41 17.76 -58.45
CA LEU A 283 -45.95 18.79 -59.37
C LEU A 283 -46.17 20.16 -58.75
N VAL A 284 -45.26 21.08 -59.06
CA VAL A 284 -45.40 22.48 -58.68
C VAL A 284 -44.57 23.31 -59.64
N TYR A 285 -45.02 24.53 -59.92
CA TYR A 285 -44.36 25.43 -60.85
C TYR A 285 -43.42 26.37 -60.10
N LYS A 286 -42.70 27.19 -60.85
CA LYS A 286 -41.73 28.10 -60.26
C LYS A 286 -41.44 29.23 -61.24
N LYS A 287 -41.20 30.42 -60.70
CA LYS A 287 -40.90 31.61 -61.48
C LYS A 287 -39.39 31.85 -61.49
N ILE A 288 -38.83 32.01 -62.70
CA ILE A 288 -37.38 32.20 -62.83
C ILE A 288 -37.08 33.65 -63.19
N GLU A 289 -37.97 34.28 -63.96
CA GLU A 289 -37.89 35.70 -64.32
C GLU A 289 -36.46 36.11 -64.70
N LYS A 290 -35.85 35.29 -65.56
CA LYS A 290 -34.44 35.50 -65.90
C LYS A 290 -34.26 36.64 -66.90
N SER A 291 -34.80 36.50 -68.11
CA SER A 291 -34.64 37.51 -69.15
C SER A 291 -35.96 38.14 -69.57
N LYS A 292 -36.91 37.33 -70.02
CA LYS A 292 -38.21 37.81 -70.49
C LYS A 292 -39.31 37.57 -69.46
N ASN A 293 -38.95 37.67 -68.17
CA ASN A 293 -39.76 37.27 -67.03
C ASN A 293 -40.52 35.97 -67.28
N PRO A 294 -39.82 34.87 -67.57
CA PRO A 294 -40.50 33.60 -67.78
C PRO A 294 -41.00 33.01 -66.48
N GLN A 295 -42.17 32.37 -66.56
CA GLN A 295 -42.78 31.67 -65.44
C GLN A 295 -42.54 30.17 -65.51
N ASN A 296 -41.72 29.72 -66.45
CA ASN A 296 -41.64 28.31 -66.84
C ASN A 296 -40.56 27.57 -66.06
N ALA A 297 -40.97 26.91 -64.97
CA ALA A 297 -40.08 26.01 -64.24
C ALA A 297 -40.98 24.99 -63.52
N CYS A 298 -41.09 23.81 -64.11
CA CYS A 298 -41.87 22.71 -63.53
C CYS A 298 -40.92 21.62 -63.09
N CYS A 299 -40.99 21.26 -61.80
CA CYS A 299 -40.09 20.27 -61.22
C CYS A 299 -40.93 19.09 -60.73
N ALA A 300 -40.75 17.94 -61.38
CA ALA A 300 -41.42 16.73 -60.93
C ALA A 300 -40.97 16.38 -59.52
N ALA A 301 -41.92 15.96 -58.68
CA ALA A 301 -41.65 15.82 -57.25
C ALA A 301 -41.07 14.45 -56.90
N GLN A 302 -41.84 13.40 -57.12
CA GLN A 302 -41.48 12.06 -56.64
C GLN A 302 -42.41 11.04 -57.27
N MET A 303 -42.28 9.79 -56.83
CA MET A 303 -43.17 8.71 -57.20
C MET A 303 -42.92 7.55 -56.24
N PHE A 304 -43.97 6.85 -55.87
CA PHE A 304 -43.88 5.70 -54.97
C PHE A 304 -44.12 4.43 -55.78
N LEU A 305 -43.27 3.43 -55.54
CA LEU A 305 -43.35 2.16 -56.25
C LEU A 305 -43.06 1.01 -55.29
N ASP A 306 -43.65 -0.14 -55.58
CA ASP A 306 -43.43 -1.37 -54.81
C ASP A 306 -42.74 -2.37 -55.72
N ASN A 307 -41.41 -2.43 -55.65
CA ASN A 307 -40.64 -3.36 -56.46
C ASN A 307 -40.56 -4.71 -55.77
N GLY A 308 -41.71 -5.30 -55.46
CA GLY A 308 -41.75 -6.55 -54.74
C GLY A 308 -41.79 -6.35 -53.24
N ASP A 309 -40.76 -5.72 -52.69
CA ASP A 309 -40.65 -5.50 -51.25
C ASP A 309 -40.25 -4.08 -50.84
N GLY A 310 -39.57 -3.33 -51.71
CA GLY A 310 -39.04 -2.04 -51.36
C GLY A 310 -39.93 -0.87 -51.78
N THR A 311 -39.50 0.32 -51.37
CA THR A 311 -40.16 1.57 -51.72
C THR A 311 -39.16 2.49 -52.42
N VAL A 312 -39.61 3.16 -53.46
CA VAL A 312 -38.75 3.98 -54.31
C VAL A 312 -39.04 5.45 -54.03
N PHE A 313 -37.97 6.24 -53.83
CA PHE A 313 -38.09 7.65 -53.51
C PHE A 313 -37.15 8.51 -54.34
N LYS A 314 -37.04 8.27 -55.65
CA LYS A 314 -36.06 9.01 -56.45
C LYS A 314 -36.70 10.15 -57.23
N GLY A 315 -37.91 9.97 -57.74
CA GLY A 315 -38.61 11.04 -58.43
C GLY A 315 -38.08 11.28 -59.84
N GLU A 316 -38.64 12.32 -60.47
CA GLU A 316 -38.28 12.71 -61.82
C GLU A 316 -37.82 14.16 -61.82
N VAL A 317 -37.12 14.55 -62.89
CA VAL A 317 -36.47 15.86 -62.98
C VAL A 317 -36.56 16.32 -64.43
N GLY A 318 -36.13 17.56 -64.66
CA GLY A 318 -36.17 18.16 -65.97
C GLY A 318 -37.09 19.37 -66.02
N PRO A 319 -36.51 20.56 -65.95
CA PRO A 319 -37.31 21.81 -65.96
C PRO A 319 -37.83 22.18 -67.35
N TRP A 320 -38.94 21.57 -67.73
CA TRP A 320 -39.56 21.87 -69.02
C TRP A 320 -40.04 23.31 -69.06
N TYR A 321 -39.93 23.94 -70.22
CA TYR A 321 -40.17 25.36 -70.37
C TYR A 321 -41.57 25.61 -70.96
N ASN A 322 -41.90 26.89 -71.11
CA ASN A 322 -43.20 27.38 -71.55
C ASN A 322 -43.07 28.84 -71.95
N PRO A 323 -43.51 29.21 -73.17
CA PRO A 323 -43.32 30.60 -73.61
C PRO A 323 -44.09 31.63 -72.79
N GLU A 324 -45.24 31.26 -72.22
CA GLU A 324 -46.06 32.22 -71.51
C GLU A 324 -45.38 32.65 -70.22
N LYS A 325 -45.76 33.84 -69.73
CA LYS A 325 -45.10 34.44 -68.57
C LYS A 325 -45.99 34.57 -67.34
N GLY A 326 -47.31 34.49 -67.47
CA GLY A 326 -48.17 34.66 -66.32
C GLY A 326 -49.30 33.68 -66.15
N GLU A 327 -49.59 32.87 -67.17
CA GLU A 327 -50.76 32.01 -67.16
C GLU A 327 -50.50 30.62 -66.60
N TYR A 328 -49.24 30.25 -66.35
CA TYR A 328 -48.88 28.94 -65.81
C TYR A 328 -49.40 27.87 -66.76
N HIS A 329 -50.12 26.86 -66.28
CA HIS A 329 -50.60 25.74 -67.09
C HIS A 329 -49.39 25.07 -67.75
N LEU A 330 -49.58 24.47 -68.92
CA LEU A 330 -48.49 23.80 -69.61
C LEU A 330 -48.88 23.60 -71.06
N LYS A 331 -47.92 23.80 -71.96
CA LYS A 331 -48.15 23.55 -73.38
C LYS A 331 -48.35 22.06 -73.61
N PRO A 332 -49.14 21.70 -74.63
CA PRO A 332 -49.49 20.28 -74.81
C PRO A 332 -48.30 19.36 -75.09
N LYS A 333 -47.18 19.89 -75.59
CA LYS A 333 -46.07 19.04 -75.97
C LYS A 333 -45.33 18.48 -74.76
N GLU A 334 -45.12 19.31 -73.74
CA GLU A 334 -44.29 18.90 -72.61
C GLU A 334 -44.97 17.81 -71.77
N ALA A 335 -46.29 17.89 -71.63
CA ALA A 335 -47.00 17.00 -70.71
C ALA A 335 -46.89 15.54 -71.14
N LYS A 336 -46.94 15.28 -72.45
CA LYS A 336 -46.84 13.91 -72.94
C LYS A 336 -45.53 13.27 -72.51
N ALA A 337 -44.42 13.97 -72.72
CA ALA A 337 -43.12 13.47 -72.28
C ALA A 337 -43.07 13.37 -70.76
N LEU A 338 -43.68 14.32 -70.07
CA LEU A 338 -43.65 14.33 -68.61
C LEU A 338 -44.29 13.07 -68.05
N LEU A 339 -45.44 12.68 -68.58
CA LEU A 339 -46.09 11.46 -68.10
C LEU A 339 -45.39 10.21 -68.63
N THR A 340 -44.90 10.26 -69.88
CA THR A 340 -44.23 9.10 -70.44
C THR A 340 -43.00 8.73 -69.62
N GLN A 341 -42.28 9.73 -69.10
CA GLN A 341 -41.11 9.48 -68.27
C GLN A 341 -41.45 8.61 -67.06
N ALA A 342 -42.47 9.01 -66.29
CA ALA A 342 -42.92 8.18 -65.19
C ALA A 342 -43.37 6.81 -65.70
N LEU A 343 -43.90 6.75 -66.93
CA LEU A 343 -44.33 5.47 -67.47
C LEU A 343 -43.15 4.51 -67.64
N GLU A 344 -42.07 4.94 -68.30
CA GLU A 344 -40.99 3.96 -68.43
C GLU A 344 -40.30 3.73 -67.10
N SER A 345 -40.31 4.72 -66.20
CA SER A 345 -39.74 4.47 -64.88
C SER A 345 -40.49 3.34 -64.19
N TYR A 346 -41.82 3.37 -64.26
CA TYR A 346 -42.64 2.31 -63.68
C TYR A 346 -42.38 0.99 -64.37
N LYS A 347 -42.24 1.00 -65.70
CA LYS A 347 -41.97 -0.25 -66.41
C LYS A 347 -40.64 -0.85 -65.98
N GLU A 348 -39.60 -0.02 -65.88
CA GLU A 348 -38.27 -0.55 -65.57
C GLU A 348 -38.12 -0.95 -64.10
N GLN A 349 -38.84 -0.29 -63.20
CA GLN A 349 -38.80 -0.67 -61.79
C GLN A 349 -39.90 -1.64 -61.41
N ASN A 350 -40.73 -2.07 -62.37
CA ASN A 350 -41.78 -3.02 -62.11
C ASN A 350 -41.72 -4.27 -62.97
N LYS A 351 -40.85 -4.31 -63.99
CA LYS A 351 -40.74 -5.40 -64.97
C LYS A 351 -42.10 -5.76 -65.57
N SER A 352 -43.04 -4.83 -65.53
CA SER A 352 -44.38 -5.00 -66.08
C SER A 352 -45.01 -3.62 -66.18
N TYR A 353 -46.31 -3.56 -66.49
CA TYR A 353 -46.92 -2.26 -66.65
C TYR A 353 -47.63 -1.82 -65.36
N PRO A 354 -47.69 -0.52 -65.11
CA PRO A 354 -48.42 -0.03 -63.94
C PRO A 354 -49.91 -0.23 -64.06
N LYS A 355 -50.58 -0.31 -62.90
CA LYS A 355 -52.01 -0.60 -62.84
C LYS A 355 -52.85 0.66 -62.62
N GLU A 356 -52.60 1.38 -61.53
CA GLU A 356 -53.37 2.57 -61.18
C GLU A 356 -52.43 3.74 -60.94
N VAL A 357 -52.91 4.94 -61.25
CA VAL A 357 -52.09 6.15 -61.22
C VAL A 357 -52.84 7.26 -60.50
N PHE A 358 -52.13 7.99 -59.64
CA PHE A 358 -52.64 9.17 -58.96
C PHE A 358 -51.70 10.35 -59.25
N ILE A 359 -52.25 11.57 -59.25
CA ILE A 359 -51.47 12.77 -59.49
C ILE A 359 -51.92 13.86 -58.52
N HIS A 360 -50.96 14.57 -57.96
CA HIS A 360 -51.23 15.78 -57.20
C HIS A 360 -50.90 17.01 -58.01
N ALA A 361 -51.40 18.16 -57.55
CA ALA A 361 -51.15 19.43 -58.20
C ALA A 361 -51.32 20.55 -57.18
N ARG A 362 -51.35 21.78 -57.67
CA ARG A 362 -51.50 22.96 -56.82
C ARG A 362 -52.58 23.87 -57.37
N THR A 363 -52.85 23.76 -58.67
CA THR A 363 -53.80 24.63 -59.34
C THR A 363 -54.57 23.82 -60.37
N ARG A 364 -55.86 24.12 -60.52
CA ARG A 364 -56.66 23.50 -61.55
C ARG A 364 -56.15 23.92 -62.92
N PHE A 365 -56.50 23.15 -63.94
CA PHE A 365 -55.96 23.33 -65.27
C PHE A 365 -57.01 23.03 -66.34
N ASN A 366 -56.74 23.51 -67.54
CA ASN A 366 -57.72 23.50 -68.62
C ASN A 366 -57.89 22.11 -69.22
N ASP A 367 -58.77 22.02 -70.21
CA ASP A 367 -59.21 20.74 -70.75
C ASP A 367 -58.16 20.10 -71.67
N GLU A 368 -57.46 20.91 -72.47
CA GLU A 368 -56.64 20.36 -73.54
C GLU A 368 -55.50 19.51 -73.02
N GLU A 369 -54.82 19.96 -71.96
CA GLU A 369 -53.65 19.22 -71.51
C GLU A 369 -54.05 17.96 -70.74
N TRP A 370 -55.16 17.99 -70.01
CA TRP A 370 -55.66 16.75 -69.42
C TRP A 370 -56.12 15.77 -70.50
N ASN A 371 -56.71 16.28 -71.58
CA ASN A 371 -57.06 15.42 -72.70
C ASN A 371 -55.81 14.78 -73.29
N ALA A 372 -54.74 15.56 -73.43
CA ALA A 372 -53.47 15.00 -73.89
C ALA A 372 -52.94 13.95 -72.91
N PHE A 373 -53.10 14.19 -71.61
CA PHE A 373 -52.72 13.20 -70.62
C PHE A 373 -53.48 11.90 -70.81
N ASN A 374 -54.79 12.00 -71.07
CA ASN A 374 -55.58 10.80 -71.37
C ASN A 374 -55.13 10.16 -72.67
N GLU A 375 -54.61 10.96 -73.62
CA GLU A 375 -54.15 10.40 -74.88
C GLU A 375 -52.93 9.50 -74.70
N VAL A 376 -52.06 9.80 -73.75
CA VAL A 376 -50.83 9.05 -73.55
C VAL A 376 -51.04 7.95 -72.54
N THR A 377 -52.30 7.64 -72.24
CA THR A 377 -52.62 6.58 -71.30
C THR A 377 -52.53 5.22 -71.97
N PRO A 378 -51.67 4.31 -71.50
CA PRO A 378 -51.64 2.96 -72.07
C PRO A 378 -52.80 2.13 -71.56
N LYS A 379 -53.34 1.30 -72.44
CA LYS A 379 -54.44 0.37 -72.15
C LYS A 379 -55.62 1.18 -71.61
N ASN A 380 -56.17 0.85 -70.44
CA ASN A 380 -57.36 1.50 -69.91
C ASN A 380 -57.18 1.89 -68.45
N THR A 381 -55.95 2.19 -68.04
CA THR A 381 -55.68 2.51 -66.64
C THR A 381 -56.34 3.83 -66.26
N ASN A 382 -56.74 3.92 -64.99
CA ASN A 382 -57.45 5.08 -64.48
C ASN A 382 -56.46 6.15 -64.03
N LEU A 383 -56.65 7.38 -64.50
CA LEU A 383 -55.83 8.51 -64.12
C LEU A 383 -56.71 9.55 -63.44
N VAL A 384 -56.20 10.13 -62.36
CA VAL A 384 -56.93 11.16 -61.61
C VAL A 384 -55.92 12.14 -61.02
N GLY A 385 -56.25 13.43 -61.09
CA GLY A 385 -55.42 14.47 -60.52
C GLY A 385 -56.20 15.27 -59.50
N VAL A 386 -55.52 15.65 -58.41
CA VAL A 386 -56.15 16.34 -57.28
C VAL A 386 -55.42 17.65 -57.03
N THR A 387 -56.20 18.73 -56.96
CA THR A 387 -55.65 20.06 -56.66
C THR A 387 -55.71 20.29 -55.16
N ILE A 388 -54.59 20.73 -54.58
CA ILE A 388 -54.46 20.95 -53.15
C ILE A 388 -53.99 22.38 -52.94
N THR A 389 -54.85 23.22 -52.37
CA THR A 389 -54.44 24.56 -52.00
C THR A 389 -53.73 24.54 -50.66
N LYS A 390 -53.32 25.72 -50.18
CA LYS A 390 -52.64 25.84 -48.90
C LYS A 390 -53.47 26.63 -47.88
N SER A 391 -53.89 27.84 -48.23
CA SER A 391 -54.61 28.71 -47.31
C SER A 391 -55.95 29.12 -47.89
N LYS A 392 -57.02 28.86 -47.14
CA LYS A 392 -58.36 29.31 -47.47
C LYS A 392 -59.05 29.55 -46.13
N PRO A 393 -59.65 30.72 -45.91
CA PRO A 393 -60.15 31.05 -44.57
C PRO A 393 -61.40 30.29 -44.18
N LEU A 394 -61.26 29.32 -43.27
CA LEU A 394 -62.37 28.67 -42.60
C LEU A 394 -62.07 28.59 -41.10
N LYS A 395 -61.70 29.75 -40.54
CA LYS A 395 -61.41 29.84 -39.12
C LYS A 395 -62.58 29.34 -38.29
N LEU A 396 -62.30 28.47 -37.32
CA LEU A 396 -63.33 27.93 -36.44
C LEU A 396 -62.76 27.78 -35.03
N TYR A 397 -63.65 27.86 -34.05
CA TYR A 397 -63.28 27.90 -32.65
C TYR A 397 -63.83 26.68 -31.91
N LYS A 398 -63.38 26.52 -30.67
CA LYS A 398 -63.89 25.51 -29.76
C LYS A 398 -64.83 26.17 -28.75
N THR A 399 -66.02 25.58 -28.57
CA THR A 399 -67.05 26.21 -27.75
C THR A 399 -66.60 26.35 -26.30
N GLU A 400 -66.01 25.30 -25.73
CA GLU A 400 -65.66 25.28 -24.33
C GLU A 400 -64.17 25.02 -24.15
N GLY A 401 -63.68 25.34 -22.96
CA GLY A 401 -62.28 25.12 -22.64
C GLY A 401 -61.38 26.24 -23.10
N ALA A 402 -60.09 25.91 -23.22
CA ALA A 402 -59.08 26.87 -23.66
C ALA A 402 -58.13 26.25 -24.66
N PHE A 403 -58.58 25.22 -25.37
CA PHE A 403 -57.75 24.50 -26.33
C PHE A 403 -58.39 24.53 -27.71
N PRO A 404 -57.58 24.43 -28.78
CA PRO A 404 -58.15 24.43 -30.13
C PRO A 404 -58.75 23.10 -30.53
N ILE A 405 -59.12 22.97 -31.82
CA ILE A 405 -59.68 21.73 -32.32
C ILE A 405 -58.65 20.61 -32.20
N MET A 406 -59.15 19.38 -32.09
CA MET A 406 -58.30 18.21 -31.96
C MET A 406 -57.99 17.64 -33.33
N ARG A 407 -56.73 17.27 -33.55
CA ARG A 407 -56.21 17.03 -34.89
C ARG A 407 -56.86 15.81 -35.54
N GLY A 408 -57.31 15.97 -36.78
CA GLY A 408 -57.82 14.86 -37.55
C GLY A 408 -59.26 15.01 -38.00
N ASN A 409 -59.85 16.18 -37.74
CA ASN A 409 -61.24 16.40 -38.08
C ASN A 409 -61.39 16.73 -39.57
N ALA A 410 -62.63 16.70 -40.03
CA ALA A 410 -62.94 16.97 -41.43
C ALA A 410 -64.33 17.59 -41.52
N TYR A 411 -64.59 18.24 -42.65
CA TYR A 411 -65.88 18.91 -42.87
C TYR A 411 -66.16 18.86 -44.37
N ILE A 412 -67.03 17.94 -44.78
CA ILE A 412 -67.33 17.73 -46.18
C ILE A 412 -68.47 18.66 -46.58
N VAL A 413 -68.27 19.40 -47.67
CA VAL A 413 -69.31 20.28 -48.21
C VAL A 413 -70.00 19.69 -49.43
N ASP A 414 -69.35 18.77 -50.14
CA ASP A 414 -69.92 18.15 -51.33
C ASP A 414 -69.13 16.88 -51.63
N GLU A 415 -69.66 16.07 -52.54
CA GLU A 415 -68.97 14.85 -52.94
C GLU A 415 -67.63 15.14 -53.61
N LYS A 416 -67.42 16.35 -54.12
CA LYS A 416 -66.17 16.71 -54.76
C LYS A 416 -65.20 17.38 -53.78
N LYS A 417 -65.62 18.48 -53.18
CA LYS A 417 -64.75 19.26 -52.30
C LYS A 417 -64.66 18.60 -50.92
N ALA A 418 -63.69 19.07 -50.12
CA ALA A 418 -63.47 18.56 -48.78
C ALA A 418 -62.54 19.52 -48.04
N PHE A 419 -62.35 19.25 -46.75
CA PHE A 419 -61.46 20.03 -45.92
C PHE A 419 -60.70 19.09 -44.99
N LEU A 420 -59.56 19.57 -44.47
CA LEU A 420 -58.84 18.79 -43.48
C LEU A 420 -58.06 19.74 -42.57
N TRP A 421 -57.96 19.35 -41.30
CA TRP A 421 -57.20 20.08 -40.30
C TRP A 421 -55.96 19.29 -39.89
N THR A 422 -54.84 19.99 -39.75
CA THR A 422 -53.57 19.35 -39.45
C THR A 422 -52.87 19.92 -38.22
N LEU A 423 -53.22 21.12 -37.78
CA LEU A 423 -52.58 21.75 -36.63
C LEU A 423 -53.58 21.81 -35.48
N GLY A 424 -53.68 20.72 -34.74
CA GLY A 424 -54.47 20.71 -33.52
C GLY A 424 -53.59 20.48 -32.31
N PHE A 425 -53.81 19.37 -31.62
CA PHE A 425 -52.83 18.89 -30.64
C PHE A 425 -53.08 17.40 -30.43
N VAL A 426 -52.07 16.60 -30.76
CA VAL A 426 -52.17 15.15 -30.56
C VAL A 426 -52.28 14.87 -29.06
N PRO A 427 -53.16 13.97 -28.63
CA PRO A 427 -53.22 13.64 -27.20
C PRO A 427 -51.91 13.14 -26.63
N LYS A 428 -51.13 12.39 -27.42
CA LYS A 428 -49.84 11.92 -26.96
C LYS A 428 -48.91 13.09 -26.66
N LEU A 429 -48.89 14.09 -27.55
CA LEU A 429 -48.09 15.29 -27.34
C LEU A 429 -48.75 16.26 -26.35
N GLN A 430 -50.06 16.17 -26.20
CA GLN A 430 -50.89 16.94 -25.26
C GLN A 430 -50.77 18.44 -25.45
N SER A 431 -50.01 18.91 -26.44
CA SER A 431 -49.75 20.33 -26.62
C SER A 431 -49.94 20.70 -28.08
N THR A 432 -50.33 21.95 -28.30
CA THR A 432 -50.71 22.41 -29.63
C THR A 432 -49.52 22.41 -30.59
N LEU A 433 -49.82 22.20 -31.86
CA LEU A 433 -48.82 22.27 -32.92
C LEU A 433 -48.68 23.67 -33.51
N SER A 434 -49.58 24.58 -33.16
CA SER A 434 -49.51 25.97 -33.59
C SER A 434 -49.85 26.87 -32.41
N MET A 435 -49.21 28.04 -32.37
CA MET A 435 -49.35 28.92 -31.22
C MET A 435 -50.79 29.44 -31.10
N GLU A 436 -51.37 29.87 -32.21
CA GLU A 436 -52.72 30.38 -32.24
C GLU A 436 -53.67 29.32 -32.80
N VAL A 437 -54.91 29.69 -33.03
CA VAL A 437 -55.89 28.81 -33.65
C VAL A 437 -55.43 28.47 -35.06
N PRO A 438 -55.69 27.26 -35.55
CA PRO A 438 -55.08 26.81 -36.80
C PRO A 438 -55.83 27.36 -38.02
N ASN A 439 -55.36 26.92 -39.19
CA ASN A 439 -55.97 27.23 -40.47
C ASN A 439 -55.95 25.93 -41.27
N PRO A 440 -57.08 25.52 -41.84
CA PRO A 440 -57.14 24.19 -42.48
C PRO A 440 -56.68 24.20 -43.93
N ILE A 441 -56.77 23.05 -44.58
CA ILE A 441 -56.44 22.89 -46.00
C ILE A 441 -57.71 22.50 -46.73
N PHE A 442 -57.98 23.21 -47.83
CA PHE A 442 -59.16 23.02 -48.67
C PHE A 442 -58.77 22.11 -49.83
N ILE A 443 -59.60 21.10 -50.09
CA ILE A 443 -59.30 20.07 -51.09
C ILE A 443 -60.38 20.10 -52.14
N GLU A 444 -59.97 20.14 -53.41
CA GLU A 444 -60.90 20.06 -54.53
C GLU A 444 -60.41 19.02 -55.52
N ILE A 445 -61.31 18.15 -55.94
CA ILE A 445 -61.04 17.17 -56.98
C ILE A 445 -61.41 17.79 -58.32
N ASN A 446 -60.45 17.79 -59.26
CA ASN A 446 -60.65 18.45 -60.54
C ASN A 446 -61.34 17.53 -61.54
N LYS A 447 -60.73 16.39 -61.83
CA LYS A 447 -61.24 15.47 -62.83
C LYS A 447 -61.10 14.03 -62.32
N GLY A 448 -61.53 13.08 -63.13
CA GLY A 448 -61.43 11.68 -62.79
C GLY A 448 -62.54 11.23 -61.85
N GLU A 449 -62.57 9.92 -61.61
CA GLU A 449 -63.55 9.29 -60.72
C GLU A 449 -62.78 8.73 -59.52
N ALA A 450 -62.65 9.55 -58.49
CA ALA A 450 -61.89 9.19 -57.30
C ALA A 450 -62.77 9.34 -56.06
N GLU A 451 -62.78 8.32 -55.20
CA GLU A 451 -63.52 8.39 -53.96
C GLU A 451 -62.83 9.35 -52.99
N ILE A 452 -63.63 10.17 -52.30
CA ILE A 452 -63.07 11.27 -51.52
C ILE A 452 -62.33 10.76 -50.28
N GLN A 453 -62.91 9.79 -49.58
CA GLN A 453 -62.36 9.39 -48.28
C GLN A 453 -61.00 8.72 -48.43
N GLN A 454 -60.86 7.82 -49.42
CA GLN A 454 -59.58 7.12 -49.58
C GLN A 454 -58.47 8.08 -49.99
N VAL A 455 -58.74 8.99 -50.93
CA VAL A 455 -57.71 9.94 -51.31
C VAL A 455 -57.37 10.88 -50.15
N LEU A 456 -58.39 11.24 -49.36
CA LEU A 456 -58.15 12.13 -48.23
C LEU A 456 -57.27 11.47 -47.18
N LYS A 457 -57.56 10.21 -46.85
CA LYS A 457 -56.71 9.49 -45.89
C LYS A 457 -55.31 9.24 -46.46
N ASP A 458 -55.21 9.02 -47.77
CA ASP A 458 -53.89 8.85 -48.39
C ASP A 458 -53.06 10.13 -48.28
N ILE A 459 -53.66 11.29 -48.57
CA ILE A 459 -52.91 12.52 -48.49
C ILE A 459 -52.61 12.89 -47.04
N LEU A 460 -53.46 12.46 -46.10
CA LEU A 460 -53.13 12.65 -44.69
C LEU A 460 -51.96 11.76 -44.28
N ALA A 461 -51.90 10.55 -44.80
CA ALA A 461 -50.86 9.60 -44.41
C ALA A 461 -49.47 9.99 -44.91
N LEU A 462 -49.36 10.97 -45.80
CA LEU A 462 -48.08 11.38 -46.38
C LEU A 462 -47.65 12.76 -45.89
N THR A 463 -47.90 13.05 -44.62
CA THR A 463 -47.47 14.31 -44.02
C THR A 463 -46.44 14.09 -42.91
N LYS A 464 -45.98 12.86 -42.71
CA LYS A 464 -45.00 12.54 -41.67
C LYS A 464 -43.67 12.10 -42.24
N LEU A 465 -43.50 12.07 -43.56
CA LEU A 465 -42.25 11.64 -44.18
C LEU A 465 -41.32 12.83 -44.43
N ASN A 466 -41.10 13.60 -43.36
CA ASN A 466 -40.22 14.77 -43.41
C ASN A 466 -38.86 14.32 -42.90
N TYR A 467 -38.06 13.74 -43.81
CA TYR A 467 -36.74 13.25 -43.44
C TYR A 467 -35.81 14.36 -42.96
N ASN A 468 -36.04 15.59 -43.39
CA ASN A 468 -35.18 16.69 -42.98
C ASN A 468 -35.36 17.07 -41.51
N ALA A 469 -36.38 16.55 -40.84
CA ALA A 469 -36.64 16.86 -39.43
C ALA A 469 -37.22 15.62 -38.78
N CYS A 470 -37.72 15.78 -37.54
CA CYS A 470 -38.38 14.68 -36.85
C CYS A 470 -39.61 15.13 -36.07
N ILE A 471 -40.24 16.24 -36.46
CA ILE A 471 -41.46 16.67 -35.80
C ILE A 471 -42.57 15.64 -36.06
N TYR A 472 -43.44 15.47 -35.07
CA TYR A 472 -44.46 14.43 -35.17
C TYR A 472 -45.42 14.68 -36.31
N ALA A 473 -45.83 15.92 -36.52
CA ALA A 473 -46.81 16.27 -37.54
C ALA A 473 -46.31 17.43 -38.37
N ASP A 474 -46.72 17.44 -39.64
CA ASP A 474 -46.36 18.51 -40.56
C ASP A 474 -47.60 18.91 -41.34
N GLY A 475 -47.68 20.20 -41.69
CA GLY A 475 -48.92 20.74 -42.21
C GLY A 475 -49.34 20.12 -43.53
N GLU A 476 -48.59 20.38 -44.59
CA GLU A 476 -48.91 19.94 -45.93
C GLU A 476 -48.17 18.64 -46.25
N PRO A 477 -48.64 17.88 -47.23
CA PRO A 477 -47.95 16.63 -47.58
C PRO A 477 -46.53 16.88 -48.04
N VAL A 478 -45.73 15.82 -47.96
CA VAL A 478 -44.30 15.94 -48.28
C VAL A 478 -44.09 16.32 -49.73
N THR A 479 -45.00 15.94 -50.62
CA THR A 479 -44.74 16.05 -52.06
C THR A 479 -44.64 17.50 -52.52
N LEU A 480 -45.62 18.32 -52.17
CA LEU A 480 -45.66 19.70 -52.67
C LEU A 480 -44.47 20.50 -52.17
N ARG A 481 -44.23 20.46 -50.86
CA ARG A 481 -43.09 21.18 -50.30
C ARG A 481 -41.78 20.60 -50.80
N PHE A 482 -41.76 19.31 -51.08
CA PHE A 482 -40.52 18.65 -51.48
C PHE A 482 -40.10 19.09 -52.88
N ALA A 483 -41.07 19.14 -53.80
CA ALA A 483 -40.81 19.70 -55.13
C ALA A 483 -40.49 21.19 -55.03
N ASN A 484 -41.17 21.90 -54.13
CA ASN A 484 -40.87 23.33 -53.95
C ASN A 484 -39.43 23.55 -53.52
N LYS A 485 -38.92 22.71 -52.62
CA LYS A 485 -37.56 22.88 -52.13
C LYS A 485 -36.52 22.29 -53.07
N ILE A 486 -36.91 21.46 -54.04
CA ILE A 486 -35.95 21.09 -55.08
C ILE A 486 -35.91 22.10 -56.23
N GLY A 487 -36.98 22.88 -56.42
CA GLY A 487 -37.00 23.82 -57.55
C GLY A 487 -35.97 24.93 -57.44
N GLU A 488 -35.83 25.53 -56.25
CA GLU A 488 -34.89 26.63 -56.11
C GLU A 488 -33.45 26.17 -56.20
N ILE A 489 -33.18 24.88 -56.02
CA ILE A 489 -31.84 24.36 -56.25
C ILE A 489 -31.49 24.45 -57.74
N LEU A 490 -32.41 24.03 -58.60
CA LEU A 490 -32.15 24.03 -60.03
C LEU A 490 -32.38 25.38 -60.68
N THR A 491 -33.04 26.32 -60.02
CA THR A 491 -33.21 27.64 -60.59
C THR A 491 -32.05 28.57 -60.28
N ALA A 492 -31.11 28.16 -59.44
CA ALA A 492 -29.97 29.01 -59.09
C ALA A 492 -29.11 29.29 -60.32
N SER A 493 -28.84 28.27 -61.12
CA SER A 493 -28.05 28.42 -62.33
C SER A 493 -28.43 27.31 -63.30
N THR A 494 -28.68 27.67 -64.56
CA THR A 494 -29.34 26.79 -65.51
C THR A 494 -28.40 26.13 -66.50
N GLU A 495 -27.08 26.20 -66.28
CA GLU A 495 -26.15 25.59 -67.23
C GLU A 495 -26.07 24.08 -67.09
N ILE A 496 -26.70 23.50 -66.06
CA ILE A 496 -26.58 22.07 -65.81
C ILE A 496 -27.39 21.30 -66.85
N LYS A 497 -26.89 20.12 -67.21
CA LYS A 497 -27.56 19.23 -68.15
C LYS A 497 -27.67 17.84 -67.51
N THR A 498 -28.89 17.30 -67.53
CA THR A 498 -29.22 16.01 -66.92
C THR A 498 -28.70 15.91 -65.49
N PRO A 499 -29.29 16.64 -64.54
CA PRO A 499 -28.90 16.49 -63.14
C PRO A 499 -29.31 15.13 -62.61
N PRO A 500 -28.75 14.69 -61.49
CA PRO A 500 -29.13 13.37 -60.95
C PRO A 500 -30.58 13.36 -60.48
N LEU A 501 -31.04 12.16 -60.15
CA LEU A 501 -32.41 11.94 -59.69
C LEU A 501 -32.43 11.26 -58.32
N ALA A 502 -31.41 11.51 -57.52
CA ALA A 502 -31.32 11.04 -56.15
C ALA A 502 -31.30 12.26 -55.24
N PHE A 503 -32.16 12.26 -54.23
CA PHE A 503 -32.39 13.46 -53.44
C PHE A 503 -31.38 13.62 -52.31
N LYS A 504 -30.40 12.73 -52.21
CA LYS A 504 -29.33 12.91 -51.25
C LYS A 504 -28.55 14.18 -51.53
N TYR A 505 -28.23 14.43 -52.81
CA TYR A 505 -27.39 15.56 -53.17
C TYR A 505 -28.17 16.87 -53.10
N TYR A 506 -29.45 16.82 -53.47
CA TYR A 506 -30.30 18.01 -53.36
C TYR A 506 -30.52 18.39 -51.90
N ILE A 507 -30.71 17.39 -51.05
CA ILE A 507 -30.96 17.64 -49.63
C ILE A 507 -29.95 16.87 -48.79
N MET B 1 38.15 -11.11 -60.01
CA MET B 1 38.72 -11.33 -58.69
C MET B 1 38.46 -10.13 -57.79
N LYS B 2 37.50 -9.29 -58.18
CA LYS B 2 37.13 -8.12 -57.41
C LYS B 2 36.05 -8.48 -56.41
N GLU B 3 36.22 -8.05 -55.17
CA GLU B 3 35.23 -8.32 -54.15
C GLU B 3 33.93 -7.55 -54.42
N LEU B 4 32.83 -8.12 -53.96
CA LEU B 4 31.52 -7.49 -54.07
C LEU B 4 31.18 -6.76 -52.77
N ILE B 5 30.17 -5.90 -52.85
CA ILE B 5 29.72 -5.10 -51.72
C ILE B 5 28.28 -5.44 -51.42
N TYR B 6 28.02 -5.83 -50.17
CA TYR B 6 26.67 -6.13 -49.71
C TYR B 6 26.08 -4.90 -49.03
N ILE B 7 24.77 -4.72 -49.20
CA ILE B 7 24.04 -3.62 -48.59
C ILE B 7 22.88 -4.19 -47.78
N GLU B 8 22.60 -3.58 -46.64
CA GLU B 8 21.57 -4.09 -45.74
C GLU B 8 20.18 -3.96 -46.38
N GLU B 9 19.21 -4.64 -45.76
CA GLU B 9 17.84 -4.63 -46.24
C GLU B 9 17.01 -3.72 -45.34
N PRO B 10 16.56 -2.57 -45.83
CA PRO B 10 15.73 -1.69 -45.00
C PRO B 10 14.38 -2.33 -44.69
N SER B 11 13.83 -1.94 -43.54
CA SER B 11 12.59 -2.50 -43.04
C SER B 11 11.45 -1.50 -43.22
N ILE B 12 10.22 -2.01 -43.10
CA ILE B 12 9.02 -1.21 -43.27
C ILE B 12 8.38 -0.99 -41.91
N LEU B 13 7.38 -0.11 -41.87
CA LEU B 13 6.67 0.24 -40.65
C LEU B 13 5.35 -0.52 -40.57
N PHE B 14 4.82 -0.63 -39.36
CA PHE B 14 3.58 -1.35 -39.12
C PHE B 14 2.85 -0.67 -37.98
N ALA B 15 1.85 -1.35 -37.41
CA ALA B 15 1.07 -0.78 -36.33
C ALA B 15 1.93 -0.59 -35.08
N HIS B 16 1.55 0.40 -34.28
CA HIS B 16 2.23 0.74 -33.03
C HIS B 16 3.68 1.17 -33.24
N GLY B 17 4.03 1.56 -34.46
CA GLY B 17 5.38 2.01 -34.75
C GLY B 17 6.44 0.93 -34.62
N GLN B 18 6.17 -0.27 -35.14
CA GLN B 18 7.12 -1.37 -35.13
C GLN B 18 7.70 -1.56 -36.53
N LYS B 19 8.57 -2.54 -36.67
CA LYS B 19 9.25 -2.81 -37.93
C LYS B 19 9.26 -4.30 -38.21
N CYS B 20 9.35 -4.63 -39.49
CA CYS B 20 9.44 -6.02 -39.94
C CYS B 20 9.99 -6.01 -41.36
N THR B 21 10.12 -7.21 -41.94
CA THR B 21 10.70 -7.36 -43.27
C THR B 21 9.66 -7.82 -44.29
N ASP B 22 8.99 -8.94 -44.04
CA ASP B 22 7.98 -9.45 -44.96
C ASP B 22 6.64 -8.79 -44.67
N PRO B 23 6.01 -8.13 -45.64
CA PRO B 23 4.75 -7.43 -45.34
C PRO B 23 3.66 -8.33 -44.81
N ARG B 24 3.52 -9.55 -45.34
CA ARG B 24 2.48 -10.44 -44.84
C ARG B 24 2.83 -11.01 -43.46
N ASP B 25 4.13 -11.14 -43.16
CA ASP B 25 4.54 -11.53 -41.82
C ASP B 25 4.09 -10.50 -40.80
N GLY B 26 4.35 -9.22 -41.07
CA GLY B 26 3.88 -8.18 -40.18
C GLY B 26 2.37 -8.08 -40.14
N LEU B 27 1.72 -8.32 -41.28
CA LEU B 27 0.25 -8.32 -41.32
C LEU B 27 -0.32 -9.36 -40.38
N ALA B 28 0.19 -10.59 -40.46
CA ALA B 28 -0.22 -11.64 -39.53
C ALA B 28 0.22 -11.34 -38.10
N LEU B 29 1.26 -10.52 -37.92
CA LEU B 29 1.73 -10.18 -36.59
C LEU B 29 0.89 -9.06 -35.97
N PHE B 30 0.85 -7.91 -36.63
CA PHE B 30 0.14 -6.74 -36.11
C PHE B 30 -1.07 -6.39 -36.95
N GLY B 31 -0.88 -6.18 -38.26
CA GLY B 31 -1.97 -5.83 -39.13
C GLY B 31 -1.78 -4.51 -39.84
N PRO B 32 -2.87 -3.78 -40.06
CA PRO B 32 -2.79 -2.51 -40.80
C PRO B 32 -2.39 -1.36 -39.90
N LEU B 33 -2.19 -0.20 -40.52
CA LEU B 33 -1.87 1.03 -39.81
C LEU B 33 -3.13 1.83 -39.50
N ASN B 34 -3.87 2.21 -40.53
CA ASN B 34 -5.13 2.92 -40.35
C ASN B 34 -6.28 1.91 -40.28
N GLN B 35 -7.44 2.40 -39.85
CA GLN B 35 -8.61 1.56 -39.63
C GLN B 35 -9.68 1.86 -40.68
N ILE B 36 -10.18 0.81 -41.32
CA ILE B 36 -11.21 0.91 -42.36
C ILE B 36 -12.21 -0.23 -42.13
N TYR B 37 -13.50 0.11 -42.20
CA TYR B 37 -14.55 -0.88 -42.03
C TYR B 37 -15.65 -0.82 -43.08
N GLY B 38 -15.62 0.17 -43.97
CA GLY B 38 -16.63 0.27 -45.01
C GLY B 38 -16.29 -0.55 -46.24
N ILE B 39 -16.92 -1.71 -46.37
CA ILE B 39 -16.63 -2.62 -47.48
C ILE B 39 -17.93 -3.04 -48.15
N LYS B 40 -18.97 -2.22 -48.02
CA LYS B 40 -20.22 -2.45 -48.72
C LYS B 40 -19.96 -2.60 -50.21
N SER B 41 -20.21 -3.79 -50.75
CA SER B 41 -19.77 -4.14 -52.09
C SER B 41 -20.97 -4.36 -53.02
N GLY B 42 -20.75 -4.05 -54.30
CA GLY B 42 -21.74 -4.31 -55.32
C GLY B 42 -21.14 -5.13 -56.45
N VAL B 43 -21.98 -5.96 -57.05
CA VAL B 43 -21.55 -6.89 -58.09
C VAL B 43 -22.53 -6.83 -59.25
N VAL B 44 -22.00 -6.85 -60.46
CA VAL B 44 -22.81 -6.90 -61.68
C VAL B 44 -22.33 -8.09 -62.52
N GLY B 45 -23.27 -8.77 -63.15
CA GLY B 45 -22.94 -9.93 -63.96
C GLY B 45 -24.10 -10.92 -63.96
N THR B 46 -23.79 -12.13 -64.42
CA THR B 46 -24.79 -13.16 -64.58
C THR B 46 -25.04 -13.89 -63.26
N GLN B 47 -25.96 -14.85 -63.30
CA GLN B 47 -26.32 -15.58 -62.09
C GLN B 47 -25.17 -16.46 -61.60
N LYS B 48 -24.50 -17.17 -62.52
CA LYS B 48 -23.42 -18.05 -62.12
C LYS B 48 -22.28 -17.27 -61.47
N GLY B 49 -21.93 -16.12 -62.05
CA GLY B 49 -20.87 -15.30 -61.47
C GLY B 49 -21.21 -14.80 -60.09
N LEU B 50 -22.45 -14.33 -59.90
CA LEU B 50 -22.87 -13.88 -58.58
C LEU B 50 -22.82 -15.01 -57.56
N GLN B 51 -23.31 -16.20 -57.96
CA GLN B 51 -23.31 -17.33 -57.04
C GLN B 51 -21.90 -17.74 -56.66
N ILE B 52 -21.00 -17.83 -57.64
CA ILE B 52 -19.63 -18.24 -57.33
C ILE B 52 -18.91 -17.18 -56.52
N PHE B 53 -19.18 -15.90 -56.77
CA PHE B 53 -18.58 -14.84 -55.96
C PHE B 53 -19.07 -14.91 -54.52
N LYS B 54 -20.36 -15.15 -54.31
CA LYS B 54 -20.87 -15.29 -52.95
C LYS B 54 -20.23 -16.50 -52.26
N SER B 55 -20.08 -17.61 -52.99
CA SER B 55 -19.43 -18.79 -52.42
C SER B 55 -17.99 -18.48 -52.02
N TYR B 56 -17.26 -17.78 -52.89
CA TYR B 56 -15.89 -17.40 -52.56
C TYR B 56 -15.84 -16.48 -51.34
N LEU B 57 -16.77 -15.52 -51.26
CA LEU B 57 -16.78 -14.59 -50.15
C LEU B 57 -17.04 -15.30 -48.83
N ASP B 58 -17.96 -16.28 -48.82
CA ASP B 58 -18.16 -17.03 -47.59
C ASP B 58 -17.04 -18.03 -47.33
N LYS B 59 -16.28 -18.41 -48.37
CA LYS B 59 -15.15 -19.30 -48.18
C LYS B 59 -13.94 -18.58 -47.58
N ILE B 60 -13.72 -17.31 -47.96
CA ILE B 60 -12.53 -16.60 -47.52
C ILE B 60 -12.53 -16.32 -46.02
N GLN B 61 -13.68 -16.45 -45.36
CA GLN B 61 -13.78 -16.06 -43.95
C GLN B 61 -12.91 -16.95 -43.06
N LYS B 62 -12.90 -18.25 -43.32
CA LYS B 62 -12.09 -19.16 -42.52
C LYS B 62 -10.63 -19.15 -42.98
N PRO B 63 -9.70 -19.39 -42.07
CA PRO B 63 -8.28 -19.42 -42.46
C PRO B 63 -7.97 -20.59 -43.37
N ILE B 64 -6.96 -20.41 -44.21
CA ILE B 64 -6.53 -21.43 -45.16
C ILE B 64 -5.01 -21.43 -45.22
N TYR B 65 -4.45 -22.59 -45.59
CA TYR B 65 -3.02 -22.76 -45.74
C TYR B 65 -2.71 -23.35 -47.10
N ASN B 66 -1.53 -23.03 -47.62
CA ASN B 66 -1.09 -23.50 -48.93
C ASN B 66 -0.45 -24.88 -48.79
N HIS B 67 0.17 -25.37 -49.87
CA HIS B 67 0.81 -26.68 -49.84
C HIS B 67 2.01 -26.68 -48.91
N ASN B 68 2.88 -25.68 -49.03
CA ASN B 68 4.04 -25.53 -48.17
C ASN B 68 3.98 -24.17 -47.51
N ASN B 69 4.26 -24.13 -46.21
CA ASN B 69 4.07 -22.92 -45.41
C ASN B 69 5.37 -22.35 -44.84
N ILE B 70 6.51 -23.03 -45.04
CA ILE B 70 7.77 -22.44 -44.58
C ILE B 70 8.10 -21.19 -45.38
N THR B 71 7.75 -21.17 -46.67
CA THR B 71 7.95 -20.01 -47.51
C THR B 71 6.81 -19.00 -47.35
N ARG B 72 5.58 -19.41 -47.64
CA ARG B 72 4.44 -18.51 -47.57
C ARG B 72 3.76 -18.70 -46.22
N PRO B 73 3.71 -17.65 -45.38
CA PRO B 73 3.15 -17.81 -44.04
C PRO B 73 1.66 -18.14 -44.07
N MET B 74 1.12 -18.37 -42.87
CA MET B 74 -0.28 -18.72 -42.70
C MET B 74 -1.18 -17.55 -43.07
N PHE B 75 -2.40 -17.88 -43.52
CA PHE B 75 -3.41 -16.88 -43.82
C PHE B 75 -4.58 -17.05 -42.85
N PRO B 76 -4.67 -16.26 -41.79
CA PRO B 76 -5.84 -16.33 -40.90
C PRO B 76 -7.08 -15.75 -41.57
N GLY B 77 -8.19 -15.69 -40.82
CA GLY B 77 -9.40 -15.10 -41.35
C GLY B 77 -9.26 -13.62 -41.61
N PHE B 78 -10.13 -13.10 -42.48
CA PHE B 78 -10.03 -11.70 -42.87
C PHE B 78 -10.28 -10.78 -41.69
N GLU B 79 -11.25 -11.11 -40.84
CA GLU B 79 -11.42 -10.35 -39.61
C GLU B 79 -10.25 -10.53 -38.65
N ALA B 80 -9.48 -11.60 -38.79
CA ALA B 80 -8.39 -11.90 -37.87
C ALA B 80 -7.06 -11.31 -38.33
N VAL B 81 -7.04 -10.57 -39.44
CA VAL B 81 -5.83 -9.96 -39.95
C VAL B 81 -5.95 -8.45 -40.10
N PHE B 82 -7.08 -7.97 -40.64
CA PHE B 82 -7.30 -6.54 -40.83
C PHE B 82 -8.18 -5.95 -39.74
N GLY B 83 -9.39 -6.49 -39.59
CA GLY B 83 -10.38 -5.97 -38.66
C GLY B 83 -11.44 -5.16 -39.40
N CYS B 84 -12.53 -5.83 -39.72
CA CYS B 84 -13.65 -5.25 -40.48
C CYS B 84 -14.76 -6.29 -40.49
N LYS B 85 -15.83 -6.00 -41.22
CA LYS B 85 -16.90 -6.97 -41.45
C LYS B 85 -17.15 -7.04 -42.96
N TRP B 86 -16.60 -8.07 -43.60
CA TRP B 86 -16.85 -8.36 -45.00
C TRP B 86 -17.79 -9.55 -45.08
N GLU B 87 -18.94 -9.36 -45.73
CA GLU B 87 -19.98 -10.38 -45.76
C GLU B 87 -20.67 -10.34 -47.12
N SER B 88 -21.35 -11.45 -47.43
CA SER B 88 -22.14 -11.57 -48.65
C SER B 88 -23.61 -11.22 -48.43
N GLN B 89 -23.95 -10.69 -47.26
CA GLN B 89 -25.33 -10.37 -46.92
C GLN B 89 -25.66 -8.90 -47.11
N ASN B 90 -24.73 -8.10 -47.60
CA ASN B 90 -24.93 -6.67 -47.83
C ASN B 90 -24.41 -6.28 -49.21
N ILE B 91 -24.79 -7.06 -50.22
CA ILE B 91 -24.36 -6.83 -51.59
C ILE B 91 -25.54 -6.35 -52.40
N VAL B 92 -25.34 -5.30 -53.19
CA VAL B 92 -26.33 -4.83 -54.16
C VAL B 92 -25.97 -5.42 -55.51
N PHE B 93 -26.90 -6.19 -56.08
CA PHE B 93 -26.64 -6.95 -57.30
C PHE B 93 -27.55 -6.47 -58.42
N LYS B 94 -27.00 -6.45 -59.64
CA LYS B 94 -27.75 -6.13 -60.84
C LYS B 94 -27.43 -7.17 -61.90
N GLU B 95 -28.39 -7.39 -62.80
CA GLU B 95 -28.32 -8.48 -63.77
C GLU B 95 -28.10 -7.93 -65.17
N ILE B 96 -27.04 -8.40 -65.83
CA ILE B 96 -26.86 -8.13 -67.24
C ILE B 96 -27.85 -8.97 -68.04
N THR B 97 -28.21 -8.49 -69.23
CA THR B 97 -29.17 -9.20 -70.07
C THR B 97 -28.69 -10.62 -70.36
N ASP B 98 -29.59 -11.59 -70.22
CA ASP B 98 -29.23 -12.98 -70.45
C ASP B 98 -29.01 -13.25 -71.94
N GLU B 99 -29.88 -12.71 -72.79
CA GLU B 99 -29.68 -12.82 -74.22
C GLU B 99 -28.59 -11.85 -74.66
N GLU B 100 -28.12 -12.03 -75.89
CA GLU B 100 -27.06 -11.19 -76.44
C GLU B 100 -27.65 -10.19 -77.44
N ILE B 101 -27.33 -8.91 -77.25
CA ILE B 101 -27.59 -7.90 -78.26
C ILE B 101 -26.36 -7.68 -79.14
N ARG B 102 -25.26 -8.35 -78.82
CA ARG B 102 -24.05 -8.35 -79.65
C ARG B 102 -23.82 -9.77 -80.13
N ARG B 103 -23.62 -9.93 -81.43
CA ARG B 103 -23.52 -11.25 -82.03
C ARG B 103 -22.41 -12.07 -81.36
N TYR B 104 -22.64 -13.38 -81.22
CA TYR B 104 -21.75 -14.23 -80.46
C TYR B 104 -20.36 -14.28 -81.09
N LEU B 105 -20.29 -14.58 -82.37
CA LEU B 105 -19.00 -14.67 -83.06
C LEU B 105 -18.45 -13.27 -83.32
N PHE B 106 -17.12 -13.17 -83.24
CA PHE B 106 -16.45 -11.90 -83.51
C PHE B 106 -16.27 -11.71 -85.02
N ASN B 107 -17.36 -11.84 -85.77
CA ASN B 107 -17.29 -11.81 -87.23
C ASN B 107 -17.45 -10.40 -87.78
N ALA B 108 -18.44 -9.65 -87.31
CA ALA B 108 -18.70 -8.30 -87.82
C ALA B 108 -17.50 -7.39 -87.55
N SER B 109 -17.20 -7.15 -86.28
CA SER B 109 -16.05 -6.33 -85.90
C SER B 109 -15.76 -6.58 -84.43
N THR B 110 -14.56 -7.11 -84.14
CA THR B 110 -14.18 -7.33 -82.74
C THR B 110 -14.09 -6.02 -81.97
N HIS B 111 -13.54 -4.97 -82.61
CA HIS B 111 -13.50 -3.67 -81.96
C HIS B 111 -14.89 -3.14 -81.68
N LYS B 112 -15.82 -3.33 -82.63
CA LYS B 112 -17.20 -2.89 -82.41
C LYS B 112 -17.85 -3.65 -81.27
N ARG B 113 -17.62 -4.97 -81.19
CA ARG B 113 -18.20 -5.75 -80.11
C ARG B 113 -17.63 -5.32 -78.76
N THR B 114 -16.32 -5.05 -78.70
CA THR B 114 -15.73 -4.58 -77.45
C THR B 114 -16.29 -3.23 -77.04
N TYR B 115 -16.44 -2.32 -78.01
CA TYR B 115 -17.00 -1.01 -77.69
C TYR B 115 -18.45 -1.14 -77.22
N ASP B 116 -19.22 -2.01 -77.85
CA ASP B 116 -20.61 -2.20 -77.43
C ASP B 116 -20.68 -2.76 -76.01
N LEU B 117 -19.83 -3.75 -75.69
CA LEU B 117 -19.85 -4.32 -74.35
C LEU B 117 -19.44 -3.29 -73.31
N VAL B 118 -18.38 -2.52 -73.58
CA VAL B 118 -17.96 -1.53 -72.61
C VAL B 118 -19.01 -0.43 -72.47
N THR B 119 -19.68 -0.08 -73.57
CA THR B 119 -20.76 0.89 -73.49
C THR B 119 -21.89 0.40 -72.60
N LEU B 120 -22.29 -0.87 -72.76
CA LEU B 120 -23.34 -1.43 -71.93
C LEU B 120 -22.95 -1.41 -70.46
N PHE B 121 -21.75 -1.89 -70.14
CA PHE B 121 -21.31 -1.94 -68.75
C PHE B 121 -21.22 -0.54 -68.16
N ASN B 122 -20.64 0.41 -68.90
CA ASN B 122 -20.48 1.76 -68.40
C ASN B 122 -21.82 2.42 -68.16
N ASP B 123 -22.76 2.27 -69.11
CA ASP B 123 -24.08 2.87 -68.94
C ASP B 123 -24.82 2.27 -67.75
N LYS B 124 -24.73 0.95 -67.58
CA LYS B 124 -25.38 0.34 -66.42
C LYS B 124 -24.79 0.85 -65.12
N ILE B 125 -23.46 0.94 -65.04
CA ILE B 125 -22.82 1.41 -63.82
C ILE B 125 -23.20 2.86 -63.53
N ILE B 126 -23.21 3.70 -64.56
CA ILE B 126 -23.53 5.12 -64.36
C ILE B 126 -24.99 5.29 -63.93
N THR B 127 -25.90 4.53 -64.55
CA THR B 127 -27.29 4.58 -64.13
C THR B 127 -27.44 4.13 -62.68
N ALA B 128 -26.72 3.07 -62.30
CA ALA B 128 -26.75 2.62 -60.91
C ALA B 128 -26.26 3.70 -59.96
N ASN B 129 -25.17 4.38 -60.32
CA ASN B 129 -24.61 5.41 -59.45
C ASN B 129 -25.54 6.60 -59.32
N LYS B 130 -26.12 7.05 -60.42
CA LYS B 130 -26.91 8.28 -60.43
C LYS B 130 -28.37 8.07 -60.05
N ASN B 131 -28.87 6.84 -60.01
CA ASN B 131 -30.28 6.57 -59.77
C ASN B 131 -30.58 6.03 -58.38
N ASP B 132 -29.78 5.08 -57.89
CA ASP B 132 -30.12 4.37 -56.67
C ASP B 132 -29.90 5.25 -55.44
N GLU B 133 -30.14 4.65 -54.26
CA GLU B 133 -30.10 5.35 -53.00
C GLU B 133 -29.05 4.83 -52.03
N GLU B 134 -28.59 3.59 -52.20
CA GLU B 134 -27.62 3.01 -51.29
C GLU B 134 -26.25 3.67 -51.47
N ARG B 135 -25.29 3.25 -50.65
CA ARG B 135 -23.92 3.74 -50.72
C ARG B 135 -23.00 2.54 -50.91
N VAL B 136 -22.16 2.60 -51.95
CA VAL B 136 -21.25 1.52 -52.29
C VAL B 136 -19.87 2.11 -52.53
N ASP B 137 -18.85 1.27 -52.39
CA ASP B 137 -17.47 1.70 -52.52
C ASP B 137 -16.75 1.03 -53.68
N VAL B 138 -16.86 -0.29 -53.81
CA VAL B 138 -16.15 -1.03 -54.85
C VAL B 138 -17.18 -1.78 -55.70
N TRP B 139 -16.69 -2.32 -56.81
CA TRP B 139 -17.52 -3.10 -57.73
C TRP B 139 -16.71 -4.25 -58.28
N PHE B 140 -17.24 -5.46 -58.15
CA PHE B 140 -16.54 -6.69 -58.53
C PHE B 140 -17.19 -7.23 -59.80
N VAL B 141 -16.70 -6.77 -60.94
CA VAL B 141 -17.29 -7.14 -62.22
C VAL B 141 -16.80 -8.53 -62.62
N ILE B 142 -17.73 -9.43 -62.89
CA ILE B 142 -17.42 -10.74 -63.43
C ILE B 142 -17.51 -10.69 -64.95
N VAL B 143 -16.73 -11.53 -65.62
CA VAL B 143 -16.71 -11.56 -67.07
C VAL B 143 -16.95 -12.99 -67.54
N PRO B 144 -17.93 -13.23 -68.43
CA PRO B 144 -18.22 -14.58 -68.95
C PRO B 144 -17.20 -15.03 -69.98
N ALA B 204 -8.80 -8.89 -74.69
CA ALA B 204 -9.14 -8.13 -75.89
C ALA B 204 -9.09 -6.63 -75.62
N GLN B 205 -8.04 -6.21 -74.91
CA GLN B 205 -7.80 -4.80 -74.54
C GLN B 205 -9.09 -4.11 -74.11
N PHE B 206 -9.89 -4.82 -73.32
CA PHE B 206 -11.19 -4.32 -72.88
C PHE B 206 -11.08 -3.30 -71.75
N HIS B 207 -10.46 -3.70 -70.64
CA HIS B 207 -10.53 -2.90 -69.42
C HIS B 207 -9.92 -1.51 -69.58
N ASP B 208 -9.04 -1.32 -70.58
CA ASP B 208 -8.52 0.01 -70.86
C ASP B 208 -9.66 1.00 -71.11
N GLN B 209 -10.56 0.64 -72.03
CA GLN B 209 -11.68 1.51 -72.36
C GLN B 209 -12.59 1.73 -71.17
N LEU B 210 -12.85 0.68 -70.39
CA LEU B 210 -13.76 0.80 -69.26
C LEU B 210 -13.19 1.75 -68.20
N LYS B 211 -11.90 1.60 -67.88
CA LYS B 211 -11.28 2.50 -66.91
C LYS B 211 -11.25 3.92 -67.44
N ALA B 212 -10.92 4.11 -68.73
CA ALA B 212 -10.87 5.44 -69.28
C ALA B 212 -12.23 6.11 -69.25
N ARG B 213 -13.29 5.36 -69.57
CA ARG B 213 -14.64 5.92 -69.61
C ARG B 213 -15.25 6.12 -68.23
N LEU B 214 -14.84 5.33 -67.24
CA LEU B 214 -15.29 5.54 -65.87
C LEU B 214 -14.43 6.54 -65.10
N LEU B 215 -13.31 6.98 -65.69
CA LEU B 215 -12.47 7.98 -65.03
C LEU B 215 -13.25 9.25 -64.72
N GLU B 216 -14.12 9.68 -65.62
CA GLU B 216 -14.79 10.96 -65.48
C GLU B 216 -15.80 10.99 -64.33
N HIS B 217 -16.13 9.83 -63.76
CA HIS B 217 -17.14 9.77 -62.70
C HIS B 217 -16.54 9.49 -61.34
N THR B 218 -15.23 9.22 -61.26
CA THR B 218 -14.52 9.05 -59.99
C THR B 218 -15.16 7.97 -59.11
N ILE B 219 -15.16 6.74 -59.63
CA ILE B 219 -15.67 5.59 -58.91
C ILE B 219 -14.61 4.49 -58.90
N PRO B 220 -14.25 3.96 -57.74
CA PRO B 220 -13.29 2.84 -57.71
C PRO B 220 -13.89 1.59 -58.31
N THR B 221 -13.01 0.72 -58.82
CA THR B 221 -13.46 -0.49 -59.48
C THR B 221 -12.38 -1.56 -59.41
N GLN B 222 -12.79 -2.80 -59.64
CA GLN B 222 -11.88 -3.94 -59.72
C GLN B 222 -12.51 -4.97 -60.64
N ILE B 223 -11.67 -5.76 -61.30
CA ILE B 223 -12.11 -6.72 -62.29
C ILE B 223 -11.65 -8.12 -61.86
N LEU B 224 -12.56 -9.09 -61.96
CA LEU B 224 -12.27 -10.48 -61.67
C LEU B 224 -12.80 -11.34 -62.80
N ARG B 225 -12.06 -12.38 -63.16
CA ARG B 225 -12.39 -13.25 -64.27
C ARG B 225 -13.01 -14.55 -63.78
N GLU B 226 -13.95 -15.08 -64.56
CA GLU B 226 -14.69 -16.28 -64.16
C GLU B 226 -13.77 -17.49 -64.01
N SER B 227 -12.71 -17.57 -64.82
CA SER B 227 -11.80 -18.70 -64.76
C SER B 227 -10.98 -18.75 -63.48
N THR B 228 -10.98 -17.66 -62.69
CA THR B 228 -10.16 -17.62 -61.48
C THR B 228 -10.70 -18.56 -60.41
N LEU B 229 -12.01 -18.56 -60.19
CA LEU B 229 -12.59 -19.21 -59.03
C LEU B 229 -12.95 -20.67 -59.26
N ALA B 230 -13.41 -21.02 -60.46
CA ALA B 230 -13.93 -22.36 -60.72
C ALA B 230 -12.91 -23.26 -61.39
N TRP B 231 -11.64 -23.13 -61.00
CA TRP B 231 -10.58 -23.96 -61.58
C TRP B 231 -10.78 -25.45 -61.28
N ARG B 232 -11.56 -25.80 -60.26
CA ARG B 232 -11.77 -27.21 -59.93
C ARG B 232 -12.50 -27.94 -61.05
N ASP B 233 -13.58 -27.34 -61.57
CA ASP B 233 -14.38 -28.01 -62.59
C ASP B 233 -14.15 -27.46 -63.99
N PHE B 234 -13.35 -26.42 -64.15
CA PHE B 234 -12.99 -25.90 -65.47
C PHE B 234 -11.96 -26.83 -66.09
N LYS B 235 -12.45 -27.98 -66.58
CA LYS B 235 -11.61 -28.94 -67.26
C LYS B 235 -11.31 -28.49 -68.69
N ASN B 236 -10.22 -29.00 -69.23
CA ASN B 236 -9.86 -28.71 -70.62
C ASN B 236 -10.67 -29.59 -71.56
N THR B 237 -10.30 -29.60 -72.83
CA THR B 237 -11.00 -30.46 -73.79
C THR B 237 -10.80 -31.94 -73.47
N PHE B 238 -9.72 -32.28 -72.78
CA PHE B 238 -9.44 -33.67 -72.42
C PHE B 238 -10.01 -34.05 -71.05
N GLY B 239 -10.54 -33.10 -70.29
CA GLY B 239 -11.09 -33.38 -68.99
C GLY B 239 -10.21 -33.01 -67.81
N ALA B 240 -9.03 -32.42 -68.06
CA ALA B 240 -8.14 -31.97 -67.00
C ALA B 240 -8.26 -30.46 -66.82
N PRO B 241 -8.12 -29.96 -65.60
CA PRO B 241 -8.24 -28.50 -65.39
C PRO B 241 -7.14 -27.74 -66.12
N ILE B 242 -7.51 -26.59 -66.68
CA ILE B 242 -6.53 -25.76 -67.37
C ILE B 242 -5.55 -25.16 -66.37
N ARG B 243 -6.06 -24.62 -65.27
CA ARG B 243 -5.25 -23.96 -64.26
C ARG B 243 -5.31 -24.75 -62.95
N ASP B 244 -4.18 -24.82 -62.25
CA ASP B 244 -4.08 -25.52 -60.98
C ASP B 244 -3.62 -24.52 -59.93
N PHE B 245 -4.52 -24.17 -59.00
CA PHE B 245 -4.24 -23.21 -57.95
C PHE B 245 -4.21 -23.87 -56.57
N SER B 246 -3.77 -25.13 -56.51
CA SER B 246 -3.66 -25.85 -55.25
C SER B 246 -2.41 -25.46 -54.45
N LYS B 247 -1.65 -24.46 -54.91
CA LYS B 247 -0.42 -24.07 -54.25
C LYS B 247 -0.36 -22.62 -53.83
N ILE B 248 -1.14 -21.73 -54.46
CA ILE B 248 -1.05 -20.29 -54.24
C ILE B 248 -2.34 -19.70 -53.69
N GLU B 249 -3.28 -20.55 -53.25
CA GLU B 249 -4.59 -20.05 -52.82
C GLU B 249 -4.45 -19.06 -51.67
N GLY B 250 -3.59 -19.37 -50.69
CA GLY B 250 -3.38 -18.43 -49.59
C GLY B 250 -2.84 -17.09 -50.07
N HIS B 251 -1.88 -17.14 -51.00
CA HIS B 251 -1.28 -15.89 -51.49
C HIS B 251 -2.25 -15.11 -52.35
N LEU B 252 -3.07 -15.79 -53.15
CA LEU B 252 -4.06 -15.07 -53.94
C LEU B 252 -5.10 -14.43 -53.03
N ALA B 253 -5.48 -15.11 -51.94
CA ALA B 253 -6.34 -14.50 -50.94
C ALA B 253 -5.68 -13.27 -50.32
N TRP B 254 -4.39 -13.37 -50.01
CA TRP B 254 -3.64 -12.24 -49.49
C TRP B 254 -3.71 -11.05 -50.44
N THR B 255 -3.41 -11.29 -51.72
CA THR B 255 -3.39 -10.21 -52.70
C THR B 255 -4.77 -9.59 -52.89
N ILE B 256 -5.81 -10.42 -52.96
CA ILE B 256 -7.17 -9.90 -53.13
C ILE B 256 -7.58 -9.06 -51.94
N SER B 257 -7.30 -9.55 -50.72
CA SER B 257 -7.66 -8.80 -49.53
C SER B 257 -6.90 -7.47 -49.47
N THR B 258 -5.61 -7.49 -49.79
CA THR B 258 -4.84 -6.25 -49.76
C THR B 258 -5.35 -5.25 -50.79
N ALA B 259 -5.65 -5.73 -52.00
CA ALA B 259 -6.18 -4.84 -53.03
C ALA B 259 -7.52 -4.26 -52.62
N ALA B 260 -8.40 -5.08 -52.05
CA ALA B 260 -9.70 -4.59 -51.61
C ALA B 260 -9.55 -3.55 -50.51
N TYR B 261 -8.67 -3.81 -49.55
CA TYR B 261 -8.47 -2.85 -48.46
C TYR B 261 -7.89 -1.54 -48.97
N TYR B 262 -6.95 -1.61 -49.92
CA TYR B 262 -6.40 -0.38 -50.49
C TYR B 262 -7.48 0.40 -51.25
N LYS B 263 -8.26 -0.29 -52.07
CA LYS B 263 -9.29 0.38 -52.86
C LYS B 263 -10.37 0.96 -51.97
N ALA B 264 -10.63 0.34 -50.81
CA ALA B 264 -11.62 0.88 -49.88
C ALA B 264 -11.20 2.22 -49.30
N GLY B 265 -9.92 2.57 -49.38
CA GLY B 265 -9.44 3.84 -48.85
C GLY B 265 -8.59 3.70 -47.60
N GLY B 266 -7.77 2.65 -47.54
CA GLY B 266 -6.90 2.44 -46.39
C GLY B 266 -5.52 1.94 -46.77
N LYS B 267 -4.49 2.56 -46.19
CA LYS B 267 -3.12 2.17 -46.49
C LYS B 267 -2.61 1.16 -45.48
N PRO B 268 -2.18 -0.03 -45.89
CA PRO B 268 -1.67 -1.02 -44.94
C PRO B 268 -0.43 -0.57 -44.18
N TRP B 269 0.61 -0.18 -44.92
CA TRP B 269 1.89 0.16 -44.31
C TRP B 269 2.44 1.42 -44.95
N LYS B 270 3.30 2.11 -44.21
CA LYS B 270 3.94 3.33 -44.69
C LYS B 270 5.46 3.25 -44.50
N LEU B 271 6.15 4.36 -44.75
CA LEU B 271 7.59 4.44 -44.62
C LEU B 271 7.97 5.63 -43.74
N GLY B 272 8.96 5.44 -42.87
CA GLY B 272 9.36 6.48 -41.95
C GLY B 272 10.85 6.57 -41.73
N ASP B 273 11.64 5.86 -42.55
CA ASP B 273 13.09 5.86 -42.46
C ASP B 273 13.72 6.49 -43.71
N ILE B 274 13.13 7.59 -44.18
CA ILE B 274 13.62 8.29 -45.36
C ILE B 274 14.20 9.62 -44.92
N ARG B 275 15.14 10.14 -45.71
CA ARG B 275 15.77 11.41 -45.39
C ARG B 275 14.77 12.55 -45.62
N PRO B 276 14.50 13.38 -44.62
CA PRO B 276 13.55 14.48 -44.81
C PRO B 276 14.08 15.52 -45.77
N GLY B 277 13.15 16.20 -46.45
CA GLY B 277 13.49 17.29 -47.33
C GLY B 277 13.87 16.92 -48.74
N VAL B 278 13.80 15.64 -49.10
CA VAL B 278 14.16 15.17 -50.43
C VAL B 278 12.89 14.65 -51.12
N CYS B 279 12.83 14.80 -52.43
CA CYS B 279 11.69 14.37 -53.23
C CYS B 279 12.18 13.62 -54.46
N TYR B 280 11.46 12.57 -54.83
CA TYR B 280 11.85 11.67 -55.91
C TYR B 280 10.84 11.75 -57.03
N LEU B 281 11.32 11.59 -58.27
CA LEU B 281 10.46 11.64 -59.44
C LEU B 281 10.86 10.52 -60.40
N GLY B 282 9.93 10.17 -61.28
CA GLY B 282 10.18 9.18 -62.31
C GLY B 282 9.42 9.52 -63.57
N LEU B 283 9.96 9.07 -64.71
CA LEU B 283 9.35 9.31 -66.01
C LEU B 283 9.34 8.02 -66.81
N VAL B 284 8.31 7.87 -67.64
CA VAL B 284 8.17 6.73 -68.53
C VAL B 284 7.75 7.24 -69.91
N TYR B 285 7.98 6.42 -70.93
CA TYR B 285 7.67 6.79 -72.30
C TYR B 285 6.94 5.66 -73.00
N LYS B 286 5.87 6.02 -73.71
CA LYS B 286 5.05 5.07 -74.44
C LYS B 286 4.63 5.72 -75.76
N LYS B 287 4.23 4.90 -76.72
CA LYS B 287 3.85 5.40 -78.03
C LYS B 287 2.32 5.41 -78.18
N ILE B 288 1.82 6.45 -78.83
CA ILE B 288 0.41 6.53 -79.22
C ILE B 288 0.35 6.68 -80.74
N GLU B 289 -0.57 5.95 -81.36
CA GLU B 289 -0.64 5.83 -82.81
C GLU B 289 -2.07 6.10 -83.28
N LYS B 290 -2.35 7.33 -83.71
CA LYS B 290 -3.66 7.65 -84.25
C LYS B 290 -3.61 8.01 -85.73
N SER B 291 -2.89 9.07 -86.11
CA SER B 291 -2.65 9.36 -87.51
C SER B 291 -1.16 9.51 -87.80
N LYS B 292 -0.48 10.32 -86.98
CA LYS B 292 0.91 10.68 -87.16
C LYS B 292 1.87 9.82 -86.35
N ASN B 293 1.34 8.95 -85.48
CA ASN B 293 2.13 8.15 -84.55
C ASN B 293 3.06 9.02 -83.72
N PRO B 294 2.56 10.11 -83.11
CA PRO B 294 3.45 11.01 -82.36
C PRO B 294 3.66 10.51 -80.94
N GLN B 295 4.89 10.09 -80.64
CA GLN B 295 5.22 9.55 -79.33
C GLN B 295 5.43 10.71 -78.36
N ASN B 296 4.48 10.92 -77.46
CA ASN B 296 4.55 11.99 -76.48
C ASN B 296 4.70 11.48 -75.06
N ALA B 297 3.76 10.63 -74.60
CA ALA B 297 3.79 10.06 -73.26
C ALA B 297 3.95 11.13 -72.18
N CYS B 298 5.11 11.11 -71.50
CA CYS B 298 5.38 12.03 -70.39
C CYS B 298 4.32 11.92 -69.31
N CYS B 299 3.90 10.68 -69.00
CA CYS B 299 2.87 10.48 -68.00
C CYS B 299 3.36 10.81 -66.59
N ALA B 300 4.68 10.81 -66.37
CA ALA B 300 5.28 11.10 -65.07
C ALA B 300 4.81 10.10 -64.01
N ALA B 301 5.20 10.33 -62.76
CA ALA B 301 4.91 9.37 -61.70
C ALA B 301 4.68 10.13 -60.39
N GLN B 302 4.73 9.40 -59.28
CA GLN B 302 4.45 9.94 -57.96
C GLN B 302 5.70 10.65 -57.41
N MET B 303 5.65 11.00 -56.13
CA MET B 303 6.74 11.70 -55.45
C MET B 303 6.47 11.70 -53.96
N PHE B 304 7.55 11.59 -53.19
CA PHE B 304 7.51 11.36 -51.74
C PHE B 304 7.78 12.62 -50.94
N LEU B 305 7.20 13.75 -51.33
CA LEU B 305 7.45 15.00 -50.60
C LEU B 305 7.11 14.85 -49.13
N ASP B 306 7.96 15.43 -48.29
CA ASP B 306 7.78 15.32 -46.85
C ASP B 306 6.52 16.06 -46.41
N ASN B 307 5.91 15.56 -45.34
CA ASN B 307 4.66 16.12 -44.82
C ASN B 307 4.66 15.91 -43.31
N GLY B 308 3.47 16.00 -42.71
CA GLY B 308 3.34 15.75 -41.29
C GLY B 308 3.41 14.27 -40.95
N ASP B 309 4.58 13.67 -41.16
CA ASP B 309 4.82 12.25 -40.88
C ASP B 309 3.87 11.36 -41.68
N GLY B 310 4.00 11.45 -43.00
CA GLY B 310 3.21 10.64 -43.91
C GLY B 310 4.02 10.29 -45.14
N THR B 311 3.39 9.54 -46.04
CA THR B 311 4.00 9.13 -47.31
C THR B 311 3.10 9.62 -48.44
N VAL B 312 3.34 10.85 -48.90
CA VAL B 312 2.59 11.38 -50.03
C VAL B 312 2.92 10.57 -51.27
N PHE B 313 1.89 10.20 -52.03
CA PHE B 313 2.06 9.37 -53.21
C PHE B 313 1.30 9.89 -54.42
N LYS B 314 0.82 11.12 -54.39
CA LYS B 314 0.12 11.67 -55.54
C LYS B 314 1.07 11.85 -56.71
N GLY B 315 0.54 11.73 -57.91
CA GLY B 315 1.33 11.83 -59.13
C GLY B 315 0.91 13.00 -59.98
N GLU B 316 1.89 13.73 -60.50
CA GLU B 316 1.63 14.83 -61.42
C GLU B 316 1.39 14.25 -62.81
N VAL B 317 0.17 14.39 -63.31
CA VAL B 317 -0.27 13.70 -64.51
C VAL B 317 -0.62 14.75 -65.57
N GLY B 318 -0.80 14.30 -66.81
CA GLY B 318 -0.99 15.17 -67.94
C GLY B 318 0.04 14.90 -69.01
N PRO B 319 -0.38 14.31 -70.12
CA PRO B 319 0.56 13.88 -71.15
C PRO B 319 1.10 15.03 -72.00
N TRP B 320 2.17 15.68 -71.52
CA TRP B 320 2.79 16.77 -72.25
C TRP B 320 3.19 16.31 -73.64
N TYR B 321 2.59 16.93 -74.66
CA TYR B 321 2.72 16.45 -76.02
C TYR B 321 4.13 16.69 -76.55
N ASN B 322 4.73 15.66 -77.12
CA ASN B 322 6.01 15.76 -77.82
C ASN B 322 5.79 15.30 -79.27
N PRO B 323 5.76 16.23 -80.23
CA PRO B 323 5.40 15.88 -81.63
C PRO B 323 6.57 15.40 -82.49
N GLU B 324 6.93 14.13 -82.31
CA GLU B 324 7.94 13.51 -83.16
C GLU B 324 7.67 12.01 -83.22
N LYS B 325 8.25 11.36 -84.23
CA LYS B 325 8.06 9.93 -84.44
C LYS B 325 9.24 9.10 -83.97
N GLY B 326 10.45 9.66 -83.93
CA GLY B 326 11.61 8.91 -83.51
C GLY B 326 12.26 9.50 -82.27
N GLU B 327 12.14 10.81 -82.08
CA GLU B 327 12.67 11.46 -80.90
C GLU B 327 11.93 10.98 -79.66
N TYR B 328 12.69 10.63 -78.62
CA TYR B 328 12.12 10.08 -77.39
C TYR B 328 12.34 10.98 -76.18
N HIS B 329 13.49 11.65 -76.07
CA HIS B 329 13.93 12.18 -74.80
C HIS B 329 13.02 13.25 -74.22
N LEU B 330 12.95 14.44 -74.83
CA LEU B 330 12.20 15.54 -74.24
C LEU B 330 12.31 16.78 -75.13
N LYS B 331 11.45 17.76 -74.86
CA LYS B 331 11.45 19.09 -75.47
C LYS B 331 11.41 20.14 -74.37
N PRO B 332 11.93 21.36 -74.64
CA PRO B 332 12.16 22.33 -73.55
C PRO B 332 10.91 22.85 -72.86
N LYS B 333 9.92 23.32 -73.63
CA LYS B 333 8.72 23.90 -73.01
C LYS B 333 7.97 22.86 -72.19
N GLU B 334 7.79 21.66 -72.75
CA GLU B 334 7.14 20.59 -71.99
C GLU B 334 7.98 20.23 -70.77
N ALA B 335 9.31 20.27 -70.91
CA ALA B 335 10.20 19.99 -69.78
C ALA B 335 9.95 20.94 -68.63
N LYS B 336 9.98 22.25 -68.90
CA LYS B 336 9.80 23.23 -67.83
C LYS B 336 8.39 23.18 -67.28
N ALA B 337 7.39 22.92 -68.13
CA ALA B 337 6.02 22.76 -67.63
C ALA B 337 5.93 21.58 -66.66
N LEU B 338 6.52 20.44 -67.04
CA LEU B 338 6.49 19.26 -66.18
C LEU B 338 7.19 19.53 -64.86
N LEU B 339 8.37 20.15 -64.91
CA LEU B 339 9.12 20.40 -63.68
C LEU B 339 8.39 21.39 -62.77
N THR B 340 7.79 22.43 -63.35
CA THR B 340 7.04 23.39 -62.54
C THR B 340 5.82 22.75 -61.91
N GLN B 341 5.10 21.91 -62.68
CA GLN B 341 3.94 21.22 -62.13
C GLN B 341 4.34 20.28 -61.00
N ALA B 342 5.47 19.58 -61.16
CA ALA B 342 5.94 18.71 -60.10
C ALA B 342 6.34 19.51 -58.86
N LEU B 343 6.97 20.66 -59.06
CA LEU B 343 7.50 21.43 -57.93
C LEU B 343 6.41 22.18 -57.16
N GLU B 344 5.36 22.65 -57.84
CA GLU B 344 4.37 23.50 -57.18
C GLU B 344 3.63 22.76 -56.08
N SER B 345 3.42 21.45 -56.24
CA SER B 345 2.75 20.68 -55.20
C SER B 345 3.57 20.64 -53.92
N TYR B 346 4.89 20.41 -54.05
CA TYR B 346 5.76 20.50 -52.88
C TYR B 346 5.73 21.90 -52.29
N LYS B 347 5.76 22.92 -53.16
CA LYS B 347 5.78 24.30 -52.69
C LYS B 347 4.54 24.60 -51.84
N GLU B 348 3.38 24.13 -52.27
CA GLU B 348 2.15 24.41 -51.51
C GLU B 348 2.03 23.51 -50.29
N GLN B 349 2.47 22.26 -50.37
CA GLN B 349 2.27 21.33 -49.26
C GLN B 349 3.22 21.62 -48.11
N ASN B 350 4.49 21.87 -48.41
CA ASN B 350 5.48 22.10 -47.36
C ASN B 350 5.76 23.58 -47.10
N LYS B 351 5.09 24.49 -47.82
CA LYS B 351 5.25 25.93 -47.68
C LYS B 351 6.73 26.34 -47.67
N SER B 352 7.57 25.53 -48.30
CA SER B 352 9.01 25.74 -48.32
C SER B 352 9.55 25.19 -49.63
N TYR B 353 10.86 25.00 -49.71
CA TYR B 353 11.49 24.52 -50.93
C TYR B 353 12.33 23.28 -50.65
N PRO B 354 12.41 22.36 -51.60
CA PRO B 354 13.18 21.12 -51.35
C PRO B 354 14.68 21.38 -51.38
N LYS B 355 15.42 20.49 -50.72
CA LYS B 355 16.88 20.58 -50.68
C LYS B 355 17.54 19.72 -51.73
N GLU B 356 16.83 18.75 -52.30
CA GLU B 356 17.42 17.87 -53.30
C GLU B 356 16.30 17.31 -54.18
N VAL B 357 16.58 17.16 -55.46
CA VAL B 357 15.62 16.63 -56.43
C VAL B 357 16.27 15.44 -57.13
N PHE B 358 15.56 14.32 -57.16
CA PHE B 358 16.03 13.09 -57.77
C PHE B 358 15.11 12.73 -58.92
N ILE B 359 15.69 12.40 -60.07
CA ILE B 359 14.94 12.08 -61.27
C ILE B 359 15.32 10.68 -61.72
N HIS B 360 14.31 9.83 -61.91
CA HIS B 360 14.51 8.51 -62.50
C HIS B 360 14.21 8.59 -64.00
N ALA B 361 14.87 7.71 -64.76
CA ALA B 361 14.56 7.58 -66.17
C ALA B 361 14.78 6.14 -66.59
N ARG B 362 13.94 5.68 -67.52
CA ARG B 362 14.08 4.36 -68.12
C ARG B 362 15.00 4.36 -69.34
N THR B 363 15.36 5.54 -69.84
CA THR B 363 16.22 5.67 -71.00
C THR B 363 17.00 6.97 -70.89
N ARG B 364 18.11 7.04 -71.62
CA ARG B 364 18.93 8.25 -71.57
C ARG B 364 18.22 9.41 -72.27
N PHE B 365 18.74 10.60 -72.00
CA PHE B 365 18.09 11.85 -72.37
C PHE B 365 19.11 12.87 -72.84
N ASN B 366 18.62 13.86 -73.61
CA ASN B 366 19.48 14.82 -74.28
C ASN B 366 20.00 15.86 -73.27
N ASP B 367 20.66 16.90 -73.78
CA ASP B 367 21.34 17.89 -72.96
C ASP B 367 20.59 19.21 -72.83
N GLU B 368 19.94 19.70 -73.89
CA GLU B 368 19.28 20.99 -73.82
C GLU B 368 18.14 21.02 -72.80
N GLU B 369 17.56 19.86 -72.50
CA GLU B 369 16.59 19.78 -71.42
C GLU B 369 17.23 20.20 -70.10
N TRP B 370 18.49 19.80 -69.87
CA TRP B 370 19.19 20.21 -68.66
C TRP B 370 19.52 21.70 -68.69
N ASN B 371 19.81 22.24 -69.87
CA ASN B 371 20.00 23.67 -70.01
C ASN B 371 18.74 24.42 -69.59
N ALA B 372 17.57 23.94 -70.00
CA ALA B 372 16.33 24.55 -69.56
C ALA B 372 16.10 24.36 -68.06
N PHE B 373 16.40 23.16 -67.55
CA PHE B 373 16.18 22.86 -66.14
C PHE B 373 17.09 23.64 -65.21
N ASN B 374 18.24 24.10 -65.71
CA ASN B 374 19.20 24.79 -64.84
C ASN B 374 18.59 26.05 -64.24
N GLU B 375 17.86 26.84 -65.04
CA GLU B 375 17.24 28.05 -64.53
C GLU B 375 16.08 27.76 -63.58
N VAL B 376 15.52 26.54 -63.62
CA VAL B 376 14.39 26.22 -62.75
C VAL B 376 14.82 26.15 -61.29
N THR B 377 16.05 25.67 -61.03
CA THR B 377 16.59 25.55 -59.68
C THR B 377 16.45 26.87 -58.93
N PRO B 378 15.60 26.94 -57.89
CA PRO B 378 15.30 28.22 -57.25
C PRO B 378 16.53 28.91 -56.66
N LYS B 379 17.17 28.27 -55.68
CA LYS B 379 18.41 28.81 -55.12
C LYS B 379 19.58 27.84 -55.26
N ASN B 380 19.45 26.63 -54.71
CA ASN B 380 20.54 25.65 -54.78
C ASN B 380 20.06 24.22 -54.99
N THR B 381 18.76 24.00 -55.19
CA THR B 381 18.21 22.64 -55.25
C THR B 381 18.60 22.02 -56.59
N ASN B 382 19.83 21.50 -56.63
CA ASN B 382 20.31 20.80 -57.82
C ASN B 382 19.54 19.50 -58.02
N LEU B 383 19.19 19.21 -59.26
CA LEU B 383 18.48 17.99 -59.60
C LEU B 383 19.46 17.00 -60.20
N VAL B 384 19.42 15.76 -59.72
CA VAL B 384 20.30 14.68 -60.17
C VAL B 384 19.45 13.67 -60.93
N GLY B 385 19.85 13.38 -62.16
CA GLY B 385 19.09 12.47 -63.00
C GLY B 385 19.83 11.19 -63.31
N VAL B 386 19.14 10.06 -63.13
CA VAL B 386 19.74 8.74 -63.29
C VAL B 386 18.91 7.91 -64.26
N THR B 387 19.54 6.87 -64.81
CA THR B 387 18.91 6.00 -65.79
C THR B 387 18.99 4.55 -65.33
N ILE B 388 18.01 3.76 -65.75
CA ILE B 388 17.91 2.35 -65.37
C ILE B 388 17.56 1.53 -66.61
N THR B 389 18.22 0.39 -66.77
CA THR B 389 17.92 -0.59 -67.80
C THR B 389 17.43 -1.88 -67.16
N LYS B 390 17.17 -2.90 -67.99
CA LYS B 390 16.65 -4.16 -67.48
C LYS B 390 17.26 -5.39 -68.13
N SER B 391 18.32 -5.25 -68.92
CA SER B 391 18.89 -6.41 -69.61
C SER B 391 20.37 -6.19 -69.86
N LYS B 392 21.21 -6.89 -69.10
CA LYS B 392 22.66 -6.95 -69.32
C LYS B 392 23.13 -8.36 -68.99
N PRO B 393 23.75 -9.07 -69.94
CA PRO B 393 24.12 -10.47 -69.69
C PRO B 393 25.36 -10.59 -68.83
N LEU B 394 25.15 -10.86 -67.54
CA LEU B 394 26.24 -11.09 -66.59
C LEU B 394 25.83 -12.24 -65.66
N LYS B 395 25.29 -13.30 -66.24
CA LYS B 395 24.75 -14.41 -65.46
C LYS B 395 25.88 -15.13 -64.73
N LEU B 396 25.94 -14.94 -63.41
CA LEU B 396 26.96 -15.56 -62.59
C LEU B 396 26.58 -17.01 -62.26
N TYR B 397 27.53 -17.72 -61.65
CA TYR B 397 27.30 -19.09 -61.21
C TYR B 397 28.02 -19.29 -59.89
N LYS B 398 27.37 -19.96 -58.94
CA LYS B 398 28.01 -20.23 -57.66
C LYS B 398 28.96 -21.42 -57.80
N THR B 399 30.12 -21.30 -57.17
CA THR B 399 31.21 -22.24 -57.44
C THR B 399 30.83 -23.68 -57.09
N GLU B 400 30.19 -23.87 -55.94
CA GLU B 400 29.83 -25.20 -55.46
C GLU B 400 28.32 -25.40 -55.57
N GLY B 401 27.85 -26.54 -55.05
CA GLY B 401 26.46 -26.89 -54.86
C GLY B 401 25.58 -26.68 -56.08
N ALA B 402 24.29 -26.47 -55.80
CA ALA B 402 23.28 -26.23 -56.81
C ALA B 402 22.38 -25.07 -56.39
N PHE B 403 23.00 -23.97 -55.94
CA PHE B 403 22.27 -22.87 -55.36
C PHE B 403 22.72 -21.56 -56.02
N PRO B 404 21.81 -20.60 -56.18
CA PRO B 404 22.17 -19.33 -56.82
C PRO B 404 22.71 -18.31 -55.84
N ILE B 405 22.96 -17.09 -56.31
CA ILE B 405 23.39 -15.99 -55.45
C ILE B 405 22.16 -15.35 -54.81
N MET B 406 22.39 -14.60 -53.72
CA MET B 406 21.32 -13.93 -53.00
C MET B 406 21.29 -12.44 -53.34
N ARG B 407 20.10 -11.85 -53.21
CA ARG B 407 19.94 -10.43 -53.50
C ARG B 407 20.58 -9.58 -52.41
N GLY B 408 21.09 -8.43 -52.81
CA GLY B 408 21.75 -7.50 -51.90
C GLY B 408 23.17 -7.16 -52.27
N ASN B 409 23.83 -8.01 -53.07
CA ASN B 409 25.21 -7.75 -53.48
C ASN B 409 25.25 -6.71 -54.60
N ALA B 410 26.23 -5.82 -54.53
CA ALA B 410 26.39 -4.76 -55.51
C ALA B 410 27.80 -4.78 -56.07
N TYR B 411 27.94 -4.30 -57.30
CA TYR B 411 29.22 -4.28 -58.00
C TYR B 411 29.46 -2.89 -58.58
N ILE B 412 30.69 -2.40 -58.42
CA ILE B 412 31.06 -1.05 -58.82
C ILE B 412 32.20 -1.14 -59.81
N VAL B 413 32.08 -0.42 -60.93
CA VAL B 413 33.18 -0.29 -61.88
C VAL B 413 33.83 1.09 -61.83
N ASP B 414 33.11 2.12 -61.39
CA ASP B 414 33.65 3.46 -61.28
C ASP B 414 32.73 4.27 -60.36
N GLU B 415 32.93 5.58 -60.33
CA GLU B 415 32.10 6.45 -59.51
C GLU B 415 30.68 6.61 -60.05
N LYS B 416 30.41 6.15 -61.27
CA LYS B 416 29.13 6.39 -61.93
C LYS B 416 28.32 5.11 -62.13
N LYS B 417 28.86 4.11 -62.80
CA LYS B 417 28.10 2.92 -63.12
C LYS B 417 28.03 1.99 -61.92
N ALA B 418 27.04 1.09 -61.94
CA ALA B 418 26.90 0.08 -60.89
C ALA B 418 25.96 -1.02 -61.35
N PHE B 419 26.24 -2.23 -60.88
CA PHE B 419 25.41 -3.41 -61.13
C PHE B 419 24.77 -3.84 -59.81
N LEU B 420 23.45 -3.97 -59.80
CA LEU B 420 22.72 -4.33 -58.60
C LEU B 420 21.90 -5.59 -58.84
N TRP B 421 21.94 -6.50 -57.86
CA TRP B 421 21.19 -7.75 -57.92
C TRP B 421 20.01 -7.66 -56.96
N THR B 422 18.83 -7.40 -57.51
CA THR B 422 17.59 -7.42 -56.72
C THR B 422 16.86 -8.76 -56.82
N LEU B 423 17.40 -9.71 -57.58
CA LEU B 423 16.83 -11.05 -57.69
C LEU B 423 17.87 -12.07 -57.23
N GLY B 424 17.39 -13.11 -56.55
CA GLY B 424 18.26 -14.14 -56.01
C GLY B 424 17.50 -15.05 -55.08
N PHE B 425 18.04 -15.29 -53.88
CA PHE B 425 17.30 -16.00 -52.86
C PHE B 425 17.36 -15.18 -51.57
N VAL B 426 16.48 -15.53 -50.64
CA VAL B 426 16.52 -14.97 -49.29
C VAL B 426 16.42 -16.14 -48.31
N PRO B 427 17.33 -16.24 -47.34
CA PRO B 427 17.37 -17.44 -46.48
C PRO B 427 16.08 -17.67 -45.69
N LYS B 428 15.38 -16.60 -45.30
CA LYS B 428 14.14 -16.80 -44.54
C LYS B 428 13.05 -17.44 -45.39
N LEU B 429 13.14 -17.31 -46.72
CA LEU B 429 12.22 -18.01 -47.61
C LEU B 429 12.74 -19.37 -48.04
N GLN B 430 14.06 -19.60 -47.90
CA GLN B 430 14.70 -20.89 -48.19
C GLN B 430 14.69 -21.18 -49.69
N SER B 431 14.05 -20.33 -50.49
CA SER B 431 13.95 -20.56 -51.91
C SER B 431 14.37 -19.33 -52.71
N THR B 432 14.21 -19.38 -54.03
CA THR B 432 14.66 -18.34 -54.93
C THR B 432 13.48 -17.53 -55.45
N LEU B 433 13.74 -16.25 -55.73
CA LEU B 433 12.72 -15.40 -56.32
C LEU B 433 12.51 -15.71 -57.80
N SER B 434 13.55 -16.19 -58.48
CA SER B 434 13.50 -16.48 -59.90
C SER B 434 13.66 -17.97 -60.16
N MET B 435 13.24 -18.40 -61.36
CA MET B 435 13.32 -19.81 -61.72
C MET B 435 14.75 -20.21 -62.03
N GLU B 436 15.35 -19.59 -63.04
CA GLU B 436 16.73 -19.88 -63.42
C GLU B 436 17.66 -18.92 -62.68
N VAL B 437 18.91 -18.87 -63.09
CA VAL B 437 19.87 -17.96 -62.43
C VAL B 437 19.43 -16.52 -62.65
N PRO B 438 19.38 -15.69 -61.61
CA PRO B 438 18.94 -14.31 -61.80
C PRO B 438 19.98 -13.48 -62.55
N ASN B 439 19.50 -12.42 -63.18
CA ASN B 439 20.34 -11.47 -63.88
C ASN B 439 20.12 -10.07 -63.31
N PRO B 440 21.18 -9.30 -63.13
CA PRO B 440 21.09 -8.04 -62.39
C PRO B 440 20.65 -6.89 -63.29
N ILE B 441 20.62 -5.69 -62.70
CA ILE B 441 20.26 -4.48 -63.41
C ILE B 441 21.42 -3.49 -63.30
N PHE B 442 21.38 -2.48 -64.17
CA PHE B 442 22.44 -1.49 -64.26
C PHE B 442 21.90 -0.12 -63.88
N ILE B 443 22.71 0.65 -63.17
CA ILE B 443 22.32 1.99 -62.73
C ILE B 443 23.50 2.93 -62.95
N GLU B 444 23.19 4.19 -63.28
CA GLU B 444 24.20 5.18 -63.62
C GLU B 444 23.61 6.57 -63.42
N ILE B 445 24.45 7.49 -62.93
CA ILE B 445 24.04 8.87 -62.70
C ILE B 445 24.31 9.64 -63.99
N ASN B 446 23.27 9.81 -64.80
CA ASN B 446 23.45 10.48 -66.09
C ASN B 446 23.88 11.93 -65.90
N LYS B 447 23.20 12.67 -65.02
CA LYS B 447 23.54 14.06 -64.78
C LYS B 447 23.55 14.34 -63.28
N GLY B 448 24.53 15.13 -62.84
CA GLY B 448 24.69 15.47 -61.45
C GLY B 448 25.82 14.69 -60.79
N GLU B 449 26.14 15.10 -59.56
CA GLU B 449 27.17 14.48 -58.77
C GLU B 449 26.60 14.08 -57.41
N ALA B 450 26.74 12.81 -57.07
CA ALA B 450 26.22 12.29 -55.80
C ALA B 450 26.98 11.02 -55.45
N GLU B 451 26.88 10.62 -54.18
CA GLU B 451 27.58 9.44 -53.71
C GLU B 451 26.98 8.19 -54.34
N ILE B 452 27.87 7.27 -54.75
CA ILE B 452 27.44 6.16 -55.59
C ILE B 452 26.57 5.17 -54.81
N GLN B 453 26.95 4.85 -53.57
CA GLN B 453 26.15 3.90 -52.79
C GLN B 453 24.83 4.49 -52.35
N GLN B 454 24.72 5.82 -52.32
CA GLN B 454 23.46 6.47 -51.95
C GLN B 454 22.34 6.05 -52.88
N VAL B 455 22.56 6.16 -54.20
CA VAL B 455 21.51 5.80 -55.15
C VAL B 455 21.26 4.30 -55.12
N LEU B 456 22.28 3.49 -54.86
CA LEU B 456 22.07 2.05 -54.77
C LEU B 456 21.14 1.70 -53.63
N LYS B 457 21.43 2.21 -52.43
CA LYS B 457 20.56 1.90 -51.30
C LYS B 457 19.18 2.51 -51.47
N ASP B 458 19.09 3.67 -52.14
CA ASP B 458 17.80 4.29 -52.37
C ASP B 458 16.95 3.47 -53.33
N ILE B 459 17.55 2.99 -54.43
CA ILE B 459 16.79 2.19 -55.39
C ILE B 459 16.43 0.84 -54.79
N LEU B 460 17.26 0.32 -53.88
CA LEU B 460 16.86 -0.90 -53.18
C LEU B 460 15.73 -0.62 -52.19
N ALA B 461 15.70 0.58 -51.61
CA ALA B 461 14.66 0.92 -50.64
C ALA B 461 13.28 0.96 -51.29
N LEU B 462 13.19 1.52 -52.50
CA LEU B 462 11.90 1.69 -53.17
C LEU B 462 11.41 0.42 -53.87
N THR B 463 11.97 -0.74 -53.54
CA THR B 463 11.55 -2.01 -54.13
C THR B 463 10.59 -2.78 -53.22
N LYS B 464 9.79 -2.08 -52.43
CA LYS B 464 8.84 -2.72 -51.52
C LYS B 464 7.44 -2.14 -51.58
N LEU B 465 7.26 -0.91 -52.05
CA LEU B 465 5.95 -0.25 -52.05
C LEU B 465 5.17 -0.68 -53.30
N ASN B 466 4.78 -1.96 -53.31
CA ASN B 466 3.99 -2.54 -54.38
C ASN B 466 2.61 -2.84 -53.79
N TYR B 467 1.72 -1.84 -53.87
CA TYR B 467 0.41 -1.94 -53.26
C TYR B 467 -0.55 -2.85 -54.03
N ASN B 468 -0.20 -3.26 -55.24
CA ASN B 468 -1.06 -4.14 -56.04
C ASN B 468 -0.82 -5.61 -55.73
N ALA B 469 0.11 -5.93 -54.85
CA ALA B 469 0.40 -7.31 -54.50
C ALA B 469 1.08 -7.32 -53.13
N CYS B 470 1.58 -8.49 -52.72
CA CYS B 470 2.25 -8.63 -51.44
C CYS B 470 3.50 -9.49 -51.54
N ILE B 471 4.19 -9.45 -52.68
CA ILE B 471 5.44 -10.19 -52.82
C ILE B 471 6.47 -9.64 -51.84
N TYR B 472 7.45 -10.48 -51.50
CA TYR B 472 8.53 -10.03 -50.63
C TYR B 472 9.29 -8.86 -51.27
N ALA B 473 9.56 -8.95 -52.56
CA ALA B 473 10.26 -7.89 -53.28
C ALA B 473 9.92 -8.00 -54.76
N ASP B 474 10.24 -6.95 -55.50
CA ASP B 474 9.96 -6.88 -56.93
C ASP B 474 11.24 -6.59 -57.71
N GLY B 475 11.20 -6.87 -59.01
CA GLY B 475 12.39 -6.74 -59.83
C GLY B 475 12.89 -5.31 -59.96
N GLU B 476 11.98 -4.36 -60.17
CA GLU B 476 12.36 -2.98 -60.45
C GLU B 476 11.60 -2.04 -59.51
N PRO B 477 12.15 -0.86 -59.25
CA PRO B 477 11.46 0.10 -58.37
C PRO B 477 10.10 0.48 -58.93
N VAL B 478 9.15 0.70 -58.02
CA VAL B 478 7.75 0.92 -58.40
C VAL B 478 7.48 2.31 -58.94
N THR B 479 8.42 3.26 -58.77
CA THR B 479 8.20 4.61 -59.28
C THR B 479 7.99 4.58 -60.80
N LEU B 480 8.80 3.81 -61.51
CA LEU B 480 8.58 3.63 -62.94
C LEU B 480 7.38 2.72 -63.20
N ARG B 481 7.16 1.74 -62.32
CA ARG B 481 6.13 0.74 -62.56
C ARG B 481 4.74 1.35 -62.58
N PHE B 482 4.44 2.23 -61.62
CA PHE B 482 3.11 2.82 -61.57
C PHE B 482 2.89 3.81 -62.72
N ALA B 483 3.94 4.54 -63.11
CA ALA B 483 3.84 5.41 -64.28
C ALA B 483 3.52 4.59 -65.52
N ASN B 484 4.25 3.49 -65.72
CA ASN B 484 3.96 2.62 -66.86
C ASN B 484 2.55 2.07 -66.78
N LYS B 485 2.11 1.67 -65.59
CA LYS B 485 0.78 1.08 -65.42
C LYS B 485 -0.32 2.07 -65.78
N ILE B 486 -0.19 3.33 -65.35
CA ILE B 486 -1.21 4.31 -65.71
C ILE B 486 -1.09 4.74 -67.17
N GLY B 487 0.08 4.54 -67.79
CA GLY B 487 0.28 5.01 -69.15
C GLY B 487 -0.70 4.40 -70.15
N GLU B 488 -0.85 3.07 -70.14
CA GLU B 488 -1.66 2.44 -71.18
C GLU B 488 -3.15 2.72 -70.98
N ILE B 489 -3.59 2.82 -69.74
CA ILE B 489 -5.01 3.03 -69.48
C ILE B 489 -5.41 4.50 -69.59
N LEU B 490 -4.46 5.42 -69.50
CA LEU B 490 -4.80 6.82 -69.76
C LEU B 490 -4.96 7.11 -71.25
N THR B 491 -4.32 6.34 -72.12
CA THR B 491 -4.30 6.64 -73.55
C THR B 491 -5.44 6.01 -74.32
N ALA B 492 -6.39 5.36 -73.65
CA ALA B 492 -7.55 4.81 -74.35
C ALA B 492 -8.37 5.92 -75.01
N SER B 493 -8.54 7.04 -74.30
CA SER B 493 -9.21 8.21 -74.87
C SER B 493 -8.65 9.43 -74.15
N THR B 494 -7.84 10.23 -74.86
CA THR B 494 -7.17 11.37 -74.29
C THR B 494 -7.99 12.65 -74.34
N GLU B 495 -9.33 12.53 -74.45
CA GLU B 495 -10.21 13.68 -74.46
C GLU B 495 -10.56 14.19 -73.06
N ILE B 496 -9.76 13.84 -72.07
CA ILE B 496 -10.00 14.22 -70.68
C ILE B 496 -9.11 15.40 -70.32
N LYS B 497 -9.65 16.34 -69.56
CA LYS B 497 -8.93 17.53 -69.12
C LYS B 497 -8.80 17.50 -67.60
N THR B 498 -7.57 17.73 -67.12
CA THR B 498 -7.22 17.70 -65.70
C THR B 498 -7.69 16.39 -65.07
N PRO B 499 -7.03 15.27 -65.38
CA PRO B 499 -7.48 13.98 -64.85
C PRO B 499 -7.26 13.89 -63.35
N PRO B 500 -7.93 12.97 -62.66
CA PRO B 500 -7.69 12.80 -61.23
C PRO B 500 -6.27 12.38 -60.95
N LEU B 501 -5.75 12.84 -59.80
CA LEU B 501 -4.36 12.61 -59.43
C LEU B 501 -4.17 11.45 -58.46
N ALA B 502 -5.22 11.04 -57.76
CA ALA B 502 -5.11 9.95 -56.80
C ALA B 502 -4.75 8.65 -57.52
N PHE B 503 -4.10 7.75 -56.77
CA PHE B 503 -3.53 6.53 -57.33
C PHE B 503 -4.43 5.31 -57.14
N LYS B 504 -5.66 5.49 -56.66
CA LYS B 504 -6.56 4.36 -56.45
C LYS B 504 -7.52 4.15 -57.61
N TYR B 505 -7.93 5.23 -58.29
CA TYR B 505 -8.78 5.08 -59.47
C TYR B 505 -8.06 4.28 -60.54
N TYR B 506 -6.84 4.69 -60.88
CA TYR B 506 -5.97 3.88 -61.72
C TYR B 506 -5.42 2.72 -60.89
N ILE B 507 -5.46 1.52 -61.46
CA ILE B 507 -4.96 0.35 -60.75
C ILE B 507 -3.46 0.41 -60.61
N MET C 1 -38.75 -22.60 -9.35
CA MET C 1 -37.35 -22.19 -9.36
C MET C 1 -37.23 -20.69 -9.63
N ARG C 2 -36.29 -20.05 -8.93
CA ARG C 2 -36.05 -18.62 -9.14
C ARG C 2 -35.52 -18.37 -10.55
N ASN C 3 -36.14 -17.41 -11.25
CA ASN C 3 -35.70 -17.05 -12.58
C ASN C 3 -35.74 -15.54 -12.85
N LYS C 4 -36.17 -14.72 -11.91
CA LYS C 4 -36.37 -13.31 -12.18
C LYS C 4 -35.08 -12.51 -11.96
N ILE C 5 -35.13 -11.24 -12.37
CA ILE C 5 -34.02 -10.30 -12.18
C ILE C 5 -34.60 -9.03 -11.56
N PHE C 6 -34.11 -8.68 -10.37
CA PHE C 6 -34.57 -7.48 -9.69
C PHE C 6 -33.68 -6.29 -10.05
N ILE C 7 -34.30 -5.13 -10.17
CA ILE C 7 -33.59 -3.87 -10.42
C ILE C 7 -34.10 -2.86 -9.42
N SER C 8 -33.24 -2.43 -8.50
CA SER C 8 -33.56 -1.36 -7.57
C SER C 8 -33.19 -0.03 -8.18
N HIS C 9 -33.99 0.99 -7.88
CA HIS C 9 -33.78 2.31 -8.49
C HIS C 9 -34.54 3.36 -7.70
N ALA C 10 -34.17 4.62 -7.93
CA ALA C 10 -34.85 5.76 -7.33
C ALA C 10 -35.91 6.24 -8.32
N THR C 11 -37.16 5.83 -8.09
CA THR C 11 -38.24 6.17 -9.01
C THR C 11 -38.49 7.67 -9.14
N PRO C 12 -38.61 8.45 -8.05
CA PRO C 12 -39.03 9.85 -8.22
C PRO C 12 -38.08 10.71 -9.04
N GLU C 13 -36.77 10.51 -8.97
CA GLU C 13 -35.87 11.56 -9.43
C GLU C 13 -35.29 11.28 -10.82
N ASP C 14 -34.84 10.05 -11.10
CA ASP C 14 -34.41 9.71 -12.45
C ASP C 14 -34.50 8.20 -12.67
N ASP C 15 -35.48 7.76 -13.46
CA ASP C 15 -35.57 6.35 -13.81
C ASP C 15 -35.96 6.12 -15.27
N ASP C 16 -35.96 7.15 -16.11
CA ASP C 16 -36.10 6.94 -17.54
C ASP C 16 -35.00 6.05 -18.10
N PHE C 17 -33.84 6.01 -17.44
CA PHE C 17 -32.81 5.03 -17.79
C PHE C 17 -33.29 3.62 -17.50
N THR C 18 -33.98 3.42 -16.39
CA THR C 18 -34.42 2.07 -16.00
C THR C 18 -35.48 1.52 -16.94
N ARG C 19 -36.37 2.38 -17.45
CA ARG C 19 -37.37 1.89 -18.40
C ARG C 19 -36.72 1.41 -19.70
N TRP C 20 -35.71 2.15 -20.19
CA TRP C 20 -35.00 1.72 -21.39
C TRP C 20 -34.27 0.41 -21.14
N LEU C 21 -33.59 0.31 -19.99
CA LEU C 21 -32.91 -0.94 -19.63
C LEU C 21 -33.89 -2.11 -19.62
N SER C 22 -35.03 -1.94 -18.94
CA SER C 22 -36.00 -3.03 -18.83
C SER C 22 -36.55 -3.40 -20.19
N LEU C 23 -36.83 -2.42 -21.04
CA LEU C 23 -37.40 -2.72 -22.36
C LEU C 23 -36.42 -3.50 -23.22
N LYS C 24 -35.15 -3.08 -23.26
CA LYS C 24 -34.16 -3.85 -24.01
C LYS C 24 -33.96 -5.24 -23.41
N LEU C 25 -33.91 -5.34 -22.09
CA LEU C 25 -33.68 -6.65 -21.47
C LEU C 25 -34.82 -7.62 -21.75
N ILE C 26 -36.07 -7.14 -21.68
CA ILE C 26 -37.20 -8.02 -22.02
C ILE C 26 -37.28 -8.24 -23.53
N GLY C 27 -36.66 -7.37 -24.33
CA GLY C 27 -36.62 -7.58 -25.75
C GLY C 27 -35.72 -8.72 -26.19
N LEU C 28 -34.75 -9.10 -25.36
CA LEU C 28 -33.79 -10.14 -25.68
C LEU C 28 -34.15 -11.51 -25.11
N GLY C 29 -35.34 -11.66 -24.55
CA GLY C 29 -35.69 -12.94 -23.97
C GLY C 29 -36.09 -12.89 -22.51
N TYR C 30 -35.22 -13.43 -21.64
CA TYR C 30 -35.50 -13.51 -20.21
C TYR C 30 -36.05 -12.21 -19.66
N GLU C 31 -37.02 -12.33 -18.78
CA GLU C 31 -37.86 -11.21 -18.37
C GLU C 31 -37.19 -10.37 -17.29
N VAL C 32 -37.92 -9.35 -16.82
CA VAL C 32 -37.40 -8.34 -15.91
C VAL C 32 -38.46 -8.00 -14.88
N TRP C 33 -38.05 -7.82 -13.64
CA TRP C 33 -38.90 -7.24 -12.59
C TRP C 33 -38.46 -5.82 -12.34
N CYS C 34 -39.40 -4.88 -12.39
CA CYS C 34 -39.12 -3.48 -12.14
C CYS C 34 -40.24 -2.86 -11.33
N ASP C 35 -39.92 -1.80 -10.60
CA ASP C 35 -40.92 -1.13 -9.79
C ASP C 35 -41.87 -0.30 -10.64
N ILE C 36 -41.35 0.38 -11.67
CA ILE C 36 -42.22 1.13 -12.56
C ILE C 36 -43.08 0.19 -13.39
N LEU C 37 -42.51 -0.94 -13.83
CA LEU C 37 -43.23 -1.86 -14.70
C LEU C 37 -44.36 -2.56 -13.96
N PHE C 38 -44.27 -2.67 -12.63
CA PHE C 38 -45.38 -3.12 -11.78
C PHE C 38 -45.78 -1.98 -10.85
N LEU C 39 -46.70 -1.12 -11.30
CA LEU C 39 -47.34 -0.13 -10.44
C LEU C 39 -48.85 -0.24 -10.66
N ASP C 40 -49.47 -1.20 -9.98
CA ASP C 40 -50.91 -1.39 -10.06
C ASP C 40 -51.53 -1.80 -8.74
N LYS C 41 -50.79 -1.68 -7.62
CA LYS C 41 -51.24 -2.24 -6.35
C LYS C 41 -51.14 -1.19 -5.25
N GLY C 42 -51.78 -1.48 -4.13
CA GLY C 42 -51.70 -0.66 -2.94
C GLY C 42 -51.00 -1.28 -1.77
N VAL C 43 -50.37 -2.44 -1.94
CA VAL C 43 -49.65 -3.11 -0.86
C VAL C 43 -48.35 -2.37 -0.60
N ASP C 44 -48.00 -2.22 0.69
CA ASP C 44 -46.78 -1.53 1.06
C ASP C 44 -45.55 -2.33 0.61
N PHE C 45 -44.37 -1.77 0.88
CA PHE C 45 -43.11 -2.35 0.42
C PHE C 45 -42.76 -3.58 1.25
N TRP C 46 -43.60 -4.61 1.12
CA TRP C 46 -43.27 -5.93 1.67
C TRP C 46 -43.57 -7.09 0.75
N SER C 47 -44.46 -6.96 -0.23
CA SER C 47 -44.79 -8.09 -1.10
C SER C 47 -43.58 -8.53 -1.92
N THR C 48 -42.83 -7.56 -2.44
CA THR C 48 -41.65 -7.87 -3.24
C THR C 48 -40.67 -8.72 -2.44
N ILE C 49 -40.35 -8.27 -1.22
CA ILE C 49 -39.39 -9.00 -0.39
C ILE C 49 -39.89 -10.41 -0.09
N GLU C 50 -41.16 -10.53 0.33
CA GLU C 50 -41.63 -11.83 0.80
C GLU C 50 -41.74 -12.83 -0.34
N LYS C 51 -42.18 -12.41 -1.52
CA LYS C 51 -42.26 -13.38 -2.62
C LYS C 51 -41.00 -13.40 -3.48
N GLU C 52 -40.72 -12.31 -4.19
CA GLU C 52 -39.79 -12.39 -5.31
C GLU C 52 -38.34 -12.31 -4.87
N ILE C 53 -38.03 -11.44 -3.90
CA ILE C 53 -36.63 -11.25 -3.51
C ILE C 53 -36.02 -12.55 -3.01
N ARG C 54 -36.76 -13.29 -2.19
CA ARG C 54 -36.26 -14.55 -1.66
C ARG C 54 -36.56 -15.73 -2.59
N GLU C 55 -37.84 -15.94 -2.91
CA GLU C 55 -38.22 -17.18 -3.57
C GLU C 55 -37.82 -17.21 -5.04
N ASN C 56 -37.96 -16.09 -5.76
CA ASN C 56 -37.90 -16.08 -7.21
C ASN C 56 -37.02 -14.95 -7.73
N THR C 57 -35.81 -14.82 -7.21
CA THR C 57 -34.84 -13.87 -7.73
C THR C 57 -33.50 -14.56 -7.95
N CYS C 58 -32.80 -14.15 -9.00
CA CYS C 58 -31.49 -14.69 -9.35
C CYS C 58 -30.35 -13.69 -9.20
N LYS C 59 -30.53 -12.46 -9.67
CA LYS C 59 -29.47 -11.46 -9.66
C LYS C 59 -30.01 -10.16 -9.05
N PHE C 60 -29.20 -9.11 -9.11
CA PHE C 60 -29.56 -7.83 -8.52
C PHE C 60 -28.83 -6.73 -9.28
N LEU C 61 -29.51 -5.59 -9.45
CA LEU C 61 -29.07 -4.50 -10.33
C LEU C 61 -29.18 -3.16 -9.62
N ILE C 62 -28.61 -3.06 -8.41
CA ILE C 62 -28.61 -1.78 -7.70
C ILE C 62 -28.03 -0.68 -8.58
N VAL C 63 -28.60 0.51 -8.47
CA VAL C 63 -28.21 1.66 -9.28
C VAL C 63 -27.68 2.73 -8.33
N SER C 64 -26.44 3.17 -8.57
CA SER C 64 -25.80 4.18 -7.73
C SER C 64 -25.95 5.53 -8.40
N SER C 65 -27.04 6.21 -8.09
CA SER C 65 -27.27 7.57 -8.58
C SER C 65 -26.55 8.56 -7.67
N THR C 66 -26.81 9.86 -7.86
CA THR C 66 -26.24 10.87 -6.99
C THR C 66 -26.89 10.88 -5.62
N ALA C 67 -28.22 10.79 -5.56
CA ALA C 67 -28.95 10.82 -4.30
C ALA C 67 -29.50 9.46 -3.92
N GLY C 68 -28.95 8.38 -4.47
CA GLY C 68 -29.41 7.04 -4.13
C GLY C 68 -29.12 6.64 -2.70
N ASN C 69 -28.09 7.24 -2.09
CA ASN C 69 -27.78 6.92 -0.69
C ASN C 69 -28.84 7.46 0.26
N LYS C 70 -29.46 8.58 -0.08
CA LYS C 70 -30.43 9.21 0.81
C LYS C 70 -31.65 8.32 1.02
N ARG C 71 -32.12 7.66 -0.04
CA ARG C 71 -33.38 6.94 0.02
C ARG C 71 -33.31 5.79 1.02
N GLU C 72 -34.25 5.78 1.97
CA GLU C 72 -34.25 4.76 3.01
C GLU C 72 -34.79 3.43 2.49
N GLY C 73 -35.74 3.48 1.55
CA GLY C 73 -36.31 2.24 1.02
C GLY C 73 -35.29 1.41 0.25
N VAL C 74 -34.47 2.07 -0.57
CA VAL C 74 -33.46 1.34 -1.32
C VAL C 74 -32.42 0.75 -0.38
N LEU C 75 -32.09 1.46 0.70
CA LEU C 75 -31.16 0.91 1.68
C LEU C 75 -31.77 -0.27 2.43
N LYS C 76 -33.08 -0.21 2.72
CA LYS C 76 -33.73 -1.33 3.37
C LYS C 76 -33.73 -2.58 2.50
N GLU C 77 -34.11 -2.42 1.23
CA GLU C 77 -34.09 -3.57 0.33
C GLU C 77 -32.65 -4.01 0.04
N LEU C 78 -31.69 -3.09 0.09
CA LEU C 78 -30.28 -3.45 -0.01
C LEU C 78 -29.84 -4.32 1.16
N ALA C 79 -30.27 -3.97 2.37
CA ALA C 79 -29.98 -4.80 3.52
C ALA C 79 -30.63 -6.17 3.38
N VAL C 80 -31.85 -6.21 2.83
CA VAL C 80 -32.50 -7.49 2.57
C VAL C 80 -31.67 -8.32 1.59
N ALA C 81 -31.16 -7.68 0.54
CA ALA C 81 -30.32 -8.39 -0.42
C ALA C 81 -29.04 -8.88 0.22
N THR C 82 -28.44 -8.07 1.09
CA THR C 82 -27.24 -8.50 1.80
C THR C 82 -27.53 -9.73 2.67
N LYS C 83 -28.67 -9.73 3.35
CA LYS C 83 -29.04 -10.87 4.17
C LYS C 83 -29.29 -12.11 3.33
N VAL C 84 -29.95 -11.96 2.18
CA VAL C 84 -30.20 -13.14 1.36
C VAL C 84 -28.90 -13.65 0.75
N LYS C 85 -27.95 -12.76 0.45
CA LYS C 85 -26.63 -13.21 0.02
C LYS C 85 -25.90 -13.97 1.12
N LYS C 86 -25.97 -13.44 2.35
CA LYS C 86 -25.42 -14.17 3.50
C LYS C 86 -26.13 -15.49 3.73
N HIS C 87 -27.36 -15.64 3.21
CA HIS C 87 -28.07 -16.90 3.30
C HIS C 87 -27.60 -17.89 2.24
N LEU C 88 -27.43 -17.43 0.99
CA LEU C 88 -27.20 -18.36 -0.11
C LEU C 88 -25.75 -18.80 -0.21
N GLN C 89 -24.83 -17.85 -0.39
CA GLN C 89 -23.41 -18.15 -0.62
C GLN C 89 -23.22 -19.06 -1.84
N ASP C 90 -23.79 -18.65 -2.96
CA ASP C 90 -23.62 -19.35 -4.23
C ASP C 90 -23.46 -18.32 -5.33
N ASP C 91 -22.30 -18.33 -5.99
CA ASP C 91 -21.95 -17.37 -7.04
C ASP C 91 -22.09 -15.97 -6.44
N MET C 92 -22.73 -15.03 -7.14
CA MET C 92 -22.88 -13.66 -6.67
C MET C 92 -24.29 -13.17 -6.97
N PHE C 93 -24.71 -12.15 -6.21
CA PHE C 93 -26.06 -11.64 -6.34
C PHE C 93 -26.07 -10.17 -6.76
N ILE C 94 -25.11 -9.39 -6.28
CA ILE C 94 -25.14 -7.92 -6.39
C ILE C 94 -24.22 -7.49 -7.52
N ILE C 95 -24.74 -6.65 -8.42
CA ILE C 95 -23.98 -6.06 -9.52
C ILE C 95 -24.28 -4.57 -9.58
N PRO C 96 -23.42 -3.70 -9.04
CA PRO C 96 -23.70 -2.27 -9.04
C PRO C 96 -23.59 -1.63 -10.41
N LEU C 97 -24.18 -0.45 -10.53
CA LEU C 97 -24.10 0.38 -11.74
C LEU C 97 -23.88 1.83 -11.33
N ALA C 98 -23.17 2.57 -12.19
CA ALA C 98 -22.86 3.98 -11.94
C ALA C 98 -23.17 4.79 -13.19
N ILE C 99 -23.80 5.96 -12.99
CA ILE C 99 -24.25 6.80 -14.10
C ILE C 99 -23.68 8.20 -14.02
N ASP C 100 -23.69 8.82 -12.84
CA ASP C 100 -23.38 10.23 -12.74
C ASP C 100 -21.87 10.49 -12.84
N GLU C 101 -21.54 11.71 -13.27
CA GLU C 101 -20.15 12.16 -13.27
C GLU C 101 -19.77 12.81 -11.95
N ASN C 102 -20.74 13.42 -11.26
CA ASN C 102 -20.45 14.06 -9.99
C ASN C 102 -20.10 13.04 -8.91
N LEU C 103 -20.65 11.83 -9.00
CA LEU C 103 -20.37 10.77 -8.04
C LEU C 103 -18.96 10.25 -8.28
N SER C 104 -18.01 10.74 -7.49
CA SER C 104 -16.64 10.26 -7.60
C SER C 104 -16.55 8.81 -7.19
N TYR C 105 -15.59 8.10 -7.77
CA TYR C 105 -15.47 6.66 -7.58
C TYR C 105 -15.16 6.27 -6.15
N ASP C 106 -14.65 7.20 -5.33
CA ASP C 106 -14.32 6.90 -3.94
C ASP C 106 -15.44 7.26 -2.97
N ASP C 107 -16.25 8.27 -3.28
CA ASP C 107 -17.31 8.72 -2.40
C ASP C 107 -18.61 7.94 -2.58
N ILE C 108 -18.54 6.74 -3.15
CA ILE C 108 -19.73 5.91 -3.37
C ILE C 108 -20.28 5.42 -2.04
N ASN C 109 -21.46 4.81 -2.08
CA ASN C 109 -22.12 4.34 -0.86
C ASN C 109 -21.19 3.46 -0.06
N ILE C 110 -21.20 3.65 1.26
CA ILE C 110 -20.14 3.13 2.11
C ILE C 110 -20.15 1.60 2.13
N GLU C 111 -21.33 1.00 2.20
CA GLU C 111 -21.40 -0.46 2.27
C GLU C 111 -20.97 -1.13 0.97
N ILE C 112 -20.99 -0.41 -0.15
CA ILE C 112 -20.73 -0.99 -1.45
C ILE C 112 -19.35 -0.64 -1.99
N VAL C 113 -18.52 0.02 -1.19
CA VAL C 113 -17.16 0.37 -1.63
C VAL C 113 -16.37 -0.87 -1.97
N ARG C 114 -16.67 -2.00 -1.31
CA ARG C 114 -15.95 -3.24 -1.57
C ARG C 114 -16.14 -3.75 -2.99
N LEU C 115 -17.21 -3.35 -3.67
CA LEU C 115 -17.53 -3.85 -4.99
C LEU C 115 -17.15 -2.84 -6.08
N ASN C 116 -16.74 -3.35 -7.24
CA ASN C 116 -16.49 -2.52 -8.40
C ASN C 116 -17.79 -2.29 -9.17
N ALA C 117 -17.69 -1.52 -10.26
CA ALA C 117 -18.88 -1.17 -11.02
C ALA C 117 -18.53 -1.01 -12.49
N ILE C 118 -19.38 -1.55 -13.36
CA ILE C 118 -19.27 -1.28 -14.79
C ILE C 118 -19.69 0.16 -15.05
N ASP C 119 -18.90 0.86 -15.86
CA ASP C 119 -19.08 2.29 -16.05
C ASP C 119 -20.14 2.57 -17.12
N PHE C 120 -20.94 3.62 -16.88
CA PHE C 120 -21.88 4.13 -17.86
C PHE C 120 -21.71 5.61 -18.12
N LYS C 121 -20.71 6.25 -17.50
CA LYS C 121 -20.56 7.70 -17.60
C LYS C 121 -20.19 8.14 -19.01
N LYS C 122 -19.61 7.25 -19.81
CA LYS C 122 -19.12 7.63 -21.13
C LYS C 122 -20.16 7.37 -22.23
N SER C 123 -20.59 6.12 -22.37
CA SER C 123 -21.57 5.79 -23.40
C SER C 123 -22.41 4.61 -22.94
N TRP C 124 -23.74 4.75 -23.07
CA TRP C 124 -24.66 3.72 -22.59
C TRP C 124 -24.53 2.43 -23.39
N ALA C 125 -24.12 2.51 -24.66
CA ALA C 125 -24.10 1.33 -25.51
C ALA C 125 -23.10 0.29 -25.00
N LYS C 126 -21.89 0.73 -24.65
CA LYS C 126 -20.89 -0.22 -24.17
C LYS C 126 -21.28 -0.78 -22.81
N GLY C 127 -21.94 0.02 -21.97
CA GLY C 127 -22.43 -0.50 -20.71
C GLY C 127 -23.47 -1.57 -20.89
N LEU C 128 -24.41 -1.36 -21.82
CA LEU C 128 -25.40 -2.39 -22.10
C LEU C 128 -24.72 -3.63 -22.68
N GLN C 129 -23.72 -3.43 -23.54
CA GLN C 129 -23.02 -4.55 -24.18
C GLN C 129 -22.29 -5.41 -23.14
N ASP C 130 -21.49 -4.78 -22.27
CA ASP C 130 -20.74 -5.60 -21.33
C ASP C 130 -21.64 -6.14 -20.22
N LEU C 131 -22.71 -5.45 -19.87
CA LEU C 131 -23.68 -6.03 -18.96
C LEU C 131 -24.27 -7.31 -19.56
N LEU C 132 -24.66 -7.26 -20.84
CA LEU C 132 -25.32 -8.42 -21.43
C LEU C 132 -24.34 -9.57 -21.62
N ASP C 133 -23.09 -9.29 -22.03
CA ASP C 133 -22.22 -10.44 -22.26
C ASP C 133 -21.72 -11.01 -20.94
N ALA C 134 -21.58 -10.20 -19.89
CA ALA C 134 -21.34 -10.76 -18.57
C ALA C 134 -22.51 -11.63 -18.12
N PHE C 135 -23.74 -11.16 -18.37
CA PHE C 135 -24.92 -11.95 -18.02
C PHE C 135 -24.91 -13.30 -18.72
N GLU C 136 -24.67 -13.31 -20.03
CA GLU C 136 -24.68 -14.57 -20.76
C GLU C 136 -23.47 -15.43 -20.43
N LYS C 137 -22.37 -14.83 -19.97
CA LYS C 137 -21.25 -15.63 -19.47
C LYS C 137 -21.61 -16.29 -18.15
N GLN C 138 -22.44 -15.63 -17.33
CA GLN C 138 -22.88 -16.21 -16.06
C GLN C 138 -23.88 -17.36 -16.23
N ASN C 139 -24.11 -17.83 -17.45
CA ASN C 139 -24.93 -19.01 -17.73
C ASN C 139 -26.37 -18.86 -17.23
N VAL C 140 -26.89 -17.64 -17.29
CA VAL C 140 -28.31 -17.42 -16.96
C VAL C 140 -29.17 -18.10 -18.02
N PRO C 141 -30.27 -18.76 -17.64
CA PRO C 141 -31.14 -19.37 -18.65
C PRO C 141 -31.70 -18.35 -19.63
N LYS C 142 -31.85 -18.78 -20.87
CA LYS C 142 -32.18 -17.90 -21.98
C LYS C 142 -33.66 -17.97 -22.32
N LYS C 143 -34.05 -17.23 -23.37
CA LYS C 143 -35.38 -17.25 -23.95
C LYS C 143 -35.29 -16.57 -25.29
N PRO C 144 -35.94 -17.09 -26.33
CA PRO C 144 -35.89 -16.44 -27.65
C PRO C 144 -36.46 -15.03 -27.58
N PRO C 145 -35.85 -14.08 -28.29
CA PRO C 145 -36.32 -12.69 -28.21
C PRO C 145 -37.64 -12.50 -28.95
N ASP C 146 -38.41 -11.53 -28.45
CA ASP C 146 -39.70 -11.17 -29.05
C ASP C 146 -39.98 -9.71 -28.73
N HIS C 147 -39.81 -8.84 -29.73
CA HIS C 147 -40.04 -7.41 -29.54
C HIS C 147 -41.53 -7.06 -29.44
N SER C 148 -42.42 -7.94 -29.90
CA SER C 148 -43.85 -7.65 -29.84
C SER C 148 -44.32 -7.48 -28.41
N LYS C 149 -43.82 -8.32 -27.50
CA LYS C 149 -44.16 -8.16 -26.08
C LYS C 149 -43.68 -6.82 -25.55
N SER C 150 -42.48 -6.39 -25.96
CA SER C 150 -41.98 -5.09 -25.54
C SER C 150 -42.88 -3.97 -26.05
N ASN C 151 -43.33 -4.06 -27.30
CA ASN C 151 -44.23 -3.04 -27.84
C ASN C 151 -45.55 -3.02 -27.08
N LEU C 152 -46.09 -4.20 -26.77
CA LEU C 152 -47.35 -4.28 -26.03
C LEU C 152 -47.20 -3.66 -24.65
N LEU C 153 -46.12 -3.99 -23.94
CA LEU C 153 -45.90 -3.41 -22.63
C LEU C 153 -45.74 -1.89 -22.71
N TYR C 154 -44.98 -1.41 -23.70
CA TYR C 154 -44.77 0.02 -23.82
C TYR C 154 -46.08 0.76 -24.08
N GLN C 155 -46.92 0.21 -24.96
CA GLN C 155 -48.18 0.89 -25.26
C GLN C 155 -49.15 0.80 -24.10
N GLN C 156 -49.13 -0.30 -23.34
CA GLN C 156 -50.07 -0.43 -22.22
C GLN C 156 -49.66 0.45 -21.04
N ILE C 157 -48.37 0.51 -20.71
CA ILE C 157 -47.96 1.30 -19.55
C ILE C 157 -48.16 2.79 -19.81
N PHE C 158 -48.08 3.22 -21.06
CA PHE C 158 -48.32 4.61 -21.44
C PHE C 158 -49.45 4.64 -22.45
N LEU C 159 -50.68 4.65 -21.94
CA LEU C 159 -51.88 4.77 -22.75
C LEU C 159 -52.93 5.70 -22.15
N HIS C 160 -52.92 5.92 -20.84
CA HIS C 160 -53.95 6.70 -20.18
C HIS C 160 -53.66 8.19 -20.33
N ASP C 161 -54.71 9.00 -20.15
CA ASP C 161 -54.67 10.45 -20.32
C ASP C 161 -54.28 10.86 -21.74
N LYS C 162 -54.47 9.95 -22.70
CA LYS C 162 -54.13 10.18 -24.10
C LYS C 162 -55.22 9.56 -24.95
N GLN C 163 -54.94 9.39 -26.25
CA GLN C 163 -55.88 8.84 -27.21
C GLN C 163 -57.14 9.70 -27.31
N ALA C 164 -58.23 9.10 -27.77
CA ALA C 164 -59.46 9.83 -28.02
C ALA C 164 -60.61 9.23 -27.23
N ILE C 165 -61.65 10.03 -27.02
CA ILE C 165 -62.83 9.64 -26.25
C ILE C 165 -64.06 9.88 -27.10
N GLU C 166 -65.03 8.96 -27.01
CA GLU C 166 -66.28 8.98 -27.78
C GLU C 166 -67.25 10.09 -27.34
N LYS C 167 -66.88 11.00 -26.45
CA LYS C 167 -67.82 12.05 -26.03
C LYS C 167 -68.03 13.06 -27.15
N GLU C 168 -69.22 13.66 -27.14
CA GLU C 168 -69.60 14.66 -28.13
C GLU C 168 -69.30 16.06 -27.61
N GLU C 169 -68.95 16.96 -28.53
CA GLU C 169 -68.68 18.34 -28.17
C GLU C 169 -69.20 19.25 -29.28
N THR C 170 -69.07 20.56 -29.06
CA THR C 170 -69.59 21.55 -29.98
C THR C 170 -68.50 22.56 -30.32
N TYR C 171 -68.65 23.18 -31.50
CA TYR C 171 -67.71 24.17 -32.00
C TYR C 171 -68.48 25.32 -32.62
N ASP C 172 -67.83 26.48 -32.67
CA ASP C 172 -68.39 27.70 -33.24
C ASP C 172 -67.67 28.05 -34.53
N SER C 173 -68.42 28.55 -35.51
CA SER C 173 -67.88 28.92 -36.80
C SER C 173 -67.51 30.41 -36.80
N ASN C 174 -67.23 30.95 -37.98
CA ASN C 174 -66.83 32.34 -38.15
C ASN C 174 -67.76 33.11 -39.10
N TRP C 175 -68.86 32.51 -39.52
CA TRP C 175 -69.66 33.02 -40.61
C TRP C 175 -71.09 33.28 -40.15
N PHE C 176 -71.76 34.20 -40.85
CA PHE C 176 -73.14 34.57 -40.55
C PHE C 176 -73.98 34.46 -41.81
N PRO C 177 -75.08 33.70 -41.79
CA PRO C 177 -75.90 33.55 -43.00
C PRO C 177 -77.00 34.59 -43.08
N ILE C 178 -77.29 35.02 -44.32
CA ILE C 178 -78.33 36.02 -44.53
C ILE C 178 -79.69 35.36 -44.45
N ILE C 179 -80.72 36.14 -44.11
CA ILE C 179 -82.08 35.63 -44.00
C ILE C 179 -83.10 36.44 -44.78
N SER C 180 -82.80 37.67 -45.19
CA SER C 180 -83.76 38.51 -45.88
C SER C 180 -83.13 39.11 -47.14
N PHE C 181 -83.97 39.31 -48.15
CA PHE C 181 -83.56 39.91 -49.42
C PHE C 181 -84.80 40.27 -50.24
N PRO C 182 -84.80 41.43 -50.89
CA PRO C 182 -85.93 41.76 -51.78
C PRO C 182 -86.03 40.76 -52.93
N ASN C 183 -87.27 40.54 -53.38
CA ASN C 183 -87.53 39.49 -54.35
C ASN C 183 -86.87 39.75 -55.70
N GLU C 184 -86.71 41.02 -56.07
CA GLU C 184 -86.13 41.34 -57.37
C GLU C 184 -85.36 42.66 -57.28
N LEU C 185 -84.39 42.80 -58.17
CA LEU C 185 -83.63 44.03 -58.32
C LEU C 185 -83.93 44.66 -59.67
N ARG C 186 -83.54 45.93 -59.83
CA ARG C 186 -83.96 46.73 -60.96
C ARG C 186 -82.77 47.37 -61.66
N PHE C 187 -82.81 47.35 -62.99
CA PHE C 187 -81.84 48.01 -63.85
C PHE C 187 -82.56 48.98 -64.76
N HIS C 188 -81.96 50.15 -64.99
CA HIS C 188 -82.56 51.14 -65.87
C HIS C 188 -81.49 52.11 -66.34
N ARG C 189 -81.26 52.16 -67.65
CA ARG C 189 -80.31 53.07 -68.26
C ARG C 189 -80.96 53.77 -69.44
N TYR C 190 -80.76 55.09 -69.52
CA TYR C 190 -81.31 55.89 -70.61
C TYR C 190 -80.26 56.30 -71.64
N ASP C 191 -78.99 55.96 -71.42
CA ASP C 191 -77.87 56.42 -72.25
C ASP C 191 -77.72 57.93 -72.15
N TRP C 192 -78.57 58.57 -71.35
CA TRP C 192 -78.58 60.01 -71.16
C TRP C 192 -78.73 60.42 -69.70
N ARG C 193 -79.06 59.50 -68.80
CA ARG C 193 -79.34 59.84 -67.41
C ARG C 193 -78.12 60.43 -66.73
N LEU C 194 -76.95 59.83 -66.94
CA LEU C 194 -75.77 60.30 -66.25
C LEU C 194 -74.64 60.52 -67.24
N PRO C 195 -73.78 61.50 -66.97
CA PRO C 195 -72.57 61.68 -67.79
C PRO C 195 -71.68 60.46 -67.69
N LYS C 196 -71.01 60.14 -68.81
CA LYS C 196 -70.30 58.87 -68.96
C LYS C 196 -68.82 58.98 -68.60
N GLN C 197 -68.41 60.00 -67.85
CA GLN C 197 -67.00 60.18 -67.51
C GLN C 197 -66.67 59.97 -66.03
N PHE C 198 -67.46 60.48 -65.10
CA PHE C 198 -67.12 60.29 -63.69
C PHE C 198 -67.37 58.83 -63.29
N ASP C 199 -66.64 58.37 -62.27
CA ASP C 199 -66.80 56.99 -61.91
C ASP C 199 -67.77 56.86 -60.72
N VAL C 200 -68.07 55.61 -60.36
CA VAL C 200 -69.11 55.35 -59.38
C VAL C 200 -68.62 55.40 -57.95
N ARG C 201 -67.31 55.57 -57.71
CA ARG C 201 -66.88 55.76 -56.32
C ARG C 201 -67.40 57.06 -55.73
N THR C 202 -67.72 58.05 -56.57
CA THR C 202 -68.32 59.29 -56.10
C THR C 202 -69.66 59.04 -55.42
N LEU C 203 -70.50 58.18 -56.01
CA LEU C 203 -71.81 57.91 -55.43
C LEU C 203 -71.68 57.06 -54.17
N ALA C 204 -72.52 57.36 -53.18
CA ALA C 204 -72.52 56.65 -51.90
C ALA C 204 -73.70 55.69 -51.77
N PHE C 205 -74.43 55.44 -52.84
CA PHE C 205 -75.59 54.57 -52.86
C PHE C 205 -75.40 53.54 -53.97
N PRO C 206 -76.09 52.39 -53.89
CA PRO C 206 -75.88 51.33 -54.88
C PRO C 206 -76.08 51.80 -56.31
N ALA C 207 -74.98 51.86 -57.06
CA ALA C 207 -75.01 52.27 -58.47
C ALA C 207 -73.68 51.91 -59.10
N ILE C 208 -73.70 51.01 -60.08
CA ILE C 208 -72.51 50.65 -60.83
C ILE C 208 -72.85 50.55 -62.31
N ARG C 209 -71.90 50.95 -63.15
CA ARG C 209 -72.12 50.99 -64.59
C ARG C 209 -72.24 49.56 -65.16
N TYR C 210 -72.67 49.50 -66.41
CA TYR C 210 -72.91 48.24 -67.11
C TYR C 210 -73.11 48.56 -68.58
N LYS C 211 -73.10 47.51 -69.40
CA LYS C 211 -73.32 47.67 -70.84
C LYS C 211 -74.61 48.45 -71.13
N GLU C 212 -75.75 47.92 -70.67
CA GLU C 212 -77.03 48.57 -70.89
C GLU C 212 -77.92 48.58 -69.65
N TYR C 213 -77.64 47.74 -68.66
CA TYR C 213 -78.51 47.56 -67.50
C TYR C 213 -77.80 48.14 -66.27
N LEU C 214 -78.03 49.43 -66.01
CA LEU C 214 -77.44 50.07 -64.85
C LEU C 214 -77.80 49.32 -63.57
N CYS C 215 -76.78 48.76 -62.91
CA CYS C 215 -77.00 47.88 -61.76
C CYS C 215 -77.14 48.72 -60.50
N THR C 216 -78.37 49.10 -60.19
CA THR C 216 -78.72 49.78 -58.95
C THR C 216 -79.65 48.89 -58.14
N PHE C 217 -79.69 49.12 -56.83
CA PHE C 217 -80.57 48.36 -55.95
C PHE C 217 -81.84 49.13 -55.63
N ALA C 218 -81.70 50.35 -55.13
CA ALA C 218 -82.86 51.18 -54.80
C ALA C 218 -83.55 51.62 -56.08
N TRP C 219 -84.67 52.34 -55.92
CA TRP C 219 -85.39 52.87 -57.06
C TRP C 219 -84.51 53.84 -57.84
N GLU C 220 -84.62 53.79 -59.17
CA GLU C 220 -83.79 54.63 -60.03
C GLU C 220 -84.18 56.10 -59.98
N TYR C 221 -85.19 56.46 -59.19
CA TYR C 221 -85.61 57.84 -58.99
C TYR C 221 -85.31 58.31 -57.58
N ASP C 222 -84.22 57.82 -57.00
CA ASP C 222 -83.81 58.16 -55.64
C ASP C 222 -82.49 58.92 -55.63
N PHE C 223 -82.30 59.83 -56.58
CA PHE C 223 -81.03 60.54 -56.74
C PHE C 223 -81.31 62.05 -56.86
N ILE C 224 -82.25 62.54 -56.06
CA ILE C 224 -82.63 63.95 -56.09
C ILE C 224 -81.68 64.81 -55.26
N HIS C 225 -80.92 64.19 -54.35
CA HIS C 225 -80.22 64.93 -53.29
C HIS C 225 -79.28 66.00 -53.82
N GLN C 226 -78.78 65.85 -55.06
CA GLN C 226 -77.92 66.88 -55.64
C GLN C 226 -78.30 67.29 -57.06
N LEU C 227 -79.08 66.49 -57.78
CA LEU C 227 -79.49 66.83 -59.14
C LEU C 227 -80.98 66.55 -59.31
N PRO C 228 -81.72 67.48 -59.91
CA PRO C 228 -83.15 67.23 -60.15
C PRO C 228 -83.42 66.44 -61.42
N LYS C 229 -84.69 66.35 -61.81
CA LYS C 229 -85.17 65.69 -63.02
C LYS C 229 -85.06 64.17 -62.97
N THR C 230 -84.77 63.60 -61.80
CA THR C 230 -84.71 62.14 -61.69
C THR C 230 -86.07 61.52 -61.99
N GLU C 231 -87.14 62.11 -61.45
CA GLU C 231 -88.48 61.61 -61.71
C GLU C 231 -88.93 61.82 -63.15
N THR C 232 -88.36 62.81 -63.84
CA THR C 232 -88.70 63.03 -65.25
C THR C 232 -88.28 61.85 -66.13
N TYR C 233 -87.35 61.01 -65.65
CA TYR C 233 -86.98 59.79 -66.35
C TYR C 233 -87.99 58.71 -65.99
N ASN C 234 -88.90 58.43 -66.92
CA ASN C 234 -90.03 57.57 -66.63
C ASN C 234 -89.57 56.16 -66.29
N GLY C 235 -90.15 55.58 -65.24
CA GLY C 235 -89.82 54.26 -64.79
C GLY C 235 -90.60 53.13 -65.41
N GLN C 236 -91.51 53.42 -66.35
CA GLN C 236 -92.26 52.36 -67.02
C GLN C 236 -91.36 51.50 -67.88
N GLU C 237 -90.37 52.11 -68.53
CA GLU C 237 -89.43 51.39 -69.39
C GLU C 237 -88.25 50.82 -68.61
N SER C 238 -88.42 50.58 -67.31
CA SER C 238 -87.36 50.01 -66.49
C SER C 238 -87.27 48.50 -66.74
N ILE C 239 -86.32 47.87 -66.05
CA ILE C 239 -86.04 46.44 -66.20
C ILE C 239 -85.95 45.83 -64.80
N ARG C 240 -86.53 44.65 -64.64
CA ARG C 240 -86.50 43.95 -63.36
C ARG C 240 -85.98 42.54 -63.55
N ILE C 241 -85.20 42.06 -62.58
CA ILE C 241 -84.69 40.69 -62.57
C ILE C 241 -84.94 40.11 -61.18
N SER C 242 -85.56 38.93 -61.13
CA SER C 242 -85.89 38.31 -59.87
C SER C 242 -84.62 37.90 -59.12
N THR C 243 -84.52 38.30 -57.86
CA THR C 243 -83.36 37.95 -57.06
C THR C 243 -83.40 36.49 -56.60
N SER C 244 -84.59 36.00 -56.25
CA SER C 244 -84.71 34.62 -55.78
C SER C 244 -84.27 33.63 -56.84
N ASP C 245 -84.68 33.85 -58.10
CA ASP C 245 -84.36 32.91 -59.16
C ASP C 245 -82.88 32.93 -59.51
N ILE C 246 -82.27 34.13 -59.56
CA ILE C 246 -80.85 34.21 -59.88
C ILE C 246 -80.00 33.65 -58.76
N LEU C 247 -80.43 33.84 -57.50
CA LEU C 247 -79.76 33.16 -56.40
C LEU C 247 -79.90 31.65 -56.52
N SER C 248 -81.08 31.18 -56.96
CA SER C 248 -81.22 29.76 -57.29
C SER C 248 -80.36 29.38 -58.48
N GLY C 249 -80.05 30.33 -59.36
CA GLY C 249 -79.17 30.09 -60.49
C GLY C 249 -79.85 29.60 -61.74
N ARG C 250 -81.16 29.35 -61.72
CA ARG C 250 -81.86 28.84 -62.89
C ARG C 250 -81.93 29.87 -64.01
N TYR C 251 -81.78 31.15 -63.70
CA TYR C 251 -81.82 32.19 -64.73
C TYR C 251 -80.57 32.11 -65.61
N ASP C 252 -80.78 32.31 -66.92
CA ASP C 252 -79.69 32.28 -67.88
C ASP C 252 -80.15 32.94 -69.17
N THR C 253 -79.37 33.91 -69.66
CA THR C 253 -79.70 34.63 -70.87
C THR C 253 -78.45 34.81 -71.72
N ASP C 254 -78.65 35.27 -72.96
CA ASP C 254 -77.55 35.48 -73.88
C ASP C 254 -76.71 36.71 -73.54
N PHE C 255 -77.26 37.65 -72.77
CA PHE C 255 -76.53 38.83 -72.36
C PHE C 255 -76.15 38.84 -70.89
N ILE C 256 -76.83 38.05 -70.06
CA ILE C 256 -76.49 37.89 -68.65
C ILE C 256 -76.40 36.41 -68.33
N ARG C 257 -75.27 36.00 -67.76
CA ARG C 257 -75.10 34.65 -67.24
C ARG C 257 -75.25 34.67 -65.72
N ASN C 258 -75.01 33.51 -65.10
CA ASN C 258 -75.11 33.43 -63.65
C ASN C 258 -73.88 34.02 -62.96
N TYR C 259 -72.69 33.79 -63.53
CA TYR C 259 -71.46 34.12 -62.80
C TYR C 259 -71.28 35.62 -62.62
N GLU C 260 -71.48 36.40 -63.69
CA GLU C 260 -71.23 37.83 -63.57
C GLU C 260 -72.36 38.54 -62.82
N CYS C 261 -73.59 38.04 -62.88
CA CYS C 261 -74.64 38.63 -62.05
C CYS C 261 -74.44 38.29 -60.57
N GLN C 262 -73.92 37.10 -60.29
CA GLN C 262 -73.52 36.76 -58.92
C GLN C 262 -72.40 37.69 -58.45
N ARG C 263 -71.44 37.97 -59.33
CA ARG C 263 -70.42 38.97 -59.05
C ARG C 263 -71.02 40.33 -58.75
N LEU C 264 -72.02 40.73 -59.55
CA LEU C 264 -72.70 42.00 -59.32
C LEU C 264 -73.33 42.03 -57.93
N ILE C 265 -74.09 40.99 -57.57
CA ILE C 265 -74.81 41.03 -56.30
C ILE C 265 -73.84 40.97 -55.13
N VAL C 266 -72.73 40.24 -55.25
CA VAL C 266 -71.77 40.24 -54.14
C VAL C 266 -71.08 41.59 -54.03
N GLN C 267 -70.81 42.26 -55.15
CA GLN C 267 -70.27 43.62 -55.07
C GLN C 267 -71.24 44.57 -54.38
N LEU C 268 -72.53 44.47 -54.72
CA LEU C 268 -73.54 45.30 -54.07
C LEU C 268 -73.61 45.01 -52.57
N ILE C 269 -73.57 43.74 -52.18
CA ILE C 269 -73.66 43.45 -50.75
C ILE C 269 -72.41 43.92 -50.03
N ASN C 270 -71.24 43.86 -50.67
CA ASN C 270 -70.02 44.36 -50.04
C ASN C 270 -70.11 45.88 -49.84
N LYS C 271 -70.53 46.61 -50.87
CA LYS C 271 -70.63 48.05 -50.71
C LYS C 271 -71.72 48.43 -49.72
N ALA C 272 -72.80 47.65 -49.65
CA ALA C 272 -73.84 47.89 -48.66
C ALA C 272 -73.32 47.65 -47.25
N PHE C 273 -72.48 46.62 -47.08
CA PHE C 273 -71.87 46.37 -45.78
C PHE C 273 -70.98 47.55 -45.39
N GLU C 274 -70.21 48.08 -46.34
CA GLU C 274 -69.40 49.27 -46.04
C GLU C 274 -70.28 50.45 -45.66
N LEU C 275 -71.38 50.65 -46.38
CA LEU C 275 -72.28 51.77 -46.11
C LEU C 275 -72.92 51.65 -44.73
N ARG C 276 -73.31 50.44 -44.33
CA ARG C 276 -73.92 50.25 -43.02
C ARG C 276 -72.87 50.32 -41.92
N MET C 277 -71.62 49.97 -42.22
CA MET C 277 -70.56 50.04 -41.24
C MET C 277 -70.13 51.48 -40.97
N LYS C 278 -70.09 52.32 -42.00
CA LYS C 278 -69.45 53.63 -41.86
C LYS C 278 -70.08 54.49 -40.77
N ASP C 279 -71.38 54.34 -40.53
CA ASP C 279 -72.08 55.13 -39.52
C ASP C 279 -72.22 54.40 -38.19
N LYS C 280 -71.33 53.46 -37.91
CA LYS C 280 -71.29 52.77 -36.62
C LYS C 280 -70.46 53.53 -35.58
N ASN C 281 -69.79 54.60 -36.00
CA ASN C 281 -68.91 55.41 -35.15
C ASN C 281 -67.66 54.67 -34.71
N VAL C 282 -67.30 53.60 -35.42
CA VAL C 282 -66.00 52.95 -35.28
C VAL C 282 -65.20 53.27 -36.53
N ARG C 283 -64.00 53.81 -36.35
CA ARG C 283 -63.29 54.39 -37.48
C ARG C 283 -62.33 53.37 -38.07
N GLU C 284 -61.55 53.80 -39.06
CA GLU C 284 -60.79 52.88 -39.90
C GLU C 284 -59.36 53.38 -40.08
N TYR C 285 -58.45 52.42 -40.18
CA TYR C 285 -57.05 52.68 -40.51
C TYR C 285 -56.72 52.06 -41.85
N GLN C 286 -55.87 52.74 -42.62
CA GLN C 286 -55.53 52.30 -43.96
C GLN C 286 -54.78 50.97 -43.92
N MET C 287 -55.13 50.10 -44.86
CA MET C 287 -54.61 48.74 -44.89
C MET C 287 -54.27 48.39 -46.34
N SER C 288 -53.42 47.38 -46.51
CA SER C 288 -53.18 46.85 -47.85
C SER C 288 -54.48 46.31 -48.44
N LYS C 289 -55.27 45.64 -47.63
CA LYS C 289 -56.64 45.27 -47.97
C LYS C 289 -57.57 46.41 -47.53
N THR C 290 -58.87 46.15 -47.47
CA THR C 290 -59.83 47.18 -47.10
C THR C 290 -59.52 47.77 -45.72
N PHE C 291 -60.19 48.88 -45.42
CA PHE C 291 -59.95 49.61 -44.18
C PHE C 291 -60.16 48.71 -42.96
N ALA C 292 -59.29 48.88 -41.97
CA ALA C 292 -59.39 48.10 -40.73
C ALA C 292 -60.17 48.91 -39.70
N TYR C 293 -61.29 48.36 -39.23
CA TYR C 293 -62.24 49.10 -38.41
C TYR C 293 -62.06 48.75 -36.94
N TRP C 294 -62.07 49.78 -36.09
CA TRP C 294 -61.83 49.60 -34.67
C TRP C 294 -62.39 50.79 -33.89
N ILE C 295 -62.30 50.69 -32.56
CA ILE C 295 -62.94 51.60 -31.62
C ILE C 295 -61.92 51.96 -30.53
N GLU C 296 -62.17 53.07 -29.85
CA GLU C 296 -61.26 53.65 -28.89
C GLU C 296 -61.70 53.35 -27.46
N LYS C 297 -60.73 53.41 -26.54
CA LYS C 297 -61.03 53.39 -25.12
C LYS C 297 -61.84 54.62 -24.73
N GLY C 298 -62.71 54.45 -23.74
CA GLY C 298 -63.51 55.57 -23.26
C GLY C 298 -64.73 55.86 -24.11
N LYS C 299 -64.65 55.56 -25.40
CA LYS C 299 -65.82 55.73 -26.27
C LYS C 299 -66.95 54.82 -25.82
N LEU C 300 -66.63 53.57 -25.49
CA LEU C 300 -67.55 52.74 -24.73
C LEU C 300 -67.41 53.05 -23.24
N GLU C 301 -68.42 52.67 -22.47
CA GLU C 301 -68.49 53.08 -21.07
C GLU C 301 -67.32 52.53 -20.27
N LYS C 302 -66.41 53.43 -19.87
CA LYS C 302 -65.25 53.09 -19.03
C LYS C 302 -64.43 51.95 -19.63
N ASP C 303 -64.32 51.95 -20.97
CA ASP C 303 -63.52 50.98 -21.71
C ASP C 303 -63.94 49.54 -21.44
N LYS C 304 -65.17 49.33 -20.98
CA LYS C 304 -65.66 48.00 -20.64
C LYS C 304 -67.03 47.77 -21.28
N PHE C 305 -67.29 46.52 -21.63
CA PHE C 305 -68.58 46.14 -22.21
C PHE C 305 -68.82 44.67 -21.87
N GLU C 306 -69.65 44.44 -20.85
CA GLU C 306 -70.04 43.09 -20.42
C GLU C 306 -68.82 42.25 -20.06
N LYS C 307 -68.17 42.67 -18.98
CA LYS C 307 -67.09 41.94 -18.30
C LYS C 307 -66.00 41.45 -19.27
N ILE C 308 -65.77 42.21 -20.35
CA ILE C 308 -64.65 41.96 -21.25
C ILE C 308 -63.92 43.27 -21.49
N LYS C 309 -62.60 43.20 -21.58
CA LYS C 309 -61.76 44.37 -21.81
C LYS C 309 -61.05 44.21 -23.16
N LEU C 310 -61.15 45.23 -24.00
CA LEU C 310 -60.65 45.16 -25.36
C LEU C 310 -59.51 46.12 -25.65
N VAL C 311 -59.45 47.27 -24.99
CA VAL C 311 -58.38 48.24 -25.17
C VAL C 311 -57.46 48.16 -23.96
N GLY C 312 -56.19 47.85 -24.19
CA GLY C 312 -55.26 47.70 -23.09
C GLY C 312 -53.91 48.35 -23.32
N LYS C 313 -52.95 48.08 -22.43
CA LYS C 313 -51.64 48.71 -22.49
C LYS C 313 -50.56 47.64 -22.66
N GLN C 314 -49.58 47.93 -23.51
CA GLN C 314 -48.44 47.05 -23.73
C GLN C 314 -47.29 47.90 -24.26
N LYS C 315 -46.14 47.85 -23.56
CA LYS C 315 -44.96 48.61 -23.93
C LYS C 315 -45.29 50.10 -24.09
N ASN C 316 -46.09 50.62 -23.16
CA ASN C 316 -46.54 52.01 -23.11
C ASN C 316 -47.39 52.40 -24.32
N LYS C 317 -47.91 51.43 -25.06
CA LYS C 317 -48.77 51.70 -26.21
C LYS C 317 -50.16 51.10 -25.95
N TYR C 318 -51.18 51.77 -26.46
CA TYR C 318 -52.56 51.34 -26.24
C TYR C 318 -53.02 50.53 -27.44
N TRP C 319 -53.58 49.35 -27.16
CA TRP C 319 -53.96 48.42 -28.22
C TRP C 319 -55.46 48.15 -28.19
N HIS C 320 -56.01 47.98 -29.39
CA HIS C 320 -57.43 47.78 -29.64
C HIS C 320 -57.61 46.52 -30.50
N PHE C 321 -58.87 46.08 -30.60
CA PHE C 321 -59.23 44.82 -31.24
C PHE C 321 -60.16 45.12 -32.41
N GLY C 322 -59.61 45.13 -33.64
CA GLY C 322 -60.38 45.42 -34.82
C GLY C 322 -60.67 44.17 -35.64
N ILE C 323 -61.53 44.34 -36.65
CA ILE C 323 -61.91 43.24 -37.54
C ILE C 323 -61.99 43.76 -38.98
N SER C 324 -62.18 42.81 -39.89
CA SER C 324 -62.47 43.08 -41.29
C SER C 324 -63.41 42.00 -41.80
N ALA C 325 -64.13 42.30 -42.88
CA ALA C 325 -65.18 41.40 -43.34
C ALA C 325 -65.36 41.49 -44.85
N ALA C 326 -65.92 40.42 -45.41
CA ALA C 326 -66.25 40.35 -46.84
C ALA C 326 -67.17 39.16 -47.08
N GLY C 327 -68.03 39.27 -48.08
CA GLY C 327 -69.06 38.27 -48.32
C GLY C 327 -68.62 37.16 -49.25
N LYS C 328 -69.06 35.94 -48.94
CA LYS C 328 -68.88 34.78 -49.80
C LYS C 328 -70.18 33.99 -49.85
N LEU C 329 -70.41 33.29 -50.96
CA LEU C 329 -71.77 32.85 -51.24
C LEU C 329 -71.92 31.37 -51.63
N TYR C 330 -70.88 30.75 -52.19
CA TYR C 330 -71.08 29.45 -52.86
C TYR C 330 -71.67 28.38 -51.94
N PRO C 331 -71.12 28.08 -50.75
CA PRO C 331 -71.78 27.07 -49.91
C PRO C 331 -73.08 27.56 -49.33
N SER C 332 -73.15 28.84 -49.00
CA SER C 332 -74.32 29.53 -48.47
C SER C 332 -73.98 31.02 -48.40
N PRO C 333 -74.95 31.92 -48.46
CA PRO C 333 -74.63 33.34 -48.35
C PRO C 333 -74.20 33.70 -46.93
N VAL C 334 -72.89 33.91 -46.74
CA VAL C 334 -72.30 34.13 -45.43
C VAL C 334 -71.24 35.22 -45.53
N LEU C 335 -70.78 35.67 -44.35
CA LEU C 335 -69.87 36.80 -44.24
C LEU C 335 -68.59 36.34 -43.53
N MET C 336 -67.46 36.39 -44.24
CA MET C 336 -66.16 36.19 -43.63
C MET C 336 -65.83 37.38 -42.73
N VAL C 337 -65.43 37.08 -41.49
CA VAL C 337 -64.95 38.07 -40.54
C VAL C 337 -63.64 37.59 -39.95
N SER C 338 -62.62 38.44 -39.99
CA SER C 338 -61.31 38.14 -39.44
C SER C 338 -60.90 39.22 -38.44
N SER C 339 -60.08 38.84 -37.47
CA SER C 339 -59.72 39.71 -36.37
C SER C 339 -58.25 40.12 -36.45
N HIS C 340 -57.98 41.33 -35.96
CA HIS C 340 -56.63 41.88 -35.94
C HIS C 340 -56.47 42.75 -34.71
N ILE C 341 -55.22 43.02 -34.34
CA ILE C 341 -54.89 43.84 -33.18
C ILE C 341 -54.18 45.09 -33.67
N ILE C 342 -54.64 46.25 -33.19
CA ILE C 342 -54.11 47.53 -33.62
C ILE C 342 -53.46 48.22 -32.43
N PHE C 343 -52.40 48.98 -32.71
CA PHE C 343 -51.67 49.73 -31.69
C PHE C 343 -51.89 51.22 -31.90
N THR C 344 -51.50 52.00 -30.89
CA THR C 344 -51.48 53.46 -31.01
C THR C 344 -50.69 54.03 -29.84
N MET C 345 -50.25 55.28 -30.02
CA MET C 345 -49.57 56.00 -28.94
C MET C 345 -50.57 56.61 -27.96
N ASP C 346 -51.57 57.33 -28.49
CA ASP C 346 -52.59 57.93 -27.65
C ASP C 346 -53.97 57.82 -28.28
N GLY C 347 -54.13 57.05 -29.35
CA GLY C 347 -55.38 57.00 -30.08
C GLY C 347 -55.54 58.06 -31.14
N ILE C 348 -54.57 58.97 -31.28
CA ILE C 348 -54.63 60.02 -32.28
C ILE C 348 -53.64 59.69 -33.39
N ASN C 349 -52.61 58.93 -33.05
CA ASN C 349 -51.58 58.54 -34.01
C ASN C 349 -51.14 57.11 -33.74
N LEU C 350 -50.54 56.50 -34.76
CA LEU C 350 -50.07 55.12 -34.69
C LEU C 350 -48.65 55.05 -35.24
N ILE C 351 -47.91 54.04 -34.77
CA ILE C 351 -46.55 53.80 -35.24
C ILE C 351 -46.54 53.73 -36.76
N LYS C 352 -45.48 54.26 -37.37
CA LYS C 352 -45.34 54.25 -38.82
C LYS C 352 -44.62 53.00 -39.32
N SER C 353 -43.65 52.50 -38.56
CA SER C 353 -42.88 51.33 -38.99
C SER C 353 -43.70 50.06 -38.83
N LYS C 354 -43.76 49.26 -39.90
CA LYS C 354 -44.51 48.01 -39.86
C LYS C 354 -43.76 46.90 -39.13
N SER C 355 -42.42 46.93 -39.13
CA SER C 355 -41.65 45.84 -38.53
C SER C 355 -41.75 45.85 -37.01
N ILE C 356 -41.59 47.02 -36.38
CA ILE C 356 -41.73 47.08 -34.94
C ILE C 356 -43.18 46.89 -34.53
N GLN C 357 -44.13 47.30 -35.38
CA GLN C 357 -45.53 46.96 -35.15
C GLN C 357 -45.73 45.45 -35.15
N HIS C 358 -45.07 44.76 -36.08
CA HIS C 358 -45.11 43.31 -36.16
C HIS C 358 -44.57 42.66 -34.89
N SER C 359 -43.42 43.14 -34.43
CA SER C 359 -42.85 42.62 -33.19
C SER C 359 -43.78 42.86 -32.00
N SER C 360 -44.37 44.07 -31.94
CA SER C 360 -45.25 44.39 -30.83
C SER C 360 -46.52 43.55 -30.85
N ARG C 361 -47.09 43.31 -32.04
CA ARG C 361 -48.32 42.53 -32.11
C ARG C 361 -48.04 41.08 -31.73
N ARG C 362 -46.88 40.55 -32.12
CA ARG C 362 -46.50 39.21 -31.68
C ARG C 362 -46.31 39.15 -30.17
N LYS C 363 -45.65 40.17 -29.60
CA LYS C 363 -45.47 40.22 -28.15
C LYS C 363 -46.82 40.24 -27.44
N GLN C 364 -47.76 41.02 -27.95
CA GLN C 364 -49.08 41.12 -27.32
C GLN C 364 -49.87 39.82 -27.47
N GLY C 365 -49.83 39.20 -28.65
CA GLY C 365 -50.62 38.03 -28.91
C GLY C 365 -50.01 36.72 -28.49
N LYS C 366 -48.79 36.73 -27.96
CA LYS C 366 -48.18 35.49 -27.48
C LYS C 366 -49.04 34.80 -26.41
N ASN C 367 -49.73 35.57 -25.57
CA ASN C 367 -50.43 35.00 -24.41
C ASN C 367 -51.96 35.02 -24.57
N TRP C 368 -52.46 35.10 -25.79
CA TRP C 368 -53.89 35.03 -26.05
C TRP C 368 -54.20 33.69 -26.71
N TRP C 369 -55.27 33.04 -26.25
CA TRP C 369 -55.52 31.65 -26.61
C TRP C 369 -56.98 31.51 -27.03
N ASN C 370 -57.41 30.25 -27.21
CA ASN C 370 -58.66 29.96 -27.89
C ASN C 370 -59.85 30.54 -27.15
N ASP C 371 -59.91 30.35 -25.82
CA ASP C 371 -61.04 30.84 -25.04
C ASP C 371 -61.19 32.35 -25.19
N LYS C 372 -60.09 33.09 -24.99
CA LYS C 372 -60.14 34.53 -25.11
C LYS C 372 -60.48 34.96 -26.53
N TRP C 373 -59.90 34.29 -27.53
CA TRP C 373 -60.18 34.63 -28.92
C TRP C 373 -61.67 34.51 -29.20
N ARG C 374 -62.26 33.35 -28.86
CA ARG C 374 -63.67 33.13 -29.14
C ARG C 374 -64.56 34.11 -28.39
N GLU C 375 -64.30 34.29 -27.09
CA GLU C 375 -65.15 35.17 -26.29
C GLU C 375 -65.07 36.60 -26.78
N LYS C 376 -63.86 37.08 -27.12
CA LYS C 376 -63.72 38.45 -27.59
C LYS C 376 -64.38 38.64 -28.95
N LEU C 377 -64.26 37.65 -29.85
CA LEU C 377 -64.93 37.79 -31.14
C LEU C 377 -66.44 37.83 -30.98
N LEU C 378 -67.00 36.95 -30.13
CA LEU C 378 -68.43 36.96 -29.90
C LEU C 378 -68.89 38.27 -29.26
N ALA C 379 -68.13 38.77 -28.29
CA ALA C 379 -68.49 40.04 -27.66
C ALA C 379 -68.47 41.19 -28.65
N PHE C 380 -67.43 41.25 -29.49
CA PHE C 380 -67.33 42.34 -30.45
C PHE C 380 -68.45 42.27 -31.49
N ILE C 381 -68.75 41.06 -31.99
CA ILE C 381 -69.81 40.95 -32.99
C ILE C 381 -71.18 41.26 -32.37
N ARG C 382 -71.39 40.89 -31.10
CA ARG C 382 -72.63 41.27 -30.43
C ARG C 382 -72.72 42.79 -30.29
N PHE C 383 -71.61 43.44 -29.96
CA PHE C 383 -71.61 44.90 -29.89
C PHE C 383 -71.89 45.52 -31.25
N LEU C 384 -71.39 44.88 -32.32
CA LEU C 384 -71.66 45.38 -33.66
C LEU C 384 -73.14 45.27 -34.03
N SER C 385 -73.84 44.28 -33.47
CA SER C 385 -75.24 44.06 -33.80
C SER C 385 -76.09 45.26 -33.43
N ASP C 386 -76.65 45.92 -34.43
CA ASP C 386 -77.49 47.10 -34.21
C ASP C 386 -78.90 46.75 -33.74
N ASP C 387 -79.27 45.47 -33.77
CA ASP C 387 -80.53 45.01 -33.20
C ASP C 387 -80.25 43.90 -32.20
N GLN C 388 -81.26 43.63 -31.36
CA GLN C 388 -81.15 42.54 -30.41
C GLN C 388 -81.24 41.17 -31.06
N ASN C 389 -81.59 41.10 -32.34
CA ASN C 389 -81.78 39.84 -33.05
C ASN C 389 -80.88 39.67 -34.26
N ALA C 390 -80.59 40.76 -34.99
CA ALA C 390 -79.81 40.66 -36.22
C ALA C 390 -79.17 42.03 -36.49
N ILE C 391 -78.66 42.20 -37.70
CA ILE C 391 -78.11 43.47 -38.16
C ILE C 391 -78.82 43.85 -39.46
N TYR C 392 -79.29 45.08 -39.54
CA TYR C 392 -79.92 45.57 -40.75
C TYR C 392 -78.90 46.19 -41.69
N LEU C 393 -79.18 46.11 -42.99
CA LEU C 393 -78.33 46.66 -44.03
C LEU C 393 -79.21 47.51 -44.94
N ASN C 394 -79.29 48.81 -44.66
CA ASN C 394 -80.15 49.69 -45.43
C ASN C 394 -79.54 49.93 -46.80
N VAL C 395 -79.54 48.89 -47.64
CA VAL C 395 -78.89 48.99 -48.94
C VAL C 395 -79.63 49.96 -49.86
N GLY C 396 -80.96 49.90 -49.88
CA GLY C 396 -81.76 50.78 -50.71
C GLY C 396 -82.09 52.08 -50.00
N SER C 397 -82.99 52.85 -50.63
CA SER C 397 -83.55 54.01 -49.95
C SER C 397 -84.36 53.59 -48.73
N GLU C 398 -85.14 52.51 -48.87
CA GLU C 398 -85.88 51.93 -47.76
C GLU C 398 -85.65 50.43 -47.59
N GLU C 399 -85.11 49.74 -48.59
CA GLU C 399 -84.88 48.31 -48.48
C GLU C 399 -83.65 48.03 -47.62
N LYS C 400 -83.66 46.85 -47.00
CA LYS C 400 -82.57 46.45 -46.12
C LYS C 400 -82.44 44.93 -46.15
N ILE C 401 -81.24 44.46 -45.78
CA ILE C 401 -80.94 43.03 -45.72
C ILE C 401 -80.56 42.70 -44.29
N LEU C 402 -81.17 41.65 -43.73
CA LEU C 402 -80.93 41.27 -42.34
C LEU C 402 -79.94 40.13 -42.28
N ILE C 403 -78.91 40.29 -41.45
CA ILE C 403 -77.86 39.30 -41.28
C ILE C 403 -77.82 38.88 -39.81
N SER C 404 -77.80 37.57 -39.57
CA SER C 404 -77.84 37.06 -38.21
C SER C 404 -76.56 37.43 -37.45
N ASN C 405 -76.74 37.87 -36.20
CA ASN C 405 -75.60 38.18 -35.33
C ASN C 405 -75.10 36.97 -34.58
N LYS C 406 -75.80 35.84 -34.63
CA LYS C 406 -75.37 34.61 -33.99
C LYS C 406 -74.64 33.73 -34.98
N PRO C 407 -73.39 33.33 -34.70
CA PRO C 407 -72.62 32.54 -35.68
C PRO C 407 -73.18 31.15 -35.89
N LEU C 408 -72.55 30.38 -36.76
CA LEU C 408 -72.99 29.02 -37.05
C LEU C 408 -72.62 28.10 -35.89
N LYS C 409 -72.93 26.82 -36.03
CA LYS C 409 -72.66 25.82 -35.00
C LYS C 409 -72.13 24.57 -35.66
N PHE C 410 -71.45 23.76 -34.86
CA PHE C 410 -71.00 22.44 -35.30
C PHE C 410 -71.02 21.50 -34.11
N PHE C 411 -71.34 20.24 -34.36
CA PHE C 411 -71.29 19.22 -33.32
C PHE C 411 -70.43 18.05 -33.79
N GLY C 412 -69.51 17.63 -32.94
CA GLY C 412 -68.56 16.57 -33.28
C GLY C 412 -68.71 15.40 -32.33
N LYS C 413 -68.57 14.19 -32.86
CA LYS C 413 -68.80 12.97 -32.11
C LYS C 413 -67.51 12.39 -31.53
N MET C 414 -66.39 13.10 -31.62
CA MET C 414 -65.12 12.58 -31.14
C MET C 414 -64.40 13.66 -30.36
N SER C 415 -63.69 13.25 -29.31
CA SER C 415 -62.95 14.19 -28.46
C SER C 415 -61.82 13.44 -27.77
N TYR C 416 -61.10 14.16 -26.92
CA TYR C 416 -59.91 13.69 -26.22
C TYR C 416 -60.15 13.77 -24.72
N VAL C 417 -59.08 13.56 -23.95
CA VAL C 417 -59.14 13.74 -22.49
C VAL C 417 -59.06 15.24 -22.21
N THR C 418 -60.23 15.88 -22.06
CA THR C 418 -60.29 17.32 -21.90
C THR C 418 -59.54 17.85 -20.69
N PRO C 419 -59.71 17.30 -19.47
CA PRO C 419 -59.06 17.90 -18.30
C PRO C 419 -57.55 17.72 -18.30
N SER C 420 -56.87 18.31 -19.29
CA SER C 420 -55.41 18.27 -19.34
C SER C 420 -54.78 19.35 -18.47
N GLU C 421 -55.56 20.30 -17.96
CA GLU C 421 -55.09 21.36 -17.07
C GLU C 421 -54.04 22.22 -17.75
N VAL C 422 -52.87 21.66 -18.03
CA VAL C 422 -51.79 22.40 -18.67
C VAL C 422 -51.59 21.92 -20.10
N MET D 1 -1.78 -28.77 -11.04
CA MET D 1 -1.91 -27.80 -9.95
C MET D 1 -1.42 -26.42 -10.39
N ARG D 2 -0.14 -26.14 -10.13
CA ARG D 2 0.44 -24.85 -10.50
C ARG D 2 0.62 -24.76 -12.00
N ASN D 3 -0.37 -24.19 -12.70
CA ASN D 3 -0.36 -24.12 -14.16
C ASN D 3 -0.53 -22.71 -14.69
N LYS D 4 -1.35 -21.89 -14.05
CA LYS D 4 -1.64 -20.56 -14.57
C LYS D 4 -0.45 -19.62 -14.39
N ILE D 5 -0.45 -18.55 -15.18
CA ILE D 5 0.60 -17.54 -15.14
C ILE D 5 -0.05 -16.17 -14.93
N PHE D 6 0.36 -15.48 -13.87
CA PHE D 6 -0.17 -14.16 -13.58
C PHE D 6 0.59 -13.09 -14.37
N ILE D 7 -0.14 -12.05 -14.79
CA ILE D 7 0.43 -10.89 -15.46
C ILE D 7 -0.15 -9.64 -14.81
N SER D 8 0.73 -8.72 -14.41
CA SER D 8 0.32 -7.45 -13.82
C SER D 8 0.81 -6.30 -14.68
N HIS D 9 0.14 -5.15 -14.55
CA HIS D 9 0.43 -3.98 -15.37
C HIS D 9 -0.28 -2.77 -14.75
N ALA D 10 -0.09 -1.62 -15.39
CA ALA D 10 -0.78 -0.39 -15.03
C ALA D 10 -1.89 -0.14 -16.04
N THR D 11 -3.13 -0.09 -15.56
CA THR D 11 -4.28 -0.04 -16.47
C THR D 11 -4.38 1.24 -17.27
N PRO D 12 -4.31 2.45 -16.70
CA PRO D 12 -4.74 3.64 -17.46
C PRO D 12 -3.77 4.07 -18.55
N GLU D 13 -2.52 3.59 -18.54
CA GLU D 13 -1.56 3.98 -19.57
C GLU D 13 -1.43 2.92 -20.66
N ASP D 14 -1.09 1.68 -20.29
CA ASP D 14 -0.83 0.63 -21.26
C ASP D 14 -1.81 -0.52 -21.03
N ASP D 15 -2.58 -0.85 -22.07
CA ASP D 15 -3.43 -2.03 -22.06
C ASP D 15 -3.20 -2.85 -23.33
N ASP D 16 -2.82 -2.19 -24.42
CA ASP D 16 -2.64 -2.88 -25.69
C ASP D 16 -1.51 -3.90 -25.62
N PHE D 17 -0.40 -3.55 -24.98
CA PHE D 17 0.71 -4.49 -24.84
C PHE D 17 0.29 -5.73 -24.06
N THR D 18 -0.43 -5.52 -22.96
CA THR D 18 -0.91 -6.64 -22.14
C THR D 18 -1.90 -7.50 -22.93
N ARG D 19 -2.81 -6.87 -23.67
CA ARG D 19 -3.78 -7.62 -24.46
C ARG D 19 -3.08 -8.45 -25.53
N TRP D 20 -2.10 -7.86 -26.21
CA TRP D 20 -1.38 -8.60 -27.25
C TRP D 20 -0.62 -9.77 -26.64
N LEU D 21 0.03 -9.56 -25.49
CA LEU D 21 0.74 -10.65 -24.84
C LEU D 21 -0.21 -11.77 -24.43
N SER D 22 -1.36 -11.41 -23.86
CA SER D 22 -2.33 -12.43 -23.46
C SER D 22 -2.82 -13.22 -24.65
N LEU D 23 -3.14 -12.53 -25.75
CA LEU D 23 -3.61 -13.22 -26.95
C LEU D 23 -2.53 -14.14 -27.52
N LYS D 24 -1.29 -13.67 -27.57
CA LYS D 24 -0.20 -14.50 -28.10
C LYS D 24 0.02 -15.74 -27.23
N LEU D 25 0.05 -15.55 -25.91
CA LEU D 25 0.28 -16.68 -25.01
C LEU D 25 -0.85 -17.69 -25.08
N ILE D 26 -2.11 -17.22 -25.15
CA ILE D 26 -3.22 -18.16 -25.27
C ILE D 26 -3.21 -18.82 -26.65
N GLY D 27 -2.66 -18.14 -27.66
CA GLY D 27 -2.49 -18.77 -28.96
C GLY D 27 -1.48 -19.90 -28.92
N LEU D 28 -0.36 -19.70 -28.22
CA LEU D 28 0.61 -20.77 -28.04
C LEU D 28 0.06 -21.90 -27.18
N GLY D 29 -0.92 -21.61 -26.32
CA GLY D 29 -1.59 -22.62 -25.52
C GLY D 29 -1.47 -22.42 -24.02
N TYR D 30 -0.47 -21.67 -23.56
CA TYR D 30 -0.27 -21.48 -22.12
C TYR D 30 -1.44 -20.72 -21.51
N GLU D 31 -1.93 -21.23 -20.38
CA GLU D 31 -3.05 -20.59 -19.70
C GLU D 31 -2.61 -19.26 -19.10
N VAL D 32 -3.49 -18.26 -19.19
CA VAL D 32 -3.14 -16.89 -18.85
C VAL D 32 -4.23 -16.33 -17.93
N TRP D 33 -3.80 -15.63 -16.89
CA TRP D 33 -4.70 -14.86 -16.04
C TRP D 33 -4.14 -13.45 -15.89
N CYS D 34 -4.99 -12.45 -16.10
CA CYS D 34 -4.57 -11.06 -15.98
C CYS D 34 -5.76 -10.24 -15.53
N ASP D 35 -5.67 -8.92 -15.67
CA ASP D 35 -6.66 -8.00 -15.12
C ASP D 35 -7.93 -7.91 -15.96
N ILE D 36 -7.98 -8.53 -17.13
CA ILE D 36 -9.11 -8.40 -18.04
C ILE D 36 -9.78 -9.73 -18.31
N LEU D 37 -9.38 -10.79 -17.62
CA LEU D 37 -9.94 -12.13 -17.79
C LEU D 37 -10.45 -12.67 -16.45
N PHE D 38 -11.21 -11.84 -15.75
CA PHE D 38 -11.81 -12.20 -14.48
C PHE D 38 -13.30 -11.90 -14.54
N LEU D 39 -14.03 -12.36 -13.53
CA LEU D 39 -15.47 -12.16 -13.48
C LEU D 39 -15.79 -10.67 -13.45
N ASP D 40 -16.92 -10.30 -14.07
CA ASP D 40 -17.25 -8.88 -14.24
C ASP D 40 -17.28 -8.15 -12.89
N LYS D 41 -17.61 -8.86 -11.82
CA LYS D 41 -17.51 -8.32 -10.46
C LYS D 41 -16.70 -9.33 -9.64
N GLY D 42 -15.71 -8.83 -8.91
CA GLY D 42 -15.08 -9.66 -7.90
C GLY D 42 -15.86 -9.64 -6.60
N VAL D 43 -15.40 -10.46 -5.66
CA VAL D 43 -15.92 -10.34 -4.29
C VAL D 43 -15.54 -8.99 -3.71
N ASP D 44 -14.25 -8.64 -3.80
CA ASP D 44 -13.73 -7.34 -3.42
C ASP D 44 -12.91 -6.79 -4.58
N PHE D 45 -12.29 -5.63 -4.38
CA PHE D 45 -11.33 -5.13 -5.37
C PHE D 45 -10.15 -6.08 -5.51
N TRP D 46 -9.61 -6.56 -4.38
CA TRP D 46 -8.36 -7.31 -4.39
C TRP D 46 -8.52 -8.77 -3.99
N SER D 47 -9.26 -9.06 -2.92
CA SER D 47 -9.27 -10.39 -2.29
C SER D 47 -9.21 -11.54 -3.30
N THR D 48 -9.92 -11.39 -4.42
CA THR D 48 -9.92 -12.43 -5.44
C THR D 48 -8.52 -12.64 -6.05
N ILE D 49 -7.83 -11.55 -6.40
CA ILE D 49 -6.57 -11.71 -7.11
C ILE D 49 -5.51 -12.33 -6.20
N GLU D 50 -5.51 -11.96 -4.92
CA GLU D 50 -4.55 -12.53 -4.00
C GLU D 50 -4.95 -13.92 -3.50
N LYS D 51 -6.24 -14.26 -3.57
CA LYS D 51 -6.60 -15.67 -3.44
C LYS D 51 -6.05 -16.46 -4.63
N GLU D 52 -6.05 -15.84 -5.81
CA GLU D 52 -5.58 -16.54 -7.01
C GLU D 52 -4.06 -16.68 -7.02
N ILE D 53 -3.34 -15.70 -6.48
CA ILE D 53 -1.88 -15.75 -6.56
C ILE D 53 -1.33 -16.90 -5.73
N ARG D 54 -1.98 -17.25 -4.62
CA ARG D 54 -1.52 -18.34 -3.77
C ARG D 54 -1.95 -19.70 -4.29
N GLU D 55 -2.79 -19.76 -5.33
CA GLU D 55 -3.35 -21.01 -5.81
C GLU D 55 -3.13 -21.12 -7.32
N ASN D 56 -2.40 -22.16 -7.73
CA ASN D 56 -2.23 -22.52 -9.14
C ASN D 56 -1.58 -21.38 -9.93
N THR D 57 -0.36 -21.01 -9.53
CA THR D 57 0.44 -20.04 -10.25
C THR D 57 1.85 -20.60 -10.47
N CYS D 58 2.49 -20.13 -11.53
CA CYS D 58 3.84 -20.57 -11.85
C CYS D 58 4.84 -19.44 -12.02
N LYS D 59 4.44 -18.35 -12.67
CA LYS D 59 5.34 -17.22 -12.89
C LYS D 59 4.58 -15.92 -12.63
N PHE D 60 5.34 -14.87 -12.34
CA PHE D 60 4.79 -13.57 -11.97
C PHE D 60 5.51 -12.46 -12.74
N LEU D 61 5.59 -12.60 -14.06
CA LEU D 61 6.20 -11.55 -14.86
C LEU D 61 5.38 -10.27 -14.77
N ILE D 62 6.09 -9.14 -14.61
CA ILE D 62 5.46 -7.84 -14.46
C ILE D 62 5.97 -6.90 -15.53
N VAL D 63 5.31 -5.76 -15.67
CA VAL D 63 5.66 -4.75 -16.65
C VAL D 63 6.12 -3.50 -15.93
N SER D 64 7.32 -3.03 -16.27
CA SER D 64 7.91 -1.84 -15.68
C SER D 64 7.86 -0.71 -16.71
N SER D 65 7.33 0.44 -16.31
CA SER D 65 7.20 1.59 -17.18
C SER D 65 7.62 2.85 -16.43
N THR D 66 7.73 3.95 -17.17
CA THR D 66 8.05 5.23 -16.55
C THR D 66 6.90 5.80 -15.74
N ALA D 67 5.70 5.25 -15.86
CA ALA D 67 4.54 5.69 -15.09
C ALA D 67 4.05 4.66 -14.09
N GLY D 68 4.34 3.38 -14.30
CA GLY D 68 3.95 2.32 -13.40
C GLY D 68 4.95 2.02 -12.30
N ASN D 69 6.00 2.84 -12.17
CA ASN D 69 7.01 2.58 -11.16
C ASN D 69 6.47 2.82 -9.75
N LYS D 70 5.58 3.79 -9.59
CA LYS D 70 5.07 4.13 -8.27
C LYS D 70 3.54 3.99 -8.20
N ARG D 71 3.02 2.90 -8.73
CA ARG D 71 1.59 2.61 -8.65
C ARG D 71 1.33 1.66 -7.50
N GLU D 72 0.34 2.00 -6.66
CA GLU D 72 0.14 1.28 -5.41
C GLU D 72 -0.21 -0.19 -5.63
N GLY D 73 -1.12 -0.45 -6.58
CA GLY D 73 -1.57 -1.82 -6.78
C GLY D 73 -0.44 -2.76 -7.19
N VAL D 74 0.37 -2.33 -8.16
CA VAL D 74 1.44 -3.21 -8.63
C VAL D 74 2.50 -3.42 -7.55
N LEU D 75 2.83 -2.39 -6.78
CA LEU D 75 3.83 -2.57 -5.73
C LEU D 75 3.30 -3.49 -4.62
N LYS D 76 2.01 -3.38 -4.29
CA LYS D 76 1.42 -4.32 -3.34
C LYS D 76 1.49 -5.75 -3.87
N GLU D 77 1.18 -5.92 -5.15
CA GLU D 77 1.20 -7.26 -5.75
C GLU D 77 2.61 -7.84 -5.76
N LEU D 78 3.61 -7.02 -6.07
CA LEU D 78 5.00 -7.47 -5.99
C LEU D 78 5.41 -7.79 -4.56
N ALA D 79 4.94 -7.02 -3.58
CA ALA D 79 5.27 -7.37 -2.19
C ALA D 79 4.72 -8.74 -1.83
N VAL D 80 3.46 -8.99 -2.20
CA VAL D 80 2.85 -10.29 -1.95
C VAL D 80 3.63 -11.38 -2.68
N ALA D 81 4.04 -11.12 -3.91
CA ALA D 81 4.79 -12.10 -4.68
C ALA D 81 6.15 -12.39 -4.05
N THR D 82 6.83 -11.36 -3.54
CA THR D 82 8.12 -11.58 -2.89
C THR D 82 7.95 -12.44 -1.64
N LYS D 83 6.91 -12.18 -0.85
CA LYS D 83 6.70 -12.99 0.34
C LYS D 83 6.34 -14.44 -0.02
N VAL D 84 5.51 -14.64 -1.04
CA VAL D 84 5.18 -16.01 -1.42
C VAL D 84 6.38 -16.70 -2.04
N LYS D 85 7.26 -15.96 -2.72
CA LYS D 85 8.51 -16.52 -3.22
C LYS D 85 9.40 -16.98 -2.07
N LYS D 86 9.50 -16.15 -1.03
CA LYS D 86 10.26 -16.54 0.15
C LYS D 86 9.67 -17.79 0.79
N HIS D 87 8.33 -17.90 0.79
CA HIS D 87 7.70 -19.11 1.31
C HIS D 87 8.03 -20.33 0.46
N LEU D 88 8.04 -20.16 -0.87
CA LEU D 88 8.19 -21.28 -1.78
C LEU D 88 9.64 -21.57 -2.16
N GLN D 89 10.59 -20.79 -1.61
CA GLN D 89 12.03 -21.03 -1.76
C GLN D 89 12.45 -21.25 -3.21
N ASP D 90 11.82 -20.51 -4.12
CA ASP D 90 12.15 -20.56 -5.54
C ASP D 90 12.45 -19.16 -6.04
N ASP D 91 13.55 -19.01 -6.78
CA ASP D 91 13.98 -17.71 -7.27
C ASP D 91 13.65 -17.48 -8.73
N MET D 92 13.11 -18.47 -9.43
CA MET D 92 12.67 -18.29 -10.81
C MET D 92 11.20 -17.87 -10.89
N PHE D 93 10.85 -16.86 -10.11
CA PHE D 93 9.46 -16.45 -9.93
C PHE D 93 9.14 -15.09 -10.53
N ILE D 94 9.99 -14.09 -10.32
CA ILE D 94 9.74 -12.73 -10.79
C ILE D 94 10.56 -12.50 -12.04
N ILE D 95 9.89 -12.20 -13.14
CA ILE D 95 10.53 -11.99 -14.43
C ILE D 95 10.09 -10.63 -14.97
N PRO D 96 10.72 -9.54 -14.54
CA PRO D 96 10.26 -8.21 -14.94
C PRO D 96 10.43 -7.94 -16.42
N LEU D 97 9.59 -7.05 -16.93
CA LEU D 97 9.64 -6.60 -18.32
C LEU D 97 9.80 -5.09 -18.35
N ALA D 98 10.65 -4.60 -19.24
CA ALA D 98 10.90 -3.18 -19.41
C ALA D 98 10.43 -2.75 -20.78
N ILE D 99 9.59 -1.71 -20.82
CA ILE D 99 8.98 -1.22 -22.06
C ILE D 99 9.62 0.08 -22.51
N ASP D 100 9.57 1.12 -21.68
CA ASP D 100 10.06 2.43 -22.06
C ASP D 100 11.55 2.54 -21.76
N GLU D 101 12.30 3.00 -22.75
CA GLU D 101 13.72 3.27 -22.58
C GLU D 101 14.01 4.69 -22.14
N ASN D 102 12.98 5.54 -22.01
CA ASN D 102 13.19 6.90 -21.55
C ASN D 102 13.75 6.91 -20.13
N LEU D 103 13.23 6.05 -19.27
CA LEU D 103 13.81 5.90 -17.94
C LEU D 103 15.18 5.24 -18.04
N SER D 104 16.12 5.74 -17.24
CA SER D 104 17.44 5.13 -17.20
C SER D 104 17.38 3.77 -16.53
N TYR D 105 18.33 2.91 -16.89
CA TYR D 105 18.40 1.58 -16.29
C TYR D 105 18.81 1.61 -14.83
N ASP D 106 19.04 2.79 -14.26
CA ASP D 106 19.44 2.90 -12.86
C ASP D 106 18.26 2.74 -11.92
N ASP D 107 17.26 3.61 -12.03
CA ASP D 107 16.12 3.59 -11.12
C ASP D 107 14.98 2.76 -11.73
N ILE D 108 15.20 1.45 -11.73
CA ILE D 108 14.18 0.53 -12.21
C ILE D 108 13.17 0.21 -11.12
N ASN D 109 13.64 -0.32 -9.98
CA ASN D 109 12.80 -0.63 -8.82
C ASN D 109 13.70 -1.07 -7.67
N ILE D 110 13.23 -0.88 -6.43
CA ILE D 110 14.07 -1.16 -5.28
C ILE D 110 14.29 -2.66 -5.11
N GLU D 111 13.23 -3.45 -5.29
CA GLU D 111 13.26 -4.88 -5.02
C GLU D 111 13.22 -5.73 -6.29
N ILE D 112 13.87 -5.26 -7.35
CA ILE D 112 13.98 -6.01 -8.59
C ILE D 112 15.40 -6.04 -9.15
N VAL D 113 16.35 -5.35 -8.51
CA VAL D 113 17.67 -5.14 -9.10
C VAL D 113 18.41 -6.46 -9.30
N ARG D 114 18.21 -7.42 -8.38
CA ARG D 114 18.91 -8.70 -8.49
C ARG D 114 18.43 -9.49 -9.70
N LEU D 115 17.26 -9.18 -10.24
CA LEU D 115 16.72 -9.91 -11.37
C LEU D 115 16.85 -9.11 -12.64
N ASN D 116 17.32 -9.77 -13.71
CA ASN D 116 17.44 -9.16 -15.03
C ASN D 116 17.03 -10.16 -16.09
N ALA D 117 15.95 -9.87 -16.80
CA ALA D 117 15.42 -10.79 -17.80
C ALA D 117 15.46 -10.23 -19.22
N ILE D 118 14.84 -9.08 -19.47
CA ILE D 118 14.63 -8.64 -20.85
C ILE D 118 14.20 -7.18 -20.91
N ASP D 119 14.58 -6.49 -21.98
CA ASP D 119 14.07 -5.17 -22.32
C ASP D 119 13.26 -5.24 -23.60
N PHE D 120 12.60 -4.13 -23.95
CA PHE D 120 11.73 -4.13 -25.12
C PHE D 120 11.89 -2.86 -25.95
N LYS D 121 13.08 -2.25 -25.92
CA LYS D 121 13.32 -1.11 -26.80
C LYS D 121 13.55 -1.57 -28.24
N LYS D 122 14.14 -2.75 -28.42
CA LYS D 122 14.53 -3.21 -29.75
C LYS D 122 13.31 -3.48 -30.63
N SER D 123 12.45 -4.40 -30.22
CA SER D 123 11.28 -4.83 -30.98
C SER D 123 10.37 -5.59 -30.03
N TRP D 124 9.32 -6.20 -30.59
CA TRP D 124 8.32 -6.88 -29.79
C TRP D 124 8.20 -8.37 -30.09
N ALA D 125 8.98 -8.90 -31.03
CA ALA D 125 8.91 -10.31 -31.37
C ALA D 125 10.13 -11.10 -30.90
N LYS D 126 11.34 -10.55 -31.08
CA LYS D 126 12.52 -11.16 -30.48
C LYS D 126 12.38 -11.23 -28.97
N GLY D 127 11.71 -10.26 -28.36
CA GLY D 127 11.42 -10.34 -26.95
C GLY D 127 10.50 -11.50 -26.61
N LEU D 128 9.50 -11.74 -27.46
CA LEU D 128 8.64 -12.90 -27.26
C LEU D 128 9.44 -14.19 -27.36
N GLN D 129 10.36 -14.26 -28.32
CA GLN D 129 11.23 -15.43 -28.43
C GLN D 129 12.08 -15.63 -27.17
N ASP D 130 12.65 -14.53 -26.66
CA ASP D 130 13.48 -14.63 -25.45
C ASP D 130 12.66 -15.10 -24.26
N LEU D 131 11.45 -14.55 -24.09
CA LEU D 131 10.60 -14.96 -22.98
C LEU D 131 10.17 -16.41 -23.12
N LEU D 132 9.88 -16.85 -24.35
CA LEU D 132 9.54 -18.25 -24.57
C LEU D 132 10.71 -19.17 -24.22
N ASP D 133 11.93 -18.78 -24.60
CA ASP D 133 13.10 -19.57 -24.27
C ASP D 133 13.32 -19.63 -22.76
N ALA D 134 13.12 -18.50 -22.07
CA ALA D 134 13.26 -18.49 -20.61
C ALA D 134 12.22 -19.38 -19.94
N PHE D 135 10.97 -19.31 -20.41
CA PHE D 135 9.93 -20.15 -19.84
C PHE D 135 10.22 -21.63 -20.10
N GLU D 136 10.75 -21.95 -21.29
CA GLU D 136 11.09 -23.33 -21.60
C GLU D 136 12.23 -23.83 -20.71
N LYS D 137 13.29 -23.03 -20.53
CA LYS D 137 14.41 -23.49 -19.72
C LYS D 137 14.04 -23.59 -18.25
N GLN D 138 13.14 -22.72 -17.78
CA GLN D 138 12.62 -22.87 -16.41
C GLN D 138 11.46 -23.85 -16.32
N ASN D 139 11.05 -24.44 -17.45
CA ASN D 139 10.03 -25.49 -17.50
C ASN D 139 8.71 -25.02 -16.91
N VAL D 140 8.12 -24.02 -17.58
CA VAL D 140 6.72 -23.68 -17.30
C VAL D 140 5.85 -24.86 -17.69
N PRO D 141 4.80 -25.20 -16.93
CA PRO D 141 3.99 -26.37 -17.27
C PRO D 141 3.47 -26.33 -18.69
N LYS D 142 3.54 -27.47 -19.36
CA LYS D 142 3.20 -27.59 -20.77
C LYS D 142 1.69 -27.57 -20.97
N LYS D 143 1.27 -27.18 -22.17
CA LYS D 143 -0.12 -27.17 -22.55
C LYS D 143 -0.28 -27.85 -23.90
N PRO D 144 -1.35 -28.63 -24.08
CA PRO D 144 -1.54 -29.32 -25.36
C PRO D 144 -1.75 -28.32 -26.48
N PRO D 145 -1.27 -28.63 -27.68
CA PRO D 145 -1.44 -27.74 -28.82
C PRO D 145 -2.67 -28.02 -29.68
N ASP D 146 -3.51 -28.98 -29.29
CA ASP D 146 -4.73 -29.33 -30.00
C ASP D 146 -4.48 -29.81 -31.43
N HIS D 147 -3.25 -30.24 -31.71
CA HIS D 147 -2.86 -30.84 -33.00
C HIS D 147 -3.01 -29.87 -34.17
N SER D 148 -3.36 -28.62 -33.89
CA SER D 148 -3.44 -27.59 -34.92
C SER D 148 -2.35 -26.54 -34.79
N LYS D 149 -1.65 -26.49 -33.65
CA LYS D 149 -0.55 -25.56 -33.45
C LYS D 149 0.73 -26.09 -34.07
N SER D 150 1.86 -25.47 -33.72
CA SER D 150 3.19 -25.79 -34.22
C SER D 150 3.36 -25.30 -35.65
N ASN D 151 2.27 -24.80 -36.25
CA ASN D 151 2.39 -23.99 -37.45
C ASN D 151 2.87 -22.58 -37.12
N LEU D 152 2.37 -22.03 -36.01
CA LEU D 152 2.85 -20.75 -35.50
C LEU D 152 4.26 -20.83 -34.94
N LEU D 153 4.77 -22.03 -34.69
CA LEU D 153 6.10 -22.29 -34.13
C LEU D 153 7.24 -21.84 -35.07
N TYR D 154 6.90 -21.30 -36.24
CA TYR D 154 7.90 -20.82 -37.19
C TYR D 154 7.94 -19.30 -37.29
N GLN D 155 6.80 -18.64 -37.42
CA GLN D 155 6.75 -17.19 -37.57
C GLN D 155 6.54 -16.46 -36.25
N GLN D 156 6.43 -17.17 -35.13
CA GLN D 156 6.30 -16.50 -33.83
C GLN D 156 7.55 -15.73 -33.48
N ILE D 157 8.69 -16.10 -34.06
CA ILE D 157 9.94 -15.36 -33.92
C ILE D 157 9.94 -14.26 -34.99
N PHE D 158 10.64 -13.16 -34.70
CA PHE D 158 10.64 -12.00 -35.60
C PHE D 158 11.09 -12.40 -37.00
N LEU D 159 12.18 -13.14 -37.10
CA LEU D 159 12.67 -13.70 -38.35
C LEU D 159 12.90 -15.18 -38.17
N HIS D 160 12.68 -15.96 -39.23
CA HIS D 160 12.83 -17.40 -39.12
C HIS D 160 14.29 -17.79 -38.95
N ASP D 161 15.13 -17.51 -39.97
CA ASP D 161 16.55 -17.78 -39.85
C ASP D 161 17.41 -16.73 -40.56
N LYS D 162 16.85 -15.57 -40.91
CA LYS D 162 17.59 -14.57 -41.66
C LYS D 162 18.67 -13.94 -40.77
N GLN D 163 19.91 -13.97 -41.25
CA GLN D 163 21.02 -13.44 -40.47
C GLN D 163 22.07 -12.88 -41.44
N ALA D 164 23.26 -12.63 -40.92
CA ALA D 164 24.35 -12.09 -41.72
C ALA D 164 25.65 -12.76 -41.26
N ILE D 165 26.03 -13.82 -41.97
CA ILE D 165 27.28 -14.53 -41.70
C ILE D 165 28.38 -13.95 -42.58
N GLU D 166 29.61 -14.00 -42.07
CA GLU D 166 30.76 -13.40 -42.74
C GLU D 166 31.61 -14.40 -43.50
N LYS D 167 31.13 -15.63 -43.67
CA LYS D 167 31.90 -16.63 -44.39
C LYS D 167 32.02 -16.25 -45.87
N GLU D 168 33.21 -16.46 -46.42
CA GLU D 168 33.53 -16.06 -47.79
C GLU D 168 33.22 -17.19 -48.77
N GLU D 169 32.80 -16.82 -49.98
CA GLU D 169 32.58 -17.80 -51.03
C GLU D 169 32.95 -17.19 -52.37
N THR D 170 33.00 -18.03 -53.39
CA THR D 170 33.43 -17.63 -54.73
C THR D 170 32.34 -17.96 -55.75
N TYR D 171 32.39 -17.23 -56.86
CA TYR D 171 31.42 -17.34 -57.94
C TYR D 171 32.16 -17.38 -59.27
N ASP D 172 31.65 -18.18 -60.20
CA ASP D 172 32.22 -18.31 -61.54
C ASP D 172 31.45 -17.42 -62.51
N SER D 173 32.16 -16.52 -63.18
CA SER D 173 31.54 -15.58 -64.10
C SER D 173 31.28 -16.25 -65.44
N ASN D 174 30.86 -15.45 -66.43
CA ASN D 174 30.56 -15.95 -67.76
C ASN D 174 31.45 -15.37 -68.85
N TRP D 175 32.16 -14.28 -68.58
CA TRP D 175 33.01 -13.66 -69.57
C TRP D 175 34.31 -14.45 -69.75
N PHE D 176 35.00 -14.17 -70.85
CA PHE D 176 36.28 -14.78 -71.15
C PHE D 176 37.26 -13.69 -71.54
N PRO D 177 38.47 -13.68 -70.97
CA PRO D 177 39.39 -12.57 -71.18
C PRO D 177 40.35 -12.79 -72.35
N ILE D 178 41.01 -11.71 -72.75
CA ILE D 178 42.04 -11.73 -73.78
C ILE D 178 43.29 -11.08 -73.20
N ILE D 179 44.44 -11.71 -73.39
CA ILE D 179 45.69 -11.26 -72.80
C ILE D 179 46.53 -10.46 -73.79
N SER D 180 46.77 -11.01 -74.98
CA SER D 180 47.64 -10.39 -75.97
C SER D 180 46.81 -9.82 -77.10
N PHE D 181 47.22 -8.64 -77.59
CA PHE D 181 46.57 -7.96 -78.69
C PHE D 181 47.59 -7.54 -79.73
N PRO D 182 47.22 -7.54 -81.00
CA PRO D 182 48.17 -7.11 -82.05
C PRO D 182 48.56 -5.65 -81.87
N ASN D 183 49.82 -5.36 -82.21
CA ASN D 183 50.36 -4.03 -81.96
C ASN D 183 49.74 -2.97 -82.86
N GLU D 184 49.60 -3.26 -84.15
CA GLU D 184 49.16 -2.26 -85.12
C GLU D 184 48.16 -2.86 -86.09
N LEU D 185 47.45 -1.98 -86.79
CA LEU D 185 46.56 -2.35 -87.88
C LEU D 185 46.87 -1.48 -89.10
N ARG D 186 46.66 -2.06 -90.29
CA ARG D 186 47.20 -1.52 -91.52
C ARG D 186 46.13 -0.79 -92.32
N PHE D 187 46.58 0.08 -93.23
CA PHE D 187 45.72 1.05 -93.89
C PHE D 187 46.21 1.26 -95.32
N HIS D 188 45.28 1.41 -96.27
CA HIS D 188 45.63 1.43 -97.68
C HIS D 188 44.53 2.13 -98.46
N ARG D 189 44.82 2.40 -99.74
CA ARG D 189 43.82 2.91 -100.67
C ARG D 189 44.33 2.72 -102.08
N TYR D 190 43.59 1.98 -102.90
CA TYR D 190 43.96 1.79 -104.30
C TYR D 190 42.74 1.95 -105.21
N ASP D 191 41.56 1.65 -104.68
CA ASP D 191 40.26 1.96 -105.27
C ASP D 191 39.87 1.07 -106.45
N TRP D 192 40.74 0.17 -106.89
CA TRP D 192 40.30 -0.87 -107.83
C TRP D 192 41.06 -2.17 -107.61
N ARG D 193 41.30 -2.51 -106.34
CA ARG D 193 41.82 -3.84 -106.02
C ARG D 193 40.79 -4.92 -106.31
N LEU D 194 39.51 -4.62 -106.13
CA LEU D 194 38.40 -5.52 -106.36
C LEU D 194 37.29 -4.75 -107.06
N PRO D 195 36.36 -5.44 -107.72
CA PRO D 195 35.21 -4.74 -108.30
C PRO D 195 34.42 -4.01 -107.22
N LYS D 196 33.88 -2.84 -107.59
CA LYS D 196 33.19 -2.00 -106.63
C LYS D 196 31.96 -2.70 -106.06
N GLN D 197 31.12 -3.25 -106.94
CA GLN D 197 29.93 -3.96 -106.48
C GLN D 197 30.27 -5.25 -105.75
N PHE D 198 31.47 -5.79 -105.94
CA PHE D 198 31.88 -7.00 -105.25
C PHE D 198 31.93 -6.77 -103.76
N ASP D 199 31.36 -7.69 -102.99
CA ASP D 199 31.29 -7.55 -101.54
C ASP D 199 32.62 -7.94 -100.90
N VAL D 200 32.79 -7.52 -99.65
CA VAL D 200 33.93 -7.92 -98.83
C VAL D 200 33.52 -8.84 -97.70
N ARG D 201 32.22 -9.12 -97.53
CA ARG D 201 31.77 -10.07 -96.54
C ARG D 201 32.18 -11.49 -96.86
N THR D 202 32.45 -11.79 -98.14
CA THR D 202 32.92 -13.10 -98.56
C THR D 202 34.43 -13.24 -98.45
N LEU D 203 35.14 -12.17 -98.12
CA LEU D 203 36.58 -12.23 -97.94
C LEU D 203 36.94 -13.08 -96.72
N ALA D 204 37.98 -13.90 -96.87
CA ALA D 204 38.39 -14.79 -95.79
C ALA D 204 38.93 -14.00 -94.59
N PHE D 205 39.68 -12.92 -94.84
CA PHE D 205 40.29 -12.16 -93.76
C PHE D 205 39.49 -10.90 -93.47
N PRO D 206 39.51 -10.43 -92.22
CA PRO D 206 38.75 -9.22 -91.88
C PRO D 206 39.40 -7.97 -92.45
N ALA D 207 38.61 -7.20 -93.20
CA ALA D 207 39.03 -5.91 -93.71
C ALA D 207 37.79 -5.01 -93.77
N ILE D 208 38.02 -3.71 -93.64
CA ILE D 208 36.94 -2.74 -93.52
C ILE D 208 37.18 -1.61 -94.50
N ARG D 209 36.10 -0.96 -94.90
CA ARG D 209 36.12 0.07 -95.94
C ARG D 209 35.58 1.36 -95.34
N TYR D 210 36.49 2.25 -94.96
CA TYR D 210 36.15 3.53 -94.34
C TYR D 210 36.44 4.64 -95.36
N LYS D 211 35.38 5.34 -95.79
CA LYS D 211 35.43 6.17 -96.99
C LYS D 211 35.92 5.32 -98.15
N GLU D 212 36.51 5.95 -99.18
CA GLU D 212 37.21 5.18 -100.19
C GLU D 212 38.40 4.44 -99.59
N TYR D 213 38.83 4.83 -98.41
CA TYR D 213 40.00 4.26 -97.74
C TYR D 213 39.67 2.85 -97.28
N LEU D 214 40.69 1.98 -97.22
CA LEU D 214 40.49 0.61 -96.82
C LEU D 214 41.45 0.28 -95.68
N CYS D 215 40.89 -0.02 -94.51
CA CYS D 215 41.68 -0.52 -93.39
C CYS D 215 41.64 -2.03 -93.38
N THR D 216 42.66 -2.64 -92.81
CA THR D 216 42.77 -4.09 -92.81
C THR D 216 43.73 -4.53 -91.72
N PHE D 217 43.88 -5.85 -91.60
CA PHE D 217 44.74 -6.48 -90.62
C PHE D 217 45.80 -7.40 -91.23
N ALA D 218 45.49 -8.06 -92.34
CA ALA D 218 46.38 -9.06 -92.92
C ALA D 218 47.15 -8.46 -94.10
N TRP D 219 47.90 -9.33 -94.77
CA TRP D 219 48.72 -8.90 -95.90
C TRP D 219 47.86 -8.56 -97.11
N GLU D 220 48.38 -7.65 -97.94
CA GLU D 220 47.74 -7.36 -99.22
C GLU D 220 47.92 -8.50 -100.22
N TYR D 221 48.87 -9.39 -99.97
CA TYR D 221 49.16 -10.51 -100.86
C TYR D 221 48.39 -11.78 -100.49
N ASP D 222 47.47 -11.69 -99.53
CA ASP D 222 46.69 -12.84 -99.11
C ASP D 222 45.37 -12.98 -99.85
N PHE D 223 45.11 -12.11 -100.83
CA PHE D 223 43.90 -12.17 -101.65
C PHE D 223 44.26 -12.30 -103.12
N ILE D 224 45.42 -12.87 -103.44
CA ILE D 224 45.87 -12.96 -104.82
C ILE D 224 44.98 -13.91 -105.61
N HIS D 225 44.72 -15.10 -105.06
CA HIS D 225 43.88 -16.09 -105.73
C HIS D 225 42.40 -15.75 -105.67
N GLN D 226 42.01 -14.78 -104.85
CA GLN D 226 40.61 -14.38 -104.70
C GLN D 226 40.31 -13.03 -105.32
N LEU D 227 41.25 -12.10 -105.26
CA LEU D 227 41.12 -10.80 -105.91
C LEU D 227 42.22 -10.65 -106.94
N PRO D 228 41.90 -10.64 -108.23
CA PRO D 228 42.96 -10.64 -109.26
C PRO D 228 43.73 -9.34 -109.30
N LYS D 229 44.90 -9.41 -109.93
CA LYS D 229 45.80 -8.28 -110.20
C LYS D 229 46.17 -7.50 -108.95
N THR D 230 45.97 -8.09 -107.76
CA THR D 230 46.32 -7.43 -106.51
C THR D 230 47.78 -7.63 -106.13
N GLU D 231 48.55 -8.37 -106.93
CA GLU D 231 49.95 -8.62 -106.63
C GLU D 231 50.84 -7.42 -106.94
N THR D 232 50.50 -6.64 -107.96
CA THR D 232 51.34 -5.54 -108.41
C THR D 232 51.35 -4.35 -107.44
N TYR D 233 50.48 -4.35 -106.43
CA TYR D 233 50.28 -3.16 -105.62
C TYR D 233 51.44 -2.96 -104.65
N ASN D 234 51.65 -1.70 -104.26
CA ASN D 234 52.72 -1.32 -103.36
C ASN D 234 52.21 -1.28 -101.92
N GLY D 235 53.12 -1.57 -100.98
CA GLY D 235 52.77 -1.58 -99.58
C GLY D 235 53.33 -0.42 -98.79
N GLN D 236 54.11 0.44 -99.43
CA GLN D 236 54.72 1.57 -98.74
C GLN D 236 53.66 2.56 -98.27
N GLU D 237 52.63 2.82 -99.09
CA GLU D 237 51.60 3.78 -98.73
C GLU D 237 50.70 3.28 -97.60
N SER D 238 50.81 2.00 -97.23
CA SER D 238 49.99 1.45 -96.16
C SER D 238 50.40 2.03 -94.81
N ILE D 239 49.52 2.82 -94.21
CA ILE D 239 49.79 3.39 -92.90
C ILE D 239 49.56 2.33 -91.82
N ARG D 240 50.27 2.48 -90.70
CA ARG D 240 50.08 1.60 -89.56
C ARG D 240 49.65 2.44 -88.37
N ILE D 241 48.58 2.03 -87.70
CA ILE D 241 48.11 2.69 -86.49
C ILE D 241 48.22 1.72 -85.32
N SER D 242 48.79 2.20 -84.23
CA SER D 242 48.98 1.37 -83.04
C SER D 242 47.64 1.03 -82.39
N THR D 243 47.63 -0.09 -81.69
CA THR D 243 46.44 -0.54 -80.96
C THR D 243 46.50 -0.24 -79.47
N SER D 244 47.69 -0.25 -78.88
CA SER D 244 47.80 0.01 -77.44
C SER D 244 47.34 1.43 -77.10
N ASP D 245 47.76 2.41 -77.89
CA ASP D 245 47.37 3.79 -77.61
C ASP D 245 45.86 3.99 -77.76
N ILE D 246 45.28 3.43 -78.83
CA ILE D 246 43.85 3.64 -79.06
C ILE D 246 43.02 2.87 -78.04
N LEU D 247 43.49 1.68 -77.62
CA LEU D 247 42.81 0.97 -76.55
C LEU D 247 42.89 1.74 -75.25
N SER D 248 44.03 2.39 -74.98
CA SER D 248 44.12 3.29 -73.84
C SER D 248 43.27 4.54 -74.02
N GLY D 249 42.89 4.86 -75.26
CA GLY D 249 42.03 5.98 -75.55
C GLY D 249 42.72 7.31 -75.75
N ARG D 250 44.02 7.41 -75.46
CA ARG D 250 44.71 8.67 -75.63
C ARG D 250 44.84 9.05 -77.10
N TYR D 251 45.16 8.08 -77.95
CA TYR D 251 45.37 8.37 -79.37
C TYR D 251 44.07 8.81 -80.03
N ASP D 252 44.16 9.90 -80.81
CA ASP D 252 43.02 10.40 -81.56
C ASP D 252 43.49 11.41 -82.61
N THR D 253 43.05 11.23 -83.85
CA THR D 253 43.41 12.11 -84.95
C THR D 253 42.18 12.87 -85.43
N ASP D 254 42.40 13.77 -86.39
CA ASP D 254 41.30 14.59 -86.91
C ASP D 254 40.38 13.79 -87.82
N PHE D 255 40.96 12.96 -88.71
CA PHE D 255 40.14 12.27 -89.70
C PHE D 255 39.36 11.11 -89.11
N ILE D 256 39.90 10.46 -88.08
CA ILE D 256 39.24 9.33 -87.43
C ILE D 256 39.26 9.54 -85.93
N ARG D 257 38.14 9.25 -85.28
CA ARG D 257 38.03 9.35 -83.83
C ARG D 257 38.39 8.01 -83.20
N ASN D 258 38.09 7.85 -81.91
CA ASN D 258 38.44 6.64 -81.19
C ASN D 258 37.29 5.64 -81.07
N TYR D 259 36.05 6.10 -80.97
CA TYR D 259 34.94 5.18 -80.75
C TYR D 259 34.63 4.35 -81.99
N GLU D 260 34.55 4.99 -83.16
CA GLU D 260 34.17 4.27 -84.36
C GLU D 260 35.24 3.28 -84.78
N CYS D 261 36.51 3.60 -84.58
CA CYS D 261 37.57 2.66 -84.95
C CYS D 261 37.48 1.39 -84.12
N GLN D 262 37.26 1.51 -82.82
CA GLN D 262 37.13 0.30 -82.01
C GLN D 262 35.82 -0.44 -82.30
N ARG D 263 34.77 0.28 -82.71
CA ARG D 263 33.58 -0.40 -83.21
C ARG D 263 33.92 -1.25 -84.44
N LEU D 264 34.71 -0.68 -85.36
CA LEU D 264 35.11 -1.44 -86.55
C LEU D 264 35.94 -2.65 -86.16
N ILE D 265 36.88 -2.50 -85.22
CA ILE D 265 37.71 -3.63 -84.85
C ILE D 265 36.88 -4.71 -84.15
N VAL D 266 35.90 -4.32 -83.33
CA VAL D 266 35.09 -5.32 -82.65
C VAL D 266 34.20 -6.05 -83.65
N GLN D 267 33.69 -5.35 -84.67
CA GLN D 267 32.88 -6.04 -85.65
C GLN D 267 33.73 -7.00 -86.49
N LEU D 268 34.96 -6.61 -86.82
CA LEU D 268 35.79 -7.50 -87.62
C LEU D 268 36.26 -8.71 -86.81
N ILE D 269 36.55 -8.52 -85.52
CA ILE D 269 36.92 -9.68 -84.72
C ILE D 269 35.71 -10.59 -84.50
N ASN D 270 34.51 -10.01 -84.42
CA ASN D 270 33.31 -10.85 -84.35
C ASN D 270 33.15 -11.68 -85.63
N LYS D 271 33.37 -11.07 -86.80
CA LYS D 271 33.26 -11.83 -88.04
C LYS D 271 34.32 -12.93 -88.09
N ALA D 272 35.53 -12.61 -87.66
CA ALA D 272 36.60 -13.61 -87.62
C ALA D 272 36.24 -14.75 -86.67
N PHE D 273 35.66 -14.43 -85.52
CA PHE D 273 35.25 -15.44 -84.57
C PHE D 273 34.20 -16.36 -85.18
N GLU D 274 33.23 -15.78 -85.89
CA GLU D 274 32.21 -16.58 -86.56
C GLU D 274 32.83 -17.50 -87.61
N LEU D 275 33.70 -16.95 -88.47
CA LEU D 275 34.29 -17.78 -89.52
C LEU D 275 35.16 -18.88 -88.95
N ARG D 276 35.87 -18.61 -87.84
CA ARG D 276 36.65 -19.65 -87.20
C ARG D 276 35.75 -20.73 -86.62
N MET D 277 34.61 -20.34 -86.04
CA MET D 277 33.65 -21.34 -85.58
C MET D 277 33.07 -22.16 -86.73
N LYS D 278 33.02 -21.58 -87.93
CA LYS D 278 32.41 -22.30 -89.06
C LYS D 278 33.17 -23.58 -89.38
N ASP D 279 34.49 -23.53 -89.40
CA ASP D 279 35.31 -24.67 -89.80
C ASP D 279 35.73 -25.47 -88.58
N LYS D 280 34.73 -26.08 -87.94
CA LYS D 280 35.00 -26.89 -86.74
C LYS D 280 34.22 -28.21 -86.73
N ASN D 281 33.78 -28.69 -87.89
CA ASN D 281 33.09 -29.98 -88.01
C ASN D 281 31.87 -30.06 -87.11
N VAL D 282 31.10 -28.97 -87.06
CA VAL D 282 29.88 -28.90 -86.26
C VAL D 282 28.78 -28.27 -87.11
N ARG D 283 27.54 -28.54 -86.71
CA ARG D 283 26.38 -27.96 -87.37
C ARG D 283 26.03 -26.60 -86.76
N GLU D 284 25.17 -25.87 -87.47
CA GLU D 284 24.82 -24.51 -87.06
C GLU D 284 23.33 -24.28 -87.25
N TYR D 285 22.85 -23.23 -86.59
CA TYR D 285 21.44 -22.83 -86.66
C TYR D 285 21.37 -21.31 -86.54
N GLN D 286 20.30 -20.74 -87.09
CA GLN D 286 20.11 -19.30 -87.09
C GLN D 286 18.77 -18.93 -86.48
N MET D 287 18.78 -17.98 -85.56
CA MET D 287 17.61 -17.33 -85.00
C MET D 287 17.67 -15.84 -85.34
N SER D 288 16.80 -15.06 -84.70
CA SER D 288 16.75 -13.62 -84.97
C SER D 288 18.11 -12.97 -84.77
N LYS D 289 18.93 -13.49 -83.88
CA LYS D 289 20.27 -12.99 -83.65
C LYS D 289 21.29 -13.89 -84.36
N THR D 290 22.57 -13.66 -84.08
CA THR D 290 23.65 -14.37 -84.76
C THR D 290 23.55 -15.88 -84.53
N PHE D 291 24.26 -16.63 -85.38
CA PHE D 291 24.13 -18.08 -85.41
C PHE D 291 24.58 -18.72 -84.09
N ALA D 292 24.17 -19.97 -83.92
CA ALA D 292 24.63 -20.82 -82.82
C ALA D 292 25.12 -22.13 -83.40
N TYR D 293 26.04 -22.78 -82.69
CA TYR D 293 26.69 -23.98 -83.17
C TYR D 293 26.42 -25.15 -82.22
N TRP D 294 26.36 -26.35 -82.79
CA TRP D 294 25.90 -27.52 -82.07
C TRP D 294 26.42 -28.78 -82.77
N ILE D 295 26.28 -29.90 -82.07
CA ILE D 295 26.70 -31.21 -82.58
C ILE D 295 25.50 -32.15 -82.52
N GLU D 296 25.24 -32.84 -83.63
CA GLU D 296 24.12 -33.77 -83.71
C GLU D 296 24.50 -35.10 -83.08
N LYS D 297 23.65 -36.11 -83.26
CA LYS D 297 23.87 -37.43 -82.70
C LYS D 297 24.63 -38.32 -83.69
N GLY D 298 25.19 -39.40 -83.17
CA GLY D 298 25.90 -40.38 -83.99
C GLY D 298 27.32 -40.02 -84.33
N LYS D 299 27.82 -38.88 -83.88
CA LYS D 299 29.19 -38.46 -84.19
C LYS D 299 30.21 -39.04 -83.21
N LEU D 300 29.88 -39.08 -81.92
CA LEU D 300 30.79 -39.55 -80.89
C LEU D 300 30.09 -40.55 -80.00
N GLU D 301 30.90 -41.38 -79.34
CA GLU D 301 30.36 -42.40 -78.45
C GLU D 301 29.78 -41.75 -77.19
N LYS D 302 28.53 -42.07 -76.89
CA LYS D 302 27.83 -41.61 -75.68
C LYS D 302 27.57 -40.11 -75.71
N ASP D 303 28.08 -39.43 -76.74
CA ASP D 303 27.94 -37.98 -76.88
C ASP D 303 28.39 -37.26 -75.60
N LYS D 304 29.50 -37.73 -75.03
CA LYS D 304 29.97 -37.25 -73.74
C LYS D 304 31.31 -36.54 -73.91
N PHE D 305 31.70 -35.81 -72.86
CA PHE D 305 32.98 -35.11 -72.84
C PHE D 305 33.33 -34.82 -71.38
N GLU D 306 34.43 -35.39 -70.92
CA GLU D 306 34.87 -35.27 -69.52
C GLU D 306 33.79 -35.78 -68.56
N LYS D 307 33.18 -36.90 -68.92
CA LYS D 307 32.18 -37.59 -68.09
C LYS D 307 30.98 -36.70 -67.79
N ILE D 308 30.33 -36.26 -68.87
CA ILE D 308 29.04 -35.59 -68.77
C ILE D 308 28.39 -35.64 -70.15
N LYS D 309 27.07 -35.82 -70.18
CA LYS D 309 26.32 -35.89 -71.43
C LYS D 309 25.88 -34.49 -71.81
N LEU D 310 26.47 -33.96 -72.88
CA LEU D 310 26.17 -32.60 -73.31
C LEU D 310 25.00 -32.54 -74.29
N VAL D 311 24.83 -33.56 -75.12
CA VAL D 311 23.72 -33.64 -76.06
C VAL D 311 23.04 -34.99 -75.85
N GLY D 312 21.75 -34.98 -75.53
CA GLY D 312 21.02 -36.20 -75.27
C GLY D 312 19.61 -36.19 -75.81
N LYS D 313 18.74 -37.01 -75.23
CA LYS D 313 17.36 -37.17 -75.70
C LYS D 313 16.39 -37.03 -74.53
N GLN D 314 15.26 -36.38 -74.79
CA GLN D 314 14.18 -36.26 -73.83
C GLN D 314 13.21 -37.42 -74.06
N LYS D 315 11.99 -37.30 -73.50
CA LYS D 315 10.96 -38.30 -73.74
C LYS D 315 10.78 -38.56 -75.23
N ASN D 316 10.70 -37.50 -76.04
CA ASN D 316 10.58 -37.66 -77.48
C ASN D 316 11.44 -36.69 -78.28
N LYS D 317 12.09 -35.70 -77.67
CA LYS D 317 12.78 -34.64 -78.40
C LYS D 317 14.27 -34.68 -78.09
N TYR D 318 15.08 -34.59 -79.14
CA TYR D 318 16.53 -34.48 -79.00
C TYR D 318 16.88 -33.07 -78.57
N TRP D 319 17.60 -32.95 -77.45
CA TRP D 319 18.00 -31.66 -76.91
C TRP D 319 19.50 -31.45 -77.13
N HIS D 320 19.86 -30.29 -77.66
CA HIS D 320 21.23 -29.93 -77.95
C HIS D 320 21.54 -28.56 -77.35
N PHE D 321 22.81 -28.32 -77.10
CA PHE D 321 23.27 -27.05 -76.54
C PHE D 321 24.03 -26.26 -77.59
N GLY D 322 23.78 -24.95 -77.63
CA GLY D 322 24.51 -24.06 -78.51
C GLY D 322 24.91 -22.79 -77.78
N ILE D 323 25.84 -22.07 -78.40
CA ILE D 323 26.37 -20.85 -77.80
C ILE D 323 26.34 -19.72 -78.83
N SER D 324 26.30 -18.50 -78.33
CA SER D 324 26.39 -17.31 -79.18
C SER D 324 27.22 -16.26 -78.45
N ALA D 325 28.22 -15.71 -79.14
CA ALA D 325 29.21 -14.86 -78.50
C ALA D 325 29.12 -13.43 -79.01
N ALA D 326 29.67 -12.53 -78.21
CA ALA D 326 29.79 -11.12 -78.57
C ALA D 326 30.99 -10.55 -77.83
N GLY D 327 31.45 -9.38 -78.28
CA GLY D 327 32.65 -8.76 -77.73
C GLY D 327 32.36 -7.40 -77.15
N LYS D 328 33.17 -7.01 -76.15
CA LYS D 328 33.09 -5.69 -75.55
C LYS D 328 34.47 -5.31 -75.05
N LEU D 329 34.77 -4.01 -75.06
CA LEU D 329 36.13 -3.57 -74.76
C LEU D 329 36.20 -2.33 -73.88
N TYR D 330 35.11 -1.91 -73.23
CA TYR D 330 35.16 -0.69 -72.43
C TYR D 330 36.16 -0.79 -71.28
N PRO D 331 36.14 -1.82 -70.41
CA PRO D 331 37.18 -1.90 -69.37
C PRO D 331 38.43 -2.64 -69.84
N SER D 332 38.25 -3.57 -70.76
CA SER D 332 39.30 -4.46 -71.25
C SER D 332 38.75 -5.28 -72.40
N PRO D 333 39.60 -5.86 -73.27
CA PRO D 333 39.07 -6.71 -74.35
C PRO D 333 38.52 -8.02 -73.80
N VAL D 334 37.19 -8.14 -73.78
CA VAL D 334 36.53 -9.30 -73.21
C VAL D 334 35.44 -9.77 -74.16
N LEU D 335 35.05 -11.03 -73.99
CA LEU D 335 34.03 -11.66 -74.81
C LEU D 335 33.03 -12.36 -73.91
N MET D 336 31.74 -12.12 -74.15
CA MET D 336 30.68 -12.76 -73.40
C MET D 336 29.92 -13.73 -74.29
N VAL D 337 29.30 -14.73 -73.66
CA VAL D 337 28.59 -15.78 -74.38
C VAL D 337 27.22 -15.98 -73.73
N SER D 338 26.31 -16.51 -74.55
CA SER D 338 24.95 -16.83 -74.11
C SER D 338 24.59 -18.21 -74.62
N SER D 339 24.03 -19.03 -73.74
CA SER D 339 23.67 -20.40 -74.07
C SER D 339 22.25 -20.48 -74.61
N HIS D 340 21.99 -21.52 -75.40
CA HIS D 340 20.69 -21.76 -76.00
C HIS D 340 20.47 -23.26 -76.11
N ILE D 341 19.21 -23.68 -76.09
CA ILE D 341 18.85 -25.09 -76.16
C ILE D 341 18.00 -25.31 -77.40
N ILE D 342 18.36 -26.33 -78.18
CA ILE D 342 17.76 -26.60 -79.48
C ILE D 342 17.05 -27.95 -79.41
N PHE D 343 15.85 -28.01 -79.97
CA PHE D 343 15.03 -29.21 -79.98
C PHE D 343 14.90 -29.72 -81.41
N THR D 344 15.26 -30.99 -81.62
CA THR D 344 15.20 -31.59 -82.94
C THR D 344 14.99 -33.10 -82.79
N MET D 345 14.24 -33.67 -83.72
CA MET D 345 13.84 -35.07 -83.60
C MET D 345 15.02 -36.00 -83.83
N ASP D 346 15.81 -35.77 -84.88
CA ASP D 346 16.92 -36.64 -85.24
C ASP D 346 18.20 -35.90 -85.56
N GLY D 347 18.31 -34.63 -85.18
CA GLY D 347 19.46 -33.83 -85.54
C GLY D 347 19.39 -33.20 -86.91
N ILE D 348 18.35 -33.47 -87.68
CA ILE D 348 18.17 -32.87 -89.01
C ILE D 348 16.86 -32.10 -89.03
N ASN D 349 15.75 -32.81 -88.81
CA ASN D 349 14.44 -32.21 -88.82
C ASN D 349 14.07 -31.70 -87.43
N LEU D 350 13.30 -30.63 -87.38
CA LEU D 350 12.87 -30.03 -86.14
C LEU D 350 11.59 -29.24 -86.39
N ILE D 351 11.08 -28.61 -85.35
CA ILE D 351 9.88 -27.79 -85.43
C ILE D 351 10.28 -26.33 -85.63
N LYS D 352 9.47 -25.61 -86.41
CA LYS D 352 9.76 -24.23 -86.76
C LYS D 352 8.93 -23.21 -86.00
N SER D 353 7.68 -23.52 -85.67
CA SER D 353 6.86 -22.59 -84.91
C SER D 353 7.44 -22.42 -83.52
N LYS D 354 7.57 -21.16 -83.10
CA LYS D 354 8.28 -20.85 -81.86
C LYS D 354 7.44 -21.04 -80.60
N SER D 355 6.11 -21.17 -80.72
CA SER D 355 5.27 -21.31 -79.55
C SER D 355 5.43 -22.69 -78.91
N ILE D 356 5.24 -23.74 -79.70
CA ILE D 356 5.42 -25.09 -79.18
C ILE D 356 6.89 -25.35 -78.84
N GLN D 357 7.81 -24.76 -79.61
CA GLN D 357 9.23 -24.85 -79.27
C GLN D 357 9.51 -24.23 -77.91
N HIS D 358 8.90 -23.06 -77.64
CA HIS D 358 9.05 -22.42 -76.34
C HIS D 358 8.46 -23.28 -75.24
N SER D 359 7.30 -23.88 -75.48
CA SER D 359 6.69 -24.76 -74.48
C SER D 359 7.61 -25.93 -74.16
N SER D 360 8.17 -26.55 -75.20
CA SER D 360 9.06 -27.70 -74.99
C SER D 360 10.34 -27.28 -74.26
N ARG D 361 10.91 -26.12 -74.62
CA ARG D 361 12.15 -25.70 -73.97
C ARG D 361 11.92 -25.33 -72.52
N ARG D 362 10.77 -24.73 -72.20
CA ARG D 362 10.45 -24.47 -70.81
C ARG D 362 10.21 -25.77 -70.04
N LYS D 363 9.56 -26.75 -70.69
CA LYS D 363 9.36 -28.04 -70.05
C LYS D 363 10.70 -28.71 -69.73
N GLN D 364 11.65 -28.64 -70.66
CA GLN D 364 12.99 -29.18 -70.39
C GLN D 364 13.69 -28.41 -69.28
N GLY D 365 13.60 -27.09 -69.30
CA GLY D 365 14.23 -26.27 -68.28
C GLY D 365 13.49 -26.23 -66.96
N LYS D 366 12.40 -26.97 -66.84
CA LYS D 366 11.66 -27.02 -65.58
C LYS D 366 12.52 -27.58 -64.44
N ASN D 367 13.28 -28.64 -64.71
CA ASN D 367 14.01 -29.34 -63.67
C ASN D 367 15.52 -29.13 -63.70
N TRP D 368 16.03 -28.25 -64.55
CA TRP D 368 17.45 -27.98 -64.64
C TRP D 368 17.78 -26.66 -63.95
N TRP D 369 18.94 -26.61 -63.31
CA TRP D 369 19.26 -25.51 -62.40
C TRP D 369 20.69 -25.03 -62.67
N ASN D 370 21.18 -24.18 -61.77
CA ASN D 370 22.39 -23.40 -62.05
C ASN D 370 23.63 -24.27 -62.23
N ASP D 371 23.80 -25.29 -61.38
CA ASP D 371 25.03 -26.07 -61.43
C ASP D 371 25.20 -26.78 -62.76
N LYS D 372 24.12 -27.38 -63.28
CA LYS D 372 24.19 -28.03 -64.57
C LYS D 372 24.50 -27.04 -65.68
N TRP D 373 23.88 -25.86 -65.64
CA TRP D 373 24.18 -24.83 -66.62
C TRP D 373 25.66 -24.48 -66.62
N ARG D 374 26.21 -24.21 -65.43
CA ARG D 374 27.61 -23.82 -65.34
C ARG D 374 28.53 -24.93 -65.85
N GLU D 375 28.32 -26.16 -65.37
CA GLU D 375 29.24 -27.24 -65.73
C GLU D 375 29.15 -27.57 -67.21
N LYS D 376 27.95 -27.54 -67.78
CA LYS D 376 27.81 -27.86 -69.21
C LYS D 376 28.38 -26.74 -70.07
N LEU D 377 28.19 -25.48 -69.67
CA LEU D 377 28.79 -24.37 -70.41
C LEU D 377 30.31 -24.46 -70.39
N LEU D 378 30.88 -24.73 -69.21
CA LEU D 378 32.33 -24.87 -69.12
C LEU D 378 32.82 -26.06 -69.94
N ALA D 379 32.09 -27.17 -69.90
CA ALA D 379 32.49 -28.34 -70.68
C ALA D 379 32.49 -28.03 -72.16
N PHE D 380 31.45 -27.34 -72.66
CA PHE D 380 31.42 -26.99 -74.07
C PHE D 380 32.54 -26.03 -74.44
N ILE D 381 32.79 -25.03 -73.60
CA ILE D 381 33.80 -24.03 -73.95
C ILE D 381 35.20 -24.64 -73.91
N ARG D 382 35.44 -25.62 -73.03
CA ARG D 382 36.74 -26.29 -73.04
C ARG D 382 36.86 -27.30 -74.17
N PHE D 383 35.75 -27.95 -74.55
CA PHE D 383 35.78 -28.87 -75.68
C PHE D 383 36.06 -28.14 -76.98
N LEU D 384 35.45 -26.97 -77.18
CA LEU D 384 35.70 -26.18 -78.38
C LEU D 384 37.10 -25.57 -78.37
N SER D 385 37.73 -25.48 -77.20
CA SER D 385 39.02 -24.80 -77.09
C SER D 385 40.07 -25.46 -77.96
N ASP D 386 40.81 -24.64 -78.71
CA ASP D 386 41.88 -25.13 -79.57
C ASP D 386 43.13 -25.51 -78.80
N ASP D 387 43.23 -25.13 -77.54
CA ASP D 387 44.37 -25.46 -76.70
C ASP D 387 43.90 -25.55 -75.26
N GLN D 388 44.67 -26.29 -74.44
CA GLN D 388 44.37 -26.37 -73.02
C GLN D 388 44.42 -25.02 -72.33
N ASN D 389 45.16 -24.06 -72.91
CA ASN D 389 45.27 -22.73 -72.33
C ASN D 389 44.26 -21.75 -72.91
N ALA D 390 44.07 -21.77 -74.23
CA ALA D 390 43.21 -20.78 -74.88
C ALA D 390 42.77 -21.30 -76.24
N ILE D 391 42.17 -20.43 -77.03
CA ILE D 391 41.66 -20.73 -78.36
C ILE D 391 42.32 -19.76 -79.34
N TYR D 392 42.78 -20.31 -80.46
CA TYR D 392 43.40 -19.50 -81.51
C TYR D 392 42.34 -19.02 -82.50
N LEU D 393 42.44 -17.75 -82.88
CA LEU D 393 41.57 -17.12 -83.86
C LEU D 393 42.42 -16.63 -85.02
N ASN D 394 42.04 -17.02 -86.24
CA ASN D 394 42.83 -16.73 -87.43
C ASN D 394 42.41 -15.40 -88.07
N VAL D 395 42.58 -14.33 -87.29
CA VAL D 395 42.29 -12.99 -87.81
C VAL D 395 43.28 -12.62 -88.91
N GLY D 396 44.53 -13.06 -88.80
CA GLY D 396 45.52 -12.82 -89.83
C GLY D 396 46.19 -14.12 -90.25
N SER D 397 47.13 -13.98 -91.19
CA SER D 397 47.90 -15.14 -91.63
C SER D 397 48.98 -15.51 -90.62
N GLU D 398 49.58 -14.51 -89.96
CA GLU D 398 50.61 -14.76 -88.97
C GLU D 398 50.27 -14.23 -87.58
N GLU D 399 49.17 -13.49 -87.42
CA GLU D 399 48.75 -13.00 -86.12
C GLU D 399 47.42 -13.65 -85.75
N LYS D 400 47.38 -14.31 -84.60
CA LYS D 400 46.18 -14.95 -84.08
C LYS D 400 45.66 -14.15 -82.89
N ILE D 401 44.45 -14.50 -82.46
CA ILE D 401 43.83 -13.92 -81.26
C ILE D 401 43.59 -15.05 -80.28
N LEU D 402 44.01 -14.86 -79.03
CA LEU D 402 43.86 -15.87 -78.00
C LEU D 402 42.61 -15.58 -77.17
N ILE D 403 41.80 -16.61 -76.94
CA ILE D 403 40.61 -16.51 -76.10
C ILE D 403 40.74 -17.54 -75.00
N SER D 404 40.88 -17.07 -73.75
CA SER D 404 41.10 -17.98 -72.64
C SER D 404 39.89 -18.88 -72.43
N ASN D 405 40.17 -20.10 -71.98
CA ASN D 405 39.12 -21.07 -71.66
C ASN D 405 38.75 -21.08 -70.18
N LYS D 406 39.38 -20.22 -69.38
CA LYS D 406 39.10 -20.13 -67.95
C LYS D 406 38.41 -18.81 -67.65
N PRO D 407 37.10 -18.80 -67.39
CA PRO D 407 36.41 -17.53 -67.13
C PRO D 407 36.88 -16.89 -65.84
N LEU D 408 36.64 -15.58 -65.75
CA LEU D 408 36.97 -14.83 -64.55
C LEU D 408 36.15 -15.33 -63.37
N LYS D 409 36.68 -15.12 -62.17
CA LYS D 409 36.01 -15.48 -60.94
C LYS D 409 35.83 -14.25 -60.07
N PHE D 410 34.83 -14.30 -59.20
CA PHE D 410 34.58 -13.24 -58.24
C PHE D 410 34.37 -13.88 -56.87
N PHE D 411 34.34 -13.05 -55.82
CA PHE D 411 34.21 -13.59 -54.48
C PHE D 411 33.51 -12.57 -53.59
N GLY D 412 32.90 -13.08 -52.53
CA GLY D 412 32.15 -12.24 -51.61
C GLY D 412 32.29 -12.72 -50.19
N LYS D 413 32.10 -11.79 -49.25
CA LYS D 413 32.21 -12.04 -47.82
C LYS D 413 30.86 -12.35 -47.17
N MET D 414 29.79 -12.41 -47.96
CA MET D 414 28.45 -12.72 -47.49
C MET D 414 27.97 -14.00 -48.15
N SER D 415 27.38 -14.89 -47.35
CA SER D 415 26.93 -16.18 -47.85
C SER D 415 25.67 -16.58 -47.09
N TYR D 416 25.19 -17.80 -47.35
CA TYR D 416 24.03 -18.35 -46.68
C TYR D 416 24.44 -19.51 -45.78
N VAL D 417 23.63 -19.77 -44.76
CA VAL D 417 24.01 -20.74 -43.74
C VAL D 417 24.08 -22.14 -44.32
N THR D 418 23.07 -22.55 -45.08
CA THR D 418 23.01 -23.91 -45.60
C THR D 418 22.01 -23.95 -46.75
N PRO D 419 22.24 -24.80 -47.76
CA PRO D 419 21.25 -24.96 -48.82
C PRO D 419 19.94 -25.59 -48.34
N SER D 420 19.95 -26.29 -47.20
CA SER D 420 18.79 -26.98 -46.66
C SER D 420 18.23 -28.03 -47.60
N GLU D 421 19.06 -28.51 -48.54
CA GLU D 421 18.67 -29.51 -49.52
C GLU D 421 17.41 -29.11 -50.27
N VAL D 422 16.48 -30.06 -50.42
CA VAL D 422 15.21 -29.79 -51.10
C VAL D 422 14.06 -30.34 -50.29
N MET E 1 74.22 4.01 36.84
CA MET E 1 74.85 3.42 35.68
C MET E 1 74.33 2.01 35.42
N LYS E 2 73.03 1.81 35.69
CA LYS E 2 72.35 0.56 35.43
C LYS E 2 71.02 0.83 34.76
N GLU E 3 70.68 0.02 33.76
CA GLU E 3 69.40 0.14 33.10
C GLU E 3 68.27 -0.31 34.03
N LEU E 4 67.14 0.38 33.95
CA LEU E 4 65.97 0.06 34.76
C LEU E 4 64.90 -0.51 33.84
N ILE E 5 64.44 -1.72 34.16
CA ILE E 5 63.47 -2.40 33.31
C ILE E 5 62.10 -1.78 33.51
N TYR E 6 61.38 -1.58 32.40
CA TYR E 6 60.05 -1.00 32.40
C TYR E 6 59.04 -2.09 32.09
N ILE E 7 57.96 -2.16 32.86
CA ILE E 7 56.91 -3.15 32.71
C ILE E 7 55.65 -2.44 32.24
N GLU E 8 55.03 -2.95 31.18
CA GLU E 8 53.83 -2.35 30.64
C GLU E 8 52.68 -2.44 31.63
N GLU E 9 51.85 -1.41 31.64
CA GLU E 9 50.74 -1.34 32.59
C GLU E 9 49.68 -2.38 32.23
N PRO E 10 49.13 -3.08 33.21
CA PRO E 10 48.02 -4.01 32.93
C PRO E 10 46.75 -3.25 32.59
N SER E 11 45.71 -4.01 32.25
CA SER E 11 44.46 -3.45 31.76
C SER E 11 43.27 -4.08 32.48
N ILE E 12 42.17 -3.33 32.51
CA ILE E 12 40.94 -3.79 33.14
C ILE E 12 39.86 -3.95 32.07
N LEU E 13 38.71 -4.50 32.49
CA LEU E 13 37.62 -4.88 31.61
C LEU E 13 36.37 -4.09 31.97
N PHE E 14 35.46 -3.96 31.00
CA PHE E 14 34.23 -3.20 31.20
C PHE E 14 33.09 -3.92 30.49
N ALA E 15 31.97 -3.22 30.34
CA ALA E 15 30.78 -3.83 29.76
C ALA E 15 31.04 -4.28 28.32
N HIS E 16 30.23 -5.23 27.86
CA HIS E 16 30.33 -5.83 26.54
C HIS E 16 31.62 -6.63 26.35
N GLY E 17 32.32 -6.91 27.44
CA GLY E 17 33.55 -7.68 27.35
C GLY E 17 34.66 -7.01 26.57
N GLN E 18 34.89 -5.72 26.82
CA GLN E 18 35.93 -4.97 26.11
C GLN E 18 36.87 -4.32 27.12
N LYS E 19 38.08 -4.04 26.66
CA LYS E 19 39.20 -3.69 27.52
C LYS E 19 39.44 -2.20 27.55
N CYS E 20 39.96 -1.72 28.68
CA CYS E 20 40.36 -0.32 28.82
C CYS E 20 41.37 -0.23 29.96
N THR E 21 41.77 0.99 30.29
CA THR E 21 42.78 1.21 31.32
C THR E 21 42.23 1.95 32.54
N ASP E 22 41.62 3.12 32.34
CA ASP E 22 41.13 3.91 33.46
C ASP E 22 39.69 3.55 33.79
N PRO E 23 39.36 3.27 35.05
CA PRO E 23 37.97 3.00 35.39
C PRO E 23 37.02 4.15 35.09
N ARG E 24 37.49 5.39 35.27
CA ARG E 24 36.63 6.54 35.00
C ARG E 24 36.26 6.63 33.52
N ASP E 25 37.21 6.33 32.64
CA ASP E 25 36.91 6.35 31.21
C ASP E 25 35.85 5.30 30.85
N GLY E 26 35.99 4.09 31.40
CA GLY E 26 34.99 3.07 31.17
C GLY E 26 33.63 3.44 31.72
N LEU E 27 33.60 4.06 32.90
CA LEU E 27 32.33 4.49 33.48
C LEU E 27 31.66 5.55 32.62
N ALA E 28 32.41 6.57 32.21
CA ALA E 28 31.86 7.63 31.37
C ALA E 28 31.59 7.19 29.94
N LEU E 29 32.12 6.03 29.52
CA LEU E 29 31.96 5.55 28.16
C LEU E 29 31.04 4.33 28.08
N PHE E 30 31.24 3.35 28.95
CA PHE E 30 30.47 2.12 28.92
C PHE E 30 29.73 1.81 30.21
N GLY E 31 29.99 2.55 31.29
CA GLY E 31 29.30 2.34 32.54
C GLY E 31 29.72 1.06 33.25
N PRO E 32 28.82 0.52 34.07
CA PRO E 32 29.16 -0.65 34.89
C PRO E 32 29.01 -1.94 34.10
N LEU E 33 29.47 -3.03 34.72
CA LEU E 33 29.35 -4.35 34.11
C LEU E 33 27.96 -4.94 34.34
N ASN E 34 27.60 -5.18 35.60
CA ASN E 34 26.28 -5.67 35.95
C ASN E 34 25.35 -4.50 36.25
N GLN E 35 24.05 -4.75 36.09
CA GLN E 35 23.04 -3.71 36.25
C GLN E 35 22.05 -4.12 37.34
N ILE E 36 21.71 -3.17 38.20
CA ILE E 36 20.64 -3.32 39.19
C ILE E 36 19.54 -2.34 38.83
N TYR E 37 18.28 -2.80 38.89
CA TYR E 37 17.16 -2.00 38.42
C TYR E 37 16.99 -0.71 39.21
N GLY E 38 17.51 -0.64 40.43
CA GLY E 38 17.43 0.57 41.21
C GLY E 38 17.92 0.33 42.61
N ILE E 39 17.85 1.39 43.43
CA ILE E 39 18.21 1.32 44.83
C ILE E 39 17.17 2.08 45.64
N LYS E 40 16.81 1.53 46.80
CA LYS E 40 15.92 2.17 47.76
C LYS E 40 16.72 2.51 49.01
N SER E 41 16.73 3.78 49.38
CA SER E 41 17.59 4.27 50.44
C SER E 41 16.86 4.34 51.77
N GLY E 42 17.52 4.92 52.77
CA GLY E 42 16.97 5.15 54.09
C GLY E 42 17.95 5.96 54.92
N VAL E 43 17.46 7.01 55.58
CA VAL E 43 18.34 7.99 56.20
C VAL E 43 17.96 8.14 57.67
N VAL E 44 18.95 8.50 58.49
CA VAL E 44 18.76 8.75 59.90
C VAL E 44 19.50 10.03 60.27
N GLY E 45 18.98 10.72 61.29
CA GLY E 45 19.60 11.96 61.72
C GLY E 45 18.61 13.07 62.01
N THR E 46 19.02 14.31 61.77
CA THR E 46 18.18 15.47 61.97
C THR E 46 17.55 15.91 60.65
N GLN E 47 16.46 16.69 60.75
CA GLN E 47 15.76 17.15 59.56
C GLN E 47 16.65 18.03 58.69
N LYS E 48 17.59 18.76 59.29
CA LYS E 48 18.58 19.48 58.51
C LYS E 48 19.38 18.53 57.65
N GLY E 49 19.77 17.38 58.22
CA GLY E 49 20.41 16.35 57.42
C GLY E 49 19.53 15.88 56.28
N LEU E 50 18.23 15.75 56.53
CA LEU E 50 17.32 15.31 55.48
C LEU E 50 17.28 16.31 54.32
N GLN E 51 17.09 17.59 54.63
CA GLN E 51 17.01 18.58 53.56
C GLN E 51 18.35 18.70 52.83
N ILE E 52 19.46 18.65 53.56
CA ILE E 52 20.77 18.75 52.92
C ILE E 52 21.00 17.55 51.99
N PHE E 53 20.67 16.35 52.46
CA PHE E 53 20.87 15.15 51.65
C PHE E 53 19.97 15.16 50.42
N LYS E 54 18.72 15.58 50.56
CA LYS E 54 17.83 15.66 49.41
C LYS E 54 18.34 16.69 48.40
N SER E 55 18.81 17.85 48.88
CA SER E 55 19.35 18.86 47.98
C SER E 55 20.56 18.33 47.23
N TYR E 56 21.45 17.63 47.94
CA TYR E 56 22.64 17.11 47.27
C TYR E 56 22.27 16.01 46.27
N LEU E 57 21.33 15.14 46.63
CA LEU E 57 20.92 14.08 45.73
C LEU E 57 20.31 14.64 44.44
N ASP E 58 19.47 15.67 44.55
CA ASP E 58 18.95 16.27 43.33
C ASP E 58 20.03 17.06 42.59
N LYS E 59 21.06 17.55 43.29
CA LYS E 59 22.19 18.18 42.60
C LYS E 59 23.00 17.17 41.81
N ILE E 60 23.06 15.92 42.27
CA ILE E 60 23.89 14.90 41.61
C ILE E 60 23.38 14.62 40.20
N GLN E 61 22.06 14.61 40.02
CA GLN E 61 21.50 14.21 38.72
C GLN E 61 21.97 15.09 37.58
N LYS E 62 22.38 16.34 37.84
CA LYS E 62 22.84 17.12 36.71
C LYS E 62 24.36 17.06 36.60
N PRO E 63 24.91 17.18 35.39
CA PRO E 63 26.36 17.11 35.22
C PRO E 63 27.07 18.27 35.91
N ILE E 64 28.30 18.00 36.35
CA ILE E 64 29.17 18.99 36.97
C ILE E 64 30.55 18.90 36.33
N TYR E 65 31.28 20.01 36.40
CA TYR E 65 32.59 20.13 35.77
C TYR E 65 33.68 20.22 36.83
N ASN E 66 34.93 20.17 36.37
CA ASN E 66 36.11 20.28 37.21
C ASN E 66 36.89 21.53 36.81
N HIS E 67 37.85 21.90 37.67
CA HIS E 67 38.71 23.04 37.38
C HIS E 67 39.54 22.79 36.13
N ASN E 68 40.19 21.63 36.06
CA ASN E 68 41.00 21.23 34.91
C ASN E 68 40.58 19.81 34.55
N ASN E 69 39.70 19.69 33.56
CA ASN E 69 39.07 18.40 33.27
C ASN E 69 40.06 17.36 32.76
N ILE E 70 41.22 17.78 32.25
CA ILE E 70 42.22 16.80 31.83
C ILE E 70 42.79 16.08 33.04
N THR E 71 42.91 16.77 34.18
CA THR E 71 43.38 16.12 35.40
C THR E 71 42.31 15.21 35.98
N ARG E 72 41.04 15.61 35.89
CA ARG E 72 39.94 14.82 36.40
C ARG E 72 38.74 14.91 35.46
N PRO E 73 38.31 13.80 34.88
CA PRO E 73 37.20 13.85 33.92
C PRO E 73 35.92 14.35 34.57
N MET E 74 35.09 15.00 33.74
CA MET E 74 33.86 15.59 34.23
C MET E 74 32.83 14.52 34.61
N PHE E 75 31.88 14.94 35.44
CA PHE E 75 30.78 14.06 35.85
C PHE E 75 29.56 14.37 34.99
N PRO E 76 29.09 13.46 34.15
CA PRO E 76 28.02 13.80 33.22
C PRO E 76 26.61 13.61 33.79
N GLY E 77 26.49 12.85 34.88
CA GLY E 77 25.19 12.57 35.44
C GLY E 77 25.09 11.14 35.97
N PHE E 78 24.41 10.97 37.10
CA PHE E 78 24.31 9.64 37.71
C PHE E 78 23.60 8.67 36.78
N GLU E 79 22.43 9.08 36.25
CA GLU E 79 21.70 8.21 35.35
C GLU E 79 22.41 8.00 34.03
N ALA E 80 23.26 8.94 33.62
CA ALA E 80 23.98 8.78 32.36
C ALA E 80 25.01 7.66 32.45
N VAL E 81 25.83 7.67 33.50
CA VAL E 81 26.90 6.69 33.62
C VAL E 81 26.35 5.30 33.93
N PHE E 82 25.35 5.22 34.80
CA PHE E 82 24.83 3.94 35.28
C PHE E 82 23.50 3.54 34.67
N GLY E 83 22.54 4.46 34.62
CA GLY E 83 21.19 4.07 34.25
C GLY E 83 20.41 3.43 35.36
N CYS E 84 20.97 3.38 36.57
CA CYS E 84 20.32 2.83 37.74
C CYS E 84 19.53 3.93 38.45
N LYS E 85 18.25 3.69 38.68
CA LYS E 85 17.39 4.71 39.28
C LYS E 85 17.77 4.95 40.74
N TRP E 86 17.91 6.23 41.10
CA TRP E 86 18.10 6.63 42.48
C TRP E 86 17.51 8.02 42.62
N GLU E 87 16.42 8.13 43.38
CA GLU E 87 15.64 9.36 43.48
C GLU E 87 15.56 9.79 44.93
N SER E 88 15.00 10.98 45.16
CA SER E 88 14.86 11.56 46.48
C SER E 88 13.40 11.54 46.96
N GLN E 89 12.57 10.66 46.40
CA GLN E 89 11.16 10.57 46.78
C GLN E 89 10.81 9.19 47.32
N ASN E 90 11.81 8.41 47.74
CA ASN E 90 11.59 7.09 48.30
C ASN E 90 12.47 6.89 49.53
N ILE E 91 12.55 7.91 50.38
CA ILE E 91 13.44 7.92 51.53
C ILE E 91 12.62 7.76 52.80
N VAL E 92 13.00 6.81 53.63
CA VAL E 92 12.45 6.66 54.98
C VAL E 92 13.38 7.35 55.96
N PHE E 93 12.82 7.85 57.06
CA PHE E 93 13.59 8.64 58.00
C PHE E 93 13.09 8.38 59.42
N LYS E 94 14.00 8.07 60.32
CA LYS E 94 13.70 7.89 61.73
C LYS E 94 14.30 9.06 62.52
N GLU E 95 13.44 9.77 63.25
CA GLU E 95 13.88 10.97 63.95
C GLU E 95 14.75 10.62 65.16
N ILE E 96 15.64 11.53 65.51
CA ILE E 96 16.51 11.40 66.66
C ILE E 96 16.08 12.43 67.70
N THR E 97 16.41 12.14 68.97
CA THR E 97 16.23 13.14 70.01
C THR E 97 17.03 14.39 69.68
N ASP E 98 16.41 15.55 69.89
CA ASP E 98 17.00 16.81 69.44
C ASP E 98 17.30 17.79 70.57
N GLU E 99 16.72 17.62 71.76
CA GLU E 99 17.08 18.48 72.88
C GLU E 99 18.55 18.31 73.24
N GLU E 100 19.03 17.07 73.29
CA GLU E 100 20.45 16.74 73.49
C GLU E 100 20.98 17.41 74.76
N ILE E 101 20.44 16.95 75.90
CA ILE E 101 20.89 17.44 77.19
C ILE E 101 22.39 17.24 77.34
N ARG E 102 22.89 16.08 76.90
CA ARG E 102 24.32 15.78 76.94
C ARG E 102 25.00 16.44 75.74
N ARG E 103 25.02 17.77 75.77
CA ARG E 103 25.70 18.57 74.76
C ARG E 103 27.20 18.64 74.99
N TYR E 104 27.69 18.08 76.10
CA TYR E 104 29.10 18.12 76.46
C TYR E 104 29.86 16.89 75.97
N LEU E 105 29.44 16.31 74.85
CA LEU E 105 29.99 15.03 74.41
C LEU E 105 31.49 15.10 74.18
N PHE E 106 31.96 16.13 73.47
CA PHE E 106 33.36 16.19 73.09
C PHE E 106 34.30 16.42 74.28
N ASN E 107 33.77 16.76 75.46
CA ASN E 107 34.59 17.02 76.63
C ASN E 107 34.01 16.35 77.87
N ALA E 108 33.65 15.06 77.75
CA ALA E 108 33.07 14.32 78.85
C ALA E 108 33.66 12.92 78.88
N SER E 109 33.03 12.03 79.65
CA SER E 109 33.45 10.63 79.75
C SER E 109 33.32 9.94 78.41
N THR E 110 34.46 9.55 77.82
CA THR E 110 34.47 9.05 76.45
C THR E 110 33.72 7.73 76.34
N HIS E 111 34.02 6.77 77.22
CA HIS E 111 33.44 5.44 77.09
C HIS E 111 31.92 5.48 77.22
N LYS E 112 31.42 6.17 78.24
CA LYS E 112 29.98 6.20 78.48
C LYS E 112 29.25 6.88 77.32
N ARG E 113 29.76 8.02 76.85
CA ARG E 113 29.08 8.74 75.77
C ARG E 113 29.11 7.92 74.48
N THR E 114 30.25 7.30 74.17
CA THR E 114 30.34 6.50 72.94
C THR E 114 29.39 5.31 73.01
N TYR E 115 29.36 4.60 74.15
CA TYR E 115 28.46 3.47 74.29
C TYR E 115 27.00 3.91 74.16
N ASP E 116 26.64 5.02 74.80
CA ASP E 116 25.25 5.48 74.74
C ASP E 116 24.85 5.85 73.32
N LEU E 117 25.68 6.63 72.62
CA LEU E 117 25.35 7.04 71.27
C LEU E 117 25.27 5.85 70.32
N VAL E 118 26.25 4.94 70.39
CA VAL E 118 26.24 3.80 69.49
C VAL E 118 25.05 2.90 69.80
N THR E 119 24.69 2.75 71.08
CA THR E 119 23.52 1.96 71.43
C THR E 119 22.25 2.58 70.87
N LEU E 120 22.11 3.89 71.01
CA LEU E 120 20.93 4.58 70.47
C LEU E 120 20.81 4.35 68.97
N PHE E 121 21.90 4.62 68.24
CA PHE E 121 21.87 4.49 66.79
C PHE E 121 21.57 3.05 66.36
N ASN E 122 22.30 2.10 66.94
CA ASN E 122 22.13 0.70 66.55
C ASN E 122 20.75 0.18 66.90
N ASP E 123 20.22 0.54 68.08
CA ASP E 123 18.89 0.10 68.46
C ASP E 123 17.83 0.69 67.54
N LYS E 124 17.98 1.95 67.17
CA LYS E 124 17.02 2.55 66.23
C LYS E 124 17.05 1.85 64.88
N ILE E 125 18.26 1.56 64.37
CA ILE E 125 18.38 0.87 63.09
C ILE E 125 17.77 -0.52 63.18
N ILE E 126 18.04 -1.23 64.28
CA ILE E 126 17.50 -2.59 64.45
C ILE E 126 15.99 -2.55 64.50
N THR E 127 15.42 -1.60 65.25
CA THR E 127 13.97 -1.46 65.31
C THR E 127 13.38 -1.19 63.94
N ALA E 128 14.01 -0.29 63.17
CA ALA E 128 13.53 0.01 61.83
C ALA E 128 13.56 -1.22 60.94
N ASN E 129 14.64 -2.02 61.04
CA ASN E 129 14.76 -3.18 60.18
C ASN E 129 13.79 -4.30 60.59
N LYS E 130 13.56 -4.46 61.88
CA LYS E 130 12.77 -5.58 62.37
C LYS E 130 11.28 -5.26 62.54
N ASN E 131 10.88 -4.01 62.38
CA ASN E 131 9.48 -3.63 62.57
C ASN E 131 8.82 -3.11 61.30
N ASP E 132 9.44 -2.14 60.63
CA ASP E 132 8.79 -1.50 59.50
C ASP E 132 8.63 -2.47 58.32
N GLU E 133 7.52 -2.33 57.61
CA GLU E 133 7.23 -3.20 56.47
C GLU E 133 8.05 -2.85 55.24
N GLU E 134 8.37 -1.57 55.05
CA GLU E 134 9.07 -1.13 53.85
C GLU E 134 10.48 -1.69 53.80
N ARG E 135 10.88 -2.16 52.62
CA ARG E 135 12.21 -2.70 52.41
C ARG E 135 13.24 -1.58 52.32
N VAL E 136 14.48 -1.89 52.72
CA VAL E 136 15.58 -0.94 52.68
C VAL E 136 16.80 -1.67 52.11
N ASP E 137 17.71 -0.90 51.53
CA ASP E 137 18.93 -1.43 50.95
C ASP E 137 20.19 -0.93 51.64
N VAL E 138 20.29 0.38 51.87
CA VAL E 138 21.44 0.99 52.53
C VAL E 138 20.94 1.97 53.58
N TRP E 139 21.88 2.52 54.35
CA TRP E 139 21.56 3.50 55.37
C TRP E 139 22.67 4.54 55.43
N PHE E 140 22.28 5.81 55.40
CA PHE E 140 23.21 6.93 55.49
C PHE E 140 23.03 7.62 56.83
N VAL E 141 24.13 7.92 57.50
CA VAL E 141 24.13 8.53 58.82
C VAL E 141 24.84 9.87 58.73
N ILE E 142 24.20 10.91 59.25
CA ILE E 142 24.74 12.26 59.26
C ILE E 142 24.78 12.74 60.70
N VAL E 143 25.95 13.15 61.15
CA VAL E 143 26.14 13.62 62.53
C VAL E 143 26.83 14.97 62.50
N PRO E 144 26.36 15.95 63.31
CA PRO E 144 27.02 17.26 63.38
C PRO E 144 28.31 17.22 64.18
N ALA E 204 38.59 9.90 66.86
CA ALA E 204 37.60 10.25 67.87
C ALA E 204 36.89 9.00 68.40
N GLN E 205 37.44 7.84 68.04
CA GLN E 205 36.92 6.52 68.42
C GLN E 205 35.39 6.49 68.38
N PHE E 206 34.84 6.98 67.26
CA PHE E 206 33.40 7.13 67.11
C PHE E 206 32.84 6.19 66.05
N HIS E 207 33.36 6.25 64.82
CA HIS E 207 32.84 5.42 63.75
C HIS E 207 33.24 3.95 63.89
N ASP E 208 34.17 3.63 64.79
CA ASP E 208 34.61 2.25 64.94
C ASP E 208 33.52 1.37 65.54
N GLN E 209 32.89 1.82 66.63
CA GLN E 209 31.90 0.99 67.31
C GLN E 209 30.61 0.85 66.52
N LEU E 210 30.35 1.76 65.57
CA LEU E 210 29.06 1.75 64.88
C LEU E 210 28.85 0.47 64.09
N LYS E 211 29.89 0.00 63.40
CA LYS E 211 29.76 -1.20 62.58
C LYS E 211 29.97 -2.49 63.36
N ALA E 212 30.71 -2.43 64.47
CA ALA E 212 31.07 -3.65 65.19
C ALA E 212 29.83 -4.38 65.70
N ARG E 213 28.94 -3.67 66.40
CA ARG E 213 27.74 -4.31 66.94
C ARG E 213 26.79 -4.73 65.83
N LEU E 214 26.64 -3.88 64.80
CA LEU E 214 25.72 -4.19 63.71
C LEU E 214 26.23 -5.33 62.83
N LEU E 215 27.51 -5.69 62.94
CA LEU E 215 28.06 -6.77 62.13
C LEU E 215 27.30 -8.08 62.29
N GLU E 216 26.65 -8.28 63.44
CA GLU E 216 25.91 -9.51 63.68
C GLU E 216 24.67 -9.59 62.80
N HIS E 217 24.03 -8.46 62.49
CA HIS E 217 22.74 -8.45 61.80
C HIS E 217 22.86 -8.37 60.29
N THR E 218 24.07 -8.25 59.75
CA THR E 218 24.32 -8.30 58.31
C THR E 218 23.49 -7.26 57.55
N ILE E 219 23.81 -6.00 57.84
CA ILE E 219 23.13 -4.87 57.21
C ILE E 219 24.16 -3.92 56.61
N PRO E 220 24.08 -3.61 55.32
CA PRO E 220 25.00 -2.63 54.74
C PRO E 220 24.83 -1.26 55.39
N THR E 221 25.93 -0.51 55.46
CA THR E 221 25.95 0.75 56.18
C THR E 221 26.87 1.74 55.47
N GLN E 222 26.62 3.02 55.70
CA GLN E 222 27.45 4.10 55.18
C GLN E 222 27.36 5.30 56.11
N ILE E 223 28.44 6.05 56.19
CA ILE E 223 28.54 7.24 57.03
C ILE E 223 29.13 8.37 56.19
N LEU E 224 28.50 9.55 56.25
CA LEU E 224 28.95 10.73 55.55
C LEU E 224 29.01 11.89 56.52
N ARG E 225 30.12 12.61 56.52
CA ARG E 225 30.27 13.75 57.41
C ARG E 225 29.28 14.86 57.04
N GLU E 226 28.82 15.58 58.06
CA GLU E 226 27.87 16.67 57.84
C GLU E 226 28.49 17.83 57.06
N SER E 227 29.81 17.96 57.09
CA SER E 227 30.49 19.02 56.35
C SER E 227 30.86 18.61 54.93
N THR E 228 30.66 17.35 54.56
CA THR E 228 31.04 16.90 53.22
C THR E 228 30.07 17.42 52.16
N LEU E 229 28.77 17.42 52.47
CA LEU E 229 27.75 17.75 51.48
C LEU E 229 27.49 19.26 51.40
N ALA E 230 27.32 19.91 52.54
CA ALA E 230 26.93 21.33 52.58
C ALA E 230 28.12 22.24 52.84
N TRP E 231 29.28 21.92 52.28
CA TRP E 231 30.51 22.65 52.55
C TRP E 231 30.43 24.13 52.16
N ARG E 232 29.35 24.56 51.51
CA ARG E 232 29.24 25.95 51.10
C ARG E 232 29.21 26.89 52.31
N ASP E 233 28.37 26.59 53.30
CA ASP E 233 28.21 27.45 54.46
C ASP E 233 29.06 27.04 55.65
N PHE E 234 29.84 25.97 55.53
CA PHE E 234 30.69 25.52 56.63
C PHE E 234 31.90 26.44 56.71
N LYS E 235 31.68 27.61 57.32
CA LYS E 235 32.68 28.64 57.39
C LYS E 235 33.41 28.60 58.73
N ASN E 236 34.60 29.19 58.75
CA ASN E 236 35.46 29.21 59.93
C ASN E 236 35.36 30.57 60.61
N THR E 237 36.22 30.81 61.60
CA THR E 237 36.27 32.11 62.26
C THR E 237 36.64 33.22 61.28
N PHE E 238 37.48 32.91 60.29
CA PHE E 238 37.77 33.88 59.24
C PHE E 238 36.60 34.03 58.28
N GLY E 239 35.77 32.99 58.16
CA GLY E 239 34.66 32.99 57.24
C GLY E 239 34.86 32.18 55.98
N ALA E 240 36.08 31.66 55.75
CA ALA E 240 36.36 30.81 54.61
C ALA E 240 36.01 29.36 54.93
N PRO E 241 35.61 28.57 53.93
CA PRO E 241 35.34 27.15 54.18
C PRO E 241 36.58 26.43 54.67
N ILE E 242 36.39 25.49 55.60
CA ILE E 242 37.52 24.79 56.19
C ILE E 242 38.04 23.69 55.28
N ARG E 243 37.16 23.09 54.47
CA ARG E 243 37.55 22.07 53.50
C ARG E 243 36.99 22.50 52.14
N ASP E 244 37.76 23.32 51.43
CA ASP E 244 37.33 23.80 50.13
C ASP E 244 37.26 22.66 49.13
N PHE E 245 36.14 22.57 48.41
CA PHE E 245 35.90 21.49 47.46
C PHE E 245 35.59 22.02 46.07
N SER E 246 36.05 23.23 45.76
CA SER E 246 35.72 23.89 44.50
C SER E 246 36.42 23.27 43.30
N LYS E 247 37.37 22.35 43.51
CA LYS E 247 38.13 21.78 42.41
C LYS E 247 37.92 20.29 42.20
N ILE E 248 37.42 19.56 43.20
CA ILE E 248 37.32 18.11 43.10
C ILE E 248 35.90 17.64 43.38
N GLU E 249 34.91 18.51 43.09
CA GLU E 249 33.51 18.11 43.31
C GLU E 249 33.12 16.97 42.37
N GLY E 250 33.58 17.01 41.12
CA GLY E 250 33.27 15.92 40.21
C GLY E 250 33.84 14.60 40.68
N HIS E 251 35.07 14.61 41.15
CA HIS E 251 35.67 13.38 41.68
C HIS E 251 34.97 12.94 42.95
N LEU E 252 34.47 13.88 43.76
CA LEU E 252 33.67 13.52 44.92
C LEU E 252 32.42 12.76 44.49
N ALA E 253 31.73 13.27 43.47
CA ALA E 253 30.56 12.60 42.96
C ALA E 253 30.92 11.21 42.43
N TRP E 254 32.05 11.12 41.74
CA TRP E 254 32.53 9.81 41.27
C TRP E 254 32.67 8.85 42.44
N THR E 255 33.35 9.27 43.51
CA THR E 255 33.63 8.38 44.63
C THR E 255 32.36 7.96 45.35
N ILE E 256 31.49 8.92 45.66
CA ILE E 256 30.27 8.59 46.39
C ILE E 256 29.38 7.70 45.54
N SER E 257 29.26 8.02 44.24
CA SER E 257 28.41 7.22 43.36
C SER E 257 28.92 5.79 43.25
N THR E 258 30.23 5.60 43.10
CA THR E 258 30.75 4.24 42.98
C THR E 258 30.63 3.48 44.29
N ALA E 259 30.84 4.15 45.43
CA ALA E 259 30.66 3.48 46.71
C ALA E 259 29.22 3.04 46.90
N ALA E 260 28.27 3.93 46.61
CA ALA E 260 26.86 3.59 46.76
C ALA E 260 26.46 2.48 45.79
N TYR E 261 27.01 2.49 44.57
CA TYR E 261 26.69 1.44 43.62
C TYR E 261 27.23 0.10 44.07
N TYR E 262 28.44 0.06 44.60
CA TYR E 262 29.00 -1.22 45.07
C TYR E 262 28.21 -1.74 46.26
N LYS E 263 27.99 -0.89 47.27
CA LYS E 263 27.36 -1.36 48.50
C LYS E 263 25.91 -1.75 48.31
N ALA E 264 25.30 -1.40 47.18
CA ALA E 264 23.95 -1.84 46.85
C ALA E 264 23.92 -3.19 46.14
N GLY E 265 25.08 -3.77 45.84
CA GLY E 265 25.16 -5.06 45.19
C GLY E 265 25.64 -5.03 43.76
N GLY E 266 26.14 -3.90 43.26
CA GLY E 266 26.62 -3.80 41.89
C GLY E 266 28.13 -3.98 41.82
N LYS E 267 28.58 -4.66 40.77
CA LYS E 267 30.00 -4.90 40.55
C LYS E 267 30.47 -4.02 39.41
N PRO E 268 31.23 -2.95 39.68
CA PRO E 268 31.67 -2.04 38.60
C PRO E 268 32.54 -2.72 37.55
N TRP E 269 33.62 -3.37 37.98
CA TRP E 269 34.55 -3.97 37.02
C TRP E 269 35.25 -5.16 37.66
N LYS E 270 35.79 -6.02 36.81
CA LYS E 270 36.57 -7.18 37.22
C LYS E 270 37.78 -7.32 36.33
N LEU E 271 38.82 -7.97 36.85
CA LEU E 271 40.02 -8.21 36.07
C LEU E 271 39.77 -9.31 35.04
N GLY E 272 40.51 -9.22 33.93
CA GLY E 272 40.41 -10.21 32.87
C GLY E 272 41.77 -10.57 32.29
N ASP E 273 42.84 -10.16 32.99
CA ASP E 273 44.19 -10.46 32.56
C ASP E 273 44.91 -11.31 33.61
N ILE E 274 44.20 -12.31 34.13
CA ILE E 274 44.74 -13.16 35.19
C ILE E 274 44.89 -14.58 34.65
N ARG E 275 45.74 -15.36 35.33
CA ARG E 275 46.04 -16.75 35.00
C ARG E 275 45.36 -17.70 35.98
N PRO E 276 44.99 -18.90 35.54
CA PRO E 276 44.32 -19.85 36.42
C PRO E 276 45.32 -20.54 37.34
N GLY E 277 44.76 -21.24 38.33
CA GLY E 277 45.57 -22.00 39.27
C GLY E 277 46.46 -21.15 40.16
N VAL E 278 45.95 -20.05 40.68
CA VAL E 278 46.71 -19.17 41.56
C VAL E 278 45.80 -18.67 42.67
N CYS E 279 46.40 -18.39 43.82
CA CYS E 279 45.66 -17.88 44.98
C CYS E 279 46.50 -16.82 45.67
N TYR E 280 45.85 -15.74 46.11
CA TYR E 280 46.51 -14.62 46.76
C TYR E 280 46.03 -14.49 48.19
N LEU E 281 46.93 -14.07 49.07
CA LEU E 281 46.64 -13.99 50.49
C LEU E 281 47.51 -12.90 51.11
N GLY E 282 47.07 -12.40 52.26
CA GLY E 282 47.80 -11.36 52.95
C GLY E 282 47.54 -11.40 54.44
N LEU E 283 48.48 -10.88 55.21
CA LEU E 283 48.39 -10.86 56.67
C LEU E 283 48.87 -9.52 57.19
N VAL E 284 48.36 -9.13 58.36
CA VAL E 284 48.71 -7.86 58.98
C VAL E 284 48.53 -8.02 60.49
N TYR E 285 49.16 -7.13 61.25
CA TYR E 285 49.10 -7.20 62.71
C TYR E 285 48.78 -5.82 63.28
N LYS E 286 47.99 -5.81 64.36
CA LYS E 286 47.53 -4.57 64.98
C LYS E 286 47.69 -4.68 66.49
N LYS E 287 47.80 -3.52 67.15
CA LYS E 287 48.10 -3.45 68.58
C LYS E 287 46.83 -3.33 69.40
N ILE E 288 46.69 -4.21 70.39
CA ILE E 288 45.55 -4.20 71.31
C ILE E 288 46.05 -4.50 72.71
N GLU E 289 45.54 -3.76 73.70
CA GLU E 289 45.91 -3.97 75.11
C GLU E 289 44.65 -3.87 75.96
N LYS E 290 44.20 -5.01 76.49
CA LYS E 290 43.06 -5.02 77.41
C LYS E 290 43.43 -5.52 78.80
N SER E 291 43.97 -6.73 78.93
CA SER E 291 44.31 -7.29 80.23
C SER E 291 45.79 -7.64 80.36
N LYS E 292 46.31 -8.44 79.43
CA LYS E 292 47.71 -8.90 79.47
C LYS E 292 48.46 -8.52 78.21
N ASN E 293 47.96 -7.54 77.47
CA ASN E 293 48.52 -7.14 76.18
C ASN E 293 48.73 -8.32 75.23
N PRO E 294 47.66 -9.08 74.90
CA PRO E 294 47.83 -10.14 73.91
C PRO E 294 47.86 -9.61 72.48
N GLN E 295 49.05 -9.61 71.87
CA GLN E 295 49.22 -9.10 70.51
C GLN E 295 48.65 -10.13 69.54
N ASN E 296 47.32 -10.18 69.50
CA ASN E 296 46.64 -11.28 68.80
C ASN E 296 46.65 -11.06 67.29
N ALA E 297 45.95 -10.03 66.83
CA ALA E 297 45.88 -9.67 65.41
C ALA E 297 45.68 -10.88 64.51
N CYS E 298 46.61 -11.08 63.57
CA CYS E 298 46.56 -12.18 62.61
C CYS E 298 45.22 -12.21 61.88
N CYS E 299 44.82 -11.03 61.40
CA CYS E 299 43.53 -10.87 60.73
C CYS E 299 43.76 -11.03 59.23
N ALA E 300 43.59 -12.26 58.74
CA ALA E 300 43.85 -12.57 57.35
C ALA E 300 42.80 -11.95 56.44
N ALA E 301 43.14 -11.86 55.16
CA ALA E 301 42.25 -11.28 54.16
C ALA E 301 42.63 -11.83 52.79
N GLN E 302 41.72 -11.62 51.83
CA GLN E 302 41.93 -11.90 50.41
C GLN E 302 41.91 -13.39 50.11
N MET E 303 41.23 -13.78 49.02
CA MET E 303 41.29 -15.14 48.52
C MET E 303 41.65 -15.15 47.03
N PHE E 304 41.07 -14.22 46.28
CA PHE E 304 41.29 -14.08 44.85
C PHE E 304 41.28 -15.41 44.10
N LEU E 305 40.31 -16.27 44.40
CA LEU E 305 40.23 -17.55 43.71
C LEU E 305 39.55 -17.36 42.36
N ASP E 306 39.75 -18.34 41.47
CA ASP E 306 39.14 -18.32 40.15
C ASP E 306 38.46 -19.66 39.89
N ASN E 307 37.13 -19.62 39.78
CA ASN E 307 36.35 -20.78 39.38
C ASN E 307 36.40 -20.90 37.87
N GLY E 308 35.53 -21.71 37.27
CA GLY E 308 35.50 -21.82 35.82
C GLY E 308 35.38 -20.47 35.14
N ASP E 309 34.69 -19.52 35.78
CA ASP E 309 34.62 -18.15 35.28
C ASP E 309 34.18 -17.26 36.43
N GLY E 310 34.93 -16.19 36.69
CA GLY E 310 34.55 -15.23 37.70
C GLY E 310 35.65 -14.86 38.68
N THR E 311 35.42 -13.79 39.45
CA THR E 311 36.36 -13.34 40.47
C THR E 311 35.67 -13.38 41.83
N VAL E 312 36.46 -13.68 42.86
CA VAL E 312 35.94 -13.90 44.21
C VAL E 312 36.81 -13.15 45.20
N PHE E 313 36.17 -12.50 46.18
CA PHE E 313 36.86 -11.70 47.19
C PHE E 313 36.31 -12.02 48.58
N LYS E 314 36.16 -13.30 48.90
CA LYS E 314 35.62 -13.66 50.22
C LYS E 314 36.66 -13.48 51.31
N GLY E 315 37.75 -14.23 51.24
CA GLY E 315 38.80 -14.16 52.24
C GLY E 315 38.48 -14.99 53.47
N GLU E 316 39.52 -15.22 54.27
CA GLU E 316 39.40 -15.92 55.54
C GLU E 316 39.64 -14.93 56.67
N VAL E 317 38.73 -14.91 57.64
CA VAL E 317 38.74 -13.90 58.69
C VAL E 317 38.64 -14.60 60.04
N GLY E 318 39.18 -13.96 61.07
CA GLY E 318 39.17 -14.49 62.41
C GLY E 318 40.48 -14.20 63.12
N PRO E 319 40.40 -13.58 64.29
CA PRO E 319 41.61 -13.12 65.02
C PRO E 319 42.35 -14.22 65.77
N TRP E 320 43.22 -14.92 65.05
CA TRP E 320 44.10 -15.88 65.69
C TRP E 320 45.07 -15.14 66.61
N TYR E 321 45.32 -15.74 67.78
CA TYR E 321 45.97 -15.03 68.88
C TYR E 321 47.45 -15.34 68.95
N ASN E 322 48.24 -14.31 69.25
CA ASN E 322 49.66 -14.45 69.58
C ASN E 322 49.81 -13.94 71.02
N PRO E 323 49.83 -14.83 72.01
CA PRO E 323 49.81 -14.38 73.41
C PRO E 323 51.07 -13.64 73.84
N GLU E 324 52.16 -13.74 73.09
CA GLU E 324 53.41 -13.12 73.50
C GLU E 324 53.31 -11.59 73.40
N LYS E 325 54.38 -10.92 73.81
CA LYS E 325 54.40 -9.46 73.88
C LYS E 325 54.87 -8.85 72.57
N GLY E 326 56.10 -9.16 72.15
CA GLY E 326 56.67 -8.56 70.96
C GLY E 326 56.86 -9.53 69.81
N GLU E 327 56.39 -10.77 69.99
CA GLU E 327 56.53 -11.79 68.95
C GLU E 327 55.51 -11.52 67.85
N TYR E 328 55.85 -10.57 66.99
CA TYR E 328 55.01 -10.30 65.82
C TYR E 328 54.99 -11.48 64.86
N HIS E 329 55.93 -12.40 65.00
CA HIS E 329 55.92 -13.62 64.20
C HIS E 329 54.78 -14.53 64.64
N LEU E 330 54.24 -15.27 63.68
CA LEU E 330 53.03 -16.05 63.92
C LEU E 330 53.28 -17.22 64.87
N LYS E 331 52.27 -17.55 65.65
CA LYS E 331 52.36 -18.68 66.57
C LYS E 331 52.37 -19.99 65.78
N PRO E 332 52.98 -21.05 66.34
CA PRO E 332 53.01 -22.33 65.62
C PRO E 332 51.66 -23.01 65.56
N LYS E 333 50.88 -22.95 66.63
CA LYS E 333 49.58 -23.63 66.66
C LYS E 333 48.58 -22.96 65.72
N GLU E 334 48.58 -21.63 65.68
CA GLU E 334 47.61 -20.91 64.86
C GLU E 334 47.93 -21.00 63.36
N ALA E 335 49.17 -21.29 63.00
CA ALA E 335 49.56 -21.25 61.59
C ALA E 335 48.82 -22.28 60.77
N LYS E 336 48.65 -23.50 61.29
CA LYS E 336 48.01 -24.57 60.53
C LYS E 336 46.57 -24.22 60.20
N ALA E 337 45.85 -23.64 61.16
CA ALA E 337 44.42 -23.37 60.97
C ALA E 337 44.19 -22.38 59.84
N LEU E 338 45.09 -21.42 59.66
CA LEU E 338 44.91 -20.42 58.61
C LEU E 338 44.88 -21.07 57.24
N LEU E 339 45.88 -21.87 56.91
CA LEU E 339 45.91 -22.53 55.61
C LEU E 339 44.83 -23.58 55.49
N THR E 340 44.50 -24.26 56.59
CA THR E 340 43.42 -25.25 56.56
C THR E 340 42.09 -24.60 56.22
N GLN E 341 41.83 -23.42 56.79
CA GLN E 341 40.61 -22.68 56.51
C GLN E 341 40.65 -21.98 55.15
N ALA E 342 41.84 -21.74 54.60
CA ALA E 342 41.94 -21.12 53.29
C ALA E 342 41.75 -22.12 52.16
N LEU E 343 42.21 -23.36 52.32
CA LEU E 343 42.26 -24.30 51.21
C LEU E 343 40.87 -24.70 50.73
N GLU E 344 40.00 -25.13 51.66
CA GLU E 344 38.74 -25.74 51.26
C GLU E 344 37.79 -24.73 50.62
N SER E 345 37.91 -23.45 50.97
CA SER E 345 37.04 -22.44 50.38
C SER E 345 37.23 -22.38 48.87
N TYR E 346 38.48 -22.41 48.42
CA TYR E 346 38.73 -22.49 46.98
C TYR E 346 38.40 -23.89 46.44
N LYS E 347 38.71 -24.92 47.23
CA LYS E 347 38.56 -26.29 46.73
C LYS E 347 37.11 -26.59 46.36
N GLU E 348 36.17 -26.23 47.23
CA GLU E 348 34.78 -26.61 47.01
C GLU E 348 34.17 -25.82 45.85
N GLN E 349 34.59 -24.58 45.65
CA GLN E 349 34.08 -23.80 44.53
C GLN E 349 34.65 -24.30 43.21
N ASN E 350 35.96 -24.51 43.15
CA ASN E 350 36.60 -24.84 41.88
C ASN E 350 36.77 -26.34 41.65
N LYS E 351 36.30 -27.19 42.58
CA LYS E 351 36.31 -28.64 42.47
C LYS E 351 37.71 -29.23 42.45
N SER E 352 38.75 -28.41 42.53
CA SER E 352 40.13 -28.89 42.46
C SER E 352 41.00 -28.09 43.42
N TYR E 353 42.18 -28.64 43.71
CA TYR E 353 43.13 -28.02 44.60
C TYR E 353 43.90 -26.91 43.89
N PRO E 354 44.35 -25.88 44.64
CA PRO E 354 45.15 -24.82 44.03
C PRO E 354 46.59 -25.28 43.82
N LYS E 355 47.01 -25.34 42.56
CA LYS E 355 48.34 -25.86 42.24
C LYS E 355 49.43 -24.93 42.78
N GLU E 356 49.30 -23.62 42.52
CA GLU E 356 50.26 -22.63 42.98
C GLU E 356 49.56 -21.60 43.85
N VAL E 357 50.22 -21.21 44.95
CA VAL E 357 49.65 -20.25 45.90
C VAL E 357 50.68 -19.16 46.19
N PHE E 358 50.19 -18.06 46.75
CA PHE E 358 51.01 -16.91 47.09
C PHE E 358 50.73 -16.48 48.52
N ILE E 359 51.72 -15.87 49.16
CA ILE E 359 51.58 -15.29 50.49
C ILE E 359 52.25 -13.93 50.51
N HIS E 360 51.52 -12.92 50.96
CA HIS E 360 52.06 -11.58 51.16
C HIS E 360 52.16 -11.28 52.65
N ALA E 361 53.02 -10.32 52.98
CA ALA E 361 53.17 -9.91 54.38
C ALA E 361 53.83 -8.54 54.40
N ARG E 362 54.16 -8.08 55.60
CA ARG E 362 54.87 -6.81 55.78
C ARG E 362 55.95 -6.92 56.85
N THR E 363 56.34 -8.14 57.24
CA THR E 363 57.32 -8.35 58.30
C THR E 363 57.96 -9.72 58.08
N ARG E 364 59.28 -9.78 58.20
CA ARG E 364 59.98 -11.05 58.07
C ARG E 364 59.52 -12.00 59.18
N PHE E 365 59.34 -13.27 58.83
CA PHE E 365 58.90 -14.29 59.76
C PHE E 365 59.95 -15.38 59.89
N ASN E 366 59.88 -16.09 61.02
CA ASN E 366 60.91 -17.05 61.37
C ASN E 366 60.80 -18.32 60.53
N ASP E 367 61.56 -19.34 60.91
CA ASP E 367 61.68 -20.54 60.09
C ASP E 367 60.64 -21.59 60.46
N GLU E 368 60.36 -21.77 61.75
CA GLU E 368 59.50 -22.88 62.17
C GLU E 368 58.09 -22.74 61.63
N GLU E 369 57.57 -21.52 61.53
CA GLU E 369 56.28 -21.32 60.89
C GLU E 369 56.30 -21.76 59.43
N TRP E 370 57.37 -21.41 58.72
CA TRP E 370 57.51 -21.84 57.34
C TRP E 370 57.58 -23.35 57.23
N ASN E 371 58.31 -23.99 58.14
CA ASN E 371 58.35 -25.45 58.16
C ASN E 371 56.96 -26.03 58.34
N ALA E 372 56.24 -25.56 59.37
CA ALA E 372 54.90 -26.08 59.65
C ALA E 372 53.97 -25.88 58.47
N PHE E 373 54.07 -24.74 57.79
CA PHE E 373 53.31 -24.56 56.55
C PHE E 373 53.72 -25.57 55.50
N ASN E 374 55.02 -25.88 55.43
CA ASN E 374 55.50 -26.82 54.42
C ASN E 374 54.96 -28.22 54.65
N GLU E 375 54.89 -28.68 55.91
CA GLU E 375 54.21 -29.97 56.12
C GLU E 375 52.71 -29.84 55.91
N VAL E 376 52.13 -28.68 56.23
CA VAL E 376 50.68 -28.50 56.05
C VAL E 376 50.33 -28.43 54.57
N THR E 377 51.14 -27.73 53.78
CA THR E 377 50.79 -27.50 52.39
C THR E 377 50.76 -28.83 51.62
N PRO E 378 49.87 -28.97 50.65
CA PRO E 378 49.77 -30.24 49.91
C PRO E 378 50.88 -30.38 48.88
N LYS E 379 50.86 -31.52 48.19
CA LYS E 379 51.87 -31.83 47.19
C LYS E 379 51.79 -30.87 46.00
N ASN E 380 52.97 -30.55 45.44
CA ASN E 380 53.09 -29.70 44.26
C ASN E 380 52.53 -28.30 44.48
N THR E 381 52.78 -27.71 45.64
CA THR E 381 52.37 -26.34 45.94
C THR E 381 53.58 -25.56 46.41
N ASN E 382 53.85 -24.43 45.76
CA ASN E 382 54.97 -23.57 46.12
C ASN E 382 54.50 -22.47 47.05
N LEU E 383 55.24 -22.26 48.13
CA LEU E 383 54.94 -21.22 49.11
C LEU E 383 56.00 -20.14 49.04
N VAL E 384 55.57 -18.90 48.84
CA VAL E 384 56.47 -17.76 48.77
C VAL E 384 55.92 -16.64 49.64
N GLY E 385 56.79 -16.04 50.45
CA GLY E 385 56.41 -14.93 51.28
C GLY E 385 56.99 -13.62 50.79
N VAL E 386 56.13 -12.74 50.28
CA VAL E 386 56.57 -11.48 49.68
C VAL E 386 56.45 -10.38 50.73
N THR E 387 57.57 -9.71 51.00
CA THR E 387 57.63 -8.63 51.97
C THR E 387 57.72 -7.30 51.23
N ILE E 388 56.87 -6.35 51.62
CA ILE E 388 56.79 -5.03 50.99
C ILE E 388 57.14 -3.98 52.05
N THR E 389 58.07 -3.10 51.71
CA THR E 389 58.50 -2.03 52.61
C THR E 389 58.33 -0.68 51.93
N LYS E 390 57.80 0.29 52.68
CA LYS E 390 57.50 1.60 52.15
C LYS E 390 58.54 2.66 52.51
N SER E 391 59.22 2.53 53.64
CA SER E 391 60.14 3.56 54.12
C SER E 391 61.57 3.13 53.80
N LYS E 392 61.99 3.41 52.57
CA LYS E 392 63.36 3.18 52.12
C LYS E 392 63.83 4.36 51.29
N PRO E 393 64.80 5.14 51.77
CA PRO E 393 65.21 6.33 51.01
C PRO E 393 66.01 6.00 49.76
N LEU E 394 65.38 6.12 48.60
CA LEU E 394 66.02 5.92 47.31
C LEU E 394 65.61 7.04 46.36
N LYS E 395 65.73 8.28 46.83
CA LYS E 395 65.23 9.43 46.10
C LYS E 395 65.99 9.59 44.78
N LEU E 396 65.28 9.43 43.67
CA LEU E 396 65.86 9.62 42.35
C LEU E 396 65.55 11.04 41.85
N TYR E 397 66.08 11.36 40.67
CA TYR E 397 65.85 12.66 40.07
C TYR E 397 65.91 12.53 38.55
N LYS E 398 64.93 13.09 37.85
CA LYS E 398 65.05 13.28 36.42
C LYS E 398 66.16 14.29 36.14
N THR E 399 67.01 13.99 35.16
CA THR E 399 68.18 14.84 34.92
C THR E 399 67.77 16.24 34.47
N GLU E 400 66.76 16.35 33.62
CA GLU E 400 66.36 17.63 33.05
C GLU E 400 64.88 17.88 33.30
N GLY E 401 64.54 19.16 33.41
CA GLY E 401 63.15 19.58 33.53
C GLY E 401 62.62 19.54 34.95
N ALA E 402 61.49 20.22 35.14
CA ALA E 402 60.77 20.22 36.41
C ALA E 402 59.68 19.17 36.38
N PHE E 403 60.11 17.91 36.44
CA PHE E 403 59.19 16.83 36.12
C PHE E 403 59.79 15.50 36.55
N PRO E 404 58.99 14.62 37.19
CA PRO E 404 59.56 13.39 37.76
C PRO E 404 59.57 12.21 36.80
N ILE E 405 59.96 11.04 37.33
CA ILE E 405 60.08 9.81 36.54
C ILE E 405 58.70 9.18 36.34
N MET E 406 58.61 8.22 35.43
CA MET E 406 57.35 7.57 35.10
C MET E 406 56.97 6.59 36.21
N ARG E 407 55.91 5.83 35.99
CA ARG E 407 55.53 4.71 36.85
C ARG E 407 55.61 3.42 36.04
N GLY E 408 55.92 2.33 36.73
CA GLY E 408 56.17 1.06 36.08
C GLY E 408 57.64 0.74 35.89
N ASN E 409 58.54 1.57 36.39
CA ASN E 409 59.97 1.31 36.30
C ASN E 409 60.41 0.44 37.46
N ALA E 410 61.09 -0.67 37.15
CA ALA E 410 61.58 -1.60 38.13
C ALA E 410 63.10 -1.68 38.09
N TYR E 411 63.71 -1.84 39.25
CA TYR E 411 65.16 -1.96 39.35
C TYR E 411 65.48 -3.23 40.11
N ILE E 412 66.28 -4.10 39.49
CA ILE E 412 66.68 -5.38 40.07
C ILE E 412 68.12 -5.23 40.58
N VAL E 413 68.33 -5.60 41.84
CA VAL E 413 69.65 -5.46 42.46
C VAL E 413 70.31 -6.83 42.57
N ASP E 414 69.50 -7.87 42.65
CA ASP E 414 69.99 -9.23 42.83
C ASP E 414 68.92 -10.20 42.36
N GLU E 415 69.08 -11.48 42.71
CA GLU E 415 68.12 -12.49 42.30
C GLU E 415 66.77 -12.30 43.00
N LYS E 416 66.75 -11.77 44.22
CA LYS E 416 65.54 -11.73 45.03
C LYS E 416 65.03 -10.31 45.26
N LYS E 417 65.84 -9.42 45.82
CA LYS E 417 65.37 -8.10 46.19
C LYS E 417 65.12 -7.24 44.95
N ALA E 418 64.21 -6.27 45.08
CA ALA E 418 63.88 -5.40 43.96
C ALA E 418 63.31 -4.09 44.49
N PHE E 419 63.42 -3.06 43.66
CA PHE E 419 62.82 -1.75 43.93
C PHE E 419 61.79 -1.47 42.84
N LEU E 420 60.59 -1.08 43.24
CA LEU E 420 59.50 -0.86 42.30
C LEU E 420 58.86 0.49 42.55
N TRP E 421 58.40 1.12 41.46
CA TRP E 421 57.72 2.41 41.50
C TRP E 421 56.26 2.22 41.15
N THR E 422 55.38 2.96 41.83
CA THR E 422 53.97 2.97 41.49
C THR E 422 53.46 4.39 41.38
N LEU E 423 54.08 5.31 42.10
CA LEU E 423 53.66 6.71 42.15
C LEU E 423 54.41 7.57 41.13
N GLY E 424 54.40 7.15 39.87
CA GLY E 424 54.96 7.96 38.81
C GLY E 424 53.86 8.54 37.94
N PHE E 425 54.16 9.60 37.19
CA PHE E 425 53.12 10.30 36.46
C PHE E 425 52.53 9.40 35.39
N VAL E 426 51.24 9.58 35.15
CA VAL E 426 50.56 8.87 34.06
C VAL E 426 50.93 9.58 32.76
N PRO E 427 51.16 8.85 31.67
CA PRO E 427 51.39 9.54 30.39
C PRO E 427 50.22 10.40 29.94
N LYS E 428 48.99 10.05 30.32
CA LYS E 428 47.81 10.76 29.84
C LYS E 428 47.27 11.77 30.85
N LEU E 429 47.62 11.67 32.13
CA LEU E 429 47.10 12.58 33.13
C LEU E 429 47.80 13.93 33.14
N GLN E 430 48.91 14.07 32.41
CA GLN E 430 49.64 15.33 32.28
C GLN E 430 50.16 15.85 33.62
N SER E 431 50.23 14.99 34.63
CA SER E 431 50.72 15.36 35.95
C SER E 431 51.06 14.08 36.71
N THR E 432 51.56 14.26 37.92
CA THR E 432 52.04 13.16 38.75
C THR E 432 51.15 13.00 39.97
N LEU E 433 50.88 11.75 40.36
CA LEU E 433 50.02 11.49 41.50
C LEU E 433 50.61 12.05 42.79
N SER E 434 51.92 11.87 42.98
CA SER E 434 52.57 12.37 44.18
C SER E 434 52.71 13.89 44.14
N MET E 435 52.51 14.52 45.29
CA MET E 435 52.69 15.98 45.37
C MET E 435 54.14 16.36 45.19
N GLU E 436 55.04 15.70 45.89
CA GLU E 436 56.47 15.91 45.79
C GLU E 436 57.09 14.83 44.92
N VAL E 437 58.42 14.81 44.85
CA VAL E 437 59.14 13.73 44.17
C VAL E 437 58.84 12.42 44.89
N PRO E 438 58.34 11.41 44.19
CA PRO E 438 57.89 10.19 44.86
C PRO E 438 59.05 9.32 45.33
N ASN E 439 58.75 8.47 46.30
CA ASN E 439 59.70 7.50 46.82
C ASN E 439 59.27 6.08 46.45
N PRO E 440 60.24 5.19 46.20
CA PRO E 440 59.90 3.84 45.74
C PRO E 440 59.31 2.95 46.82
N ILE E 441 59.07 1.69 46.47
CA ILE E 441 58.76 0.64 47.44
C ILE E 441 59.73 -0.50 47.22
N PHE E 442 59.97 -1.27 48.27
CA PHE E 442 60.96 -2.35 48.26
C PHE E 442 60.24 -3.69 48.35
N ILE E 443 60.60 -4.60 47.46
CA ILE E 443 60.02 -5.94 47.39
C ILE E 443 61.10 -6.95 47.70
N GLU E 444 60.82 -7.86 48.63
CA GLU E 444 61.76 -8.91 49.00
C GLU E 444 61.05 -10.26 49.01
N ILE E 445 61.79 -11.29 48.65
CA ILE E 445 61.30 -12.67 48.71
C ILE E 445 62.09 -13.37 49.82
N ASN E 446 61.44 -13.58 50.96
CA ASN E 446 62.12 -14.19 52.11
C ASN E 446 62.40 -15.67 51.85
N LYS E 447 61.35 -16.45 51.61
CA LYS E 447 61.47 -17.87 51.40
C LYS E 447 60.63 -18.30 50.21
N GLY E 448 61.00 -19.43 49.63
CA GLY E 448 60.28 -19.96 48.48
C GLY E 448 61.03 -19.75 47.19
N GLU E 449 60.81 -20.67 46.24
CA GLU E 449 61.46 -20.65 44.95
C GLU E 449 60.42 -20.45 43.85
N ALA E 450 60.62 -19.43 43.03
CA ALA E 450 59.71 -19.13 41.92
C ALA E 450 60.44 -18.19 40.96
N GLU E 451 59.73 -17.72 39.94
CA GLU E 451 60.30 -16.82 38.96
C GLU E 451 60.10 -15.38 39.41
N ILE E 452 61.18 -14.61 39.46
CA ILE E 452 61.13 -13.26 40.01
C ILE E 452 60.36 -12.32 39.09
N GLN E 453 60.55 -12.45 37.78
CA GLN E 453 59.99 -11.46 36.84
C GLN E 453 58.47 -11.47 36.85
N GLN E 454 57.86 -12.64 36.87
CA GLN E 454 56.40 -12.70 36.88
C GLN E 454 55.83 -12.19 38.18
N VAL E 455 56.54 -12.39 39.30
CA VAL E 455 56.11 -11.81 40.56
C VAL E 455 56.20 -10.29 40.51
N LEU E 456 57.29 -9.75 39.95
CA LEU E 456 57.44 -8.31 39.85
C LEU E 456 56.36 -7.69 38.99
N LYS E 457 56.00 -8.35 37.88
CA LYS E 457 54.94 -7.80 37.04
C LYS E 457 53.55 -8.02 37.62
N ASP E 458 53.37 -9.07 38.43
CA ASP E 458 52.04 -9.45 38.89
C ASP E 458 51.51 -8.53 39.98
N ILE E 459 52.40 -8.00 40.82
CA ILE E 459 51.96 -7.10 41.89
C ILE E 459 51.33 -5.84 41.33
N LEU E 460 51.86 -5.33 40.21
CA LEU E 460 51.30 -4.12 39.61
C LEU E 460 49.86 -4.32 39.15
N ALA E 461 49.50 -5.55 38.79
CA ALA E 461 48.13 -5.83 38.37
C ALA E 461 47.12 -5.68 39.50
N LEU E 462 47.57 -5.73 40.75
CA LEU E 462 46.69 -5.61 41.90
C LEU E 462 46.74 -4.22 42.54
N THR E 463 47.16 -3.21 41.78
CA THR E 463 47.29 -1.86 42.30
C THR E 463 46.12 -0.96 41.90
N LYS E 464 45.04 -1.55 41.36
CA LYS E 464 43.90 -0.75 40.89
C LYS E 464 42.55 -1.28 41.35
N LEU E 465 42.51 -2.33 42.15
CA LEU E 465 41.23 -2.87 42.64
C LEU E 465 40.83 -2.26 43.98
N ASN E 466 40.79 -0.93 44.02
CA ASN E 466 40.33 -0.20 45.20
C ASN E 466 38.89 0.23 44.93
N TYR E 467 37.94 -0.45 45.56
CA TYR E 467 36.53 -0.15 45.35
C TYR E 467 36.04 1.03 46.17
N ASN E 468 36.76 1.43 47.21
CA ASN E 468 36.35 2.56 48.02
C ASN E 468 36.54 3.89 47.32
N ALA E 469 37.28 3.94 46.22
CA ALA E 469 37.54 5.18 45.51
C ALA E 469 37.73 4.87 44.03
N CYS E 470 37.86 5.93 43.24
CA CYS E 470 38.10 5.81 41.80
C CYS E 470 39.37 6.52 41.40
N ILE E 471 40.41 6.40 42.23
CA ILE E 471 41.72 6.88 41.83
C ILE E 471 42.27 5.96 40.75
N TYR E 472 43.21 6.48 39.95
CA TYR E 472 43.78 5.67 38.88
C TYR E 472 44.50 4.45 39.44
N ALA E 473 45.27 4.62 40.50
CA ALA E 473 46.00 3.51 41.11
C ALA E 473 46.33 3.87 42.55
N ASP E 474 46.64 2.84 43.33
CA ASP E 474 47.08 3.01 44.71
C ASP E 474 48.46 2.39 44.88
N GLY E 475 49.28 2.99 45.74
CA GLY E 475 50.65 2.56 45.93
C GLY E 475 50.79 1.11 46.32
N GLU E 476 50.34 0.76 47.52
CA GLU E 476 50.40 -0.63 47.94
C GLU E 476 49.30 -1.45 47.27
N PRO E 477 49.50 -2.75 47.12
CA PRO E 477 48.40 -3.62 46.70
C PRO E 477 47.29 -3.60 47.74
N VAL E 478 46.05 -3.72 47.26
CA VAL E 478 44.88 -3.48 48.10
C VAL E 478 44.60 -4.66 49.03
N THR E 479 45.38 -5.73 48.92
CA THR E 479 45.23 -6.85 49.84
C THR E 479 45.61 -6.43 51.26
N LEU E 480 46.77 -5.81 51.42
CA LEU E 480 47.18 -5.30 52.72
C LEU E 480 46.21 -4.23 53.21
N ARG E 481 45.70 -3.41 52.29
CA ARG E 481 44.71 -2.40 52.67
C ARG E 481 43.45 -3.04 53.23
N PHE E 482 42.96 -4.09 52.57
CA PHE E 482 41.76 -4.78 53.06
C PHE E 482 42.01 -5.41 54.42
N ALA E 483 43.16 -6.06 54.59
CA ALA E 483 43.47 -6.68 55.87
C ALA E 483 43.55 -5.63 56.99
N ASN E 484 44.22 -4.52 56.71
CA ASN E 484 44.31 -3.44 57.69
C ASN E 484 42.93 -2.89 58.03
N LYS E 485 42.08 -2.70 57.02
CA LYS E 485 40.74 -2.17 57.27
C LYS E 485 39.91 -3.11 58.12
N ILE E 486 40.03 -4.42 57.87
CA ILE E 486 39.32 -5.39 58.71
C ILE E 486 39.84 -5.34 60.14
N GLY E 487 41.15 -5.11 60.31
CA GLY E 487 41.76 -5.20 61.62
C GLY E 487 41.08 -4.33 62.67
N GLU E 488 41.16 -3.01 62.51
CA GLU E 488 40.65 -2.10 63.53
C GLU E 488 39.14 -2.19 63.72
N ILE E 489 38.41 -2.70 62.74
CA ILE E 489 36.97 -2.75 62.85
C ILE E 489 36.48 -4.05 63.49
N LEU E 490 37.27 -5.12 63.41
CA LEU E 490 36.86 -6.37 64.03
C LEU E 490 37.24 -6.44 65.51
N THR E 491 38.17 -5.60 65.96
CA THR E 491 38.68 -5.66 67.32
C THR E 491 37.92 -4.74 68.28
N ALA E 492 36.89 -4.03 67.82
CA ALA E 492 36.15 -3.14 68.70
C ALA E 492 35.39 -3.91 69.77
N SER E 493 34.74 -5.02 69.39
CA SER E 493 34.00 -5.85 70.31
C SER E 493 34.52 -7.28 70.23
N THR E 494 34.79 -7.88 71.39
CA THR E 494 35.35 -9.22 71.46
C THR E 494 34.28 -10.31 71.46
N GLU E 495 33.01 -9.94 71.46
CA GLU E 495 31.92 -10.92 71.54
C GLU E 495 31.45 -11.42 70.18
N ILE E 496 32.06 -10.96 69.10
CA ILE E 496 31.63 -11.38 67.76
C ILE E 496 32.11 -12.80 67.48
N LYS E 497 31.19 -13.65 67.04
CA LYS E 497 31.49 -15.04 66.73
C LYS E 497 31.01 -15.34 65.32
N THR E 498 31.84 -16.06 64.55
CA THR E 498 31.60 -16.40 63.15
C THR E 498 31.28 -15.15 62.34
N PRO E 499 32.27 -14.30 62.07
CA PRO E 499 32.01 -13.09 61.31
C PRO E 499 31.65 -13.41 59.87
N PRO E 500 30.90 -12.54 59.20
CA PRO E 500 30.55 -12.80 57.80
C PRO E 500 31.75 -12.69 56.88
N LEU E 501 31.59 -13.23 55.68
CA LEU E 501 32.67 -13.34 54.71
C LEU E 501 32.41 -12.49 53.47
N ALA E 502 31.95 -11.25 53.67
CA ALA E 502 31.70 -10.33 52.58
C ALA E 502 32.29 -8.97 52.92
N PHE E 503 32.68 -8.23 51.87
CA PHE E 503 33.31 -6.92 52.01
C PHE E 503 32.30 -5.78 52.12
N LYS E 504 31.01 -6.06 52.00
CA LYS E 504 30.02 -4.99 51.88
C LYS E 504 29.85 -4.22 53.19
N TYR E 505 29.86 -4.91 54.32
CA TYR E 505 29.32 -4.38 55.57
C TYR E 505 30.23 -3.36 56.25
N TYR E 506 31.55 -3.54 56.16
CA TYR E 506 32.49 -2.73 56.93
C TYR E 506 33.33 -1.79 56.09
N ILE E 507 33.15 -1.79 54.77
CA ILE E 507 33.88 -0.85 53.93
C ILE E 507 33.20 0.51 53.95
N MET F 1 23.68 19.87 1.49
CA MET F 1 22.47 19.43 2.15
C MET F 1 22.53 17.93 2.45
N ARG F 2 23.43 17.24 1.75
CA ARG F 2 23.61 15.80 1.91
C ARG F 2 24.34 15.55 3.23
N ASN F 3 23.57 15.58 4.31
CA ASN F 3 24.11 15.51 5.67
C ASN F 3 23.89 14.16 6.34
N LYS F 4 22.72 13.56 6.17
CA LYS F 4 22.38 12.34 6.89
C LYS F 4 23.28 11.18 6.47
N ILE F 5 23.59 10.31 7.43
CA ILE F 5 24.37 9.11 7.18
C ILE F 5 23.50 7.89 7.47
N PHE F 6 23.35 7.03 6.48
CA PHE F 6 22.65 5.76 6.67
C PHE F 6 23.61 4.71 7.22
N ILE F 7 23.06 3.79 8.01
CA ILE F 7 23.82 2.69 8.60
C ILE F 7 23.03 1.41 8.41
N SER F 8 23.51 0.54 7.53
CA SER F 8 22.92 -0.79 7.37
C SER F 8 23.40 -1.72 8.47
N HIS F 9 22.59 -2.73 8.77
CA HIS F 9 22.91 -3.67 9.85
C HIS F 9 21.99 -4.87 9.72
N ALA F 10 22.11 -5.79 10.68
CA ALA F 10 21.23 -6.95 10.81
C ALA F 10 20.59 -6.87 12.18
N THR F 11 19.29 -6.54 12.21
CA THR F 11 18.64 -6.24 13.48
C THR F 11 18.61 -7.41 14.46
N PRO F 12 18.18 -8.62 14.11
CA PRO F 12 18.08 -9.69 15.12
C PRO F 12 19.43 -10.10 15.71
N GLU F 13 20.54 -9.78 15.07
CA GLU F 13 21.86 -10.21 15.53
C GLU F 13 22.58 -9.16 16.33
N ASP F 14 22.79 -7.96 15.78
CA ASP F 14 23.58 -6.93 16.42
C ASP F 14 22.79 -5.62 16.44
N ASP F 15 22.55 -5.09 17.63
CA ASP F 15 21.91 -3.79 17.82
C ASP F 15 22.69 -2.86 18.72
N ASP F 16 23.36 -3.39 19.74
CA ASP F 16 24.04 -2.53 20.72
C ASP F 16 25.18 -1.74 20.10
N PHE F 17 25.93 -2.36 19.18
CA PHE F 17 27.00 -1.64 18.50
C PHE F 17 26.45 -0.48 17.69
N THR F 18 25.35 -0.71 16.96
CA THR F 18 24.72 0.36 16.19
C THR F 18 24.21 1.45 17.11
N ARG F 19 23.64 1.09 18.25
CA ARG F 19 23.17 2.09 19.21
C ARG F 19 24.33 2.94 19.72
N TRP F 20 25.44 2.29 20.05
CA TRP F 20 26.62 3.03 20.53
C TRP F 20 27.11 4.00 19.47
N LEU F 21 27.21 3.54 18.22
CA LEU F 21 27.65 4.42 17.14
C LEU F 21 26.71 5.59 16.95
N SER F 22 25.40 5.32 16.93
CA SER F 22 24.42 6.38 16.71
C SER F 22 24.49 7.42 17.83
N LEU F 23 24.53 6.96 19.08
CA LEU F 23 24.57 7.88 20.20
C LEU F 23 25.85 8.71 20.19
N LYS F 24 26.99 8.09 19.89
CA LYS F 24 28.24 8.84 19.89
C LYS F 24 28.28 9.84 18.74
N LEU F 25 27.77 9.47 17.56
CA LEU F 25 27.73 10.41 16.45
C LEU F 25 26.81 11.58 16.76
N ILE F 26 25.67 11.32 17.42
CA ILE F 26 24.80 12.42 17.84
C ILE F 26 25.51 13.31 18.85
N GLY F 27 26.22 12.70 19.80
CA GLY F 27 26.90 13.49 20.81
C GLY F 27 28.01 14.36 20.24
N LEU F 28 28.74 13.85 19.25
CA LEU F 28 29.78 14.65 18.62
C LEU F 28 29.20 15.86 17.91
N GLY F 29 28.06 15.69 17.23
CA GLY F 29 27.42 16.78 16.54
C GLY F 29 26.85 16.39 15.20
N TYR F 30 27.38 15.31 14.61
CA TYR F 30 26.90 14.85 13.32
C TYR F 30 25.44 14.45 13.40
N GLU F 31 24.73 14.64 12.28
CA GLU F 31 23.36 14.14 12.16
C GLU F 31 23.40 12.73 11.59
N VAL F 32 22.52 11.88 12.11
CA VAL F 32 22.55 10.45 11.79
C VAL F 32 21.15 9.99 11.43
N TRP F 33 21.09 8.92 10.63
CA TRP F 33 19.85 8.24 10.31
C TRP F 33 20.07 6.74 10.48
N CYS F 34 19.19 6.09 11.22
CA CYS F 34 19.35 4.68 11.57
C CYS F 34 18.27 3.85 10.88
N ASP F 35 18.65 2.64 10.45
CA ASP F 35 17.72 1.76 9.76
C ASP F 35 16.52 1.44 10.64
N ILE F 36 16.75 1.15 11.91
CA ILE F 36 15.68 0.92 12.87
C ILE F 36 15.77 1.95 13.98
N LEU F 37 14.87 1.86 14.96
CA LEU F 37 14.85 2.71 16.16
C LEU F 37 14.87 4.20 15.85
N PHE F 38 14.59 4.57 14.59
CA PHE F 38 14.41 5.98 14.24
C PHE F 38 13.20 6.24 13.37
N LEU F 39 12.69 5.25 12.64
CA LEU F 39 11.49 5.41 11.83
C LEU F 39 10.26 5.23 12.71
N ASP F 40 9.08 5.14 12.10
CA ASP F 40 7.83 4.99 12.83
C ASP F 40 6.78 4.42 11.87
N LYS F 41 5.53 4.42 12.32
CA LYS F 41 4.33 4.08 11.54
C LYS F 41 4.42 2.77 10.78
N GLY F 42 3.56 2.59 9.79
CA GLY F 42 3.56 1.41 8.95
C GLY F 42 4.71 1.42 7.98
N VAL F 43 4.65 0.49 7.02
CA VAL F 43 5.73 0.34 6.04
C VAL F 43 5.68 1.54 5.10
N ASP F 44 6.62 2.47 5.30
CA ASP F 44 7.00 3.43 4.29
C ASP F 44 8.50 3.43 4.08
N PHE F 45 9.22 2.52 4.76
CA PHE F 45 10.66 2.48 4.64
C PHE F 45 11.10 2.02 3.26
N TRP F 46 10.35 1.12 2.62
CA TRP F 46 10.65 0.78 1.23
C TRP F 46 10.52 1.99 0.32
N SER F 47 9.83 3.04 0.77
CA SER F 47 9.76 4.30 0.04
C SER F 47 10.61 5.38 0.69
N THR F 48 10.52 5.56 2.01
CA THR F 48 11.24 6.65 2.66
C THR F 48 12.75 6.42 2.66
N ILE F 49 13.19 5.18 2.93
CA ILE F 49 14.62 4.89 2.92
C ILE F 49 15.20 5.19 1.55
N GLU F 50 14.52 4.74 0.49
CA GLU F 50 15.04 4.88 -0.85
C GLU F 50 14.81 6.26 -1.44
N LYS F 51 13.95 7.08 -0.84
CA LYS F 51 13.90 8.48 -1.23
C LYS F 51 14.94 9.30 -0.48
N GLU F 52 15.28 8.90 0.75
CA GLU F 52 16.31 9.61 1.51
C GLU F 52 17.70 9.30 0.99
N ILE F 53 17.99 8.03 0.68
CA ILE F 53 19.29 7.66 0.15
C ILE F 53 19.56 8.27 -1.21
N ARG F 54 18.53 8.81 -1.86
CA ARG F 54 18.71 9.59 -3.07
C ARG F 54 18.64 11.10 -2.83
N GLU F 55 18.18 11.52 -1.65
CA GLU F 55 17.96 12.94 -1.37
C GLU F 55 19.13 13.58 -0.64
N ASN F 56 19.45 13.09 0.57
CA ASN F 56 20.44 13.77 1.41
C ASN F 56 21.41 12.83 2.09
N THR F 57 21.62 11.62 1.56
CA THR F 57 22.58 10.72 2.17
C THR F 57 24.01 11.24 1.95
N CYS F 58 24.88 10.95 2.91
CA CYS F 58 26.28 11.33 2.82
C CYS F 58 27.20 10.13 2.66
N LYS F 59 27.06 9.13 3.53
CA LYS F 59 27.86 7.92 3.47
C LYS F 59 26.94 6.71 3.47
N PHE F 60 27.55 5.53 3.37
CA PHE F 60 26.85 4.25 3.42
C PHE F 60 27.57 3.31 4.37
N LEU F 61 27.86 3.79 5.58
CA LEU F 61 28.59 2.99 6.55
C LEU F 61 27.81 1.71 6.87
N ILE F 62 28.34 0.58 6.43
CA ILE F 62 27.69 -0.72 6.59
C ILE F 62 28.60 -1.62 7.39
N VAL F 63 28.05 -2.25 8.42
CA VAL F 63 28.80 -3.21 9.22
C VAL F 63 28.77 -4.56 8.52
N SER F 64 29.84 -5.33 8.71
CA SER F 64 29.97 -6.66 8.12
C SER F 64 29.99 -7.70 9.22
N SER F 65 29.09 -8.67 9.14
CA SER F 65 29.00 -9.75 10.10
C SER F 65 28.88 -11.08 9.36
N THR F 66 29.34 -12.14 10.02
CA THR F 66 29.25 -13.47 9.41
C THR F 66 27.82 -13.90 9.18
N ALA F 67 26.89 -13.39 10.00
CA ALA F 67 25.48 -13.70 9.82
C ALA F 67 24.82 -12.88 8.72
N GLY F 68 25.41 -11.75 8.34
CA GLY F 68 24.83 -10.88 7.35
C GLY F 68 25.12 -11.22 5.91
N ASN F 69 25.85 -12.31 5.64
CA ASN F 69 26.16 -12.68 4.27
C ASN F 69 24.90 -13.03 3.49
N LYS F 70 23.97 -13.76 4.11
CA LYS F 70 22.75 -14.24 3.46
C LYS F 70 21.55 -13.39 3.82
N ARG F 71 21.73 -12.08 4.00
CA ARG F 71 20.64 -11.17 4.33
C ARG F 71 20.29 -10.34 3.10
N GLU F 72 19.00 -10.31 2.76
CA GLU F 72 18.57 -9.64 1.54
C GLU F 72 18.57 -8.12 1.67
N GLY F 73 18.14 -7.60 2.82
CA GLY F 73 18.02 -6.15 2.96
C GLY F 73 19.35 -5.44 2.82
N VAL F 74 20.41 -5.98 3.42
CA VAL F 74 21.71 -5.33 3.37
C VAL F 74 22.22 -5.29 1.94
N LEU F 75 22.02 -6.38 1.18
CA LEU F 75 22.50 -6.40 -0.19
C LEU F 75 21.66 -5.52 -1.11
N LYS F 76 20.35 -5.40 -0.85
CA LYS F 76 19.55 -4.44 -1.62
C LYS F 76 20.02 -3.02 -1.38
N GLU F 77 20.27 -2.66 -0.12
CA GLU F 77 20.77 -1.33 0.18
C GLU F 77 22.16 -1.12 -0.42
N LEU F 78 22.99 -2.16 -0.41
CA LEU F 78 24.30 -2.07 -1.04
C LEU F 78 24.17 -1.83 -2.54
N ALA F 79 23.23 -2.50 -3.19
CA ALA F 79 23.03 -2.31 -4.63
C ALA F 79 22.59 -0.88 -4.94
N VAL F 80 21.61 -0.37 -4.18
CA VAL F 80 21.15 0.98 -4.45
C VAL F 80 22.24 1.99 -4.14
N ALA F 81 23.06 1.73 -3.12
CA ALA F 81 24.18 2.61 -2.80
C ALA F 81 25.21 2.60 -3.91
N THR F 82 25.54 1.43 -4.46
CA THR F 82 26.50 1.36 -5.55
C THR F 82 25.98 2.10 -6.77
N LYS F 83 24.69 1.95 -7.09
CA LYS F 83 24.16 2.62 -8.27
C LYS F 83 24.11 4.13 -8.08
N VAL F 84 23.73 4.60 -6.89
CA VAL F 84 23.71 6.05 -6.69
C VAL F 84 25.13 6.61 -6.67
N LYS F 85 26.10 5.86 -6.15
CA LYS F 85 27.49 6.29 -6.21
C LYS F 85 27.99 6.36 -7.64
N LYS F 86 27.64 5.36 -8.47
CA LYS F 86 28.04 5.39 -9.87
C LYS F 86 27.40 6.57 -10.60
N HIS F 87 26.15 6.89 -10.26
CA HIS F 87 25.53 8.08 -10.82
C HIS F 87 26.28 9.33 -10.40
N LEU F 88 26.68 9.41 -9.13
CA LEU F 88 27.46 10.53 -8.64
C LEU F 88 28.92 10.48 -9.06
N GLN F 89 29.44 9.27 -9.34
CA GLN F 89 30.83 9.08 -9.76
C GLN F 89 31.82 9.60 -8.72
N ASP F 90 31.77 8.99 -7.54
CA ASP F 90 32.67 9.35 -6.45
C ASP F 90 32.96 8.11 -5.62
N ASP F 91 34.23 7.94 -5.25
CA ASP F 91 34.63 6.89 -4.31
C ASP F 91 34.41 7.30 -2.86
N MET F 92 33.84 8.49 -2.65
CA MET F 92 33.54 9.02 -1.32
C MET F 92 32.48 8.21 -0.58
N PHE F 93 31.73 7.35 -1.27
CA PHE F 93 30.40 7.01 -0.79
C PHE F 93 30.42 5.96 0.32
N ILE F 94 30.89 4.75 0.02
CA ILE F 94 30.75 3.62 0.94
C ILE F 94 32.04 3.41 1.71
N ILE F 95 31.89 3.04 2.99
CA ILE F 95 33.02 2.70 3.87
C ILE F 95 32.61 1.52 4.74
N PRO F 96 33.03 0.29 4.42
CA PRO F 96 32.64 -0.85 5.24
C PRO F 96 33.31 -0.84 6.61
N LEU F 97 32.66 -1.49 7.57
CA LEU F 97 33.18 -1.67 8.92
C LEU F 97 33.17 -3.14 9.26
N ALA F 98 34.11 -3.56 10.11
CA ALA F 98 34.27 -4.96 10.49
C ALA F 98 34.12 -5.12 11.99
N ILE F 99 33.34 -6.12 12.40
CA ILE F 99 33.12 -6.39 13.81
C ILE F 99 33.58 -7.80 14.16
N ASP F 100 33.50 -8.71 13.18
CA ASP F 100 33.91 -10.09 13.38
C ASP F 100 35.27 -10.33 12.75
N GLU F 101 36.11 -11.08 13.44
CA GLU F 101 37.46 -11.37 12.98
C GLU F 101 37.76 -12.86 13.04
N ASN F 102 36.73 -13.68 12.89
CA ASN F 102 36.88 -15.13 12.75
C ASN F 102 36.29 -15.63 11.44
N LEU F 103 36.13 -14.74 10.46
CA LEU F 103 35.58 -15.08 9.16
C LEU F 103 36.71 -15.15 8.14
N SER F 104 36.63 -16.15 7.26
CA SER F 104 37.67 -16.36 6.27
C SER F 104 37.62 -15.30 5.18
N TYR F 105 38.71 -15.21 4.41
CA TYR F 105 38.81 -14.20 3.38
C TYR F 105 38.00 -14.55 2.13
N ASP F 106 37.71 -15.84 1.92
CA ASP F 106 37.05 -16.29 0.70
C ASP F 106 35.54 -16.42 0.83
N ASP F 107 34.97 -16.12 2.00
CA ASP F 107 33.52 -16.18 2.18
C ASP F 107 32.85 -14.82 2.10
N ILE F 108 33.63 -13.74 2.05
CA ILE F 108 33.11 -12.38 2.05
C ILE F 108 32.44 -12.06 0.72
N ASN F 109 31.71 -10.95 0.67
CA ASN F 109 31.01 -10.54 -0.53
C ASN F 109 32.01 -10.17 -1.63
N ILE F 110 31.51 -10.14 -2.86
CA ILE F 110 32.37 -9.87 -4.02
C ILE F 110 32.96 -8.46 -3.95
N GLU F 111 32.18 -7.50 -3.44
CA GLU F 111 32.66 -6.13 -3.23
C GLU F 111 32.29 -5.69 -1.82
N ILE F 112 33.11 -6.10 -0.84
CA ILE F 112 32.85 -5.70 0.54
C ILE F 112 34.11 -5.21 1.25
N VAL F 113 35.28 -5.50 0.68
CA VAL F 113 36.54 -5.06 1.30
C VAL F 113 37.43 -4.39 0.28
N ARG F 114 36.93 -4.22 -0.95
CA ARG F 114 37.74 -3.60 -1.99
C ARG F 114 38.03 -2.13 -1.72
N LEU F 115 37.37 -1.52 -0.74
CA LEU F 115 37.64 -0.16 -0.33
C LEU F 115 38.38 -0.17 1.02
N ASN F 116 38.61 1.02 1.56
CA ASN F 116 39.31 1.16 2.82
C ASN F 116 38.44 0.64 3.96
N ALA F 117 38.77 -0.54 4.47
CA ALA F 117 37.99 -1.18 5.53
C ALA F 117 38.73 -1.05 6.85
N ILE F 118 38.02 -0.57 7.87
CA ILE F 118 38.60 -0.34 9.20
C ILE F 118 38.19 -1.47 10.12
N ASP F 119 39.07 -1.78 11.07
CA ASP F 119 38.89 -2.90 11.99
C ASP F 119 38.47 -2.40 13.36
N PHE F 120 37.85 -3.31 14.14
CA PHE F 120 37.37 -2.99 15.48
C PHE F 120 37.64 -4.10 16.48
N LYS F 121 38.51 -5.06 16.16
CA LYS F 121 38.69 -6.23 17.01
C LYS F 121 39.29 -5.85 18.36
N LYS F 122 40.41 -5.13 18.34
CA LYS F 122 41.14 -4.89 19.59
C LYS F 122 40.36 -3.98 20.53
N SER F 123 39.76 -2.92 20.01
CA SER F 123 38.98 -2.00 20.82
C SER F 123 38.01 -1.27 19.90
N TRP F 124 37.00 -0.66 20.52
CA TRP F 124 35.98 0.06 19.77
C TRP F 124 36.20 1.57 19.75
N ALA F 125 36.91 2.12 20.74
CA ALA F 125 37.17 3.55 20.75
C ALA F 125 38.23 3.92 19.71
N LYS F 126 39.27 3.09 19.57
CA LYS F 126 40.31 3.37 18.58
C LYS F 126 39.75 3.32 17.16
N GLY F 127 38.88 2.34 16.88
CA GLY F 127 38.29 2.25 15.55
C GLY F 127 37.43 3.45 15.21
N LEU F 128 36.61 3.90 16.16
CA LEU F 128 35.79 5.08 15.90
C LEU F 128 36.63 6.33 15.81
N GLN F 129 37.75 6.40 16.54
CA GLN F 129 38.69 7.50 16.36
C GLN F 129 39.28 7.49 14.96
N ASP F 130 39.64 6.32 14.45
CA ASP F 130 40.14 6.20 13.08
C ASP F 130 39.08 6.65 12.09
N LEU F 131 37.83 6.23 12.29
CA LEU F 131 36.76 6.66 11.39
C LEU F 131 36.55 8.16 11.45
N LEU F 132 36.62 8.75 12.64
CA LEU F 132 36.46 10.20 12.78
C LEU F 132 37.58 10.94 12.06
N ASP F 133 38.82 10.47 12.21
CA ASP F 133 39.93 11.13 11.53
C ASP F 133 39.83 10.97 10.02
N ALA F 134 39.37 9.81 9.55
CA ALA F 134 39.16 9.62 8.12
C ALA F 134 38.08 10.56 7.60
N PHE F 135 36.99 10.72 8.36
CA PHE F 135 35.95 11.66 7.97
C PHE F 135 36.49 13.09 7.91
N GLU F 136 37.30 13.47 8.90
CA GLU F 136 37.86 14.82 8.92
C GLU F 136 38.79 15.04 7.73
N LYS F 137 39.63 14.05 7.41
CA LYS F 137 40.55 14.20 6.28
C LYS F 137 39.79 14.26 4.96
N GLN F 138 38.75 13.44 4.81
CA GLN F 138 37.96 13.42 3.58
C GLN F 138 36.92 14.54 3.51
N ASN F 139 36.80 15.35 4.56
CA ASN F 139 35.89 16.49 4.60
C ASN F 139 34.43 16.06 4.44
N VAL F 140 34.01 15.19 5.36
CA VAL F 140 32.58 14.87 5.49
C VAL F 140 31.84 16.11 5.99
N PRO F 141 30.61 16.38 5.50
CA PRO F 141 29.89 17.58 5.95
C PRO F 141 29.79 17.71 7.47
N LYS F 142 30.40 18.77 7.99
CA LYS F 142 30.49 19.03 9.42
C LYS F 142 29.20 19.64 9.93
N LYS F 143 29.05 19.64 11.25
CA LYS F 143 27.90 20.22 11.94
C LYS F 143 28.40 21.21 12.99
N PRO F 144 27.57 22.19 13.36
CA PRO F 144 27.95 23.13 14.40
C PRO F 144 28.24 22.42 15.71
N PRO F 145 29.26 22.86 16.46
CA PRO F 145 29.62 22.19 17.71
C PRO F 145 28.93 22.73 18.96
N ASP F 146 27.98 23.67 18.81
CA ASP F 146 27.20 24.19 19.92
C ASP F 146 28.07 24.91 20.94
N HIS F 147 29.34 25.14 20.60
CA HIS F 147 30.36 25.83 21.38
C HIS F 147 30.53 25.26 22.78
N SER F 148 29.90 24.11 23.08
CA SER F 148 30.05 23.43 24.35
C SER F 148 30.44 21.97 24.22
N LYS F 149 30.25 21.35 23.06
CA LYS F 149 30.72 20.00 22.81
C LYS F 149 32.22 20.06 22.49
N SER F 150 32.78 18.93 22.08
CA SER F 150 34.19 18.74 21.77
C SER F 150 35.08 18.86 23.00
N ASN F 151 34.52 19.15 24.18
CA ASN F 151 35.25 18.96 25.42
C ASN F 151 35.38 17.49 25.77
N LEU F 152 34.51 16.65 25.21
CA LEU F 152 34.65 15.21 25.26
C LEU F 152 35.50 14.66 24.11
N LEU F 153 35.89 15.51 23.17
CA LEU F 153 36.74 15.06 22.07
C LEU F 153 38.09 14.57 22.58
N TYR F 154 38.66 15.27 23.56
CA TYR F 154 39.85 14.75 24.23
C TYR F 154 39.52 13.49 25.02
N GLN F 155 38.34 13.45 25.63
CA GLN F 155 37.94 12.28 26.42
C GLN F 155 37.61 11.08 25.55
N GLN F 156 37.05 11.31 24.36
CA GLN F 156 36.65 10.20 23.51
C GLN F 156 37.84 9.37 23.01
N ILE F 157 39.03 9.95 22.97
CA ILE F 157 40.25 9.20 22.67
C ILE F 157 40.89 8.85 24.02
N PHE F 158 40.69 7.61 24.46
CA PHE F 158 41.22 7.21 25.77
C PHE F 158 42.74 7.13 25.75
N LEU F 159 43.34 6.92 24.57
CA LEU F 159 44.78 7.11 24.42
C LEU F 159 45.09 8.57 24.10
N HIS F 160 44.57 9.46 24.96
CA HIS F 160 44.76 10.89 24.73
C HIS F 160 46.23 11.26 24.78
N ASP F 161 46.97 10.74 25.76
CA ASP F 161 48.42 10.89 25.78
C ASP F 161 49.10 9.61 26.28
N LYS F 162 48.42 8.47 26.20
CA LYS F 162 48.94 7.19 26.69
C LYS F 162 49.91 6.60 25.67
N GLN F 163 51.13 7.12 25.67
CA GLN F 163 52.20 6.59 24.82
C GLN F 163 53.46 6.41 25.65
N ALA F 164 54.33 5.53 25.17
CA ALA F 164 55.64 5.31 25.79
C ALA F 164 56.62 4.99 24.68
N ILE F 165 57.35 6.01 24.22
CA ILE F 165 58.28 5.87 23.11
C ILE F 165 59.60 5.27 23.60
N GLU F 166 60.45 4.85 22.66
CA GLU F 166 61.71 4.20 22.96
C GLU F 166 62.87 5.16 23.12
N LYS F 167 62.59 6.42 23.48
CA LYS F 167 63.66 7.40 23.65
C LYS F 167 64.47 7.10 24.90
N GLU F 168 65.78 7.31 24.79
CA GLU F 168 66.69 7.11 25.92
C GLU F 168 66.72 8.34 26.81
N GLU F 169 66.88 8.11 28.10
CA GLU F 169 66.90 9.19 29.08
C GLU F 169 67.74 8.76 30.29
N THR F 170 68.17 9.75 31.07
CA THR F 170 69.08 9.55 32.18
C THR F 170 68.52 10.21 33.44
N TYR F 171 68.72 9.54 34.58
CA TYR F 171 68.31 10.05 35.87
C TYR F 171 69.52 10.15 36.79
N ASP F 172 69.43 11.03 37.78
CA ASP F 172 70.50 11.24 38.75
C ASP F 172 70.06 10.75 40.12
N SER F 173 70.88 9.89 40.72
CA SER F 173 70.56 9.28 42.01
C SER F 173 70.99 10.21 43.15
N ASN F 174 70.92 9.70 44.38
CA ASN F 174 71.28 10.47 45.58
C ASN F 174 72.10 9.61 46.53
N TRP F 175 73.10 8.91 46.00
CA TRP F 175 73.97 8.05 46.80
C TRP F 175 75.43 8.41 46.53
N PHE F 176 76.25 8.37 47.58
CA PHE F 176 77.67 8.67 47.46
C PHE F 176 78.49 7.46 47.89
N PRO F 177 79.35 6.91 47.05
CA PRO F 177 80.14 5.73 47.44
C PRO F 177 81.48 6.10 48.04
N ILE F 178 82.17 5.08 48.55
CA ILE F 178 83.49 5.20 49.14
C ILE F 178 84.43 4.25 48.39
N ILE F 179 85.58 4.75 47.96
CA ILE F 179 86.46 4.01 47.07
C ILE F 179 87.81 3.67 47.69
N SER F 180 88.12 4.16 48.88
CA SER F 180 89.39 3.80 49.50
C SER F 180 89.27 3.89 51.02
N PHE F 181 90.06 3.07 51.70
CA PHE F 181 90.07 2.94 53.15
C PHE F 181 91.23 2.05 53.59
N PRO F 182 91.85 2.33 54.74
CA PRO F 182 92.89 1.42 55.25
C PRO F 182 92.29 0.05 55.55
N ASN F 183 93.11 -0.98 55.33
CA ASN F 183 92.66 -2.37 55.44
C ASN F 183 93.28 -3.08 56.65
N GLU F 184 93.36 -2.39 57.78
CA GLU F 184 93.78 -3.00 59.03
C GLU F 184 92.89 -2.51 60.16
N LEU F 185 92.37 -3.45 60.96
CA LEU F 185 91.56 -3.10 62.12
C LEU F 185 92.45 -2.94 63.35
N ARG F 186 91.82 -2.58 64.47
CA ARG F 186 92.51 -2.31 65.73
C ARG F 186 91.88 -3.19 66.82
N PHE F 187 92.58 -4.25 67.21
CA PHE F 187 92.13 -5.18 68.25
C PHE F 187 93.17 -5.13 69.37
N HIS F 188 93.04 -4.15 70.25
CA HIS F 188 94.02 -3.87 71.28
C HIS F 188 93.55 -4.38 72.64
N ARG F 189 94.50 -4.70 73.51
CA ARG F 189 94.18 -5.29 74.81
C ARG F 189 95.21 -4.88 75.85
N TYR F 190 94.74 -4.26 76.93
CA TYR F 190 95.52 -4.15 78.17
C TYR F 190 94.74 -4.49 79.42
N ASP F 191 93.41 -4.36 79.40
CA ASP F 191 92.43 -4.71 80.43
C ASP F 191 92.41 -3.72 81.59
N TRP F 192 93.32 -2.73 81.66
CA TRP F 192 93.25 -1.76 82.74
C TRP F 192 93.64 -0.34 82.29
N ARG F 193 93.67 -0.07 80.99
CA ARG F 193 94.13 1.26 80.56
C ARG F 193 93.11 2.34 80.83
N LEU F 194 91.83 1.98 80.98
CA LEU F 194 90.80 2.96 81.28
C LEU F 194 89.94 2.46 82.44
N PRO F 195 89.45 3.36 83.28
CA PRO F 195 88.49 2.97 84.30
C PRO F 195 87.09 2.86 83.71
N LYS F 196 86.23 2.14 84.45
CA LYS F 196 84.83 2.04 84.07
C LYS F 196 84.04 3.31 84.41
N GLN F 197 84.69 4.31 85.02
CA GLN F 197 83.98 5.51 85.44
C GLN F 197 83.55 6.37 84.27
N PHE F 198 84.32 6.35 83.17
CA PHE F 198 84.01 7.17 82.01
C PHE F 198 83.99 6.29 80.76
N ASP F 199 83.18 6.70 79.79
CA ASP F 199 82.96 5.95 78.57
C ASP F 199 83.81 6.52 77.42
N VAL F 200 84.08 5.67 76.44
CA VAL F 200 84.91 6.04 75.30
C VAL F 200 84.22 7.00 74.34
N ARG F 201 82.93 7.26 74.53
CA ARG F 201 82.19 8.12 73.61
C ARG F 201 82.67 9.56 73.69
N THR F 202 83.00 10.02 74.90
CA THR F 202 83.40 11.42 75.10
C THR F 202 84.74 11.75 74.47
N LEU F 203 85.50 10.75 74.03
CA LEU F 203 86.82 11.00 73.45
C LEU F 203 86.69 11.66 72.07
N ALA F 204 87.83 12.14 71.57
CA ALA F 204 87.83 12.87 70.30
C ALA F 204 87.59 11.96 69.10
N PHE F 205 88.06 10.71 69.18
CA PHE F 205 87.92 9.77 68.07
C PHE F 205 86.92 8.67 68.42
N PRO F 206 86.25 8.11 67.41
CA PRO F 206 85.33 6.99 67.69
C PRO F 206 86.07 5.80 68.29
N ALA F 207 85.42 5.14 69.24
CA ALA F 207 85.99 3.98 69.90
C ALA F 207 84.87 3.06 70.37
N ILE F 208 85.12 1.76 70.33
CA ILE F 208 84.14 0.75 70.69
C ILE F 208 84.78 -0.21 71.69
N ARG F 209 84.06 -0.51 72.77
CA ARG F 209 84.48 -1.51 73.73
C ARG F 209 83.90 -2.85 73.31
N TYR F 210 84.62 -3.53 72.41
CA TYR F 210 84.25 -4.90 72.05
C TYR F 210 84.72 -5.80 73.18
N LYS F 211 83.77 -6.31 73.96
CA LYS F 211 83.98 -6.74 75.35
C LYS F 211 84.78 -5.62 76.02
N GLU F 212 85.83 -5.91 76.79
CA GLU F 212 86.68 -4.87 77.33
C GLU F 212 87.80 -4.46 76.37
N TYR F 213 87.89 -5.12 75.21
CA TYR F 213 88.88 -4.78 74.21
C TYR F 213 88.55 -3.44 73.55
N LEU F 214 89.60 -2.66 73.27
CA LEU F 214 89.45 -1.41 72.55
C LEU F 214 89.47 -1.67 71.05
N CYS F 215 88.55 -1.03 70.33
CA CYS F 215 88.50 -1.12 68.87
C CYS F 215 88.20 0.28 68.34
N THR F 216 89.20 0.92 67.72
CA THR F 216 89.04 2.27 67.22
C THR F 216 89.81 2.37 65.90
N PHE F 217 89.98 3.59 65.42
CA PHE F 217 90.76 3.83 64.21
C PHE F 217 92.16 4.34 64.51
N ALA F 218 92.33 5.04 65.62
CA ALA F 218 93.64 5.54 66.03
C ALA F 218 94.43 4.42 66.70
N TRP F 219 95.56 4.77 67.31
CA TRP F 219 96.45 3.81 67.95
C TRP F 219 96.48 4.06 69.45
N GLU F 220 97.21 3.20 70.17
CA GLU F 220 97.30 3.31 71.61
C GLU F 220 98.00 4.59 72.03
N TYR F 221 99.05 4.99 71.30
CA TYR F 221 99.79 6.19 71.64
C TYR F 221 99.23 7.45 70.97
N ASP F 222 98.24 7.31 70.09
CA ASP F 222 97.60 8.49 69.53
C ASP F 222 96.88 9.30 70.60
N PHE F 223 96.45 8.65 71.67
CA PHE F 223 95.93 9.32 72.86
C PHE F 223 97.04 9.54 73.88
N ILE F 224 98.15 10.12 73.42
CA ILE F 224 99.31 10.32 74.29
C ILE F 224 98.99 11.30 75.41
N HIS F 225 98.31 12.40 75.08
CA HIS F 225 98.03 13.45 76.05
C HIS F 225 96.65 13.34 76.68
N GLN F 226 95.65 12.91 75.92
CA GLN F 226 94.30 12.82 76.46
C GLN F 226 94.21 11.80 77.60
N LEU F 227 94.83 10.64 77.42
CA LEU F 227 94.81 9.58 78.43
C LEU F 227 96.22 9.13 78.75
N PRO F 228 96.80 9.58 79.86
CA PRO F 228 98.14 9.12 80.24
C PRO F 228 98.14 7.68 80.71
N LYS F 229 99.33 7.15 81.04
CA LYS F 229 99.56 5.80 81.53
C LYS F 229 98.75 4.75 80.76
N THR F 230 98.59 4.95 79.46
CA THR F 230 97.96 3.98 78.57
C THR F 230 98.92 3.49 77.51
N GLU F 231 99.56 4.41 76.78
CA GLU F 231 100.57 4.06 75.78
C GLU F 231 101.86 3.53 76.38
N THR F 232 102.06 3.71 77.69
CA THR F 232 103.29 3.27 78.33
C THR F 232 103.47 1.76 78.28
N TYR F 233 102.39 1.02 78.04
CA TYR F 233 102.42 -0.43 78.07
C TYR F 233 102.68 -0.97 76.66
N ASN F 234 102.62 -2.29 76.52
CA ASN F 234 102.91 -2.92 75.24
C ASN F 234 101.84 -2.57 74.21
N GLY F 235 102.23 -2.57 72.94
CA GLY F 235 101.31 -2.25 71.86
C GLY F 235 101.26 -3.30 70.77
N GLN F 236 102.23 -4.22 70.75
CA GLN F 236 102.28 -5.22 69.70
C GLN F 236 101.21 -6.28 69.85
N GLU F 237 100.59 -6.40 71.03
CA GLU F 237 99.50 -7.36 71.20
C GLU F 237 98.27 -6.99 70.40
N SER F 238 98.18 -5.74 69.94
CA SER F 238 97.06 -5.34 69.09
C SER F 238 97.06 -6.14 67.80
N ILE F 239 95.87 -6.58 67.39
CA ILE F 239 95.70 -7.46 66.24
C ILE F 239 95.19 -6.64 65.06
N ARG F 240 95.85 -6.79 63.92
CA ARG F 240 95.43 -6.14 62.68
C ARG F 240 94.59 -7.11 61.87
N ILE F 241 93.47 -6.63 61.33
CA ILE F 241 92.53 -7.44 60.56
C ILE F 241 92.35 -6.80 59.20
N SER F 242 92.52 -7.60 58.15
CA SER F 242 92.34 -7.10 56.79
C SER F 242 90.90 -6.64 56.57
N THR F 243 90.70 -5.33 56.43
CA THR F 243 89.35 -4.80 56.28
C THR F 243 88.75 -5.21 54.94
N SER F 244 89.57 -5.31 53.89
CA SER F 244 89.06 -5.77 52.60
C SER F 244 88.54 -7.20 52.70
N ASP F 245 89.22 -8.03 53.50
CA ASP F 245 88.80 -9.42 53.65
C ASP F 245 87.42 -9.50 54.30
N ILE F 246 87.19 -8.75 55.37
CA ILE F 246 85.90 -8.79 56.05
C ILE F 246 84.83 -8.14 55.18
N LEU F 247 85.17 -7.08 54.45
CA LEU F 247 84.21 -6.46 53.56
C LEU F 247 83.83 -7.39 52.41
N SER F 248 84.74 -8.28 52.01
CA SER F 248 84.39 -9.29 51.02
C SER F 248 83.43 -10.32 51.59
N GLY F 249 83.51 -10.59 52.89
CA GLY F 249 82.61 -11.50 53.57
C GLY F 249 83.16 -12.89 53.80
N ARG F 250 84.19 -13.29 53.05
CA ARG F 250 84.79 -14.60 53.28
C ARG F 250 85.55 -14.65 54.60
N TYR F 251 86.14 -13.53 55.02
CA TYR F 251 86.78 -13.46 56.33
C TYR F 251 85.78 -13.68 57.43
N ASP F 252 86.13 -14.55 58.38
CA ASP F 252 85.30 -14.84 59.54
C ASP F 252 86.14 -15.67 60.51
N THR F 253 85.52 -16.03 61.64
CA THR F 253 86.18 -16.84 62.65
C THR F 253 85.10 -17.68 63.34
N ASP F 254 85.53 -18.79 63.94
CA ASP F 254 84.57 -19.71 64.55
C ASP F 254 83.80 -19.07 65.70
N PHE F 255 84.49 -18.28 66.53
CA PHE F 255 83.83 -17.73 67.72
C PHE F 255 83.13 -16.41 67.44
N ILE F 256 83.69 -15.55 66.59
CA ILE F 256 83.11 -14.25 66.26
C ILE F 256 82.59 -14.31 64.83
N ARG F 257 81.33 -13.93 64.64
CA ARG F 257 80.73 -13.92 63.31
C ARG F 257 81.20 -12.67 62.56
N ASN F 258 80.64 -12.45 61.37
CA ASN F 258 81.12 -11.38 60.51
C ASN F 258 80.29 -10.11 60.64
N TYR F 259 78.96 -10.22 60.70
CA TYR F 259 78.09 -9.06 60.63
C TYR F 259 78.41 -8.02 61.70
N GLU F 260 78.91 -8.47 62.85
CA GLU F 260 79.27 -7.53 63.90
C GLU F 260 80.39 -6.58 63.45
N CYS F 261 81.31 -7.06 62.61
CA CYS F 261 82.36 -6.20 62.09
C CYS F 261 81.78 -5.10 61.20
N GLN F 262 80.81 -5.46 60.36
CA GLN F 262 80.14 -4.45 59.55
C GLN F 262 79.40 -3.45 60.43
N ARG F 263 78.74 -3.93 61.49
CA ARG F 263 78.09 -3.01 62.42
C ARG F 263 79.09 -2.05 63.03
N LEU F 264 80.24 -2.58 63.51
CA LEU F 264 81.24 -1.74 64.15
C LEU F 264 81.76 -0.67 63.20
N ILE F 265 82.08 -1.07 61.96
CA ILE F 265 82.60 -0.07 61.02
C ILE F 265 81.51 0.94 60.70
N VAL F 266 80.24 0.51 60.66
CA VAL F 266 79.14 1.46 60.42
C VAL F 266 79.12 2.53 61.50
N GLN F 267 79.13 2.12 62.77
CA GLN F 267 79.01 3.17 63.79
C GLN F 267 80.27 4.02 63.86
N LEU F 268 81.45 3.44 63.64
CA LEU F 268 82.66 4.26 63.72
C LEU F 268 82.70 5.29 62.59
N ILE F 269 82.32 4.90 61.37
CA ILE F 269 82.32 5.87 60.28
C ILE F 269 81.24 6.91 60.51
N ASN F 270 80.08 6.51 61.07
CA ASN F 270 79.03 7.49 61.32
C ASN F 270 79.46 8.52 62.36
N LYS F 271 80.07 8.06 63.46
CA LYS F 271 80.53 8.98 64.50
C LYS F 271 81.64 9.88 63.98
N ALA F 272 82.56 9.32 63.19
CA ALA F 272 83.61 10.15 62.61
C ALA F 272 83.04 11.20 61.67
N PHE F 273 82.03 10.83 60.88
CA PHE F 273 81.38 11.78 59.98
C PHE F 273 80.69 12.89 60.77
N GLU F 274 80.04 12.53 61.88
CA GLU F 274 79.38 13.55 62.70
C GLU F 274 80.39 14.51 63.31
N LEU F 275 81.48 13.99 63.88
CA LEU F 275 82.48 14.88 64.45
C LEU F 275 83.19 15.70 63.38
N ARG F 276 83.25 15.21 62.14
CA ARG F 276 83.78 16.02 61.05
C ARG F 276 82.83 17.16 60.71
N MET F 277 81.53 16.87 60.58
CA MET F 277 80.57 17.93 60.35
C MET F 277 80.58 18.96 61.47
N LYS F 278 80.94 18.55 62.68
CA LYS F 278 81.12 19.51 63.77
C LYS F 278 82.22 20.52 63.46
N ASP F 279 83.12 20.22 62.55
CA ASP F 279 84.31 21.04 62.29
C ASP F 279 84.19 21.88 61.02
N LYS F 280 82.99 22.39 60.72
CA LYS F 280 82.79 23.17 59.50
C LYS F 280 82.06 24.48 59.74
N ASN F 281 81.80 24.85 61.00
CA ASN F 281 81.17 26.12 61.36
C ASN F 281 79.80 26.27 60.68
N VAL F 282 78.90 25.35 61.01
CA VAL F 282 77.53 25.38 60.54
C VAL F 282 76.60 25.15 61.72
N ARG F 283 75.52 25.94 61.78
CA ARG F 283 74.56 25.80 62.86
C ARG F 283 73.86 24.45 62.78
N GLU F 284 73.51 23.92 63.94
CA GLU F 284 72.86 22.62 64.04
C GLU F 284 71.43 22.77 64.55
N TYR F 285 70.64 21.73 64.31
CA TYR F 285 69.24 21.71 64.69
C TYR F 285 68.83 20.26 64.89
N GLN F 286 68.46 19.90 66.12
CA GLN F 286 68.20 18.52 66.49
C GLN F 286 66.70 18.25 66.51
N MET F 287 66.26 17.37 65.62
CA MET F 287 64.94 16.79 65.66
C MET F 287 65.04 15.42 66.34
N SER F 288 63.99 14.61 66.22
CA SER F 288 64.00 13.28 66.83
C SER F 288 65.19 12.45 66.37
N LYS F 289 65.60 12.61 65.11
CA LYS F 289 66.72 11.87 64.56
C LYS F 289 68.01 12.68 64.74
N THR F 290 69.07 12.27 64.04
CA THR F 290 70.37 12.91 64.13
C THR F 290 70.28 14.38 63.70
N PHE F 291 71.22 15.19 64.22
CA PHE F 291 71.21 16.62 63.95
C PHE F 291 71.23 16.93 62.47
N ALA F 292 70.44 17.93 62.08
CA ALA F 292 70.54 18.55 60.76
C ALA F 292 71.39 19.80 60.87
N TYR F 293 71.91 20.26 59.73
CA TYR F 293 72.84 21.38 59.71
C TYR F 293 72.44 22.40 58.65
N TRP F 294 72.62 23.68 59.00
CA TRP F 294 72.18 24.80 58.18
C TRP F 294 73.04 26.02 58.50
N ILE F 295 72.98 27.00 57.59
CA ILE F 295 73.88 28.16 57.64
C ILE F 295 73.10 29.47 57.74
N GLU F 296 72.04 29.63 56.94
CA GLU F 296 71.27 30.86 56.82
C GLU F 296 72.12 31.99 56.25
N LYS F 297 72.28 33.08 57.00
CA LYS F 297 72.91 34.30 56.51
C LYS F 297 74.04 34.68 57.45
N GLY F 298 74.74 35.76 57.09
CA GLY F 298 75.90 36.22 57.83
C GLY F 298 77.21 35.61 57.41
N LYS F 299 77.20 34.63 56.51
CA LYS F 299 78.42 34.01 56.01
C LYS F 299 78.52 33.98 54.49
N LEU F 300 77.42 34.04 53.76
CA LEU F 300 77.42 33.95 52.31
C LEU F 300 76.93 35.27 51.72
N GLU F 301 77.66 35.77 50.73
CA GLU F 301 77.27 37.03 50.08
C GLU F 301 75.99 36.85 49.28
N LYS F 302 75.03 37.74 49.51
CA LYS F 302 73.75 37.78 48.81
C LYS F 302 72.94 36.50 48.99
N ASP F 303 73.35 35.61 49.89
CA ASP F 303 72.65 34.35 50.18
C ASP F 303 72.48 33.51 48.92
N LYS F 304 73.48 33.57 48.03
CA LYS F 304 73.47 32.76 46.81
C LYS F 304 74.81 32.10 46.64
N PHE F 305 74.80 30.80 46.36
CA PHE F 305 76.00 30.02 46.10
C PHE F 305 76.04 29.69 44.61
N GLU F 306 77.11 30.11 43.94
CA GLU F 306 77.26 30.03 42.48
C GLU F 306 75.94 30.37 41.78
N LYS F 307 75.50 31.63 42.00
CA LYS F 307 74.28 32.21 41.45
C LYS F 307 73.04 31.38 41.77
N ILE F 308 73.12 30.53 42.80
CA ILE F 308 71.99 29.73 43.24
C ILE F 308 71.74 30.01 44.72
N LYS F 309 70.51 30.36 45.04
CA LYS F 309 70.13 30.65 46.43
C LYS F 309 69.87 29.36 47.19
N LEU F 310 70.12 29.40 48.49
CA LEU F 310 69.87 28.29 49.39
C LEU F 310 68.98 28.65 50.56
N VAL F 311 69.03 29.88 51.04
CA VAL F 311 68.30 30.34 52.21
C VAL F 311 67.48 31.57 51.83
N GLY F 312 66.22 31.59 52.24
CA GLY F 312 65.38 32.73 51.89
C GLY F 312 64.43 33.14 52.99
N LYS F 313 63.54 34.09 52.68
CA LYS F 313 62.54 34.57 53.63
C LYS F 313 61.16 34.30 53.07
N GLN F 314 60.30 33.67 53.89
CA GLN F 314 58.92 33.43 53.50
C GLN F 314 58.11 34.70 53.72
N LYS F 315 56.77 34.58 53.70
CA LYS F 315 55.92 35.76 53.84
C LYS F 315 56.15 36.47 55.16
N ASN F 316 56.37 35.71 56.24
CA ASN F 316 56.58 36.31 57.55
C ASN F 316 57.82 35.75 58.22
N LYS F 317 58.22 34.53 57.85
CA LYS F 317 59.35 33.85 58.47
C LYS F 317 60.44 33.61 57.42
N TYR F 318 61.48 32.89 57.83
CA TYR F 318 62.61 32.60 56.97
C TYR F 318 62.80 31.09 56.87
N TRP F 319 63.15 30.62 55.67
CA TRP F 319 63.33 29.20 55.40
C TRP F 319 64.79 28.90 55.10
N HIS F 320 65.30 27.84 55.70
CA HIS F 320 66.71 27.45 55.59
C HIS F 320 66.80 25.98 55.24
N PHE F 321 67.66 25.66 54.27
CA PHE F 321 67.89 24.29 53.86
C PHE F 321 68.82 23.57 54.82
N GLY F 322 68.64 22.26 54.96
CA GLY F 322 69.52 21.45 55.77
C GLY F 322 69.50 20.01 55.33
N ILE F 323 70.58 19.29 55.68
CA ILE F 323 70.74 17.91 55.26
C ILE F 323 71.15 17.05 56.45
N SER F 324 70.87 15.75 56.33
CA SER F 324 71.34 14.74 57.27
C SER F 324 71.76 13.52 56.46
N ALA F 325 72.65 12.71 57.03
CA ALA F 325 73.24 11.62 56.27
C ALA F 325 73.28 10.35 57.11
N ALA F 326 73.36 9.22 56.40
CA ALA F 326 73.48 7.90 57.01
C ALA F 326 74.28 7.00 56.08
N GLY F 327 74.77 5.90 56.63
CA GLY F 327 75.60 4.97 55.89
C GLY F 327 74.92 3.62 55.74
N LYS F 328 75.29 2.91 54.66
CA LYS F 328 74.75 1.59 54.40
C LYS F 328 75.78 0.82 53.58
N LEU F 329 75.80 -0.51 53.76
CA LEU F 329 76.89 -1.31 53.22
C LEU F 329 76.49 -2.63 52.57
N TYR F 330 75.19 -2.87 52.33
CA TYR F 330 74.80 -4.17 51.79
C TYR F 330 75.27 -4.36 50.34
N PRO F 331 74.81 -3.58 49.36
CA PRO F 331 75.21 -3.86 47.97
C PRO F 331 76.52 -3.22 47.58
N SER F 332 76.94 -2.17 48.29
CA SER F 332 78.14 -1.41 48.02
C SER F 332 78.33 -0.41 49.16
N PRO F 333 79.56 -0.02 49.49
CA PRO F 333 79.74 1.01 50.52
C PRO F 333 79.14 2.33 50.08
N VAL F 334 78.04 2.74 50.69
CA VAL F 334 77.29 3.90 50.23
C VAL F 334 76.84 4.76 51.40
N LEU F 335 76.59 6.03 51.11
CA LEU F 335 76.05 6.99 52.05
C LEU F 335 74.89 7.71 51.38
N MET F 336 73.80 7.87 52.13
CA MET F 336 72.60 8.52 51.62
C MET F 336 72.30 9.76 52.45
N VAL F 337 71.62 10.72 51.83
CA VAL F 337 71.36 12.03 52.42
C VAL F 337 69.88 12.36 52.26
N SER F 338 69.28 12.93 53.30
CA SER F 338 67.91 13.40 53.29
C SER F 338 67.89 14.89 53.63
N SER F 339 66.86 15.58 53.16
CA SER F 339 66.76 17.03 53.26
C SER F 339 65.66 17.44 54.23
N HIS F 340 65.84 18.61 54.84
CA HIS F 340 64.88 19.19 55.77
C HIS F 340 64.97 20.70 55.68
N ILE F 341 63.97 21.36 56.24
CA ILE F 341 63.90 22.82 56.23
C ILE F 341 63.67 23.32 57.65
N ILE F 342 64.24 24.49 57.94
CA ILE F 342 64.18 25.08 59.27
C ILE F 342 63.63 26.51 59.16
N PHE F 343 62.91 26.93 60.19
CA PHE F 343 62.30 28.25 60.26
C PHE F 343 62.80 28.99 61.49
N THR F 344 63.33 30.20 61.27
CA THR F 344 63.72 31.09 62.35
C THR F 344 63.87 32.49 61.78
N MET F 345 63.50 33.50 62.59
CA MET F 345 63.46 34.87 62.07
C MET F 345 64.85 35.44 61.85
N ASP F 346 65.79 35.14 62.75
CA ASP F 346 67.16 35.63 62.57
C ASP F 346 68.23 34.60 62.92
N GLY F 347 67.85 33.40 63.37
CA GLY F 347 68.78 32.38 63.75
C GLY F 347 69.01 32.26 65.25
N ILE F 348 68.74 33.32 66.00
CA ILE F 348 68.95 33.28 67.44
C ILE F 348 67.77 32.63 68.15
N ASN F 349 66.57 32.73 67.59
CA ASN F 349 65.36 32.21 68.22
C ASN F 349 64.62 31.31 67.25
N LEU F 350 64.22 30.14 67.74
CA LEU F 350 63.42 29.19 66.99
C LEU F 350 62.01 29.15 67.57
N ILE F 351 61.02 28.93 66.71
CA ILE F 351 59.64 28.86 67.18
C ILE F 351 59.44 27.55 67.93
N LYS F 352 58.93 27.64 69.16
CA LYS F 352 58.91 26.49 70.06
C LYS F 352 58.01 25.38 69.53
N SER F 353 56.78 25.71 69.14
CA SER F 353 55.82 24.68 68.76
C SER F 353 56.24 23.98 67.48
N LYS F 354 55.99 22.67 67.42
CA LYS F 354 56.31 21.88 66.24
C LYS F 354 55.17 21.85 65.23
N SER F 355 53.92 22.02 65.67
CA SER F 355 52.80 22.05 64.73
C SER F 355 52.91 23.23 63.78
N ILE F 356 53.29 24.40 64.29
CA ILE F 356 53.43 25.57 63.44
C ILE F 356 54.61 25.39 62.48
N GLN F 357 55.69 24.75 62.93
CA GLN F 357 56.81 24.45 62.04
C GLN F 357 56.37 23.51 60.93
N HIS F 358 55.57 22.50 61.26
CA HIS F 358 55.06 21.59 60.23
C HIS F 358 54.17 22.32 59.23
N SER F 359 53.28 23.19 59.73
CA SER F 359 52.41 23.94 58.85
C SER F 359 53.21 24.86 57.92
N SER F 360 54.23 25.53 58.46
CA SER F 360 55.08 26.38 57.64
C SER F 360 55.86 25.56 56.61
N ARG F 361 56.31 24.37 56.99
CA ARG F 361 56.99 23.49 56.04
C ARG F 361 56.06 23.11 54.90
N ARG F 362 54.82 22.74 55.21
CA ARG F 362 53.87 22.40 54.15
C ARG F 362 53.58 23.61 53.27
N LYS F 363 53.41 24.78 53.87
CA LYS F 363 53.15 26.00 53.10
C LYS F 363 54.31 26.30 52.15
N GLN F 364 55.54 26.18 52.63
CA GLN F 364 56.69 26.43 51.78
C GLN F 364 56.80 25.41 50.66
N GLY F 365 56.62 24.13 50.99
CA GLY F 365 56.77 23.07 50.02
C GLY F 365 55.62 22.86 49.08
N LYS F 366 54.52 23.58 49.27
CA LYS F 366 53.37 23.44 48.37
C LYS F 366 53.73 23.68 46.91
N ASN F 367 54.72 24.53 46.63
CA ASN F 367 54.98 25.01 45.28
C ASN F 367 56.44 24.76 44.87
N TRP F 368 56.91 23.53 45.09
CA TRP F 368 58.25 23.14 44.69
C TRP F 368 58.19 21.88 43.86
N TRP F 369 59.24 21.66 43.05
CA TRP F 369 59.23 20.57 42.09
C TRP F 369 60.63 20.01 41.91
N ASN F 370 60.76 19.11 40.93
CA ASN F 370 61.93 18.23 40.83
C ASN F 370 63.22 19.02 40.60
N ASP F 371 63.18 19.97 39.67
CA ASP F 371 64.42 20.65 39.27
C ASP F 371 65.04 21.38 40.45
N LYS F 372 64.22 22.07 41.24
CA LYS F 372 64.76 22.81 42.38
C LYS F 372 65.40 21.84 43.36
N TRP F 373 64.72 20.74 43.68
CA TRP F 373 65.25 19.78 44.65
C TRP F 373 66.60 19.25 44.18
N ARG F 374 66.66 18.79 42.93
CA ARG F 374 67.91 18.21 42.42
C ARG F 374 69.03 19.24 42.45
N GLU F 375 68.80 20.42 41.87
CA GLU F 375 69.87 21.40 41.75
C GLU F 375 70.28 21.91 43.12
N LYS F 376 69.31 22.15 44.01
CA LYS F 376 69.61 22.65 45.34
C LYS F 376 70.44 21.65 46.14
N LEU F 377 70.06 20.37 46.11
CA LEU F 377 70.81 19.37 46.85
C LEU F 377 72.22 19.21 46.28
N LEU F 378 72.33 19.15 44.95
CA LEU F 378 73.66 19.02 44.35
C LEU F 378 74.54 20.22 44.68
N ALA F 379 73.98 21.43 44.60
CA ALA F 379 74.76 22.63 44.90
C ALA F 379 75.19 22.67 46.37
N PHE F 380 74.28 22.31 47.27
CA PHE F 380 74.64 22.32 48.69
C PHE F 380 75.73 21.30 48.98
N ILE F 381 75.63 20.10 48.39
CA ILE F 381 76.68 19.10 48.59
C ILE F 381 78.00 19.58 48.03
N ARG F 382 77.98 20.19 46.84
CA ARG F 382 79.20 20.69 46.23
C ARG F 382 79.78 21.90 46.96
N PHE F 383 78.97 22.57 47.79
CA PHE F 383 79.45 23.77 48.46
C PHE F 383 80.51 23.45 49.50
N LEU F 384 80.27 22.47 50.36
CA LEU F 384 81.16 22.15 51.45
C LEU F 384 82.13 21.01 51.11
N SER F 385 82.19 20.62 49.85
CA SER F 385 83.08 19.53 49.44
C SER F 385 84.53 19.91 49.72
N ASP F 386 85.25 19.01 50.39
CA ASP F 386 86.65 19.26 50.69
C ASP F 386 87.51 19.25 49.43
N ASP F 387 87.19 18.38 48.49
CA ASP F 387 87.89 18.28 47.21
C ASP F 387 86.88 18.40 46.08
N GLN F 388 87.37 18.80 44.91
CA GLN F 388 86.50 18.90 43.75
C GLN F 388 85.92 17.56 43.32
N ASN F 389 86.51 16.45 43.79
CA ASN F 389 86.00 15.12 43.48
C ASN F 389 85.49 14.34 44.68
N ALA F 390 85.92 14.68 45.89
CA ALA F 390 85.52 13.92 47.08
C ALA F 390 85.59 14.84 48.29
N ILE F 391 85.41 14.26 49.48
CA ILE F 391 85.55 14.97 50.74
C ILE F 391 86.39 14.10 51.67
N TYR F 392 87.37 14.71 52.32
CA TYR F 392 88.21 13.96 53.25
C TYR F 392 87.43 13.67 54.53
N LEU F 393 88.09 12.96 55.45
CA LEU F 393 87.50 12.70 56.76
C LEU F 393 88.62 12.34 57.72
N ASN F 394 88.86 13.21 58.70
CA ASN F 394 89.94 13.04 59.67
C ASN F 394 89.55 11.98 60.71
N VAL F 395 89.43 10.74 60.22
CA VAL F 395 89.05 9.65 61.10
C VAL F 395 90.15 9.32 62.09
N GLY F 396 91.41 9.40 61.65
CA GLY F 396 92.52 9.05 62.52
C GLY F 396 93.57 10.13 62.65
N SER F 397 94.75 9.75 63.15
CA SER F 397 95.83 10.72 63.32
C SER F 397 96.31 11.27 61.98
N GLU F 398 96.52 10.39 61.00
CA GLU F 398 96.92 10.80 59.67
C GLU F 398 96.15 10.11 58.55
N GLU F 399 95.42 9.03 58.83
CA GLU F 399 94.65 8.36 57.80
C GLU F 399 93.35 9.11 57.55
N LYS F 400 92.57 8.61 56.59
CA LYS F 400 91.42 9.34 56.11
C LYS F 400 90.49 8.41 55.35
N ILE F 401 89.19 8.74 55.42
CA ILE F 401 88.16 8.13 54.59
C ILE F 401 87.58 9.23 53.71
N LEU F 402 87.10 8.85 52.53
CA LEU F 402 86.63 9.85 51.56
C LEU F 402 85.17 9.60 51.22
N ILE F 403 84.46 10.70 50.94
CA ILE F 403 83.10 10.67 50.42
C ILE F 403 83.04 11.64 49.24
N SER F 404 82.46 11.18 48.13
CA SER F 404 82.47 11.95 46.90
C SER F 404 81.53 13.15 47.00
N ASN F 405 81.54 13.96 45.94
CA ASN F 405 80.65 15.12 45.82
C ASN F 405 79.87 15.09 44.52
N LYS F 406 79.55 13.88 44.05
CA LYS F 406 78.74 13.69 42.85
C LYS F 406 78.01 12.35 42.97
N PRO F 407 76.68 12.37 43.01
CA PRO F 407 75.94 11.12 43.21
C PRO F 407 75.98 10.23 41.98
N LEU F 408 75.65 8.97 42.19
CA LEU F 408 75.56 8.01 41.10
C LEU F 408 74.40 8.39 40.17
N LYS F 409 74.36 7.74 39.01
CA LYS F 409 73.33 7.99 38.01
C LYS F 409 72.69 6.67 37.61
N PHE F 410 71.66 6.77 36.77
CA PHE F 410 71.00 5.63 36.16
C PHE F 410 70.46 6.09 34.82
N PHE F 411 69.96 5.15 34.02
CA PHE F 411 69.34 5.54 32.76
C PHE F 411 68.44 4.44 32.26
N GLY F 412 67.50 4.83 31.39
CA GLY F 412 66.57 3.88 30.81
C GLY F 412 66.30 4.23 29.36
N LYS F 413 65.84 3.23 28.61
CA LYS F 413 65.64 3.36 27.18
C LYS F 413 64.18 3.60 26.79
N MET F 414 63.29 3.77 27.76
CA MET F 414 61.89 4.12 27.48
C MET F 414 61.51 5.36 28.29
N SER F 415 60.65 6.18 27.69
CA SER F 415 60.20 7.41 28.33
C SER F 415 58.94 7.89 27.63
N TYR F 416 58.43 9.03 28.10
CA TYR F 416 57.24 9.66 27.53
C TYR F 416 57.63 10.46 26.29
N VAL F 417 56.69 11.28 25.79
CA VAL F 417 56.95 12.09 24.61
C VAL F 417 57.39 13.49 25.02
N THR F 418 56.54 14.22 25.75
CA THR F 418 56.84 15.59 26.14
C THR F 418 55.87 16.07 27.22
N PRO F 419 56.31 16.91 28.14
CA PRO F 419 55.40 17.44 29.16
C PRO F 419 54.70 18.72 28.70
N SER F 420 53.88 19.29 29.58
CA SER F 420 53.19 20.55 29.29
C SER F 420 52.92 21.24 30.63
N GLU F 421 53.71 22.27 30.94
CA GLU F 421 53.60 22.97 32.20
C GLU F 421 53.51 24.47 31.93
N VAL F 422 52.76 25.16 32.79
CA VAL F 422 52.48 26.60 32.72
C VAL F 422 52.40 27.13 31.28
N MET G 1 -40.37 -14.81 60.11
CA MET G 1 -41.34 -13.85 60.63
C MET G 1 -40.65 -12.64 61.23
N LYS G 2 -39.32 -12.59 61.09
CA LYS G 2 -38.50 -11.53 61.64
C LYS G 2 -37.77 -10.79 60.52
N GLU G 3 -37.50 -9.51 60.76
CA GLU G 3 -36.80 -8.70 59.77
C GLU G 3 -35.36 -9.14 59.62
N LEU G 4 -34.89 -9.17 58.38
CA LEU G 4 -33.51 -9.52 58.05
C LEU G 4 -32.82 -8.26 57.54
N ILE G 5 -32.09 -7.59 58.42
CA ILE G 5 -31.38 -6.37 58.06
C ILE G 5 -30.19 -6.72 57.19
N TYR G 6 -29.99 -5.93 56.13
CA TYR G 6 -28.90 -6.13 55.20
C TYR G 6 -27.89 -5.00 55.31
N ILE G 7 -26.61 -5.33 55.17
CA ILE G 7 -25.52 -4.37 55.21
C ILE G 7 -24.75 -4.47 53.89
N GLU G 8 -24.46 -3.33 53.29
CA GLU G 8 -23.82 -3.32 51.99
C GLU G 8 -22.34 -3.70 52.11
N GLU G 9 -21.80 -4.23 51.02
CA GLU G 9 -20.40 -4.63 51.00
C GLU G 9 -19.50 -3.41 50.86
N PRO G 10 -18.53 -3.22 51.78
CA PRO G 10 -17.63 -2.06 51.66
C PRO G 10 -16.67 -2.18 50.50
N SER G 11 -15.78 -1.20 50.36
CA SER G 11 -14.87 -1.13 49.23
C SER G 11 -13.44 -0.91 49.72
N ILE G 12 -12.49 -1.06 48.80
CA ILE G 12 -11.07 -0.90 49.10
C ILE G 12 -10.49 0.20 48.22
N LEU G 13 -9.20 0.46 48.38
CA LEU G 13 -8.51 1.50 47.63
C LEU G 13 -7.52 0.87 46.65
N PHE G 14 -7.08 1.68 45.70
CA PHE G 14 -6.15 1.25 44.66
C PHE G 14 -5.29 2.46 44.27
N ALA G 15 -4.59 2.34 43.15
CA ALA G 15 -3.73 3.41 42.69
C ALA G 15 -4.54 4.66 42.31
N HIS G 16 -3.90 5.82 42.43
CA HIS G 16 -4.46 7.11 42.07
C HIS G 16 -5.66 7.52 42.93
N GLY G 17 -5.83 6.88 44.08
CA GLY G 17 -6.86 7.27 45.01
C GLY G 17 -8.28 7.07 44.53
N GLN G 18 -8.57 5.91 43.94
CA GLN G 18 -9.91 5.53 43.54
C GLN G 18 -10.39 4.37 44.40
N LYS G 19 -11.59 3.87 44.09
CA LYS G 19 -12.20 2.81 44.87
C LYS G 19 -12.79 1.74 43.95
N CYS G 20 -12.84 0.52 44.47
CA CYS G 20 -13.42 -0.62 43.77
C CYS G 20 -13.62 -1.72 44.81
N THR G 21 -14.14 -2.86 44.36
CA THR G 21 -14.44 -3.98 45.25
C THR G 21 -13.55 -5.18 45.00
N ASP G 22 -13.51 -5.68 43.76
CA ASP G 22 -12.72 -6.86 43.46
C ASP G 22 -11.25 -6.50 43.37
N PRO G 23 -10.38 -7.10 44.18
CA PRO G 23 -8.94 -6.81 44.05
C PRO G 23 -8.36 -7.17 42.71
N ARG G 24 -8.87 -8.22 42.07
CA ARG G 24 -8.32 -8.67 40.80
C ARG G 24 -8.46 -7.59 39.72
N ASP G 25 -9.68 -7.08 39.54
CA ASP G 25 -9.90 -6.04 38.54
C ASP G 25 -9.19 -4.75 38.91
N GLY G 26 -9.19 -4.39 40.20
CA GLY G 26 -8.50 -3.19 40.62
C GLY G 26 -7.02 -3.24 40.30
N LEU G 27 -6.38 -4.40 40.51
CA LEU G 27 -5.00 -4.56 40.12
C LEU G 27 -4.83 -4.53 38.61
N ALA G 28 -5.71 -5.24 37.89
CA ALA G 28 -5.58 -5.34 36.44
C ALA G 28 -5.84 -4.03 35.72
N LEU G 29 -6.48 -3.06 36.38
CA LEU G 29 -6.80 -1.79 35.74
C LEU G 29 -5.97 -0.61 36.21
N PHE G 30 -5.61 -0.56 37.50
CA PHE G 30 -4.98 0.63 38.05
C PHE G 30 -3.60 0.38 38.65
N GLY G 31 -3.36 -0.80 39.22
CA GLY G 31 -2.04 -1.13 39.72
C GLY G 31 -1.87 -0.93 41.22
N PRO G 32 -0.70 -1.30 41.74
CA PRO G 32 -0.45 -1.21 43.18
C PRO G 32 -0.25 0.22 43.67
N LEU G 33 0.03 0.36 44.97
CA LEU G 33 0.20 1.68 45.58
C LEU G 33 1.67 2.12 45.56
N ASN G 34 2.54 1.35 46.20
CA ASN G 34 3.97 1.65 46.24
C ASN G 34 4.70 0.80 45.21
N GLN G 35 5.65 1.40 44.50
CA GLN G 35 6.30 0.76 43.37
C GLN G 35 7.56 0.04 43.82
N ILE G 36 7.73 -1.19 43.33
CA ILE G 36 8.98 -1.92 43.45
C ILE G 36 9.50 -2.18 42.04
N TYR G 37 10.82 -2.08 41.89
CA TYR G 37 11.48 -2.18 40.59
C TYR G 37 12.13 -3.52 40.34
N GLY G 38 12.55 -4.25 41.37
CA GLY G 38 13.28 -5.48 41.17
C GLY G 38 12.91 -6.61 42.10
N ILE G 39 12.85 -7.84 41.56
CA ILE G 39 12.53 -9.02 42.34
C ILE G 39 13.69 -10.00 42.22
N LYS G 40 14.91 -9.47 42.12
CA LYS G 40 16.12 -10.28 42.11
C LYS G 40 16.06 -11.35 43.18
N SER G 41 16.10 -12.61 42.75
CA SER G 41 15.79 -13.72 43.65
C SER G 41 16.83 -14.84 43.57
N GLY G 42 16.53 -15.96 44.23
CA GLY G 42 17.41 -17.11 44.20
C GLY G 42 16.65 -18.35 44.60
N VAL G 43 17.02 -19.48 43.99
CA VAL G 43 16.32 -20.74 44.21
C VAL G 43 17.33 -21.81 44.57
N VAL G 44 16.83 -22.88 45.18
CA VAL G 44 17.61 -24.06 45.54
C VAL G 44 16.86 -25.30 45.10
N GLY G 45 17.57 -26.25 44.52
CA GLY G 45 16.96 -27.47 44.05
C GLY G 45 17.86 -28.18 43.06
N THR G 46 17.28 -29.20 42.42
CA THR G 46 18.00 -30.01 41.45
C THR G 46 17.88 -29.42 40.05
N GLN G 47 18.41 -30.12 39.07
CA GLN G 47 18.36 -29.65 37.69
C GLN G 47 16.92 -29.59 37.18
N LYS G 48 16.13 -30.63 37.45
CA LYS G 48 14.75 -30.65 37.01
C LYS G 48 13.95 -29.51 37.61
N GLY G 49 14.16 -29.25 38.91
CA GLY G 49 13.45 -28.16 39.56
C GLY G 49 13.77 -26.81 38.95
N LEU G 50 15.05 -26.55 38.68
CA LEU G 50 15.44 -25.29 38.05
C LEU G 50 14.86 -25.17 36.65
N GLN G 51 14.88 -26.27 35.88
CA GLN G 51 14.34 -26.22 34.53
C GLN G 51 12.84 -25.92 34.54
N ILE G 52 12.09 -26.59 35.44
CA ILE G 52 10.66 -26.36 35.54
C ILE G 52 10.38 -24.94 36.02
N PHE G 53 11.20 -24.44 36.95
CA PHE G 53 11.03 -23.08 37.44
C PHE G 53 11.23 -22.07 36.32
N LYS G 54 12.28 -22.25 35.52
CA LYS G 54 12.52 -21.32 34.41
C LYS G 54 11.41 -21.41 33.36
N SER G 55 10.90 -22.62 33.12
CA SER G 55 9.77 -22.77 32.20
C SER G 55 8.55 -22.01 32.70
N TYR G 56 8.24 -22.12 34.00
CA TYR G 56 7.11 -21.38 34.53
C TYR G 56 7.33 -19.88 34.45
N LEU G 57 8.56 -19.43 34.77
CA LEU G 57 8.86 -18.00 34.75
C LEU G 57 8.77 -17.41 33.35
N ASP G 58 9.25 -18.12 32.32
CA ASP G 58 9.06 -17.54 30.99
C ASP G 58 7.68 -17.85 30.41
N LYS G 59 6.88 -18.69 31.09
CA LYS G 59 5.47 -18.82 30.76
C LYS G 59 4.64 -17.67 31.32
N ILE G 60 4.99 -17.17 32.51
CA ILE G 60 4.10 -16.23 33.20
C ILE G 60 3.99 -14.90 32.46
N GLN G 61 5.02 -14.52 31.69
CA GLN G 61 4.98 -13.23 31.01
C GLN G 61 3.88 -13.17 29.97
N LYS G 62 3.68 -14.26 29.22
CA LYS G 62 2.64 -14.28 28.21
C LYS G 62 1.26 -14.27 28.87
N PRO G 63 0.23 -13.80 28.15
CA PRO G 63 -1.12 -13.82 28.71
C PRO G 63 -1.58 -15.25 28.98
N ILE G 64 -2.35 -15.40 30.05
CA ILE G 64 -2.84 -16.69 30.51
C ILE G 64 -4.36 -16.63 30.59
N TYR G 65 -5.02 -17.67 30.12
CA TYR G 65 -6.46 -17.64 29.89
C TYR G 65 -7.17 -18.70 30.71
N ASN G 66 -8.31 -18.33 31.29
CA ASN G 66 -9.15 -19.24 32.06
C ASN G 66 -10.32 -19.70 31.20
N HIS G 67 -11.09 -20.64 31.76
CA HIS G 67 -12.28 -21.12 31.07
C HIS G 67 -13.40 -20.08 31.10
N ASN G 68 -13.60 -19.44 32.26
CA ASN G 68 -14.62 -18.42 32.43
C ASN G 68 -13.94 -17.06 32.64
N ASN G 69 -14.66 -15.99 32.32
CA ASN G 69 -14.12 -14.64 32.41
C ASN G 69 -14.80 -13.81 33.49
N ILE G 70 -16.13 -13.76 33.49
CA ILE G 70 -16.84 -12.88 34.41
C ILE G 70 -16.69 -13.37 35.86
N THR G 71 -16.68 -14.68 36.07
CA THR G 71 -16.53 -15.20 37.42
C THR G 71 -15.10 -15.01 37.93
N ARG G 72 -14.11 -15.31 37.09
CA ARG G 72 -12.71 -15.15 37.47
C ARG G 72 -12.03 -14.19 36.50
N PRO G 73 -11.60 -13.02 36.95
CA PRO G 73 -11.02 -12.02 36.05
C PRO G 73 -9.73 -12.49 35.38
N MET G 74 -9.17 -11.65 34.51
CA MET G 74 -8.17 -12.08 33.56
C MET G 74 -6.82 -11.44 33.88
N PHE G 75 -5.73 -12.17 33.58
CA PHE G 75 -4.38 -11.72 33.90
C PHE G 75 -3.60 -11.41 32.62
N PRO G 76 -3.40 -10.13 32.28
CA PRO G 76 -2.66 -9.81 31.05
C PRO G 76 -1.17 -10.15 31.12
N GLY G 77 -0.49 -9.67 32.17
CA GLY G 77 0.94 -9.83 32.29
C GLY G 77 1.51 -9.08 33.48
N PHE G 78 2.66 -9.51 33.99
CA PHE G 78 3.18 -8.96 35.24
C PHE G 78 3.54 -7.49 35.12
N GLU G 79 4.30 -7.13 34.08
CA GLU G 79 4.75 -5.75 33.95
C GLU G 79 3.57 -4.79 33.77
N ALA G 80 2.58 -5.18 32.97
CA ALA G 80 1.43 -4.30 32.76
C ALA G 80 0.62 -4.13 34.04
N VAL G 81 0.41 -5.20 34.80
CA VAL G 81 -0.46 -5.12 35.96
C VAL G 81 0.24 -4.50 37.17
N PHE G 82 1.56 -4.61 37.26
CA PHE G 82 2.28 -4.19 38.46
C PHE G 82 3.18 -2.99 38.24
N GLY G 83 4.06 -3.05 37.24
CA GLY G 83 5.09 -2.06 37.06
C GLY G 83 6.46 -2.49 37.53
N CYS G 84 6.76 -3.78 37.53
CA CYS G 84 8.01 -4.31 38.03
C CYS G 84 8.54 -5.34 37.04
N LYS G 85 9.86 -5.55 37.09
CA LYS G 85 10.54 -6.49 36.20
C LYS G 85 10.89 -7.76 36.96
N TRP G 86 10.57 -8.91 36.36
CA TRP G 86 10.85 -10.20 36.99
C TRP G 86 10.98 -11.24 35.87
N GLU G 87 12.21 -11.60 35.55
CA GLU G 87 12.49 -12.56 34.49
C GLU G 87 13.45 -13.64 34.98
N SER G 88 13.94 -14.48 34.06
CA SER G 88 14.79 -15.61 34.41
C SER G 88 16.23 -15.41 33.96
N GLN G 89 16.74 -14.19 34.06
CA GLN G 89 18.12 -13.89 33.70
C GLN G 89 18.89 -13.21 34.82
N ASN G 90 18.31 -13.10 36.01
CA ASN G 90 18.97 -12.54 37.18
C ASN G 90 18.71 -13.41 38.40
N ILE G 91 18.82 -14.73 38.20
CA ILE G 91 18.57 -15.71 39.25
C ILE G 91 19.90 -16.31 39.69
N VAL G 92 20.15 -16.31 40.99
CA VAL G 92 21.33 -16.94 41.57
C VAL G 92 20.94 -18.33 42.06
N PHE G 93 21.69 -19.33 41.62
CA PHE G 93 21.32 -20.71 41.82
C PHE G 93 22.39 -21.45 42.61
N LYS G 94 21.95 -22.29 43.54
CA LYS G 94 22.85 -23.14 44.33
C LYS G 94 22.42 -24.58 44.13
N GLU G 95 23.24 -25.35 43.42
CA GLU G 95 22.96 -26.77 43.19
C GLU G 95 22.88 -27.51 44.51
N ILE G 96 21.68 -27.94 44.90
CA ILE G 96 21.46 -28.59 46.18
C ILE G 96 21.88 -30.05 46.03
N THR G 97 21.96 -30.76 47.16
CA THR G 97 22.43 -32.14 47.16
C THR G 97 21.64 -33.00 46.18
N ASP G 98 22.36 -33.84 45.44
CA ASP G 98 21.75 -34.74 44.47
C ASP G 98 22.09 -36.21 44.69
N GLU G 99 23.18 -36.52 45.40
CA GLU G 99 23.52 -37.91 45.67
C GLU G 99 22.50 -38.55 46.61
N GLU G 100 21.91 -37.78 47.51
CA GLU G 100 20.94 -38.26 48.49
C GLU G 100 21.52 -39.45 49.26
N ILE G 101 22.62 -39.17 49.98
CA ILE G 101 23.36 -40.21 50.67
C ILE G 101 22.55 -40.87 51.77
N ARG G 102 21.52 -40.19 52.28
CA ARG G 102 20.74 -40.74 53.38
C ARG G 102 19.86 -41.90 52.94
N ARG G 103 19.53 -41.99 51.66
CA ARG G 103 18.72 -43.09 51.09
C ARG G 103 17.37 -43.12 51.82
N TYR G 104 16.78 -44.29 52.02
CA TYR G 104 15.48 -44.43 52.66
C TYR G 104 15.65 -45.11 54.00
N LEU G 105 15.21 -44.44 55.07
CA LEU G 105 15.30 -44.97 56.42
C LEU G 105 13.93 -45.14 57.07
N PHE G 106 12.88 -45.26 56.25
CA PHE G 106 11.51 -45.44 56.71
C PHE G 106 11.02 -44.26 57.53
N ASN G 107 9.74 -44.30 57.94
CA ASN G 107 9.19 -43.23 58.78
C ASN G 107 9.84 -43.17 60.14
N ALA G 108 10.51 -44.24 60.58
CA ALA G 108 11.27 -44.20 61.81
C ALA G 108 12.46 -43.26 61.67
N SER G 109 13.01 -42.86 62.81
CA SER G 109 14.05 -41.83 62.86
C SER G 109 13.58 -40.55 62.18
N THR G 110 12.29 -40.24 62.35
CA THR G 110 11.72 -39.05 61.73
C THR G 110 12.37 -37.78 62.26
N HIS G 111 12.80 -37.80 63.53
CA HIS G 111 13.54 -36.65 64.07
C HIS G 111 14.80 -36.39 63.25
N LYS G 112 15.61 -37.42 63.05
CA LYS G 112 16.79 -37.28 62.19
C LYS G 112 16.39 -36.97 60.75
N ARG G 113 15.28 -37.56 60.30
CA ARG G 113 14.84 -37.36 58.93
C ARG G 113 14.58 -35.90 58.63
N THR G 114 13.87 -35.21 59.53
CA THR G 114 13.63 -33.79 59.31
C THR G 114 14.86 -32.95 59.65
N TYR G 115 15.62 -33.35 60.68
CA TYR G 115 16.75 -32.55 61.12
C TYR G 115 17.84 -32.46 60.05
N ASP G 116 18.15 -33.58 59.39
CA ASP G 116 19.20 -33.57 58.38
C ASP G 116 18.85 -32.60 57.25
N LEU G 117 17.64 -32.72 56.70
CA LEU G 117 17.23 -31.86 55.60
C LEU G 117 17.17 -30.39 56.03
N VAL G 118 16.61 -30.13 57.20
CA VAL G 118 16.47 -28.74 57.62
C VAL G 118 17.83 -28.12 57.90
N THR G 119 18.76 -28.89 58.47
CA THR G 119 20.11 -28.40 58.66
C THR G 119 20.78 -28.09 57.34
N LEU G 120 20.63 -29.00 56.36
CA LEU G 120 21.22 -28.79 55.04
C LEU G 120 20.71 -27.49 54.42
N PHE G 121 19.39 -27.32 54.36
CA PHE G 121 18.82 -26.13 53.74
C PHE G 121 19.21 -24.86 54.50
N ASN G 122 19.16 -24.91 55.83
CA ASN G 122 19.49 -23.73 56.63
C ASN G 122 20.95 -23.32 56.45
N ASP G 123 21.87 -24.28 56.48
CA ASP G 123 23.28 -23.93 56.30
C ASP G 123 23.53 -23.40 54.90
N LYS G 124 22.87 -23.99 53.89
CA LYS G 124 23.02 -23.47 52.53
C LYS G 124 22.56 -22.02 52.45
N ILE G 125 21.39 -21.72 53.01
CA ILE G 125 20.86 -20.36 52.95
C ILE G 125 21.76 -19.39 53.70
N ILE G 126 22.21 -19.79 54.89
CA ILE G 126 23.04 -18.90 55.70
C ILE G 126 24.37 -18.61 55.01
N THR G 127 25.00 -19.65 54.46
CA THR G 127 26.26 -19.46 53.74
C THR G 127 26.06 -18.57 52.53
N ALA G 128 24.96 -18.77 51.80
CA ALA G 128 24.68 -17.90 50.65
C ALA G 128 24.50 -16.45 51.08
N ASN G 129 23.82 -16.23 52.21
CA ASN G 129 23.57 -14.87 52.66
C ASN G 129 24.85 -14.20 53.15
N LYS G 130 25.74 -14.96 53.80
CA LYS G 130 26.92 -14.39 54.43
C LYS G 130 28.17 -14.45 53.57
N ASN G 131 28.12 -15.08 52.40
CA ASN G 131 29.31 -15.27 51.59
C ASN G 131 29.25 -14.58 50.24
N ASP G 132 28.14 -14.72 49.52
CA ASP G 132 28.05 -14.18 48.17
C ASP G 132 28.02 -12.66 48.18
N GLU G 133 28.31 -12.08 47.01
CA GLU G 133 28.37 -10.63 46.83
C GLU G 133 27.06 -10.06 46.30
N GLU G 134 26.38 -10.78 45.41
CA GLU G 134 25.13 -10.29 44.84
C GLU G 134 24.07 -10.11 45.92
N ARG G 135 23.23 -9.09 45.76
CA ARG G 135 22.17 -8.81 46.70
C ARG G 135 20.89 -9.51 46.28
N VAL G 136 20.22 -10.13 47.25
CA VAL G 136 19.00 -10.89 46.99
C VAL G 136 17.93 -10.42 47.97
N ASP G 137 16.67 -10.52 47.53
CA ASP G 137 15.53 -10.09 48.32
C ASP G 137 14.65 -11.23 48.80
N VAL G 138 14.42 -12.24 47.95
CA VAL G 138 13.56 -13.37 48.29
C VAL G 138 14.26 -14.65 47.91
N TRP G 139 13.83 -15.74 48.54
CA TRP G 139 14.36 -17.08 48.29
C TRP G 139 13.21 -18.04 48.08
N PHE G 140 13.14 -18.65 46.90
CA PHE G 140 12.10 -19.60 46.56
C PHE G 140 12.65 -21.01 46.70
N VAL G 141 12.17 -21.75 47.68
CA VAL G 141 12.61 -23.11 47.93
C VAL G 141 11.70 -24.07 47.20
N ILE G 142 12.29 -24.96 46.42
CA ILE G 142 11.56 -25.97 45.66
C ILE G 142 11.85 -27.32 46.27
N VAL G 143 10.80 -28.06 46.62
CA VAL G 143 10.96 -29.36 47.27
C VAL G 143 10.15 -30.40 46.52
N PRO G 144 10.73 -31.57 46.21
CA PRO G 144 10.04 -32.67 45.51
C PRO G 144 9.16 -33.50 46.44
N ALA G 204 4.70 -33.66 55.68
CA ALA G 204 5.44 -34.31 56.75
C ALA G 204 5.93 -33.30 57.78
N GLN G 205 5.04 -32.38 58.16
CA GLN G 205 5.31 -31.31 59.14
C GLN G 205 6.72 -30.75 58.97
N PHE G 206 7.06 -30.39 57.74
CA PHE G 206 8.43 -30.00 57.42
C PHE G 206 8.71 -28.53 57.71
N HIS G 207 8.01 -27.63 57.03
CA HIS G 207 8.44 -26.24 56.95
C HIS G 207 8.29 -25.48 58.27
N ASP G 208 7.55 -26.02 59.24
CA ASP G 208 7.42 -25.34 60.52
C ASP G 208 8.79 -25.16 61.18
N GLN G 209 9.56 -26.25 61.27
CA GLN G 209 10.91 -26.16 61.82
C GLN G 209 11.78 -25.23 60.98
N LEU G 210 11.65 -25.31 59.66
CA LEU G 210 12.45 -24.48 58.78
C LEU G 210 12.27 -23.00 59.09
N LYS G 211 11.01 -22.54 59.12
CA LYS G 211 10.77 -21.13 59.38
C LYS G 211 11.06 -20.76 60.82
N ALA G 212 10.84 -21.67 61.77
CA ALA G 212 11.18 -21.39 63.16
C ALA G 212 12.67 -21.14 63.32
N ARG G 213 13.50 -21.97 62.68
CA ARG G 213 14.94 -21.74 62.72
C ARG G 213 15.34 -20.48 61.97
N LEU G 214 14.73 -20.24 60.81
CA LEU G 214 15.05 -19.05 60.03
C LEU G 214 14.55 -17.76 60.66
N LEU G 215 13.73 -17.85 61.72
CA LEU G 215 13.21 -16.65 62.36
C LEU G 215 14.31 -15.74 62.88
N GLU G 216 15.47 -16.30 63.24
CA GLU G 216 16.56 -15.48 63.73
C GLU G 216 17.09 -14.61 62.59
N HIS G 217 17.78 -13.52 62.95
CA HIS G 217 18.12 -12.42 62.07
C HIS G 217 16.96 -12.06 61.16
N THR G 218 17.23 -11.72 59.90
CA THR G 218 16.19 -11.31 58.96
C THR G 218 16.46 -11.94 57.60
N ILE G 219 15.54 -12.78 57.15
CA ILE G 219 15.63 -13.38 55.81
C ILE G 219 14.24 -13.74 55.30
N PRO G 220 13.73 -13.07 54.27
CA PRO G 220 12.47 -13.50 53.66
C PRO G 220 12.60 -14.87 53.04
N THR G 221 11.49 -15.61 53.02
CA THR G 221 11.51 -16.99 52.59
C THR G 221 10.19 -17.32 51.89
N GLN G 222 10.27 -18.23 50.93
CA GLN G 222 9.09 -18.72 50.22
C GLN G 222 9.26 -20.21 49.95
N ILE G 223 8.21 -20.98 50.22
CA ILE G 223 8.23 -22.43 50.06
C ILE G 223 7.22 -22.83 49.00
N LEU G 224 7.60 -23.80 48.17
CA LEU G 224 6.77 -24.24 47.07
C LEU G 224 7.23 -25.62 46.62
N ARG G 225 6.27 -26.49 46.32
CA ARG G 225 6.54 -27.81 45.76
C ARG G 225 6.29 -27.78 44.26
N GLU G 226 7.11 -28.51 43.50
CA GLU G 226 7.02 -28.49 42.05
C GLU G 226 5.99 -29.46 41.49
N SER G 227 5.28 -30.19 42.35
CA SER G 227 4.26 -31.11 41.86
C SER G 227 3.14 -30.36 41.14
N THR G 228 2.74 -29.20 41.69
CA THR G 228 1.69 -28.41 41.04
C THR G 228 2.16 -27.87 39.70
N LEU G 229 3.39 -27.38 39.62
CA LEU G 229 3.89 -26.79 38.37
C LEU G 229 4.04 -27.84 37.28
N ALA G 230 4.39 -29.07 37.63
CA ALA G 230 4.58 -30.16 36.68
C ALA G 230 3.31 -30.95 36.43
N TRP G 231 2.14 -30.33 36.58
CA TRP G 231 0.89 -31.06 36.41
C TRP G 231 0.69 -31.57 34.98
N ARG G 232 1.43 -31.03 34.02
CA ARG G 232 1.29 -31.49 32.64
C ARG G 232 1.71 -32.95 32.49
N ASP G 233 2.82 -33.34 33.12
CA ASP G 233 3.33 -34.70 33.02
C ASP G 233 3.21 -35.50 34.30
N PHE G 234 2.76 -34.88 35.40
CA PHE G 234 2.50 -35.62 36.62
C PHE G 234 1.11 -36.25 36.56
N LYS G 235 0.86 -37.01 35.50
CA LYS G 235 -0.46 -37.55 35.22
C LYS G 235 -0.58 -38.96 35.81
N ASN G 236 -1.59 -39.69 35.38
CA ASN G 236 -1.95 -41.00 35.93
C ASN G 236 -0.74 -41.89 36.15
N THR G 237 -0.71 -42.56 37.31
CA THR G 237 0.27 -43.58 37.60
C THR G 237 -0.28 -44.99 37.43
N PHE G 238 -1.61 -45.16 37.44
CA PHE G 238 -2.23 -46.46 37.22
C PHE G 238 -3.46 -46.34 36.34
N GLY G 239 -3.51 -45.32 35.49
CA GLY G 239 -4.63 -45.07 34.61
C GLY G 239 -5.59 -44.00 35.10
N ALA G 240 -5.54 -43.66 36.39
CA ALA G 240 -6.39 -42.61 36.95
C ALA G 240 -5.57 -41.33 37.08
N PRO G 241 -5.94 -40.25 36.40
CA PRO G 241 -5.12 -39.03 36.44
C PRO G 241 -4.98 -38.49 37.87
N ILE G 242 -3.78 -37.99 38.16
CA ILE G 242 -3.52 -37.47 39.50
C ILE G 242 -4.26 -36.15 39.71
N ARG G 243 -4.24 -35.26 38.73
CA ARG G 243 -4.80 -33.94 38.91
C ARG G 243 -5.23 -33.39 37.55
N ASP G 244 -6.01 -32.30 37.58
CA ASP G 244 -6.50 -31.66 36.37
C ASP G 244 -6.75 -30.19 36.68
N PHE G 245 -5.84 -29.32 36.21
CA PHE G 245 -5.91 -27.88 36.43
C PHE G 245 -6.13 -27.13 35.12
N SER G 246 -6.91 -27.73 34.21
CA SER G 246 -7.04 -27.18 32.87
C SER G 246 -7.83 -25.88 32.82
N LYS G 247 -8.51 -25.48 33.89
CA LYS G 247 -9.41 -24.33 33.85
C LYS G 247 -9.11 -23.27 34.90
N ILE G 248 -8.05 -23.42 35.69
CA ILE G 248 -7.87 -22.57 36.86
C ILE G 248 -6.48 -21.95 36.93
N GLU G 249 -5.67 -22.13 35.89
CA GLU G 249 -4.28 -21.70 35.95
C GLU G 249 -4.14 -20.18 36.10
N GLY G 250 -5.12 -19.41 35.61
CA GLY G 250 -5.08 -17.97 35.81
C GLY G 250 -5.14 -17.59 37.28
N HIS G 251 -5.96 -18.30 38.05
CA HIS G 251 -6.02 -18.06 39.49
C HIS G 251 -4.68 -18.39 40.15
N LEU G 252 -4.03 -19.46 39.70
CA LEU G 252 -2.69 -19.78 40.21
C LEU G 252 -1.71 -18.66 39.94
N ALA G 253 -1.72 -18.12 38.72
CA ALA G 253 -0.84 -17.01 38.38
C ALA G 253 -1.12 -15.80 39.26
N TRP G 254 -2.40 -15.47 39.45
CA TRP G 254 -2.77 -14.35 40.30
C TRP G 254 -2.23 -14.53 41.71
N THR G 255 -2.46 -15.71 42.30
CA THR G 255 -2.04 -15.95 43.67
C THR G 255 -0.53 -15.86 43.81
N ILE G 256 0.20 -16.50 42.90
CA ILE G 256 1.66 -16.52 42.99
C ILE G 256 2.22 -15.11 42.82
N SER G 257 1.70 -14.37 41.83
CA SER G 257 2.20 -13.01 41.60
C SER G 257 1.95 -12.11 42.79
N THR G 258 0.73 -12.16 43.35
CA THR G 258 0.42 -11.32 44.49
C THR G 258 1.27 -11.68 45.71
N ALA G 259 1.46 -12.98 45.96
CA ALA G 259 2.30 -13.38 47.09
C ALA G 259 3.73 -12.91 46.91
N ALA G 260 4.28 -13.05 45.70
CA ALA G 260 5.64 -12.61 45.44
C ALA G 260 5.77 -11.10 45.62
N TYR G 261 4.79 -10.33 45.12
CA TYR G 261 4.85 -8.89 45.27
C TYR G 261 4.78 -8.48 46.73
N TYR G 262 3.91 -9.14 47.51
CA TYR G 262 3.83 -8.84 48.93
C TYR G 262 5.17 -9.12 49.63
N LYS G 263 5.74 -10.30 49.39
CA LYS G 263 6.99 -10.66 50.03
C LYS G 263 8.15 -9.78 49.57
N ALA G 264 8.06 -9.20 48.38
CA ALA G 264 9.13 -8.31 47.91
C ALA G 264 9.23 -7.05 48.77
N GLY G 265 8.14 -6.63 49.40
CA GLY G 265 8.16 -5.45 50.24
C GLY G 265 7.26 -4.34 49.75
N GLY G 266 6.15 -4.69 49.09
CA GLY G 266 5.18 -3.73 48.62
C GLY G 266 3.87 -3.79 49.39
N LYS G 267 2.92 -2.99 48.92
CA LYS G 267 1.57 -2.94 49.48
C LYS G 267 0.57 -2.91 48.33
N PRO G 268 0.00 -4.07 47.96
CA PRO G 268 -0.94 -4.12 46.83
C PRO G 268 -2.14 -3.21 47.00
N TRP G 269 -2.89 -3.40 48.09
CA TRP G 269 -4.08 -2.60 48.33
C TRP G 269 -4.29 -2.46 49.84
N LYS G 270 -4.96 -1.39 50.22
CA LYS G 270 -5.26 -1.12 51.62
C LYS G 270 -6.74 -0.80 51.79
N LEU G 271 -7.23 -0.99 53.01
CA LEU G 271 -8.62 -0.73 53.36
C LEU G 271 -8.71 0.66 53.99
N GLY G 272 -9.49 1.54 53.37
CA GLY G 272 -9.58 2.91 53.84
C GLY G 272 -10.95 3.30 54.37
N ASP G 273 -11.60 2.36 55.05
CA ASP G 273 -12.89 2.61 55.68
C ASP G 273 -12.77 2.51 57.20
N ILE G 274 -11.71 3.08 57.74
CA ILE G 274 -11.40 3.00 59.17
C ILE G 274 -11.62 4.36 59.80
N ARG G 275 -12.26 4.37 60.96
CA ARG G 275 -12.46 5.61 61.70
C ARG G 275 -11.15 6.05 62.34
N PRO G 276 -10.80 7.33 62.27
CA PRO G 276 -9.56 7.78 62.90
C PRO G 276 -9.60 7.62 64.42
N GLY G 277 -8.42 7.42 64.99
CA GLY G 277 -8.32 7.20 66.43
C GLY G 277 -8.96 5.91 66.89
N VAL G 278 -8.76 4.81 66.15
CA VAL G 278 -9.35 3.52 66.47
C VAL G 278 -8.23 2.48 66.45
N CYS G 279 -8.19 1.65 67.50
CA CYS G 279 -7.20 0.60 67.62
C CYS G 279 -7.90 -0.76 67.66
N TYR G 280 -7.21 -1.77 67.13
CA TYR G 280 -7.72 -3.13 67.08
C TYR G 280 -6.79 -4.07 67.83
N LEU G 281 -7.23 -5.30 67.99
CA LEU G 281 -6.45 -6.35 68.66
C LEU G 281 -7.15 -7.68 68.47
N GLY G 282 -6.37 -8.75 68.48
CA GLY G 282 -6.90 -10.10 68.43
C GLY G 282 -6.15 -11.01 69.37
N LEU G 283 -6.69 -12.22 69.55
CA LEU G 283 -6.10 -13.16 70.48
C LEU G 283 -6.59 -14.57 70.14
N VAL G 284 -5.73 -15.56 70.43
CA VAL G 284 -6.06 -16.96 70.21
C VAL G 284 -5.12 -17.79 71.07
N TYR G 285 -5.54 -19.00 71.40
CA TYR G 285 -4.77 -19.90 72.25
C TYR G 285 -4.34 -21.14 71.46
N LYS G 286 -3.26 -21.76 71.96
CA LYS G 286 -2.75 -23.01 71.41
C LYS G 286 -2.22 -23.86 72.56
N LYS G 287 -2.08 -25.16 72.29
CA LYS G 287 -1.53 -26.10 73.26
C LYS G 287 -0.23 -26.68 72.72
N ILE G 288 0.78 -26.76 73.59
CA ILE G 288 2.12 -27.16 73.15
C ILE G 288 2.42 -28.59 73.56
N GLU G 289 1.82 -29.03 74.66
CA GLU G 289 1.93 -30.40 75.19
C GLU G 289 3.36 -30.95 75.09
N LYS G 290 4.28 -30.27 75.76
CA LYS G 290 5.68 -30.64 75.71
C LYS G 290 6.12 -31.50 76.91
N SER G 291 5.88 -31.02 78.12
CA SER G 291 6.24 -31.78 79.32
C SER G 291 5.06 -32.10 80.21
N LYS G 292 4.29 -31.08 80.61
CA LYS G 292 3.15 -31.23 81.50
C LYS G 292 1.86 -30.79 80.81
N ASN G 293 1.74 -31.17 79.53
CA ASN G 293 0.72 -30.76 78.56
C ASN G 293 0.24 -29.33 78.79
N PRO G 294 1.15 -28.34 78.85
CA PRO G 294 0.71 -26.96 79.08
C PRO G 294 -0.01 -26.42 77.86
N GLN G 295 -0.93 -25.49 78.11
CA GLN G 295 -1.64 -24.79 77.06
C GLN G 295 -1.36 -23.29 77.16
N ASN G 296 -0.10 -22.95 77.34
CA ASN G 296 0.36 -21.58 77.52
C ASN G 296 0.83 -21.01 76.18
N ALA G 297 -0.14 -20.53 75.39
CA ALA G 297 0.18 -19.95 74.09
C ALA G 297 -0.82 -18.83 73.81
N CYS G 298 -0.36 -17.59 73.96
CA CYS G 298 -1.14 -16.42 73.60
C CYS G 298 -0.29 -15.51 72.71
N CYS G 299 -0.95 -14.85 71.77
CA CYS G 299 -0.23 -14.00 70.81
C CYS G 299 -1.19 -12.98 70.25
N ALA G 300 -0.86 -11.69 70.41
CA ALA G 300 -1.69 -10.64 69.86
C ALA G 300 -1.68 -10.68 68.34
N ALA G 301 -2.81 -10.31 67.73
CA ALA G 301 -2.95 -10.49 66.30
C ALA G 301 -2.30 -9.34 65.53
N GLN G 302 -2.84 -8.13 65.65
CA GLN G 302 -2.23 -6.96 65.02
C GLN G 302 -2.86 -5.69 65.57
N MET G 303 -2.28 -4.57 65.19
CA MET G 303 -2.84 -3.25 65.41
C MET G 303 -3.42 -2.72 64.10
N PHE G 304 -4.19 -1.63 64.21
CA PHE G 304 -4.69 -0.93 63.03
C PHE G 304 -4.64 0.58 63.20
N LEU G 305 -3.73 1.08 64.03
CA LEU G 305 -3.64 2.50 64.28
C LEU G 305 -3.34 3.27 63.00
N ASP G 306 -3.95 4.45 62.89
CA ASP G 306 -3.90 5.26 61.68
C ASP G 306 -2.73 6.23 61.75
N ASN G 307 -1.92 6.24 60.70
CA ASN G 307 -0.75 7.11 60.61
C ASN G 307 -1.15 8.40 59.89
N GLY G 308 -0.16 9.17 59.43
CA GLY G 308 -0.42 10.29 58.55
C GLY G 308 -0.75 9.78 57.16
N ASP G 309 -1.96 9.25 57.01
CA ASP G 309 -2.42 8.57 55.79
C ASP G 309 -1.66 7.27 55.57
N GLY G 310 -1.67 6.41 56.60
CA GLY G 310 -1.05 5.10 56.50
C GLY G 310 -1.58 4.19 57.59
N THR G 311 -1.50 2.89 57.35
CA THR G 311 -2.00 1.89 58.28
C THR G 311 -0.87 0.95 58.68
N VAL G 312 -0.72 0.74 59.99
CA VAL G 312 0.29 -0.15 60.56
C VAL G 312 -0.33 -1.52 60.79
N PHE G 313 0.42 -2.57 60.47
CA PHE G 313 -0.03 -3.95 60.54
C PHE G 313 1.03 -4.83 61.19
N LYS G 314 1.57 -4.37 62.33
CA LYS G 314 2.71 -5.06 62.94
C LYS G 314 2.33 -6.36 63.63
N GLY G 315 1.52 -6.27 64.69
CA GLY G 315 1.19 -7.45 65.46
C GLY G 315 2.14 -7.71 66.61
N GLU G 316 1.62 -7.70 67.84
CA GLU G 316 2.44 -7.95 69.01
C GLU G 316 2.63 -9.45 69.22
N VAL G 317 3.85 -9.85 69.56
CA VAL G 317 4.23 -11.25 69.66
C VAL G 317 5.03 -11.43 70.94
N GLY G 318 5.14 -12.68 71.39
CA GLY G 318 5.72 -13.00 72.68
C GLY G 318 4.71 -13.67 73.59
N PRO G 319 4.83 -14.99 73.71
CA PRO G 319 3.78 -15.78 74.36
C PRO G 319 3.76 -15.68 75.88
N TRP G 320 3.07 -14.68 76.42
CA TRP G 320 2.79 -14.66 77.86
C TRP G 320 2.17 -15.98 78.29
N TYR G 321 2.87 -16.69 79.17
CA TYR G 321 2.51 -18.07 79.48
C TYR G 321 1.48 -18.13 80.60
N ASN G 322 0.92 -19.32 80.79
CA ASN G 322 -0.10 -19.60 81.78
C ASN G 322 -0.07 -21.08 82.13
N PRO G 323 0.14 -21.43 83.39
CA PRO G 323 0.18 -22.85 83.78
C PRO G 323 -1.19 -23.50 83.75
N GLU G 324 -1.26 -24.74 84.25
CA GLU G 324 -2.48 -25.54 84.38
C GLU G 324 -2.89 -26.15 83.05
N LYS G 325 -3.95 -26.95 83.06
CA LYS G 325 -4.35 -27.75 81.89
C LYS G 325 -5.49 -27.09 81.12
N GLY G 326 -6.62 -26.85 81.76
CA GLY G 326 -7.79 -26.30 81.12
C GLY G 326 -8.07 -24.84 81.38
N GLU G 327 -7.11 -24.10 81.93
CA GLU G 327 -7.32 -22.69 82.23
C GLU G 327 -7.29 -21.86 80.96
N TYR G 328 -8.45 -21.65 80.34
CA TYR G 328 -8.54 -20.93 79.09
C TYR G 328 -8.65 -19.42 79.28
N HIS G 329 -8.25 -18.92 80.43
CA HIS G 329 -8.15 -17.49 80.68
C HIS G 329 -6.74 -17.15 81.11
N LEU G 330 -6.20 -16.05 80.59
CA LEU G 330 -4.83 -15.66 80.88
C LEU G 330 -4.68 -15.30 82.37
N LYS G 331 -3.49 -15.53 82.89
CA LYS G 331 -3.19 -15.16 84.27
C LYS G 331 -3.32 -13.65 84.44
N PRO G 332 -3.75 -13.19 85.61
CA PRO G 332 -3.94 -11.74 85.80
C PRO G 332 -2.67 -10.94 85.62
N LYS G 333 -1.50 -11.52 85.87
CA LYS G 333 -0.26 -10.81 85.67
C LYS G 333 0.07 -10.64 84.20
N GLU G 334 -0.13 -11.70 83.40
CA GLU G 334 0.27 -11.66 82.00
C GLU G 334 -0.61 -10.73 81.18
N ALA G 335 -1.88 -10.58 81.56
CA ALA G 335 -2.80 -9.74 80.80
C ALA G 335 -2.36 -8.29 80.82
N LYS G 336 -1.90 -7.80 81.97
CA LYS G 336 -1.43 -6.42 82.05
C LYS G 336 -0.22 -6.19 81.15
N ALA G 337 0.71 -7.15 81.12
CA ALA G 337 1.86 -7.03 80.24
C ALA G 337 1.45 -7.03 78.78
N LEU G 338 0.51 -7.91 78.42
CA LEU G 338 0.01 -7.95 77.04
C LEU G 338 -0.61 -6.61 76.65
N LEU G 339 -1.46 -6.06 77.53
CA LEU G 339 -2.09 -4.79 77.23
C LEU G 339 -1.06 -3.66 77.13
N THR G 340 -0.06 -3.69 78.01
CA THR G 340 0.98 -2.65 77.98
C THR G 340 1.78 -2.69 76.69
N GLN G 341 2.19 -3.89 76.25
CA GLN G 341 2.95 -3.98 75.01
C GLN G 341 2.10 -3.59 73.82
N ALA G 342 0.81 -3.96 73.83
CA ALA G 342 -0.07 -3.55 72.74
C ALA G 342 -0.25 -2.03 72.71
N LEU G 343 -0.37 -1.40 73.88
CA LEU G 343 -0.65 0.02 73.96
C LEU G 343 0.56 0.90 73.67
N GLU G 344 1.76 0.44 74.04
CA GLU G 344 2.95 1.26 73.84
C GLU G 344 3.24 1.49 72.37
N SER G 345 2.95 0.52 71.50
CA SER G 345 3.14 0.71 70.07
C SER G 345 2.27 1.86 69.56
N TYR G 346 0.99 1.87 69.95
CA TYR G 346 0.11 2.96 69.58
C TYR G 346 0.62 4.29 70.13
N LYS G 347 1.02 4.29 71.40
CA LYS G 347 1.47 5.53 72.03
C LYS G 347 2.68 6.11 71.31
N GLU G 348 3.65 5.26 70.96
CA GLU G 348 4.86 5.77 70.31
C GLU G 348 4.59 6.17 68.86
N GLN G 349 3.74 5.42 68.16
CA GLN G 349 3.56 5.67 66.73
C GLN G 349 2.67 6.88 66.47
N ASN G 350 1.61 7.06 67.24
CA ASN G 350 0.71 8.19 67.00
C ASN G 350 0.97 9.39 67.90
N LYS G 351 2.03 9.36 68.71
CA LYS G 351 2.47 10.46 69.56
C LYS G 351 1.46 10.76 70.68
N SER G 352 0.32 10.09 70.70
CA SER G 352 -0.69 10.31 71.73
C SER G 352 -1.44 9.01 71.96
N TYR G 353 -2.08 8.92 73.13
CA TYR G 353 -2.77 7.71 73.50
C TYR G 353 -4.03 7.54 72.64
N PRO G 354 -4.45 6.29 72.40
CA PRO G 354 -5.64 6.08 71.57
C PRO G 354 -6.89 6.57 72.26
N LYS G 355 -7.89 6.91 71.44
CA LYS G 355 -9.18 7.34 71.97
C LYS G 355 -10.10 6.17 72.29
N GLU G 356 -10.16 5.17 71.42
CA GLU G 356 -10.99 3.99 71.63
C GLU G 356 -10.31 2.79 71.00
N VAL G 357 -10.41 1.64 71.68
CA VAL G 357 -9.79 0.41 71.21
C VAL G 357 -10.83 -0.71 71.22
N PHE G 358 -10.52 -1.77 70.48
CA PHE G 358 -11.38 -2.95 70.40
C PHE G 358 -10.54 -4.20 70.59
N ILE G 359 -11.20 -5.26 71.03
CA ILE G 359 -10.58 -6.57 71.17
C ILE G 359 -11.50 -7.60 70.52
N HIS G 360 -10.97 -8.34 69.54
CA HIS G 360 -11.72 -9.39 68.86
C HIS G 360 -11.25 -10.74 69.41
N ALA G 361 -11.87 -11.14 70.52
CA ALA G 361 -11.49 -12.36 71.20
C ALA G 361 -12.14 -13.56 70.51
N ARG G 362 -12.06 -14.73 71.14
CA ARG G 362 -12.65 -15.95 70.60
C ARG G 362 -13.68 -16.57 71.53
N THR G 363 -13.48 -16.46 72.85
CA THR G 363 -14.42 -16.98 73.83
C THR G 363 -14.47 -16.03 75.02
N ARG G 364 -15.31 -16.35 75.99
CA ARG G 364 -15.49 -15.49 77.15
C ARG G 364 -14.28 -15.58 78.08
N PHE G 365 -14.30 -14.75 79.13
CA PHE G 365 -13.23 -14.72 80.11
C PHE G 365 -13.79 -14.27 81.45
N ASN G 366 -13.05 -14.56 82.51
CA ASN G 366 -13.48 -14.21 83.85
C ASN G 366 -13.39 -12.70 84.08
N ASP G 367 -14.14 -12.24 85.10
CA ASP G 367 -14.25 -10.81 85.35
C ASP G 367 -13.02 -10.21 86.01
N GLU G 368 -12.25 -11.01 86.76
CA GLU G 368 -11.08 -10.46 87.44
C GLU G 368 -10.03 -9.97 86.44
N GLU G 369 -9.74 -10.76 85.40
CA GLU G 369 -8.84 -10.28 84.37
C GLU G 369 -9.46 -9.11 83.60
N TRP G 370 -10.79 -9.06 83.52
CA TRP G 370 -11.46 -7.92 82.90
C TRP G 370 -11.20 -6.64 83.68
N ASN G 371 -11.27 -6.70 85.02
CA ASN G 371 -10.94 -5.55 85.83
C ASN G 371 -9.46 -5.21 85.73
N ALA G 372 -8.60 -6.23 85.65
CA ALA G 372 -7.17 -5.98 85.45
C ALA G 372 -6.92 -5.26 84.13
N PHE G 373 -7.73 -5.56 83.11
CA PHE G 373 -7.65 -4.84 81.85
C PHE G 373 -8.12 -3.39 82.01
N ASN G 374 -9.28 -3.21 82.66
CA ASN G 374 -9.87 -1.87 82.75
C ASN G 374 -9.04 -0.94 83.62
N GLU G 375 -8.29 -1.46 84.59
CA GLU G 375 -7.53 -0.55 85.44
C GLU G 375 -6.31 0.06 84.73
N VAL G 376 -6.18 -0.15 83.42
CA VAL G 376 -5.05 0.37 82.67
C VAL G 376 -5.40 1.65 81.90
N THR G 377 -6.67 1.89 81.63
CA THR G 377 -7.06 3.08 80.88
C THR G 377 -6.66 4.34 81.64
N PRO G 378 -5.94 5.27 81.01
CA PRO G 378 -5.41 6.42 81.75
C PRO G 378 -6.48 7.37 82.29
N LYS G 379 -7.29 7.95 81.41
CA LYS G 379 -8.29 8.93 81.84
C LYS G 379 -9.72 8.55 81.44
N ASN G 380 -9.98 8.33 80.15
CA ASN G 380 -11.34 8.08 79.69
C ASN G 380 -11.46 7.04 78.58
N THR G 381 -10.36 6.41 78.18
CA THR G 381 -10.41 5.46 77.08
C THR G 381 -11.16 4.19 77.51
N ASN G 382 -11.95 3.65 76.60
CA ASN G 382 -12.78 2.48 76.89
C ASN G 382 -12.37 1.33 75.98
N LEU G 383 -12.53 0.11 76.50
CA LEU G 383 -12.25 -1.10 75.74
C LEU G 383 -13.42 -2.07 75.89
N VAL G 384 -13.67 -2.84 74.84
CA VAL G 384 -14.82 -3.74 74.80
C VAL G 384 -14.34 -5.16 74.51
N GLY G 385 -15.27 -6.11 74.50
CA GLY G 385 -14.94 -7.47 74.14
C GLY G 385 -15.91 -8.04 73.14
N VAL G 386 -15.39 -8.56 72.03
CA VAL G 386 -16.20 -9.12 70.96
C VAL G 386 -15.81 -10.58 70.76
N THR G 387 -16.81 -11.45 70.67
CA THR G 387 -16.59 -12.88 70.56
C THR G 387 -17.13 -13.37 69.22
N ILE G 388 -16.32 -14.18 68.53
CA ILE G 388 -16.68 -14.77 67.24
C ILE G 388 -16.67 -16.28 67.40
N THR G 389 -17.77 -16.92 67.01
CA THR G 389 -17.90 -18.37 67.12
C THR G 389 -18.42 -18.92 65.80
N LYS G 390 -17.98 -20.14 65.47
CA LYS G 390 -18.30 -20.79 64.22
C LYS G 390 -18.89 -22.18 64.49
N SER G 391 -19.85 -22.24 65.40
CA SER G 391 -20.51 -23.52 65.72
C SER G 391 -21.92 -23.22 66.24
N LYS G 392 -22.90 -23.25 65.34
CA LYS G 392 -24.31 -23.15 65.70
C LYS G 392 -25.16 -23.52 64.49
N PRO G 393 -26.10 -24.47 64.64
CA PRO G 393 -26.98 -24.81 63.51
C PRO G 393 -28.14 -23.84 63.36
N LEU G 394 -27.98 -22.87 62.46
CA LEU G 394 -29.08 -21.97 62.11
C LEU G 394 -29.05 -21.74 60.60
N LYS G 395 -28.89 -22.82 59.83
CA LYS G 395 -28.68 -22.71 58.39
C LYS G 395 -29.96 -22.19 57.74
N LEU G 396 -30.00 -20.89 57.49
CA LEU G 396 -31.14 -20.28 56.83
C LEU G 396 -31.18 -20.74 55.38
N TYR G 397 -32.38 -20.97 54.87
CA TYR G 397 -32.57 -21.55 53.55
C TYR G 397 -33.54 -20.74 52.71
N LYS G 398 -33.23 -20.63 51.41
CA LYS G 398 -34.07 -19.94 50.43
C LYS G 398 -35.07 -20.91 49.84
N THR G 399 -36.36 -20.69 50.14
CA THR G 399 -37.37 -21.74 49.92
C THR G 399 -37.48 -22.13 48.45
N GLU G 400 -37.52 -21.14 47.56
CA GLU G 400 -37.80 -21.40 46.14
C GLU G 400 -36.63 -20.93 45.29
N GLY G 401 -36.33 -21.69 44.24
CA GLY G 401 -35.25 -21.36 43.34
C GLY G 401 -34.19 -22.43 43.25
N ALA G 402 -33.00 -22.06 42.76
CA ALA G 402 -31.88 -23.00 42.70
C ALA G 402 -30.59 -22.38 43.25
N PHE G 403 -30.68 -21.27 43.96
CA PHE G 403 -29.51 -20.58 44.49
C PHE G 403 -29.72 -20.26 45.97
N PRO G 404 -28.64 -20.20 46.74
CA PRO G 404 -28.77 -19.90 48.17
C PRO G 404 -29.03 -18.41 48.40
N ILE G 405 -28.97 -18.02 49.67
CA ILE G 405 -29.13 -16.61 50.03
C ILE G 405 -27.86 -15.84 49.65
N MET G 406 -28.06 -14.60 49.20
CA MET G 406 -26.95 -13.74 48.84
C MET G 406 -26.28 -13.18 50.10
N ARG G 407 -24.95 -13.05 50.04
CA ARG G 407 -24.17 -12.69 51.22
C ARG G 407 -24.37 -11.22 51.58
N GLY G 408 -24.17 -10.92 52.86
CA GLY G 408 -24.32 -9.57 53.38
C GLY G 408 -25.53 -9.35 54.26
N ASN G 409 -26.37 -10.37 54.47
CA ASN G 409 -27.57 -10.23 55.28
C ASN G 409 -27.19 -10.38 56.76
N ALA G 410 -28.21 -10.49 57.61
CA ALA G 410 -28.01 -10.61 59.05
C ALA G 410 -29.28 -11.20 59.67
N TYR G 411 -29.18 -11.51 60.96
CA TYR G 411 -30.36 -11.96 61.71
C TYR G 411 -30.12 -11.62 63.17
N ILE G 412 -30.87 -10.64 63.68
CA ILE G 412 -30.72 -10.16 65.04
C ILE G 412 -31.74 -10.87 65.92
N VAL G 413 -31.29 -11.31 67.10
CA VAL G 413 -32.19 -11.91 68.08
C VAL G 413 -32.24 -11.14 69.39
N ASP G 414 -31.28 -10.27 69.65
CA ASP G 414 -31.24 -9.47 70.88
C ASP G 414 -30.22 -8.36 70.66
N GLU G 415 -29.94 -7.59 71.73
CA GLU G 415 -28.93 -6.55 71.65
C GLU G 415 -27.52 -7.10 71.72
N LYS G 416 -27.34 -8.36 72.14
CA LYS G 416 -26.03 -8.97 72.25
C LYS G 416 -25.86 -10.11 71.25
N LYS G 417 -26.74 -11.10 71.26
CA LYS G 417 -26.63 -12.22 70.35
C LYS G 417 -27.13 -11.85 68.95
N ALA G 418 -26.41 -12.32 67.93
CA ALA G 418 -26.78 -12.03 66.55
C ALA G 418 -26.09 -13.06 65.66
N PHE G 419 -26.58 -13.15 64.42
CA PHE G 419 -26.01 -14.05 63.41
C PHE G 419 -25.70 -13.26 62.16
N LEU G 420 -24.49 -13.43 61.62
CA LEU G 420 -24.08 -12.77 60.41
C LEU G 420 -23.67 -13.79 59.34
N TRP G 421 -23.71 -13.35 58.09
CA TRP G 421 -23.37 -14.20 56.96
C TRP G 421 -22.13 -13.67 56.26
N THR G 422 -21.27 -14.59 55.85
CA THR G 422 -20.09 -14.28 55.07
C THR G 422 -19.91 -15.18 53.87
N LEU G 423 -20.69 -16.25 53.75
CA LEU G 423 -20.63 -17.16 52.61
C LEU G 423 -21.99 -17.24 51.95
N GLY G 424 -22.01 -17.05 50.63
CA GLY G 424 -23.22 -17.13 49.83
C GLY G 424 -22.84 -17.27 48.37
N PHE G 425 -23.52 -16.55 47.49
CA PHE G 425 -23.02 -16.33 46.14
C PHE G 425 -23.15 -14.85 45.84
N VAL G 426 -22.04 -14.23 45.43
CA VAL G 426 -22.04 -12.80 45.12
C VAL G 426 -22.76 -12.60 43.79
N PRO G 427 -23.71 -11.66 43.71
CA PRO G 427 -24.37 -11.42 42.41
C PRO G 427 -23.41 -11.03 41.31
N LYS G 428 -22.35 -10.28 41.62
CA LYS G 428 -21.34 -9.98 40.62
C LYS G 428 -20.61 -11.22 40.15
N LEU G 429 -20.42 -12.19 41.04
CA LEU G 429 -19.77 -13.45 40.65
C LEU G 429 -20.65 -14.27 39.72
N GLN G 430 -21.98 -14.20 39.89
CA GLN G 430 -22.93 -14.97 39.09
C GLN G 430 -22.73 -16.48 39.25
N SER G 431 -22.16 -16.89 40.38
CA SER G 431 -21.94 -18.30 40.68
C SER G 431 -21.76 -18.45 42.19
N THR G 432 -21.81 -19.69 42.65
CA THR G 432 -21.77 -19.99 44.07
C THR G 432 -20.36 -19.77 44.61
N LEU G 433 -20.24 -18.94 45.64
CA LEU G 433 -18.97 -18.81 46.35
C LEU G 433 -18.75 -19.98 47.30
N SER G 434 -19.82 -20.52 47.87
CA SER G 434 -19.75 -21.67 48.76
C SER G 434 -20.16 -22.94 48.02
N MET G 435 -19.60 -24.07 48.45
CA MET G 435 -19.88 -25.34 47.80
C MET G 435 -21.33 -25.76 47.99
N GLU G 436 -21.89 -25.53 49.18
CA GLU G 436 -23.22 -26.02 49.51
C GLU G 436 -23.93 -24.93 50.31
N VAL G 437 -25.00 -25.32 51.00
CA VAL G 437 -25.89 -24.36 51.66
C VAL G 437 -25.09 -23.49 52.62
N PRO G 438 -25.38 -22.20 52.72
CA PRO G 438 -24.59 -21.32 53.59
C PRO G 438 -24.77 -21.66 55.06
N ASN G 439 -23.72 -21.37 55.83
CA ASN G 439 -23.74 -21.55 57.28
C ASN G 439 -23.28 -20.24 57.92
N PRO G 440 -24.07 -19.67 58.82
CA PRO G 440 -23.72 -18.35 59.36
C PRO G 440 -22.76 -18.43 60.54
N ILE G 441 -22.36 -17.27 61.05
CA ILE G 441 -21.49 -17.18 62.21
C ILE G 441 -22.21 -16.43 63.32
N PHE G 442 -22.02 -16.89 64.55
CA PHE G 442 -22.66 -16.29 65.71
C PHE G 442 -21.75 -15.22 66.30
N ILE G 443 -22.36 -14.11 66.73
CA ILE G 443 -21.62 -12.99 67.30
C ILE G 443 -22.36 -12.52 68.55
N GLU G 444 -21.60 -12.24 69.61
CA GLU G 444 -22.19 -11.70 70.84
C GLU G 444 -21.18 -10.77 71.50
N ILE G 445 -21.70 -9.80 72.24
CA ILE G 445 -20.86 -8.87 73.00
C ILE G 445 -20.69 -9.44 74.40
N ASN G 446 -19.44 -9.74 74.77
CA ASN G 446 -19.18 -10.38 76.05
C ASN G 446 -19.13 -9.37 77.19
N LYS G 447 -18.21 -8.41 77.09
CA LYS G 447 -18.00 -7.43 78.15
C LYS G 447 -17.94 -6.03 77.55
N GLY G 448 -18.44 -5.06 78.30
CA GLY G 448 -18.40 -3.67 77.90
C GLY G 448 -19.61 -3.26 77.08
N GLU G 449 -19.78 -1.95 76.95
CA GLU G 449 -20.88 -1.36 76.20
C GLU G 449 -20.43 -1.05 74.78
N ALA G 450 -21.32 -1.28 73.82
CA ALA G 450 -21.02 -1.04 72.42
C ALA G 450 -22.32 -1.02 71.63
N GLU G 451 -22.22 -0.55 70.40
CA GLU G 451 -23.34 -0.56 69.46
C GLU G 451 -23.18 -1.77 68.54
N ILE G 452 -24.18 -2.65 68.54
CA ILE G 452 -24.03 -3.96 67.88
C ILE G 452 -23.88 -3.79 66.37
N GLN G 453 -24.70 -2.91 65.76
CA GLN G 453 -24.66 -2.76 64.31
C GLN G 453 -23.31 -2.26 63.83
N GLN G 454 -22.61 -1.47 64.64
CA GLN G 454 -21.30 -0.97 64.26
C GLN G 454 -20.31 -2.13 64.07
N VAL G 455 -20.23 -3.03 65.04
CA VAL G 455 -19.33 -4.17 64.90
C VAL G 455 -19.83 -5.12 63.84
N LEU G 456 -21.15 -5.23 63.66
CA LEU G 456 -21.69 -6.07 62.59
C LEU G 456 -21.23 -5.58 61.23
N LYS G 457 -21.16 -4.26 61.05
CA LYS G 457 -20.62 -3.71 59.80
C LYS G 457 -19.12 -3.92 59.71
N ASP G 458 -18.40 -3.68 60.80
CA ASP G 458 -16.94 -3.72 60.75
C ASP G 458 -16.41 -5.13 60.47
N ILE G 459 -17.03 -6.15 61.06
CA ILE G 459 -16.53 -7.52 60.84
C ILE G 459 -16.64 -7.91 59.38
N LEU G 460 -17.77 -7.57 58.74
CA LEU G 460 -17.88 -7.82 57.30
C LEU G 460 -16.92 -6.94 56.51
N ALA G 461 -16.67 -5.73 56.99
CA ALA G 461 -15.68 -4.86 56.33
C ALA G 461 -14.26 -5.39 56.45
N LEU G 462 -14.01 -6.32 57.37
CA LEU G 462 -12.67 -6.83 57.63
C LEU G 462 -12.56 -8.32 57.28
N THR G 463 -13.09 -8.70 56.12
CA THR G 463 -13.00 -10.09 55.65
C THR G 463 -12.41 -10.20 54.26
N LYS G 464 -11.65 -9.20 53.81
CA LYS G 464 -11.07 -9.22 52.47
C LYS G 464 -9.57 -8.92 52.44
N LEU G 465 -8.97 -8.50 53.55
CA LEU G 465 -7.55 -8.16 53.58
C LEU G 465 -6.69 -9.42 53.75
N ASN G 466 -6.92 -10.37 52.86
CA ASN G 466 -6.19 -11.64 52.85
C ASN G 466 -5.11 -11.54 51.79
N TYR G 467 -3.94 -11.04 52.20
CA TYR G 467 -2.85 -10.83 51.25
C TYR G 467 -2.38 -12.14 50.64
N ASN G 468 -2.31 -13.20 51.44
CA ASN G 468 -1.85 -14.49 50.93
C ASN G 468 -2.79 -15.08 49.89
N ALA G 469 -4.04 -14.64 49.86
CA ALA G 469 -5.03 -15.16 48.92
C ALA G 469 -5.42 -14.09 47.91
N CYS G 470 -6.20 -14.51 46.91
CA CYS G 470 -6.71 -13.63 45.87
C CYS G 470 -8.20 -13.87 45.65
N ILE G 471 -8.94 -13.96 46.75
CA ILE G 471 -10.37 -14.24 46.70
C ILE G 471 -11.12 -12.95 47.01
N TYR G 472 -12.39 -12.92 46.63
CA TYR G 472 -13.23 -11.76 46.91
C TYR G 472 -13.34 -11.51 48.41
N ALA G 473 -13.57 -12.57 49.18
CA ALA G 473 -13.62 -12.49 50.63
C ALA G 473 -13.45 -13.88 51.21
N ASP G 474 -13.15 -13.93 52.50
CA ASP G 474 -12.99 -15.19 53.22
C ASP G 474 -13.96 -15.25 54.38
N GLY G 475 -14.28 -16.48 54.81
CA GLY G 475 -15.27 -16.66 55.84
C GLY G 475 -14.88 -16.06 57.18
N GLU G 476 -13.67 -16.38 57.64
CA GLU G 476 -13.28 -15.89 58.96
C GLU G 476 -12.58 -14.53 58.82
N PRO G 477 -12.82 -13.61 59.76
CA PRO G 477 -12.09 -12.34 59.73
C PRO G 477 -10.59 -12.55 59.84
N VAL G 478 -9.84 -11.63 59.22
CA VAL G 478 -8.39 -11.78 59.10
C VAL G 478 -7.71 -11.70 60.47
N THR G 479 -8.25 -10.90 61.39
CA THR G 479 -7.60 -10.70 62.68
C THR G 479 -7.49 -12.01 63.45
N LEU G 480 -8.55 -12.82 63.43
CA LEU G 480 -8.54 -14.11 64.13
C LEU G 480 -7.87 -15.21 63.34
N ARG G 481 -7.12 -14.88 62.29
CA ARG G 481 -6.45 -15.87 61.46
C ARG G 481 -4.94 -15.70 61.42
N PHE G 482 -4.45 -14.46 61.30
CA PHE G 482 -3.01 -14.23 61.32
C PHE G 482 -2.42 -14.58 62.68
N ALA G 483 -3.15 -14.29 63.76
CA ALA G 483 -2.68 -14.69 65.09
C ALA G 483 -2.55 -16.20 65.18
N ASN G 484 -3.54 -16.93 64.65
CA ASN G 484 -3.45 -18.39 64.64
C ASN G 484 -2.24 -18.87 63.85
N LYS G 485 -2.01 -18.27 62.67
CA LYS G 485 -0.89 -18.68 61.83
C LYS G 485 0.45 -18.43 62.53
N ILE G 486 0.62 -17.24 63.10
CA ILE G 486 1.89 -16.90 63.72
C ILE G 486 2.12 -17.72 64.99
N GLY G 487 1.06 -17.98 65.75
CA GLY G 487 1.20 -18.85 66.90
C GLY G 487 1.59 -20.26 66.52
N GLU G 488 0.95 -20.80 65.47
CA GLU G 488 1.28 -22.14 65.02
C GLU G 488 2.72 -22.23 64.56
N ILE G 489 3.19 -21.23 63.81
CA ILE G 489 4.56 -21.28 63.32
C ILE G 489 5.56 -21.04 64.46
N LEU G 490 5.18 -20.25 65.47
CA LEU G 490 6.10 -19.93 66.55
C LEU G 490 6.25 -21.07 67.55
N THR G 491 5.16 -21.79 67.84
CA THR G 491 5.26 -22.86 68.83
C THR G 491 6.08 -24.05 68.37
N ALA G 492 6.66 -24.00 67.17
CA ALA G 492 7.57 -25.06 66.75
C ALA G 492 8.85 -25.07 67.59
N SER G 493 9.35 -23.88 67.93
CA SER G 493 10.57 -23.75 68.72
C SER G 493 10.32 -22.78 69.88
N THR G 494 11.03 -23.02 70.99
CA THR G 494 10.87 -22.23 72.20
C THR G 494 12.17 -21.56 72.64
N GLU G 495 13.06 -21.27 71.70
CA GLU G 495 14.35 -20.66 71.99
C GLU G 495 14.51 -19.31 71.31
N ILE G 496 13.46 -18.50 71.32
CA ILE G 496 13.45 -17.21 70.63
C ILE G 496 13.06 -16.13 71.63
N LYS G 497 13.84 -15.05 71.67
CA LYS G 497 13.56 -13.89 72.51
C LYS G 497 13.40 -12.66 71.63
N THR G 498 12.28 -11.96 71.80
CA THR G 498 11.93 -10.76 71.01
C THR G 498 12.06 -11.02 69.53
N PRO G 499 11.20 -11.85 68.94
CA PRO G 499 11.29 -12.12 67.50
C PRO G 499 10.85 -10.92 66.69
N PRO G 500 11.21 -10.85 65.41
CA PRO G 500 10.73 -9.74 64.57
C PRO G 500 9.21 -9.74 64.48
N LEU G 501 8.64 -8.54 64.47
CA LEU G 501 7.19 -8.38 64.49
C LEU G 501 6.56 -8.29 63.11
N ALA G 502 7.36 -8.04 62.07
CA ALA G 502 6.82 -7.92 60.72
C ALA G 502 6.24 -9.26 60.26
N PHE G 503 5.16 -9.19 59.49
CA PHE G 503 4.46 -10.36 59.01
C PHE G 503 5.07 -10.94 57.74
N LYS G 504 6.12 -10.31 57.20
CA LYS G 504 6.72 -10.78 55.96
C LYS G 504 7.36 -12.15 56.12
N TYR G 505 8.03 -12.39 57.25
CA TYR G 505 8.82 -13.60 57.43
C TYR G 505 7.98 -14.82 57.79
N TYR G 506 6.73 -14.63 58.19
CA TYR G 506 5.91 -15.73 58.69
C TYR G 506 4.97 -16.30 57.64
N ILE G 507 4.39 -15.45 56.79
CA ILE G 507 3.36 -15.81 55.81
C ILE G 507 2.43 -16.94 56.26
N MET H 1 -13.64 19.94 14.82
CA MET H 1 -12.33 19.45 14.43
C MET H 1 -12.18 17.97 14.72
N ARG H 2 -11.37 17.28 13.91
CA ARG H 2 -11.15 15.85 14.11
C ARG H 2 -10.17 15.64 15.27
N ASN H 3 -10.61 14.91 16.29
CA ASN H 3 -9.76 14.64 17.45
C ASN H 3 -9.92 13.21 17.96
N LYS H 4 -10.69 12.36 17.29
CA LYS H 4 -11.01 11.04 17.80
C LYS H 4 -10.06 9.99 17.22
N ILE H 5 -10.03 8.83 17.88
CA ILE H 5 -9.16 7.72 17.52
C ILE H 5 -10.03 6.47 17.44
N PHE H 6 -10.37 6.06 16.22
CA PHE H 6 -11.20 4.88 16.03
C PHE H 6 -10.46 3.61 16.39
N ILE H 7 -11.20 2.63 16.91
CA ILE H 7 -10.68 1.31 17.24
C ILE H 7 -11.50 0.28 16.49
N SER H 8 -10.82 -0.62 15.78
CA SER H 8 -11.47 -1.68 15.04
C SER H 8 -11.04 -3.03 15.61
N HIS H 9 -11.96 -3.99 15.59
CA HIS H 9 -11.73 -5.28 16.23
C HIS H 9 -12.74 -6.29 15.69
N ALA H 10 -12.50 -7.56 16.01
CA ALA H 10 -13.40 -8.65 15.66
C ALA H 10 -14.31 -8.91 16.85
N THR H 11 -15.52 -8.34 16.80
CA THR H 11 -16.44 -8.45 17.93
C THR H 11 -16.84 -9.88 18.28
N PRO H 12 -17.21 -10.75 17.32
CA PRO H 12 -17.58 -12.12 17.72
C PRO H 12 -16.47 -12.86 18.45
N GLU H 13 -15.21 -12.67 18.04
CA GLU H 13 -14.09 -13.19 18.80
C GLU H 13 -13.90 -12.34 20.06
N ASP H 14 -13.30 -12.93 21.08
CA ASP H 14 -13.15 -12.25 22.36
C ASP H 14 -12.24 -11.04 22.19
N ASP H 15 -12.83 -9.85 22.18
CA ASP H 15 -12.06 -8.61 22.28
C ASP H 15 -11.81 -8.25 23.74
N ASP H 16 -11.24 -9.21 24.46
CA ASP H 16 -11.13 -9.11 25.92
C ASP H 16 -10.26 -7.94 26.34
N PHE H 17 -9.14 -7.73 25.65
CA PHE H 17 -8.21 -6.69 26.09
C PHE H 17 -8.58 -5.30 25.57
N THR H 18 -9.43 -5.23 24.53
CA THR H 18 -9.76 -3.93 23.95
C THR H 18 -10.46 -3.03 24.94
N ARG H 19 -11.31 -3.60 25.80
CA ARG H 19 -12.06 -2.78 26.74
C ARG H 19 -11.13 -2.04 27.69
N TRP H 20 -10.22 -2.75 28.36
CA TRP H 20 -9.33 -2.07 29.30
C TRP H 20 -8.26 -1.28 28.57
N LEU H 21 -7.91 -1.66 27.34
CA LEU H 21 -7.04 -0.81 26.53
C LEU H 21 -7.66 0.56 26.34
N SER H 22 -8.92 0.59 25.89
CA SER H 22 -9.62 1.87 25.75
C SER H 22 -9.81 2.54 27.10
N LEU H 23 -9.97 1.77 28.18
CA LEU H 23 -10.11 2.35 29.51
C LEU H 23 -8.88 3.13 29.92
N LYS H 24 -7.69 2.61 29.64
CA LYS H 24 -6.50 3.37 30.00
C LYS H 24 -6.08 4.37 28.92
N LEU H 25 -6.61 4.27 27.70
CA LEU H 25 -6.47 5.39 26.78
C LEU H 25 -7.31 6.58 27.21
N ILE H 26 -8.56 6.34 27.64
CA ILE H 26 -9.36 7.42 28.20
C ILE H 26 -8.80 7.89 29.54
N GLY H 27 -8.16 6.99 30.29
CA GLY H 27 -7.59 7.37 31.57
C GLY H 27 -6.39 8.30 31.48
N LEU H 28 -5.68 8.29 30.35
CA LEU H 28 -4.48 9.08 30.19
C LEU H 28 -4.73 10.41 29.48
N GLY H 29 -5.98 10.77 29.21
CA GLY H 29 -6.23 12.00 28.51
C GLY H 29 -7.17 11.86 27.32
N TYR H 30 -6.62 12.06 26.12
CA TYR H 30 -7.41 12.00 24.89
C TYR H 30 -8.29 10.77 24.84
N GLU H 31 -9.46 10.92 24.22
CA GLU H 31 -10.52 9.94 24.30
C GLU H 31 -10.36 8.87 23.23
N VAL H 32 -11.39 8.02 23.09
CA VAL H 32 -11.30 6.85 22.23
C VAL H 32 -12.72 6.44 21.84
N TRP H 33 -12.85 5.78 20.70
CA TRP H 33 -14.13 5.29 20.20
C TRP H 33 -13.99 3.81 19.89
N CYS H 34 -14.99 3.02 20.28
CA CYS H 34 -14.96 1.58 20.06
C CYS H 34 -16.38 1.07 19.86
N ASP H 35 -16.47 -0.08 19.18
CA ASP H 35 -17.78 -0.68 18.91
C ASP H 35 -18.40 -1.27 20.17
N ILE H 36 -17.60 -2.01 20.95
CA ILE H 36 -18.13 -2.69 22.12
C ILE H 36 -18.40 -1.69 23.25
N LEU H 37 -17.65 -0.59 23.28
CA LEU H 37 -17.84 0.40 24.34
C LEU H 37 -19.25 0.97 24.33
N PHE H 38 -19.77 1.26 23.15
CA PHE H 38 -21.14 1.74 22.99
C PHE H 38 -21.94 0.63 22.32
N LEU H 39 -22.59 -0.20 23.14
CA LEU H 39 -23.35 -1.37 22.67
C LEU H 39 -24.74 -1.35 23.28
N ASP H 40 -25.68 -0.71 22.58
CA ASP H 40 -27.08 -0.74 23.00
C ASP H 40 -28.05 -0.94 21.83
N LYS H 41 -27.58 -0.92 20.59
CA LYS H 41 -28.44 -1.00 19.42
C LYS H 41 -28.00 -2.16 18.53
N GLY H 42 -28.97 -2.74 17.82
CA GLY H 42 -28.70 -3.86 16.93
C GLY H 42 -28.59 -3.44 15.48
N VAL H 43 -29.00 -2.21 15.18
CA VAL H 43 -28.89 -1.71 13.81
C VAL H 43 -27.41 -1.52 13.47
N ASP H 44 -27.07 -1.76 12.20
CA ASP H 44 -25.71 -1.60 11.74
C ASP H 44 -25.22 -0.17 11.99
N PHE H 45 -23.91 -0.04 12.23
CA PHE H 45 -23.34 1.26 12.52
C PHE H 45 -23.29 2.11 11.25
N TRP H 46 -23.88 3.30 11.31
CA TRP H 46 -23.86 4.22 10.19
C TRP H 46 -23.54 5.65 10.56
N SER H 47 -23.69 6.05 11.84
CA SER H 47 -23.29 7.39 12.25
C SER H 47 -21.77 7.56 12.23
N THR H 48 -21.03 6.46 12.33
CA THR H 48 -19.56 6.55 12.36
C THR H 48 -19.04 7.17 11.07
N ILE H 49 -19.42 6.61 9.93
CA ILE H 49 -18.97 7.14 8.66
C ILE H 49 -19.45 8.58 8.48
N GLU H 50 -20.71 8.84 8.83
CA GLU H 50 -21.29 10.15 8.59
C GLU H 50 -20.61 11.24 9.40
N LYS H 51 -20.20 10.96 10.63
CA LYS H 51 -19.62 11.98 11.50
C LYS H 51 -18.11 11.86 11.65
N GLU H 52 -17.62 10.73 12.18
CA GLU H 52 -16.25 10.66 12.64
C GLU H 52 -15.26 10.35 11.53
N ILE H 53 -15.45 9.21 10.85
CA ILE H 53 -14.51 8.75 9.84
C ILE H 53 -14.31 9.79 8.74
N ARG H 54 -15.25 10.72 8.58
CA ARG H 54 -15.11 11.79 7.60
C ARG H 54 -14.79 13.14 8.20
N GLU H 55 -15.15 13.40 9.45
CA GLU H 55 -14.98 14.72 10.03
C GLU H 55 -14.27 14.69 11.38
N ASN H 56 -14.45 13.60 12.13
CA ASN H 56 -13.98 13.52 13.50
C ASN H 56 -13.16 12.24 13.72
N THR H 57 -12.20 11.99 12.84
CA THR H 57 -11.28 10.87 13.00
C THR H 57 -9.88 11.31 12.63
N CYS H 58 -8.91 10.96 13.46
CA CYS H 58 -7.51 11.32 13.24
C CYS H 58 -6.63 10.12 12.93
N LYS H 59 -6.63 9.11 13.79
CA LYS H 59 -5.79 7.93 13.64
C LYS H 59 -6.65 6.70 13.38
N PHE H 60 -6.00 5.55 13.30
CA PHE H 60 -6.68 4.27 13.09
C PHE H 60 -5.85 3.17 13.72
N LEU H 61 -6.51 2.20 14.32
CA LEU H 61 -5.87 1.17 15.14
C LEU H 61 -6.38 -0.22 14.77
N ILE H 62 -6.36 -0.53 13.47
CA ILE H 62 -6.71 -1.88 13.04
C ILE H 62 -5.80 -2.91 13.72
N VAL H 63 -6.37 -4.07 14.03
CA VAL H 63 -5.64 -5.16 14.66
C VAL H 63 -5.62 -6.35 13.70
N SER H 64 -4.89 -7.40 14.10
CA SER H 64 -4.72 -8.59 13.28
C SER H 64 -4.76 -9.82 14.18
N SER H 65 -5.95 -10.41 14.33
CA SER H 65 -6.12 -11.67 15.03
C SER H 65 -5.87 -12.82 14.05
N THR H 66 -6.20 -14.04 14.47
CA THR H 66 -6.18 -15.19 13.58
C THR H 66 -7.45 -15.34 12.78
N ALA H 67 -8.47 -14.50 13.05
CA ALA H 67 -9.72 -14.51 12.31
C ALA H 67 -10.10 -13.12 11.80
N GLY H 68 -9.21 -12.14 11.93
CA GLY H 68 -9.51 -10.81 11.44
C GLY H 68 -9.64 -10.74 9.93
N ASN H 69 -8.86 -11.54 9.20
CA ASN H 69 -8.89 -11.52 7.75
C ASN H 69 -10.15 -12.15 7.16
N LYS H 70 -10.96 -12.81 7.98
CA LYS H 70 -12.21 -13.42 7.53
C LYS H 70 -13.45 -12.66 7.99
N ARG H 71 -13.29 -11.48 8.59
CA ARG H 71 -14.41 -10.69 9.06
C ARG H 71 -14.66 -9.54 8.10
N GLU H 72 -15.94 -9.37 7.71
CA GLU H 72 -16.28 -8.38 6.70
C GLU H 72 -16.27 -6.95 7.25
N GLY H 73 -16.63 -6.77 8.51
CA GLY H 73 -16.70 -5.42 9.06
C GLY H 73 -15.35 -4.72 9.07
N VAL H 74 -14.32 -5.44 9.52
CA VAL H 74 -12.98 -4.84 9.57
C VAL H 74 -12.47 -4.55 8.17
N LEU H 75 -12.76 -5.44 7.21
CA LEU H 75 -12.32 -5.21 5.83
C LEU H 75 -13.01 -3.99 5.24
N LYS H 76 -14.32 -3.84 5.48
CA LYS H 76 -15.04 -2.65 5.04
C LYS H 76 -14.46 -1.40 5.67
N GLU H 77 -14.18 -1.44 6.98
CA GLU H 77 -13.66 -0.28 7.67
C GLU H 77 -12.28 0.10 7.13
N LEU H 78 -11.43 -0.88 6.84
CA LEU H 78 -10.11 -0.57 6.31
C LEU H 78 -10.18 -0.08 4.86
N ALA H 79 -11.17 -0.56 4.09
CA ALA H 79 -11.38 0.00 2.75
C ALA H 79 -11.75 1.48 2.85
N VAL H 80 -12.65 1.82 3.75
CA VAL H 80 -13.02 3.22 3.96
C VAL H 80 -11.81 4.00 4.45
N ALA H 81 -10.98 3.38 5.29
CA ALA H 81 -9.78 4.03 5.80
C ALA H 81 -8.81 4.35 4.68
N THR H 82 -8.62 3.42 3.74
CA THR H 82 -7.74 3.68 2.61
C THR H 82 -8.31 4.76 1.70
N LYS H 83 -9.63 4.77 1.50
CA LYS H 83 -10.23 5.83 0.71
C LYS H 83 -10.00 7.20 1.35
N VAL H 84 -10.21 7.29 2.66
CA VAL H 84 -10.02 8.58 3.33
C VAL H 84 -8.54 8.94 3.44
N LYS H 85 -7.64 7.95 3.45
CA LYS H 85 -6.21 8.26 3.44
C LYS H 85 -5.77 8.76 2.07
N LYS H 86 -6.37 8.25 0.99
CA LYS H 86 -6.12 8.84 -0.32
C LYS H 86 -6.67 10.26 -0.39
N HIS H 87 -7.85 10.49 0.20
CA HIS H 87 -8.42 11.83 0.18
C HIS H 87 -7.58 12.81 0.99
N LEU H 88 -7.09 12.39 2.15
CA LEU H 88 -6.42 13.27 3.10
C LEU H 88 -4.95 13.50 2.79
N GLN H 89 -4.43 12.85 1.74
CA GLN H 89 -3.02 12.93 1.33
C GLN H 89 -2.08 12.91 2.53
N ASP H 90 -2.26 11.88 3.37
CA ASP H 90 -1.36 11.65 4.51
C ASP H 90 -1.35 10.15 4.79
N ASP H 91 -0.16 9.56 4.77
CA ASP H 91 -0.02 8.12 4.95
C ASP H 91 -0.05 7.69 6.41
N MET H 92 -0.03 8.65 7.34
CA MET H 92 0.01 8.34 8.77
C MET H 92 -1.41 8.23 9.32
N PHE H 93 -2.13 7.19 8.89
CA PHE H 93 -3.51 7.06 9.33
C PHE H 93 -3.77 5.77 10.08
N ILE H 94 -3.38 4.61 9.54
CA ILE H 94 -3.64 3.33 10.18
C ILE H 94 -2.37 2.80 10.82
N ILE H 95 -2.50 2.27 12.03
CA ILE H 95 -1.40 1.62 12.74
C ILE H 95 -1.81 0.18 13.01
N PRO H 96 -1.35 -0.77 12.20
CA PRO H 96 -1.74 -2.17 12.40
C PRO H 96 -1.19 -2.72 13.70
N LEU H 97 -1.94 -3.67 14.27
CA LEU H 97 -1.57 -4.33 15.52
C LEU H 97 -1.51 -5.85 15.31
N ALA H 98 -0.49 -6.47 15.88
CA ALA H 98 -0.36 -7.92 15.93
C ALA H 98 -0.38 -8.35 17.39
N ILE H 99 -1.22 -9.32 17.70
CA ILE H 99 -1.41 -9.74 19.08
C ILE H 99 -1.08 -11.23 19.23
N ASP H 100 -1.82 -12.06 18.49
CA ASP H 100 -1.64 -13.50 18.60
C ASP H 100 -0.44 -13.98 17.78
N GLU H 101 0.15 -15.08 18.25
CA GLU H 101 1.30 -15.67 17.58
C GLU H 101 0.93 -16.67 16.50
N ASN H 102 -0.34 -17.09 16.42
CA ASN H 102 -0.71 -18.13 15.47
C ASN H 102 -0.54 -17.68 14.03
N LEU H 103 -0.67 -16.38 13.77
CA LEU H 103 -0.45 -15.87 12.42
C LEU H 103 1.01 -15.98 12.03
N SER H 104 1.26 -16.42 10.80
CA SER H 104 2.61 -16.37 10.24
C SER H 104 2.89 -14.97 9.72
N TYR H 105 4.09 -14.48 9.99
CA TYR H 105 4.41 -13.09 9.71
C TYR H 105 4.28 -12.77 8.22
N ASP H 106 4.52 -13.76 7.35
CA ASP H 106 4.39 -13.54 5.92
C ASP H 106 2.92 -13.50 5.48
N ASP H 107 2.08 -14.35 6.06
CA ASP H 107 0.68 -14.44 5.66
C ASP H 107 -0.13 -13.44 6.48
N ILE H 108 -0.32 -12.25 5.90
CA ILE H 108 -1.09 -11.18 6.52
C ILE H 108 -2.03 -10.60 5.47
N ASN H 109 -2.96 -9.76 5.92
CA ASN H 109 -3.92 -9.14 5.01
C ASN H 109 -3.19 -8.32 3.96
N ILE H 110 -3.68 -8.38 2.72
CA ILE H 110 -2.96 -7.80 1.59
C ILE H 110 -2.80 -6.31 1.74
N GLU H 111 -3.87 -5.62 2.15
CA GLU H 111 -3.83 -4.17 2.29
C GLU H 111 -3.05 -3.74 3.53
N ILE H 112 -2.43 -4.69 4.22
CA ILE H 112 -1.59 -4.40 5.38
C ILE H 112 -0.13 -4.78 5.16
N VAL H 113 0.18 -5.54 4.11
CA VAL H 113 1.56 -5.94 3.87
C VAL H 113 2.47 -4.73 3.73
N ARG H 114 1.99 -3.69 3.04
CA ARG H 114 2.76 -2.47 2.85
C ARG H 114 2.58 -1.47 3.99
N LEU H 115 2.09 -1.93 5.16
CA LEU H 115 2.01 -1.08 6.35
C LEU H 115 2.20 -1.96 7.58
N ASN H 116 3.39 -1.90 8.17
CA ASN H 116 3.73 -2.66 9.36
C ASN H 116 4.29 -1.73 10.43
N ALA H 117 3.84 -1.94 11.66
CA ALA H 117 4.13 -1.03 12.76
C ALA H 117 4.29 -1.86 14.03
N ILE H 118 4.18 -1.20 15.19
CA ILE H 118 4.38 -1.88 16.47
C ILE H 118 3.52 -3.14 16.53
N ASP H 119 4.15 -4.24 16.92
CA ASP H 119 3.55 -5.57 16.92
C ASP H 119 3.85 -6.29 18.22
N PHE H 120 3.62 -5.62 19.35
CA PHE H 120 4.00 -6.17 20.65
C PHE H 120 3.12 -7.36 20.97
N LYS H 121 3.66 -8.56 20.76
CA LYS H 121 2.99 -9.80 21.13
C LYS H 121 3.64 -10.51 22.31
N LYS H 122 4.92 -10.24 22.59
CA LYS H 122 5.61 -10.82 23.73
C LYS H 122 5.55 -9.88 24.92
N SER H 123 5.13 -10.43 26.07
CA SER H 123 5.16 -9.79 27.39
C SER H 123 4.15 -8.67 27.52
N TRP H 124 3.52 -8.27 26.41
CA TRP H 124 2.34 -7.42 26.41
C TRP H 124 2.67 -6.03 26.93
N ALA H 125 3.89 -5.84 27.41
CA ALA H 125 4.33 -4.55 27.92
C ALA H 125 5.08 -3.79 26.84
N LYS H 126 5.49 -2.57 27.18
CA LYS H 126 6.37 -1.72 26.38
C LYS H 126 5.79 -1.46 25.00
N GLY H 127 4.60 -1.98 24.74
CA GLY H 127 3.88 -1.75 23.50
C GLY H 127 2.94 -0.58 23.67
N LEU H 128 2.29 -0.51 24.83
CA LEU H 128 1.61 0.72 25.19
C LEU H 128 2.60 1.87 25.29
N GLN H 129 3.79 1.59 25.81
CA GLN H 129 4.84 2.60 25.93
C GLN H 129 5.23 3.15 24.56
N ASP H 130 5.56 2.27 23.61
CA ASP H 130 5.96 2.74 22.29
C ASP H 130 4.78 3.36 21.54
N LEU H 131 3.57 2.85 21.76
CA LEU H 131 2.39 3.43 21.12
C LEU H 131 2.18 4.87 21.58
N LEU H 132 2.32 5.12 22.89
CA LEU H 132 2.16 6.49 23.38
C LEU H 132 3.34 7.36 22.98
N ASP H 133 4.54 6.78 22.88
CA ASP H 133 5.68 7.53 22.37
C ASP H 133 5.41 8.01 20.95
N ALA H 134 4.90 7.11 20.10
CA ALA H 134 4.55 7.50 18.73
C ALA H 134 3.45 8.54 18.72
N PHE H 135 2.41 8.35 19.54
CA PHE H 135 1.31 9.31 19.57
C PHE H 135 1.80 10.69 19.99
N GLU H 136 2.75 10.74 20.91
CA GLU H 136 3.30 12.03 21.33
C GLU H 136 4.21 12.63 20.27
N LYS H 137 4.93 11.79 19.53
CA LYS H 137 5.97 12.30 18.64
C LYS H 137 5.37 13.13 17.50
N GLN H 138 4.25 12.70 16.93
CA GLN H 138 3.60 13.48 15.86
C GLN H 138 2.56 14.45 16.38
N ASN H 139 2.57 14.77 17.68
CA ASN H 139 1.78 15.85 18.24
C ASN H 139 0.27 15.64 18.03
N VAL H 140 -0.19 14.44 18.33
CA VAL H 140 -1.63 14.19 18.37
C VAL H 140 -2.24 15.01 19.50
N PRO H 141 -3.40 15.64 19.31
CA PRO H 141 -3.96 16.48 20.37
C PRO H 141 -4.18 15.69 21.66
N LYS H 142 -3.82 16.32 22.77
CA LYS H 142 -3.81 15.67 24.08
C LYS H 142 -4.44 16.59 25.11
N LYS H 143 -5.02 15.98 26.14
CA LYS H 143 -5.61 16.68 27.27
C LYS H 143 -5.08 16.06 28.57
N PRO H 144 -5.04 16.83 29.65
CA PRO H 144 -4.53 16.30 30.93
C PRO H 144 -5.34 15.09 31.38
N PRO H 145 -4.67 14.09 31.96
CA PRO H 145 -5.38 12.86 32.33
C PRO H 145 -6.24 13.03 33.57
N ASP H 146 -7.26 12.18 33.65
CA ASP H 146 -8.14 12.14 34.83
C ASP H 146 -8.81 10.78 34.85
N HIS H 147 -8.48 9.96 35.85
CA HIS H 147 -8.99 8.60 35.93
C HIS H 147 -10.42 8.52 36.46
N SER H 148 -10.96 9.62 36.99
CA SER H 148 -12.32 9.58 37.51
C SER H 148 -13.33 9.29 36.40
N LYS H 149 -13.11 9.87 35.22
CA LYS H 149 -13.99 9.60 34.08
C LYS H 149 -13.96 8.13 33.71
N SER H 150 -12.78 7.52 33.71
CA SER H 150 -12.67 6.09 33.45
C SER H 150 -13.39 5.28 34.52
N ASN H 151 -13.28 5.71 35.78
CA ASN H 151 -14.00 5.02 36.86
C ASN H 151 -15.50 5.05 36.62
N LEU H 152 -16.04 6.23 36.30
CA LEU H 152 -17.47 6.35 36.04
C LEU H 152 -17.89 5.51 34.84
N LEU H 153 -17.09 5.53 33.77
CA LEU H 153 -17.44 4.76 32.58
C LEU H 153 -17.44 3.26 32.88
N TYR H 154 -16.43 2.78 33.61
CA TYR H 154 -16.37 1.36 33.93
C TYR H 154 -17.53 0.95 34.83
N GLN H 155 -17.84 1.75 35.85
CA GLN H 155 -18.93 1.38 36.74
C GLN H 155 -20.30 1.55 36.06
N GLN H 156 -20.37 2.31 34.98
CA GLN H 156 -21.62 2.48 34.26
C GLN H 156 -21.86 1.40 33.21
N ILE H 157 -20.81 0.97 32.50
CA ILE H 157 -21.00 0.01 31.43
C ILE H 157 -21.41 -1.36 31.99
N PHE H 158 -20.69 -1.84 32.99
CA PHE H 158 -20.95 -3.16 33.58
C PHE H 158 -21.70 -3.00 34.89
N LEU H 159 -22.99 -2.70 34.77
CA LEU H 159 -23.90 -2.76 35.91
C LEU H 159 -25.15 -3.59 35.65
N HIS H 160 -25.47 -3.90 34.40
CA HIS H 160 -26.60 -4.76 34.11
C HIS H 160 -26.36 -6.16 34.68
N ASP H 161 -27.41 -6.73 35.29
CA ASP H 161 -27.35 -8.01 35.98
C ASP H 161 -26.33 -8.01 37.11
N LYS H 162 -26.00 -6.85 37.66
CA LYS H 162 -25.13 -6.72 38.81
C LYS H 162 -25.90 -6.09 39.96
N GLN H 163 -25.27 -6.03 41.11
CA GLN H 163 -25.91 -5.58 42.36
C GLN H 163 -27.08 -6.51 42.64
N ALA H 164 -28.11 -6.03 43.34
CA ALA H 164 -29.27 -6.84 43.64
C ALA H 164 -30.50 -5.93 43.74
N ILE H 165 -31.66 -6.55 43.60
CA ILE H 165 -32.90 -5.81 43.48
C ILE H 165 -33.67 -5.89 44.80
N GLU H 166 -34.77 -5.12 44.88
CA GLU H 166 -35.47 -4.90 46.13
C GLU H 166 -36.70 -5.79 46.32
N LYS H 167 -36.87 -6.82 45.49
CA LYS H 167 -38.05 -7.67 45.60
C LYS H 167 -38.00 -8.48 46.90
N GLU H 168 -39.19 -8.73 47.46
CA GLU H 168 -39.32 -9.53 48.67
C GLU H 168 -39.23 -11.02 48.33
N GLU H 169 -38.99 -11.82 49.36
CA GLU H 169 -38.91 -13.27 49.19
C GLU H 169 -39.13 -13.95 50.53
N THR H 170 -39.22 -15.27 50.50
CA THR H 170 -39.52 -16.07 51.67
C THR H 170 -38.45 -17.13 51.88
N TYR H 171 -38.33 -17.56 53.15
CA TYR H 171 -37.40 -18.61 53.56
C TYR H 171 -38.06 -19.52 54.56
N ASP H 172 -37.64 -20.78 54.57
CA ASP H 172 -38.05 -21.76 55.57
C ASP H 172 -36.82 -22.31 56.28
N SER H 173 -36.80 -22.20 57.60
CA SER H 173 -35.65 -22.60 58.39
C SER H 173 -35.74 -24.09 58.71
N ASN H 174 -34.87 -24.55 59.62
CA ASN H 174 -34.78 -25.95 60.00
C ASN H 174 -35.10 -26.14 61.48
N TRP H 175 -36.03 -25.35 62.01
CA TRP H 175 -36.41 -25.42 63.41
C TRP H 175 -37.91 -25.70 63.52
N PHE H 176 -38.32 -26.25 64.66
CA PHE H 176 -39.73 -26.56 64.89
C PHE H 176 -40.12 -26.21 66.32
N PRO H 177 -40.93 -25.16 66.52
CA PRO H 177 -41.29 -24.75 67.88
C PRO H 177 -42.26 -25.73 68.54
N ILE H 178 -42.43 -25.54 69.84
CA ILE H 178 -43.33 -26.34 70.65
C ILE H 178 -44.54 -25.48 70.99
N ILE H 179 -45.74 -26.03 70.77
CA ILE H 179 -46.97 -25.29 71.04
C ILE H 179 -47.55 -25.73 72.38
N SER H 180 -47.77 -27.04 72.54
CA SER H 180 -48.27 -27.53 73.81
C SER H 180 -47.20 -27.38 74.89
N PHE H 181 -47.63 -27.54 76.14
CA PHE H 181 -46.72 -27.32 77.25
C PHE H 181 -47.29 -27.93 78.52
N PRO H 182 -46.53 -28.74 79.25
CA PRO H 182 -47.06 -29.34 80.47
C PRO H 182 -47.37 -28.29 81.52
N ASN H 183 -48.40 -28.56 82.33
CA ASN H 183 -48.82 -27.61 83.34
C ASN H 183 -47.83 -27.53 84.50
N GLU H 184 -47.26 -28.67 84.88
CA GLU H 184 -46.38 -28.71 86.05
C GLU H 184 -45.45 -29.91 85.96
N LEU H 185 -44.33 -29.81 86.67
CA LEU H 185 -43.37 -30.90 86.82
C LEU H 185 -43.37 -31.38 88.26
N ARG H 186 -43.18 -32.68 88.45
CA ARG H 186 -43.32 -33.30 89.76
C ARG H 186 -42.00 -33.87 90.25
N PHE H 187 -41.64 -33.55 91.48
CA PHE H 187 -40.53 -34.16 92.20
C PHE H 187 -41.12 -35.02 93.30
N HIS H 188 -40.83 -36.33 93.27
CA HIS H 188 -41.52 -37.26 94.15
C HIS H 188 -40.71 -38.56 94.24
N ARG H 189 -40.09 -38.83 95.39
CA ARG H 189 -39.34 -40.05 95.59
C ARG H 189 -39.37 -40.45 97.06
N TYR H 190 -39.17 -41.75 97.30
CA TYR H 190 -39.32 -42.34 98.63
C TYR H 190 -38.07 -43.04 99.15
N ASP H 191 -36.99 -43.10 98.36
CA ASP H 191 -35.69 -43.67 98.71
C ASP H 191 -35.71 -45.18 98.90
N TRP H 192 -36.87 -45.82 98.79
CA TRP H 192 -36.99 -47.25 98.98
C TRP H 192 -37.80 -47.94 97.90
N ARG H 193 -38.55 -47.20 97.09
CA ARG H 193 -39.38 -47.79 96.04
C ARG H 193 -38.56 -48.55 95.00
N LEU H 194 -37.26 -48.26 94.91
CA LEU H 194 -36.43 -48.83 93.87
C LEU H 194 -35.08 -49.24 94.45
N PRO H 195 -34.42 -50.23 93.85
CA PRO H 195 -33.00 -50.44 94.14
C PRO H 195 -32.18 -49.27 93.63
N LYS H 196 -31.03 -49.05 94.26
CA LYS H 196 -30.23 -47.86 94.02
C LYS H 196 -29.28 -48.00 92.83
N GLN H 197 -29.32 -49.09 92.08
CA GLN H 197 -28.34 -49.32 91.03
C GLN H 197 -28.91 -49.74 89.69
N PHE H 198 -30.16 -50.22 89.61
CA PHE H 198 -30.66 -50.72 88.34
C PHE H 198 -30.93 -49.57 87.38
N ASP H 199 -30.78 -49.85 86.09
CA ASP H 199 -30.91 -48.82 85.07
C ASP H 199 -32.35 -48.31 84.96
N VAL H 200 -32.47 -47.02 84.70
CA VAL H 200 -33.78 -46.39 84.53
C VAL H 200 -34.01 -45.85 83.14
N ARG H 201 -33.00 -45.84 82.26
CA ARG H 201 -33.20 -45.40 80.89
C ARG H 201 -34.10 -46.34 80.10
N THR H 202 -34.22 -47.59 80.54
CA THR H 202 -35.05 -48.57 79.84
C THR H 202 -36.53 -48.43 80.17
N LEU H 203 -36.88 -47.62 81.17
CA LEU H 203 -38.28 -47.43 81.53
C LEU H 203 -39.05 -46.74 80.42
N ALA H 204 -40.34 -47.06 80.33
CA ALA H 204 -41.20 -46.46 79.32
C ALA H 204 -41.41 -44.97 79.53
N PHE H 205 -41.02 -44.43 80.69
CA PHE H 205 -41.09 -43.00 80.96
C PHE H 205 -39.77 -42.58 81.61
N PRO H 206 -39.10 -41.55 81.09
CA PRO H 206 -37.77 -41.23 81.59
C PRO H 206 -37.78 -40.75 83.03
N ALA H 207 -36.72 -41.10 83.75
CA ALA H 207 -36.51 -40.67 85.12
C ALA H 207 -35.04 -40.31 85.32
N ILE H 208 -34.80 -39.24 86.06
CA ILE H 208 -33.44 -38.76 86.29
C ILE H 208 -33.19 -38.68 87.79
N ARG H 209 -31.95 -38.90 88.18
CA ARG H 209 -31.59 -38.90 89.59
C ARG H 209 -31.58 -37.48 90.14
N TYR H 210 -32.12 -37.33 91.35
CA TYR H 210 -32.05 -36.09 92.10
C TYR H 210 -31.72 -36.43 93.55
N LYS H 211 -31.14 -35.46 94.26
CA LYS H 211 -30.56 -35.77 95.58
C LYS H 211 -31.56 -36.40 96.53
N GLU H 212 -32.85 -36.05 96.41
CA GLU H 212 -33.87 -36.75 97.19
C GLU H 212 -35.13 -37.09 96.42
N TYR H 213 -35.34 -36.56 95.21
CA TYR H 213 -36.59 -36.73 94.50
C TYR H 213 -36.36 -37.36 93.13
N LEU H 214 -37.45 -37.52 92.38
CA LEU H 214 -37.44 -38.04 91.03
C LEU H 214 -38.03 -37.02 90.06
N CYS H 215 -37.94 -37.33 88.77
CA CYS H 215 -38.45 -36.45 87.71
C CYS H 215 -39.07 -37.32 86.61
N THR H 216 -40.39 -37.49 86.67
CA THR H 216 -41.11 -38.22 85.64
C THR H 216 -42.56 -37.73 85.65
N PHE H 217 -43.08 -37.42 84.45
CA PHE H 217 -44.45 -36.91 84.36
C PHE H 217 -45.47 -37.96 84.79
N ALA H 218 -45.23 -39.22 84.46
CA ALA H 218 -46.16 -40.28 84.83
C ALA H 218 -46.24 -40.38 86.36
N TRP H 219 -47.45 -40.70 86.84
CA TRP H 219 -47.71 -40.71 88.26
C TRP H 219 -46.88 -41.78 88.96
N GLU H 220 -46.66 -41.58 90.27
CA GLU H 220 -45.91 -42.53 91.06
C GLU H 220 -46.57 -43.90 91.08
N TYR H 221 -47.87 -43.96 90.82
CA TYR H 221 -48.60 -45.23 90.78
C TYR H 221 -48.51 -45.91 89.42
N ASP H 222 -47.86 -45.29 88.44
CA ASP H 222 -47.69 -45.88 87.12
C ASP H 222 -46.45 -46.75 87.00
N PHE H 223 -45.60 -46.78 88.02
CA PHE H 223 -44.37 -47.56 87.99
C PHE H 223 -44.51 -48.92 88.67
N ILE H 224 -45.75 -49.35 88.92
CA ILE H 224 -45.96 -50.67 89.51
C ILE H 224 -45.60 -51.77 88.53
N HIS H 225 -45.87 -51.57 87.24
CA HIS H 225 -45.65 -52.62 86.26
C HIS H 225 -44.17 -52.95 86.10
N GLN H 226 -43.31 -51.92 86.07
CA GLN H 226 -41.88 -52.16 85.88
C GLN H 226 -41.27 -52.89 87.08
N LEU H 227 -41.51 -52.39 88.29
CA LEU H 227 -41.18 -53.09 89.53
C LEU H 227 -42.28 -52.83 90.55
N PRO H 228 -42.53 -53.78 91.44
CA PRO H 228 -43.58 -53.58 92.46
C PRO H 228 -43.16 -52.61 93.55
N LYS H 229 -44.00 -52.47 94.58
CA LYS H 229 -43.76 -51.60 95.72
C LYS H 229 -43.70 -50.14 95.31
N THR H 230 -44.78 -49.68 94.67
CA THR H 230 -44.96 -48.26 94.37
C THR H 230 -46.34 -47.78 94.79
N GLU H 231 -47.33 -48.68 94.76
CA GLU H 231 -48.71 -48.28 95.03
C GLU H 231 -48.98 -48.12 96.52
N THR H 232 -48.35 -48.90 97.37
CA THR H 232 -48.70 -48.97 98.78
C THR H 232 -48.26 -47.75 99.58
N TYR H 233 -47.84 -46.68 98.91
CA TYR H 233 -47.44 -45.45 99.58
C TYR H 233 -48.38 -44.31 99.18
N ASN H 234 -48.55 -43.37 100.10
CA ASN H 234 -49.39 -42.21 99.86
C ASN H 234 -48.74 -41.23 98.90
N GLY H 235 -49.57 -40.44 98.23
CA GLY H 235 -49.14 -39.39 97.33
C GLY H 235 -48.96 -38.03 97.96
N GLN H 236 -49.03 -37.94 99.29
CA GLN H 236 -48.93 -36.65 99.98
C GLN H 236 -47.53 -36.06 99.94
N GLU H 237 -46.52 -36.82 99.51
CA GLU H 237 -45.14 -36.36 99.51
C GLU H 237 -44.71 -35.72 98.21
N SER H 238 -45.61 -35.59 97.23
CA SER H 238 -45.25 -35.02 95.95
C SER H 238 -45.02 -33.51 96.08
N ILE H 239 -44.16 -32.99 95.21
CA ILE H 239 -43.96 -31.55 95.07
C ILE H 239 -44.13 -31.18 93.61
N ARG H 240 -45.14 -30.36 93.32
CA ARG H 240 -45.45 -29.95 91.96
C ARG H 240 -45.03 -28.50 91.77
N ILE H 241 -44.18 -28.25 90.77
CA ILE H 241 -43.72 -26.92 90.43
C ILE H 241 -44.29 -26.58 89.07
N SER H 242 -45.00 -25.46 88.99
CA SER H 242 -45.61 -25.04 87.72
C SER H 242 -44.53 -24.80 86.68
N THR H 243 -44.62 -25.53 85.57
CA THR H 243 -43.59 -25.44 84.53
C THR H 243 -43.56 -24.07 83.87
N SER H 244 -44.74 -23.45 83.69
CA SER H 244 -44.77 -22.14 83.03
C SER H 244 -44.00 -21.10 83.83
N ASP H 245 -44.19 -21.09 85.15
CA ASP H 245 -43.51 -20.09 85.98
C ASP H 245 -42.00 -20.29 85.98
N ILE H 246 -41.54 -21.54 86.08
CA ILE H 246 -40.10 -21.78 86.11
C ILE H 246 -39.47 -21.50 84.75
N LEU H 247 -40.19 -21.81 83.66
CA LEU H 247 -39.72 -21.44 82.34
C LEU H 247 -39.64 -19.92 82.19
N SER H 248 -40.58 -19.19 82.81
CA SER H 248 -40.50 -17.74 82.81
C SER H 248 -39.30 -17.23 83.60
N GLY H 249 -38.74 -18.04 84.50
CA GLY H 249 -37.57 -17.68 85.27
C GLY H 249 -37.86 -17.01 86.60
N ARG H 250 -39.12 -16.71 86.91
CA ARG H 250 -39.45 -16.08 88.18
C ARG H 250 -39.38 -17.04 89.35
N TYR H 251 -39.44 -18.35 89.11
CA TYR H 251 -39.34 -19.32 90.18
C TYR H 251 -37.92 -19.33 90.75
N ASP H 252 -37.80 -19.21 92.07
CA ASP H 252 -36.50 -19.16 92.73
C ASP H 252 -36.57 -19.96 94.02
N THR H 253 -35.55 -20.77 94.25
CA THR H 253 -35.42 -21.54 95.47
C THR H 253 -33.99 -21.41 96.01
N ASP H 254 -33.85 -21.58 97.32
CA ASP H 254 -32.56 -21.43 97.95
C ASP H 254 -31.59 -22.54 97.55
N PHE H 255 -32.09 -23.77 97.44
CA PHE H 255 -31.19 -24.90 97.17
C PHE H 255 -30.80 -24.98 95.69
N ILE H 256 -31.71 -24.64 94.77
CA ILE H 256 -31.41 -24.67 93.35
C ILE H 256 -31.89 -23.37 92.70
N ARG H 257 -31.08 -22.85 91.78
CA ARG H 257 -31.41 -21.65 91.02
C ARG H 257 -32.08 -22.03 89.71
N ASN H 258 -32.22 -21.05 88.81
CA ASN H 258 -32.98 -21.27 87.57
C ASN H 258 -32.21 -22.11 86.56
N TYR H 259 -30.90 -21.88 86.44
CA TYR H 259 -30.16 -22.46 85.33
C TYR H 259 -30.09 -23.99 85.42
N GLU H 260 -29.88 -24.52 86.63
CA GLU H 260 -29.69 -25.96 86.75
C GLU H 260 -31.01 -26.72 86.57
N CYS H 261 -32.12 -26.18 87.08
CA CYS H 261 -33.40 -26.83 86.80
C CYS H 261 -33.79 -26.68 85.34
N GLN H 262 -33.40 -25.56 84.71
CA GLN H 262 -33.65 -25.40 83.28
C GLN H 262 -32.90 -26.45 82.46
N ARG H 263 -31.61 -26.65 82.78
CA ARG H 263 -30.87 -27.70 82.08
C ARG H 263 -31.41 -29.07 82.42
N LEU H 264 -31.92 -29.26 83.63
CA LEU H 264 -32.55 -30.51 84.01
C LEU H 264 -33.75 -30.81 83.12
N ILE H 265 -34.65 -29.83 82.97
CA ILE H 265 -35.84 -30.07 82.16
C ILE H 265 -35.48 -30.20 80.68
N VAL H 266 -34.44 -29.50 80.22
CA VAL H 266 -33.99 -29.71 78.84
C VAL H 266 -33.50 -31.15 78.66
N GLN H 267 -32.73 -31.66 79.62
CA GLN H 267 -32.28 -33.05 79.54
C GLN H 267 -33.47 -34.00 79.56
N LEU H 268 -34.46 -33.71 80.41
CA LEU H 268 -35.65 -34.57 80.49
C LEU H 268 -36.42 -34.59 79.18
N ILE H 269 -36.60 -33.43 78.55
CA ILE H 269 -37.34 -33.41 77.29
C ILE H 269 -36.52 -34.05 76.18
N ASN H 270 -35.19 -33.95 76.23
CA ASN H 270 -34.37 -34.68 75.26
C ASN H 270 -34.53 -36.19 75.42
N LYS H 271 -34.53 -36.66 76.67
CA LYS H 271 -34.74 -38.09 76.92
C LYS H 271 -36.12 -38.53 76.46
N ALA H 272 -37.13 -37.71 76.72
CA ALA H 272 -38.49 -38.03 76.25
C ALA H 272 -38.55 -38.09 74.74
N PHE H 273 -37.88 -37.16 74.07
CA PHE H 273 -37.86 -37.15 72.61
C PHE H 273 -37.21 -38.40 72.05
N GLU H 274 -36.05 -38.79 72.60
CA GLU H 274 -35.40 -39.99 72.09
C GLU H 274 -36.20 -41.24 72.42
N LEU H 275 -36.87 -41.28 73.58
CA LEU H 275 -37.71 -42.42 73.93
C LEU H 275 -38.93 -42.52 73.02
N ARG H 276 -39.47 -41.38 72.58
CA ARG H 276 -40.56 -41.42 71.60
C ARG H 276 -40.04 -41.84 70.22
N MET H 277 -38.84 -41.38 69.86
CA MET H 277 -38.32 -41.63 68.52
C MET H 277 -37.87 -43.08 68.35
N LYS H 278 -37.43 -43.74 69.43
CA LYS H 278 -36.91 -45.10 69.29
C LYS H 278 -37.96 -46.06 68.77
N ASP H 279 -39.23 -45.84 69.09
CA ASP H 279 -40.30 -46.75 68.72
C ASP H 279 -41.17 -46.19 67.59
N LYS H 280 -40.53 -45.48 66.65
CA LYS H 280 -41.22 -44.94 65.49
C LYS H 280 -41.11 -45.84 64.27
N ASN H 281 -41.00 -47.16 64.47
CA ASN H 281 -40.84 -48.13 63.39
C ASN H 281 -39.62 -47.83 62.54
N VAL H 282 -38.56 -47.31 63.16
CA VAL H 282 -37.33 -46.99 62.47
C VAL H 282 -36.17 -47.14 63.46
N ARG H 283 -35.06 -47.70 62.99
CA ARG H 283 -33.91 -47.96 63.85
C ARG H 283 -32.83 -46.92 63.59
N GLU H 284 -31.73 -47.05 64.34
CA GLU H 284 -30.70 -46.04 64.41
C GLU H 284 -29.35 -46.60 63.94
N TYR H 285 -28.64 -45.78 63.17
CA TYR H 285 -27.22 -45.93 62.96
C TYR H 285 -26.47 -45.15 64.03
N GLN H 286 -25.55 -45.84 64.71
CA GLN H 286 -24.79 -45.22 65.79
C GLN H 286 -23.76 -44.26 65.23
N MET H 287 -23.56 -43.15 65.93
CA MET H 287 -22.58 -42.14 65.53
C MET H 287 -21.99 -41.55 66.79
N SER H 288 -20.70 -41.18 66.72
CA SER H 288 -20.00 -40.70 67.90
C SER H 288 -20.63 -39.44 68.46
N LYS H 289 -21.06 -38.53 67.59
CA LYS H 289 -21.67 -37.28 68.04
C LYS H 289 -23.05 -37.53 68.64
N THR H 290 -23.97 -38.07 67.85
CA THR H 290 -25.35 -38.26 68.26
C THR H 290 -25.85 -39.53 67.55
N PHE H 291 -27.16 -39.78 67.58
CA PHE H 291 -27.74 -40.94 66.95
C PHE H 291 -28.39 -40.55 65.63
N ALA H 292 -28.24 -41.41 64.62
CA ALA H 292 -28.92 -41.20 63.34
C ALA H 292 -30.05 -42.23 63.21
N TYR H 293 -31.13 -41.83 62.57
CA TYR H 293 -32.27 -42.71 62.33
C TYR H 293 -32.42 -42.95 60.84
N TRP H 294 -32.42 -44.22 60.43
CA TRP H 294 -32.40 -44.54 59.02
C TRP H 294 -33.37 -45.66 58.69
N ILE H 295 -33.87 -45.65 57.45
CA ILE H 295 -34.90 -46.57 57.00
C ILE H 295 -34.26 -47.68 56.17
N GLU H 296 -35.04 -48.72 55.90
CA GLU H 296 -34.58 -49.87 55.13
C GLU H 296 -34.97 -49.72 53.67
N LYS H 297 -34.08 -50.16 52.78
CA LYS H 297 -34.38 -50.19 51.36
C LYS H 297 -35.54 -51.14 51.08
N GLY H 298 -36.51 -50.68 50.29
CA GLY H 298 -37.61 -51.51 49.86
C GLY H 298 -38.77 -51.60 50.84
N LYS H 299 -38.66 -51.02 52.03
CA LYS H 299 -39.75 -51.10 53.00
C LYS H 299 -40.90 -50.16 52.66
N LEU H 300 -40.62 -49.01 52.05
CA LEU H 300 -41.64 -48.05 51.70
C LEU H 300 -42.44 -48.54 50.49
N GLU H 301 -43.53 -47.85 50.19
CA GLU H 301 -44.37 -48.17 49.04
C GLU H 301 -43.57 -47.87 47.77
N LYS H 302 -43.02 -48.92 47.16
CA LYS H 302 -42.07 -48.86 46.05
C LYS H 302 -41.05 -47.73 46.25
N ASP H 303 -40.62 -47.56 47.50
CA ASP H 303 -39.54 -46.64 47.87
C ASP H 303 -39.80 -45.22 47.35
N LYS H 304 -40.98 -44.69 47.63
CA LYS H 304 -41.27 -43.30 47.31
C LYS H 304 -42.46 -42.82 48.14
N PHE H 305 -42.27 -41.73 48.87
CA PHE H 305 -43.34 -41.04 49.57
C PHE H 305 -43.41 -39.59 49.10
N GLU H 306 -44.63 -39.10 48.89
CA GLU H 306 -44.88 -37.75 48.38
C GLU H 306 -44.10 -37.54 47.08
N LYS H 307 -44.40 -38.41 46.11
CA LYS H 307 -43.87 -38.39 44.74
C LYS H 307 -42.38 -38.08 44.66
N ILE H 308 -41.61 -38.51 45.67
CA ILE H 308 -40.16 -38.30 45.68
C ILE H 308 -39.49 -39.59 46.13
N LYS H 309 -38.22 -39.72 45.75
CA LYS H 309 -37.44 -40.93 45.99
C LYS H 309 -36.45 -40.68 47.12
N LEU H 310 -36.47 -41.56 48.13
CA LEU H 310 -35.67 -41.38 49.33
C LEU H 310 -34.61 -42.45 49.53
N VAL H 311 -34.66 -43.55 48.78
CA VAL H 311 -33.67 -44.61 48.85
C VAL H 311 -33.22 -44.93 47.43
N GLY H 312 -31.92 -44.82 47.17
CA GLY H 312 -31.44 -45.02 45.82
C GLY H 312 -30.04 -45.57 45.70
N LYS H 313 -29.43 -45.39 44.52
CA LYS H 313 -28.10 -45.92 44.22
C LYS H 313 -27.13 -44.77 43.98
N GLN H 314 -25.97 -44.86 44.61
CA GLN H 314 -24.85 -43.95 44.34
C GLN H 314 -23.77 -44.79 43.67
N LYS H 315 -23.64 -44.63 42.35
CA LYS H 315 -22.71 -45.40 41.54
C LYS H 315 -22.91 -46.90 41.77
N ASN H 316 -22.12 -47.49 42.67
CA ASN H 316 -22.23 -48.89 43.02
C ASN H 316 -22.91 -49.13 44.36
N LYS H 317 -22.66 -48.27 45.34
CA LYS H 317 -23.27 -48.40 46.65
C LYS H 317 -24.72 -47.92 46.62
N TYR H 318 -25.40 -48.02 47.76
CA TYR H 318 -26.78 -47.59 47.88
C TYR H 318 -26.90 -46.59 49.02
N TRP H 319 -27.70 -45.54 48.79
CA TRP H 319 -27.84 -44.43 49.72
C TRP H 319 -29.25 -44.37 50.27
N HIS H 320 -29.34 -44.02 51.55
CA HIS H 320 -30.60 -43.80 52.26
C HIS H 320 -30.55 -42.44 52.95
N PHE H 321 -31.65 -41.71 52.90
CA PHE H 321 -31.72 -40.39 53.52
C PHE H 321 -32.16 -40.53 54.99
N GLY H 322 -31.69 -39.59 55.81
CA GLY H 322 -32.14 -39.54 57.19
C GLY H 322 -31.80 -38.21 57.82
N ILE H 323 -32.34 -38.00 59.02
CA ILE H 323 -32.07 -36.79 59.80
C ILE H 323 -31.75 -37.18 61.23
N SER H 324 -31.11 -36.26 61.94
CA SER H 324 -30.83 -36.40 63.36
C SER H 324 -31.23 -35.11 64.06
N ALA H 325 -31.92 -35.24 65.19
CA ALA H 325 -32.53 -34.10 65.85
C ALA H 325 -32.09 -34.00 67.31
N ALA H 326 -32.13 -32.79 67.85
CA ALA H 326 -31.76 -32.54 69.24
C ALA H 326 -32.40 -31.24 69.70
N GLY H 327 -33.02 -31.25 70.88
CA GLY H 327 -33.75 -30.08 71.34
C GLY H 327 -32.85 -28.96 71.82
N LYS H 328 -33.42 -27.75 71.83
CA LYS H 328 -32.73 -26.56 72.33
C LYS H 328 -33.79 -25.51 72.63
N LEU H 329 -33.54 -24.71 73.66
CA LEU H 329 -34.62 -23.95 74.30
C LEU H 329 -34.43 -22.44 74.29
N TYR H 330 -33.22 -21.93 74.54
CA TYR H 330 -33.06 -20.55 75.00
C TYR H 330 -33.75 -19.50 74.13
N PRO H 331 -33.59 -19.46 72.80
CA PRO H 331 -34.37 -18.49 72.03
C PRO H 331 -35.84 -18.84 71.97
N SER H 332 -36.14 -20.11 71.73
CA SER H 332 -37.49 -20.65 71.76
C SER H 332 -37.38 -22.16 71.83
N PRO H 333 -38.36 -22.85 72.41
CA PRO H 333 -38.28 -24.32 72.45
C PRO H 333 -38.42 -24.90 71.06
N VAL H 334 -37.31 -25.40 70.50
CA VAL H 334 -37.25 -25.87 69.13
C VAL H 334 -36.32 -27.08 69.07
N LEU H 335 -36.21 -27.66 67.88
CA LEU H 335 -35.41 -28.85 67.65
C LEU H 335 -34.46 -28.61 66.47
N MET H 336 -33.16 -28.70 66.73
CA MET H 336 -32.19 -28.69 65.65
C MET H 336 -32.25 -30.01 64.90
N VAL H 337 -32.13 -29.93 63.57
CA VAL H 337 -32.18 -31.10 62.70
C VAL H 337 -31.05 -30.99 61.69
N SER H 338 -30.31 -32.07 61.50
CA SER H 338 -29.24 -32.15 60.53
C SER H 338 -29.44 -33.36 59.63
N SER H 339 -29.24 -33.15 58.33
CA SER H 339 -29.45 -34.21 57.36
C SER H 339 -28.22 -35.11 57.26
N HIS H 340 -28.44 -36.34 56.81
CA HIS H 340 -27.36 -37.31 56.68
C HIS H 340 -27.75 -38.37 55.66
N ILE H 341 -26.74 -38.99 55.07
CA ILE H 341 -26.90 -40.04 54.07
C ILE H 341 -26.17 -41.28 54.56
N ILE H 342 -26.84 -42.42 54.52
CA ILE H 342 -26.30 -43.70 54.94
C ILE H 342 -25.98 -44.51 53.69
N PHE H 343 -24.76 -45.02 53.61
CA PHE H 343 -24.30 -45.78 52.45
C PHE H 343 -24.15 -47.26 52.82
N THR H 344 -24.47 -48.13 51.87
CA THR H 344 -24.53 -49.56 52.14
C THR H 344 -24.20 -50.33 50.86
N MET H 345 -23.82 -51.60 51.04
CA MET H 345 -23.51 -52.44 49.89
C MET H 345 -24.77 -52.92 49.17
N ASP H 346 -25.78 -53.34 49.92
CA ASP H 346 -26.94 -53.98 49.32
C ASP H 346 -28.27 -53.58 49.98
N GLY H 347 -28.31 -52.44 50.67
CA GLY H 347 -29.46 -52.10 51.46
C GLY H 347 -29.53 -52.80 52.80
N ILE H 348 -28.50 -53.55 53.17
CA ILE H 348 -28.48 -54.34 54.40
C ILE H 348 -27.35 -53.88 55.33
N ASN H 349 -26.12 -53.93 54.84
CA ASN H 349 -24.94 -53.68 55.66
C ASN H 349 -24.21 -52.44 55.15
N LEU H 350 -23.84 -51.55 56.07
CA LEU H 350 -23.05 -50.38 55.73
C LEU H 350 -21.61 -50.76 55.42
N ILE H 351 -20.93 -49.87 54.69
CA ILE H 351 -19.51 -50.06 54.44
C ILE H 351 -18.75 -49.89 55.75
N LYS H 352 -18.14 -50.98 56.23
CA LYS H 352 -17.45 -50.93 57.51
C LYS H 352 -16.24 -49.99 57.46
N SER H 353 -15.53 -49.96 56.35
CA SER H 353 -14.42 -49.01 56.19
C SER H 353 -14.96 -47.59 56.16
N LYS H 354 -14.21 -46.67 56.76
CA LYS H 354 -14.66 -45.29 56.95
C LYS H 354 -14.24 -44.35 55.83
N SER H 355 -13.03 -44.49 55.30
CA SER H 355 -12.54 -43.55 54.29
C SER H 355 -13.36 -43.64 53.01
N ILE H 356 -13.64 -44.85 52.54
CA ILE H 356 -14.41 -45.00 51.31
C ILE H 356 -15.86 -44.59 51.54
N GLN H 357 -16.35 -44.69 52.78
CA GLN H 357 -17.66 -44.12 53.09
C GLN H 357 -17.67 -42.62 52.84
N HIS H 358 -16.63 -41.92 53.28
CA HIS H 358 -16.54 -40.48 53.02
C HIS H 358 -16.41 -40.21 51.53
N SER H 359 -15.63 -41.03 50.82
CA SER H 359 -15.49 -40.84 49.38
C SER H 359 -16.84 -40.96 48.67
N SER H 360 -17.59 -42.01 49.00
CA SER H 360 -18.91 -42.20 48.39
C SER H 360 -19.86 -41.08 48.79
N ARG H 361 -19.78 -40.62 50.05
CA ARG H 361 -20.63 -39.52 50.49
C ARG H 361 -20.35 -38.25 49.70
N ARG H 362 -19.08 -37.93 49.50
CA ARG H 362 -18.73 -36.75 48.71
C ARG H 362 -19.19 -36.91 47.26
N LYS H 363 -18.99 -38.09 46.68
CA LYS H 363 -19.41 -38.32 45.30
C LYS H 363 -20.91 -38.16 45.14
N GLN H 364 -21.69 -38.63 46.12
CA GLN H 364 -23.13 -38.50 46.04
C GLN H 364 -23.58 -37.06 46.28
N GLY H 365 -23.01 -36.39 47.28
CA GLY H 365 -23.44 -35.05 47.63
C GLY H 365 -22.86 -33.93 46.79
N LYS H 366 -21.94 -34.23 45.86
CA LYS H 366 -21.43 -33.19 45.00
C LYS H 366 -22.53 -32.56 44.15
N ASN H 367 -23.41 -33.37 43.59
CA ASN H 367 -24.36 -32.89 42.58
C ASN H 367 -25.72 -32.52 43.14
N TRP H 368 -26.00 -32.80 44.40
CA TRP H 368 -27.29 -32.47 44.98
C TRP H 368 -27.22 -31.05 45.54
N TRP H 369 -28.13 -30.19 45.08
CA TRP H 369 -28.14 -28.80 45.47
C TRP H 369 -29.28 -28.54 46.43
N ASN H 370 -29.46 -27.24 46.74
CA ASN H 370 -30.20 -26.85 47.93
C ASN H 370 -31.67 -27.27 47.89
N ASP H 371 -32.33 -27.07 46.75
CA ASP H 371 -33.77 -27.34 46.69
C ASP H 371 -34.08 -28.81 46.92
N LYS H 372 -33.26 -29.69 46.35
CA LYS H 372 -33.44 -31.11 46.55
C LYS H 372 -33.28 -31.48 48.03
N TRP H 373 -32.26 -30.90 48.68
CA TRP H 373 -32.06 -31.17 50.11
C TRP H 373 -33.26 -30.73 50.93
N ARG H 374 -33.76 -29.51 50.66
CA ARG H 374 -34.88 -28.99 51.44
C ARG H 374 -36.12 -29.85 51.23
N GLU H 375 -36.41 -30.21 49.98
CA GLU H 375 -37.62 -30.99 49.72
C GLU H 375 -37.54 -32.37 50.35
N LYS H 376 -36.37 -33.03 50.27
CA LYS H 376 -36.22 -34.33 50.93
C LYS H 376 -36.39 -34.20 52.45
N LEU H 377 -35.76 -33.17 53.04
CA LEU H 377 -35.86 -32.99 54.48
C LEU H 377 -37.31 -32.75 54.91
N LEU H 378 -38.03 -31.89 54.17
CA LEU H 378 -39.40 -31.58 54.55
C LEU H 378 -40.32 -32.79 54.34
N ALA H 379 -40.09 -33.56 53.28
CA ALA H 379 -40.87 -34.77 53.07
C ALA H 379 -40.67 -35.75 54.20
N PHE H 380 -39.42 -35.96 54.62
CA PHE H 380 -39.16 -36.87 55.74
C PHE H 380 -39.76 -36.34 57.03
N ILE H 381 -39.70 -35.02 57.23
CA ILE H 381 -40.27 -34.42 58.44
C ILE H 381 -41.76 -34.65 58.50
N ARG H 382 -42.45 -34.45 57.36
CA ARG H 382 -43.89 -34.68 57.33
C ARG H 382 -44.22 -36.16 57.50
N PHE H 383 -43.41 -37.05 56.92
CA PHE H 383 -43.69 -38.47 57.03
C PHE H 383 -43.51 -38.96 58.47
N LEU H 384 -42.46 -38.51 59.15
CA LEU H 384 -42.26 -38.94 60.53
C LEU H 384 -43.37 -38.47 61.46
N SER H 385 -44.13 -37.46 61.06
CA SER H 385 -45.29 -37.02 61.82
C SER H 385 -46.41 -38.03 61.62
N ASP H 386 -46.53 -38.95 62.58
CA ASP H 386 -47.58 -39.97 62.50
C ASP H 386 -48.97 -39.37 62.44
N ASP H 387 -49.16 -38.18 62.99
CA ASP H 387 -50.37 -37.40 62.80
C ASP H 387 -50.12 -36.34 61.73
N GLN H 388 -51.07 -36.21 60.81
CA GLN H 388 -50.88 -35.30 59.68
C GLN H 388 -50.80 -33.83 60.10
N ASN H 389 -51.18 -33.50 61.32
CA ASN H 389 -51.12 -32.12 61.80
C ASN H 389 -49.92 -31.85 62.70
N ALA H 390 -49.52 -32.80 63.54
CA ALA H 390 -48.43 -32.58 64.48
C ALA H 390 -47.86 -33.93 64.90
N ILE H 391 -47.03 -33.91 65.94
CA ILE H 391 -46.38 -35.10 66.48
C ILE H 391 -46.69 -35.16 67.97
N TYR H 392 -46.97 -36.37 68.46
CA TYR H 392 -47.30 -36.58 69.87
C TYR H 392 -46.08 -37.16 70.58
N LEU H 393 -45.65 -36.49 71.65
CA LEU H 393 -44.54 -36.96 72.48
C LEU H 393 -45.12 -37.47 73.80
N ASN H 394 -44.89 -38.75 74.09
CA ASN H 394 -45.44 -39.39 75.29
C ASN H 394 -44.45 -39.22 76.43
N VAL H 395 -44.86 -38.48 77.46
CA VAL H 395 -44.05 -38.22 78.63
C VAL H 395 -44.72 -38.70 79.91
N GLY H 396 -46.02 -38.47 80.06
CA GLY H 396 -46.77 -38.88 81.21
C GLY H 396 -47.64 -40.09 80.95
N SER H 397 -48.47 -40.42 81.95
CA SER H 397 -49.34 -41.58 81.83
C SER H 397 -50.34 -41.41 80.70
N GLU H 398 -50.94 -40.23 80.58
CA GLU H 398 -51.86 -39.95 79.49
C GLU H 398 -51.68 -38.56 78.88
N GLU H 399 -50.68 -37.80 79.31
CA GLU H 399 -50.47 -36.44 78.83
C GLU H 399 -49.31 -36.42 77.86
N LYS H 400 -49.51 -35.78 76.72
CA LYS H 400 -48.53 -35.76 75.63
C LYS H 400 -48.16 -34.32 75.28
N ILE H 401 -47.19 -34.20 74.38
CA ILE H 401 -46.64 -32.92 73.94
C ILE H 401 -46.85 -32.80 72.44
N LEU H 402 -47.35 -31.64 72.01
CA LEU H 402 -47.56 -31.36 70.59
C LEU H 402 -46.28 -30.82 69.99
N ILE H 403 -45.86 -31.40 68.87
CA ILE H 403 -44.66 -30.96 68.15
C ILE H 403 -45.09 -30.56 66.75
N SER H 404 -44.77 -29.34 66.36
CA SER H 404 -45.17 -28.86 65.04
C SER H 404 -44.37 -29.55 63.95
N ASN H 405 -45.04 -29.93 62.87
CA ASN H 405 -44.38 -30.45 61.68
C ASN H 405 -44.23 -29.41 60.59
N LYS H 406 -44.64 -28.17 60.85
CA LYS H 406 -44.55 -27.10 59.87
C LYS H 406 -43.27 -26.31 60.10
N PRO H 407 -42.36 -26.25 59.13
CA PRO H 407 -41.12 -25.47 59.32
C PRO H 407 -41.42 -23.98 59.47
N LEU H 408 -40.54 -23.30 60.19
CA LEU H 408 -40.71 -21.87 60.45
C LEU H 408 -40.52 -21.06 59.17
N LYS H 409 -41.01 -19.82 59.21
CA LYS H 409 -40.99 -18.91 58.08
C LYS H 409 -40.13 -17.70 58.41
N PHE H 410 -39.52 -17.13 57.37
CA PHE H 410 -38.70 -15.91 57.52
C PHE H 410 -38.86 -15.09 56.25
N PHE H 411 -39.41 -13.89 56.37
CA PHE H 411 -39.50 -13.03 55.20
C PHE H 411 -38.19 -12.28 55.00
N GLY H 412 -37.94 -11.90 53.75
CA GLY H 412 -36.73 -11.16 53.42
C GLY H 412 -36.99 -10.03 52.45
N LYS H 413 -36.52 -8.83 52.81
CA LYS H 413 -36.78 -7.66 51.97
C LYS H 413 -35.87 -7.64 50.74
N MET H 414 -34.67 -8.19 50.85
CA MET H 414 -33.62 -7.98 49.87
C MET H 414 -33.35 -9.30 49.14
N SER H 415 -33.36 -9.24 47.80
CA SER H 415 -33.13 -10.43 46.99
C SER H 415 -32.19 -10.10 45.85
N TYR H 416 -31.51 -11.13 45.35
CA TYR H 416 -30.60 -10.94 44.24
C TYR H 416 -31.38 -10.89 42.92
N VAL H 417 -30.67 -10.55 41.84
CA VAL H 417 -31.26 -10.60 40.52
C VAL H 417 -31.36 -12.06 40.12
N THR H 418 -32.55 -12.65 40.28
CA THR H 418 -32.68 -14.10 40.15
C THR H 418 -32.42 -14.66 38.75
N PRO H 419 -32.54 -13.92 37.63
CA PRO H 419 -32.22 -14.55 36.34
C PRO H 419 -30.75 -14.87 36.17
N SER H 420 -30.23 -15.79 36.98
CA SER H 420 -28.92 -16.36 36.73
C SER H 420 -28.95 -17.34 35.56
N GLU H 421 -30.14 -17.74 35.11
CA GLU H 421 -30.32 -18.60 33.95
C GLU H 421 -29.59 -19.92 34.09
N VAL H 422 -29.68 -20.51 35.29
CA VAL H 422 -29.11 -21.83 35.58
C VAL H 422 -27.61 -21.88 35.25
MG MG Q . 1.88 -18.34 52.02
MG MG R . -4.27 -5.07 -59.87
MG MG S . -30.13 20.30 -45.14
MG MG T . 35.25 4.81 52.84
#